data_7EY2
#
_entry.id   7EY2
#
_cell.length_a   149.145
_cell.length_b   258.225
_cell.length_c   320.248
_cell.angle_alpha   90.000
_cell.angle_beta   90.000
_cell.angle_gamma   90.000
#
_symmetry.space_group_name_H-M   'C 2 2 21'
#
loop_
_entity.id
_entity.type
_entity.pdbx_description
1 polymer Beta-D-xylosidase/beta-D-glucosidase
2 branched beta-D-mannopyranose-(1-4)-2-acetamido-2-deoxy-beta-D-glucopyranose-(1-4)-2-acetamido-2-deoxy-beta-D-glucopyranose
3 branched alpha-D-mannopyranose-(1-2)-beta-D-mannopyranose-(1-3)-[alpha-D-mannopyranose-(1-3)-alpha-D-mannopyranose-(1-6)]beta-D-mannopyranose-(1-4)-2-acetamido-2-deoxy-beta-D-glucopyranose-(1-4)-2-acetamido-2-deoxy-beta-D-glucopyranose
4 branched alpha-D-mannopyranose-(1-2)-alpha-D-mannopyranose-(1-3)-alpha-D-mannopyranose-(1-4)-2-acetamido-2-deoxy-beta-D-glucopyranose-(1-4)-2-acetamido-2-deoxy-beta-D-glucopyranose
5 branched alpha-D-mannopyranose-(1-2)-beta-D-mannopyranose-(1-3)-[alpha-D-mannopyranose-(1-3)-[alpha-D-mannopyranose-(1-6)]alpha-D-mannopyranose-(1-6)]beta-D-mannopyranose-(1-4)-2-acetamido-2-deoxy-beta-D-glucopyranose-(1-4)-2-acetamido-2-deoxy-beta-D-glucopyranose
6 branched alpha-D-mannopyranose-(1-2)-alpha-D-mannopyranose-(1-2)-alpha-D-mannopyranose-(1-3)-alpha-D-mannopyranose-(1-4)-2-acetamido-2-deoxy-beta-D-glucopyranose-(1-4)-2-acetamido-2-deoxy-beta-D-glucopyranose
7 branched alpha-D-mannopyranose-(1-2)-beta-D-mannopyranose-(1-3)-[alpha-D-mannopyranose-(1-3)-alpha-D-mannopyranose-(1-6)]beta-D-mannopyranose-(1-4)-2-acetamido-2-deoxy-beta-D-glucopyranose
8 non-polymer 2-acetamido-2-deoxy-beta-D-glucopyranose
9 non-polymer beta-D-xylofuranose
10 non-polymer beta-D-mannopyranose
11 non-polymer Xylitol
12 water water
#
_entity_poly.entity_id   1
_entity_poly.type   'polypeptide(L)'
_entity_poly.pdbx_seq_one_letter_code
;MFPARLSLAVLFSVSPALAYFSGLGLGSERSIFRRDLNSTGDESNSTQWPAPLANGGKSWASAFKKAKATVTEMTVEELA
NITSGVIGLCSGVTGAVTRLGIPEFCLQDGPIGPRGVHGSSQFPAGLTVAATWDRTLMYARARGMGQEFHDQGVHLALAP
VTGGPLGRTPLNGRGWEGTFADPYACGEASYLSVKGLTDAGVATVSKHWIAYEQETSRNLYIDIDGVSQADIQLPISSNV
DDLTMHELYMWSFAEAVRAGTNHIMCSYNRINNTHSCSNAKGLNQLLKTELNFQGGVVSNWGGQWDSVPAAENGLDVAMP
GKGFLGALGDFWGATLVELINNGTVSEDLVRDKAVRILTGYYYLGQDTNPPPPFVYNTIGAPTLNATSGYRNVRKPGTAE
LIKEIGSASVTLLKNTGSLPLKHPQRIAVLGNDATYNVLGPNACGLANSACDIDNLNGTLTTGGGSGSALSPYTITPLEA
LQKRAIEDNAEIAAVVANSNTTTGAEDAIAALLPDADVTFVFLNRYSEEGADAPDFSLGGDGDNLMDLAVTYSSNVVVVI
HTTGVVDIEKWADNPNVTAILVAYLPGQEAGNSLVPVLYGDVAPSGKLPWTWGKSIDDYVPNGVVYTDAYSPQSNFTEGV
FIDYRWFDKMGITPRYEFGFGLSYTTFTYSNLIVDHGRWAKDYSSVMETAEPFAEWDGTNSLYDVIFTVFATITNTGNLT
GSEVAQLYISIPGDNQPVRQLRGFDKIKDLPVGDSAVVTFPIRRKDVSSWSVVDQLWYVPNGDFLISVGGSSRDLPLNTT
WTPHH
;
_entity_poly.pdbx_strand_id   A,B,C,D,E,F
#
loop_
_chem_comp.id
_chem_comp.type
_chem_comp.name
_chem_comp.formula
BMA D-saccharide, beta linking beta-D-mannopyranose 'C6 H12 O6'
MAN D-saccharide, alpha linking alpha-D-mannopyranose 'C6 H12 O6'
NAG D-saccharide, beta linking 2-acetamido-2-deoxy-beta-D-glucopyranose 'C8 H15 N O6'
XYL D-saccharide Xylitol 'C5 H12 O5'
XYZ D-saccharide, beta linking beta-D-xylofuranose 'C5 H10 O5'
#
# COMPACT_ATOMS: atom_id res chain seq x y z
N THR A 47 1.22 -18.36 -4.79
CA THR A 47 1.55 -18.74 -3.38
C THR A 47 0.43 -19.63 -2.80
N GLN A 48 0.81 -20.77 -2.24
CA GLN A 48 -0.11 -21.60 -1.44
C GLN A 48 -0.03 -21.31 0.07
N TRP A 49 1.16 -20.88 0.55
CA TRP A 49 1.37 -20.62 1.99
C TRP A 49 1.61 -19.13 2.29
N PRO A 50 0.57 -18.43 2.73
CA PRO A 50 0.66 -16.99 2.88
C PRO A 50 1.45 -16.53 4.13
N ALA A 51 2.09 -15.38 4.01
CA ALA A 51 2.90 -14.76 5.07
C ALA A 51 2.02 -14.18 6.18
N PRO A 52 1.97 -14.80 7.39
CA PRO A 52 1.30 -14.04 8.48
C PRO A 52 2.06 -12.77 8.91
N LEU A 53 1.32 -11.76 9.36
CA LEU A 53 1.91 -10.49 9.82
C LEU A 53 2.38 -10.66 11.25
N ALA A 54 3.48 -10.01 11.55
CA ALA A 54 3.97 -9.95 12.90
C ALA A 54 2.99 -9.18 13.79
N ASN A 55 2.89 -9.62 15.04
CA ASN A 55 2.05 -8.93 16.04
C ASN A 55 2.76 -8.72 17.37
N GLY A 56 4.01 -9.17 17.51
CA GLY A 56 4.76 -8.94 18.73
C GLY A 56 4.67 -10.01 19.78
N GLY A 57 3.73 -10.95 19.62
CA GLY A 57 3.65 -12.13 20.47
C GLY A 57 3.54 -11.74 21.92
N LYS A 58 4.19 -12.46 22.82
CA LYS A 58 3.99 -12.21 24.25
C LYS A 58 4.90 -11.04 24.80
N SER A 59 6.22 -11.19 24.78
CA SER A 59 7.10 -10.27 25.45
C SER A 59 7.50 -9.07 24.63
N TRP A 60 7.28 -9.10 23.32
CA TRP A 60 7.67 -7.99 22.45
C TRP A 60 6.55 -7.05 22.03
N ALA A 61 5.47 -6.99 22.79
CA ALA A 61 4.29 -6.25 22.39
C ALA A 61 4.64 -4.77 22.16
N SER A 62 5.25 -4.13 23.13
CA SER A 62 5.55 -2.71 22.96
C SER A 62 6.68 -2.45 21.97
N ALA A 63 7.64 -3.38 21.90
CA ALA A 63 8.73 -3.28 20.90
C ALA A 63 8.22 -3.35 19.47
N PHE A 64 7.30 -4.26 19.27
CA PHE A 64 6.51 -4.32 18.03
C PHE A 64 5.77 -2.99 17.74
N LYS A 65 5.08 -2.40 18.72
CA LYS A 65 4.38 -1.09 18.46
C LYS A 65 5.39 0.03 18.12
N LYS A 66 6.54 0.15 18.79
CA LYS A 66 7.57 1.16 18.35
C LYS A 66 8.11 0.80 16.94
N ALA A 67 8.35 -0.48 16.70
CA ALA A 67 8.79 -0.87 15.37
C ALA A 67 7.78 -0.43 14.26
N LYS A 68 6.51 -0.75 14.47
CA LYS A 68 5.45 -0.39 13.54
C LYS A 68 5.37 1.15 13.38
N ALA A 69 5.57 1.87 14.47
CA ALA A 69 5.57 3.32 14.48
C ALA A 69 6.60 3.82 13.47
N THR A 70 7.80 3.30 13.55
CA THR A 70 8.88 3.71 12.69
C THR A 70 8.69 3.28 11.21
N VAL A 71 8.30 2.02 10.98
CA VAL A 71 8.19 1.47 9.64
C VAL A 71 7.09 2.20 8.85
N THR A 72 5.97 2.46 9.49
CA THR A 72 4.89 3.23 8.88
C THR A 72 5.35 4.58 8.23
N GLU A 73 6.39 5.23 8.76
CA GLU A 73 6.93 6.49 8.24
C GLU A 73 7.95 6.33 7.07
N MET A 74 8.22 5.09 6.68
CA MET A 74 9.37 4.80 5.83
C MET A 74 9.01 4.87 4.36
N THR A 75 9.91 5.45 3.57
CA THR A 75 9.82 5.39 2.11
C THR A 75 10.21 4.02 1.62
N VAL A 76 9.81 3.72 0.38
CA VAL A 76 10.18 2.48 -0.29
C VAL A 76 11.72 2.27 -0.34
N GLU A 77 12.45 3.35 -0.62
CA GLU A 77 13.91 3.37 -0.68
C GLU A 77 14.51 2.98 0.70
N GLU A 78 13.87 3.41 1.79
CA GLU A 78 14.33 3.16 3.15
C GLU A 78 14.02 1.71 3.59
N LEU A 79 12.84 1.21 3.23
CA LEU A 79 12.53 -0.18 3.44
C LEU A 79 13.57 -1.09 2.79
N ALA A 80 14.00 -0.71 1.59
CA ALA A 80 14.88 -1.54 0.84
C ALA A 80 16.29 -1.43 1.38
N ASN A 81 16.58 -0.34 2.06
CA ASN A 81 17.86 -0.11 2.65
C ASN A 81 18.06 -1.01 3.92
N ILE A 82 17.11 -0.97 4.84
CA ILE A 82 17.18 -1.79 6.06
C ILE A 82 17.08 -3.32 5.81
N THR A 83 16.52 -3.76 4.70
CA THR A 83 16.31 -5.18 4.47
C THR A 83 17.44 -5.78 3.62
N SER A 84 18.52 -5.06 3.39
CA SER A 84 19.58 -5.61 2.59
C SER A 84 20.92 -5.17 3.16
N GLY A 85 21.93 -6.01 2.99
CA GLY A 85 23.22 -5.69 3.55
C GLY A 85 24.01 -4.62 2.83
N VAL A 86 24.82 -3.89 3.58
CA VAL A 86 25.71 -2.85 3.04
C VAL A 86 27.12 -3.12 3.54
N ILE A 87 28.10 -2.36 3.05
CA ILE A 87 29.51 -2.59 3.32
C ILE A 87 29.86 -2.07 4.69
N GLY A 88 30.61 -2.88 5.46
CA GLY A 88 31.19 -2.39 6.72
C GLY A 88 32.13 -3.38 7.41
N LEU A 89 32.52 -3.01 8.62
CA LEU A 89 33.55 -3.74 9.34
C LEU A 89 33.13 -5.15 9.81
N CYS A 90 31.83 -5.38 9.97
CA CYS A 90 31.24 -6.60 10.50
C CYS A 90 30.85 -7.63 9.44
N SER A 91 30.59 -8.86 9.83
CA SER A 91 30.18 -9.90 8.88
C SER A 91 29.12 -9.41 7.93
N GLY A 92 28.18 -8.66 8.48
CA GLY A 92 27.13 -8.01 7.69
C GLY A 92 26.63 -6.75 8.41
N VAL A 93 26.09 -5.83 7.62
CA VAL A 93 25.63 -4.54 8.14
C VAL A 93 24.30 -4.31 7.42
N THR A 94 23.23 -4.00 8.17
CA THR A 94 21.97 -3.48 7.55
C THR A 94 22.16 -2.00 7.21
N GLY A 95 21.61 -1.54 6.07
CA GLY A 95 21.63 -0.11 5.68
C GLY A 95 20.90 0.72 6.72
N ALA A 96 21.38 1.92 6.99
CA ALA A 96 20.69 2.83 7.93
C ALA A 96 19.36 3.38 7.37
N VAL A 97 18.50 3.84 8.25
CA VAL A 97 17.39 4.72 7.85
C VAL A 97 17.74 6.08 8.41
N THR A 98 18.61 6.78 7.69
CA THR A 98 19.29 8.00 8.17
C THR A 98 18.31 9.10 8.67
N ARG A 99 17.18 9.25 7.97
CA ARG A 99 16.14 10.25 8.25
C ARG A 99 15.43 10.06 9.58
N LEU A 100 15.30 8.82 10.02
CA LEU A 100 14.58 8.51 11.24
C LEU A 100 15.53 8.13 12.37
N GLY A 101 16.82 8.27 12.15
CA GLY A 101 17.81 8.02 13.21
C GLY A 101 18.02 6.54 13.51
N ILE A 102 17.79 5.65 12.52
CA ILE A 102 18.08 4.25 12.68
C ILE A 102 19.47 4.04 12.14
N PRO A 103 20.42 3.65 13.00
CA PRO A 103 21.76 3.38 12.49
C PRO A 103 21.86 2.07 11.73
N GLU A 104 23.03 1.87 11.13
CA GLU A 104 23.45 0.55 10.63
C GLU A 104 23.46 -0.44 11.79
N PHE A 105 22.91 -1.64 11.58
CA PHE A 105 23.07 -2.75 12.53
C PHE A 105 24.24 -3.64 12.12
N CYS A 106 25.17 -3.83 13.06
CA CYS A 106 26.27 -4.77 12.98
C CYS A 106 25.80 -6.21 13.25
N LEU A 107 25.87 -7.07 12.24
CA LEU A 107 25.64 -8.52 12.44
C LEU A 107 27.02 -9.23 12.46
N GLN A 108 27.30 -9.97 13.52
CA GLN A 108 28.63 -10.50 13.74
C GLN A 108 28.56 -11.95 14.19
N ASP A 109 29.37 -12.78 13.53
CA ASP A 109 29.64 -14.15 13.98
C ASP A 109 30.39 -14.10 15.29
N GLY A 110 30.30 -15.15 16.10
CA GLY A 110 29.65 -16.42 15.75
C GLY A 110 29.31 -17.17 17.03
N PRO A 111 28.94 -18.45 16.91
CA PRO A 111 28.49 -19.18 18.09
C PRO A 111 29.52 -19.45 19.19
N ILE A 112 30.76 -18.99 19.11
CA ILE A 112 31.57 -18.98 20.37
C ILE A 112 31.90 -17.59 20.83
N GLY A 113 31.27 -16.58 20.24
CA GLY A 113 31.57 -15.19 20.61
C GLY A 113 32.07 -14.42 19.42
N PRO A 114 32.31 -13.11 19.62
CA PRO A 114 32.61 -12.27 18.48
C PRO A 114 33.91 -12.71 17.80
N ARG A 115 33.84 -13.00 16.52
CA ARG A 115 34.94 -13.56 15.69
C ARG A 115 35.71 -12.46 14.94
N GLY A 116 37.00 -12.63 14.71
CA GLY A 116 37.82 -11.60 13.93
C GLY A 116 38.20 -10.34 14.71
N VAL A 117 38.20 -10.47 16.01
CA VAL A 117 38.16 -9.37 16.96
C VAL A 117 39.30 -9.67 17.95
N HIS A 118 40.16 -8.68 18.27
CA HIS A 118 41.13 -8.77 19.41
C HIS A 118 40.45 -8.25 20.67
N GLY A 119 41.10 -8.38 21.81
CA GLY A 119 40.48 -7.92 23.06
C GLY A 119 39.33 -8.74 23.61
N SER A 120 39.12 -9.96 23.12
CA SER A 120 38.05 -10.82 23.58
C SER A 120 38.67 -12.13 24.09
N SER A 121 37.80 -13.03 24.53
CA SER A 121 38.18 -14.33 25.05
C SER A 121 37.78 -15.40 24.03
N GLN A 122 38.43 -16.55 24.04
CA GLN A 122 38.02 -17.65 23.17
C GLN A 122 37.26 -18.65 23.99
N PHE A 123 35.96 -18.68 23.81
CA PHE A 123 35.11 -19.60 24.58
C PHE A 123 35.12 -21.00 23.99
N PRO A 124 34.82 -21.99 24.83
CA PRO A 124 34.61 -23.31 24.27
C PRO A 124 33.40 -23.37 23.31
N ALA A 125 33.46 -24.33 22.39
CA ALA A 125 32.42 -24.55 21.41
C ALA A 125 31.17 -25.14 22.02
N GLY A 126 30.07 -25.07 21.28
CA GLY A 126 28.81 -25.66 21.73
C GLY A 126 28.96 -27.13 22.13
N LEU A 127 29.74 -27.83 21.35
CA LEU A 127 29.99 -29.24 21.60
C LEU A 127 30.43 -29.46 23.03
N THR A 128 31.40 -28.63 23.41
CA THR A 128 32.04 -28.74 24.69
C THR A 128 31.05 -28.48 25.82
N VAL A 129 30.20 -27.49 25.68
CA VAL A 129 29.29 -27.14 26.77
C VAL A 129 28.14 -28.16 26.84
N ALA A 130 27.76 -28.75 25.72
CA ALA A 130 26.83 -29.91 25.74
C ALA A 130 27.32 -31.05 26.64
N ALA A 131 28.58 -31.42 26.48
CA ALA A 131 29.22 -32.44 27.30
C ALA A 131 29.22 -32.18 28.79
N THR A 132 29.09 -30.92 29.22
CA THR A 132 28.86 -30.63 30.65
C THR A 132 27.54 -31.17 31.17
N TRP A 133 26.54 -31.25 30.30
CA TRP A 133 25.15 -31.53 30.75
C TRP A 133 24.71 -30.63 31.91
N ASP A 134 25.17 -29.39 31.89
CA ASP A 134 24.99 -28.48 32.97
C ASP A 134 24.29 -27.23 32.49
N ARG A 135 23.04 -27.10 32.90
CA ARG A 135 22.20 -25.99 32.46
C ARG A 135 22.80 -24.65 32.86
N THR A 136 23.32 -24.61 34.07
CA THR A 136 23.93 -23.40 34.66
C THR A 136 25.09 -22.89 33.78
N LEU A 137 25.91 -23.81 33.30
CA LEU A 137 27.05 -23.49 32.47
C LEU A 137 26.61 -23.15 31.06
N MET A 138 25.59 -23.83 30.56
CA MET A 138 25.02 -23.47 29.28
C MET A 138 24.59 -21.99 29.27
N TYR A 139 23.90 -21.55 30.32
CA TYR A 139 23.40 -20.18 30.39
C TYR A 139 24.60 -19.19 30.56
N ALA A 140 25.51 -19.53 31.49
CA ALA A 140 26.55 -18.61 31.86
C ALA A 140 27.51 -18.37 30.67
N ARG A 141 27.90 -19.44 29.95
CA ARG A 141 28.65 -19.31 28.74
C ARG A 141 28.04 -18.30 27.78
N ALA A 142 26.72 -18.41 27.51
CA ALA A 142 26.09 -17.52 26.53
C ALA A 142 25.98 -16.09 27.02
N ARG A 143 25.84 -15.91 28.33
CA ARG A 143 25.79 -14.59 28.97
C ARG A 143 27.14 -13.85 28.81
N GLY A 144 28.25 -14.57 29.01
CA GLY A 144 29.60 -14.02 28.81
C GLY A 144 29.94 -13.69 27.37
N MET A 145 29.64 -14.59 26.45
CA MET A 145 29.75 -14.29 25.03
C MET A 145 28.96 -13.02 24.69
N GLY A 146 27.73 -12.97 25.22
CA GLY A 146 26.87 -11.78 25.19
C GLY A 146 27.46 -10.44 25.62
N GLN A 147 28.06 -10.39 26.79
CA GLN A 147 28.72 -9.20 27.32
C GLN A 147 29.79 -8.79 26.30
N GLU A 148 30.54 -9.76 25.76
CA GLU A 148 31.64 -9.47 24.82
C GLU A 148 31.12 -9.04 23.46
N PHE A 149 30.11 -9.70 22.92
CA PHE A 149 29.43 -9.19 21.70
C PHE A 149 29.04 -7.71 21.89
N HIS A 150 28.38 -7.42 23.02
CA HIS A 150 27.80 -6.12 23.24
C HIS A 150 28.87 -5.05 23.41
N ASP A 151 29.91 -5.35 24.19
CA ASP A 151 30.99 -4.39 24.44
C ASP A 151 31.87 -4.19 23.21
N GLN A 152 31.84 -5.12 22.25
CA GLN A 152 32.49 -4.93 21.00
C GLN A 152 31.69 -4.14 20.00
N GLY A 153 30.44 -3.75 20.30
CA GLY A 153 29.60 -3.02 19.37
C GLY A 153 28.61 -3.83 18.52
N VAL A 154 28.32 -5.08 18.88
CA VAL A 154 27.43 -5.92 18.09
C VAL A 154 25.95 -5.81 18.51
N HIS A 155 25.08 -5.70 17.49
CA HIS A 155 23.60 -5.61 17.60
C HIS A 155 22.95 -6.99 17.53
N LEU A 156 23.32 -7.75 16.49
CA LEU A 156 22.82 -9.06 16.17
C LEU A 156 24.01 -10.05 16.17
N ALA A 157 23.97 -11.05 17.04
CA ALA A 157 24.97 -12.08 17.04
C ALA A 157 24.48 -13.24 16.15
N LEU A 158 25.37 -13.75 15.28
CA LEU A 158 25.02 -14.86 14.39
C LEU A 158 25.26 -16.16 15.18
N ALA A 159 24.39 -16.36 16.16
CA ALA A 159 24.52 -17.41 17.18
C ALA A 159 23.17 -17.44 17.83
N PRO A 160 22.84 -18.51 18.51
CA PRO A 160 23.61 -19.72 18.55
C PRO A 160 23.15 -20.67 17.45
N VAL A 161 23.77 -21.84 17.41
CA VAL A 161 23.37 -22.87 16.49
C VAL A 161 22.44 -23.79 17.25
N THR A 162 21.21 -23.90 16.77
CA THR A 162 20.12 -24.48 17.52
C THR A 162 19.42 -25.54 16.70
N GLY A 163 20.17 -26.51 16.22
CA GLY A 163 19.58 -27.69 15.56
C GLY A 163 19.79 -27.76 14.07
N GLY A 164 20.73 -26.99 13.53
CA GLY A 164 21.13 -27.05 12.12
C GLY A 164 22.60 -26.70 11.93
N PRO A 165 23.51 -27.69 11.90
CA PRO A 165 23.23 -29.14 11.91
C PRO A 165 22.90 -29.71 13.28
N LEU A 166 22.14 -30.76 13.26
CA LEU A 166 21.71 -31.47 14.43
C LEU A 166 22.57 -32.68 14.68
N GLY A 167 22.89 -33.46 13.65
CA GLY A 167 23.71 -34.64 13.78
C GLY A 167 23.43 -35.90 12.97
N ARG A 168 22.78 -35.78 11.82
CA ARG A 168 22.42 -36.90 10.99
C ARG A 168 23.65 -37.69 10.60
N THR A 169 24.74 -36.98 10.43
CA THR A 169 26.05 -37.61 10.14
C THR A 169 27.13 -37.12 11.14
N PRO A 170 27.90 -38.04 11.69
CA PRO A 170 28.99 -37.69 12.60
C PRO A 170 30.22 -37.18 11.86
N LEU A 171 30.18 -37.05 10.54
CA LEU A 171 31.28 -36.45 9.76
C LEU A 171 31.06 -34.97 9.42
N ASN A 172 29.94 -34.39 9.84
CA ASN A 172 29.60 -33.00 9.49
C ASN A 172 30.73 -32.06 9.90
N GLY A 173 31.30 -31.35 8.95
CA GLY A 173 32.43 -30.47 9.29
C GLY A 173 32.19 -29.38 10.30
N ARG A 174 30.94 -29.01 10.49
CA ARG A 174 30.60 -28.01 11.46
C ARG A 174 29.59 -28.45 12.51
N GLY A 175 29.49 -29.76 12.76
CA GLY A 175 28.63 -30.29 13.85
C GLY A 175 28.98 -29.74 15.23
N TRP A 176 30.27 -29.60 15.45
CA TRP A 176 30.85 -29.00 16.66
C TRP A 176 30.35 -27.62 17.08
N GLU A 177 29.82 -26.84 16.15
CA GLU A 177 29.22 -25.56 16.46
C GLU A 177 27.92 -25.73 17.29
N GLY A 178 27.25 -26.85 17.07
CA GLY A 178 25.99 -27.16 17.78
C GLY A 178 26.28 -27.83 19.12
N THR A 179 25.37 -28.64 19.59
CA THR A 179 25.46 -29.20 20.91
C THR A 179 25.33 -30.69 21.14
N PHE A 180 24.11 -31.20 21.13
CA PHE A 180 23.86 -32.60 21.22
C PHE A 180 23.25 -33.12 19.90
N ALA A 181 23.43 -34.42 19.61
CA ALA A 181 22.82 -35.09 18.45
C ALA A 181 21.49 -35.66 18.91
N ASP A 182 20.66 -34.81 19.50
CA ASP A 182 19.41 -35.23 20.14
C ASP A 182 18.52 -34.00 20.30
N PRO A 183 17.27 -34.07 19.79
CA PRO A 183 16.39 -32.88 19.80
C PRO A 183 16.10 -32.40 21.21
N TYR A 184 15.84 -33.30 22.16
CA TYR A 184 15.54 -32.85 23.52
C TYR A 184 16.69 -32.00 24.14
N ALA A 185 17.88 -32.57 24.13
CA ALA A 185 19.02 -31.95 24.78
C ALA A 185 19.43 -30.74 23.97
N CYS A 186 19.44 -30.83 22.62
CA CYS A 186 19.75 -29.64 21.80
C CYS A 186 18.77 -28.52 22.08
N GLY A 187 17.52 -28.87 22.23
CA GLY A 187 16.48 -27.92 22.52
C GLY A 187 16.67 -27.21 23.81
N GLU A 188 16.93 -27.93 24.91
CA GLU A 188 17.26 -27.31 26.19
C GLU A 188 18.49 -26.41 26.14
N ALA A 189 19.54 -26.82 25.47
CA ALA A 189 20.70 -25.96 25.34
C ALA A 189 20.51 -24.73 24.48
N SER A 190 19.69 -24.83 23.44
CA SER A 190 19.36 -23.71 22.56
C SER A 190 18.57 -22.69 23.34
N TYR A 191 17.59 -23.16 24.11
CA TYR A 191 16.78 -22.27 24.96
C TYR A 191 17.71 -21.37 25.78
N LEU A 192 18.58 -22.01 26.56
CA LEU A 192 19.42 -21.34 27.52
C LEU A 192 20.47 -20.49 26.83
N SER A 193 20.94 -20.90 25.65
CA SER A 193 21.91 -20.04 24.93
C SER A 193 21.28 -18.77 24.38
N VAL A 194 20.08 -18.89 23.81
CA VAL A 194 19.36 -17.72 23.33
C VAL A 194 19.10 -16.80 24.55
N LYS A 195 18.55 -17.38 25.62
CA LYS A 195 18.33 -16.62 26.86
C LYS A 195 19.59 -15.84 27.39
N GLY A 196 20.77 -16.41 27.31
CA GLY A 196 21.98 -15.77 27.81
C GLY A 196 22.42 -14.63 26.91
N LEU A 197 22.33 -14.87 25.63
CA LEU A 197 22.74 -13.87 24.68
C LEU A 197 21.79 -12.70 24.74
N THR A 198 20.47 -12.97 24.68
CA THR A 198 19.47 -11.85 24.77
C THR A 198 19.48 -11.14 26.11
N ASP A 199 19.76 -11.85 27.22
CA ASP A 199 19.92 -11.21 28.56
C ASP A 199 21.08 -10.18 28.65
N ALA A 200 22.07 -10.31 27.76
CA ALA A 200 23.24 -9.43 27.69
C ALA A 200 23.07 -8.22 26.88
N GLY A 201 22.04 -8.16 26.06
CA GLY A 201 21.76 -6.99 25.22
C GLY A 201 21.99 -7.15 23.73
N VAL A 202 22.26 -8.39 23.26
CA VAL A 202 22.45 -8.63 21.82
C VAL A 202 21.31 -9.47 21.28
N ALA A 203 20.82 -9.06 20.13
CA ALA A 203 19.77 -9.78 19.47
C ALA A 203 20.41 -11.03 18.92
N THR A 204 19.70 -12.16 18.98
CA THR A 204 20.23 -13.43 18.43
C THR A 204 19.69 -13.76 17.04
N VAL A 205 20.51 -14.47 16.27
CA VAL A 205 20.12 -15.03 15.01
C VAL A 205 20.39 -16.52 15.05
N SER A 206 19.44 -17.28 15.58
CA SER A 206 19.56 -18.72 15.71
C SER A 206 19.60 -19.36 14.38
N LYS A 207 20.47 -20.35 14.25
CA LYS A 207 20.73 -20.97 12.93
C LYS A 207 20.96 -22.48 13.00
N HIS A 208 20.82 -23.23 11.91
CA HIS A 208 20.41 -22.86 10.55
C HIS A 208 19.09 -23.56 10.27
N TRP A 209 18.04 -22.82 9.97
CA TRP A 209 16.78 -23.44 9.59
C TRP A 209 16.81 -23.84 8.09
N ILE A 210 16.74 -25.11 7.71
CA ILE A 210 16.52 -26.30 8.56
C ILE A 210 16.92 -27.50 7.72
N ALA A 211 17.28 -28.59 8.39
CA ALA A 211 17.70 -29.83 7.75
C ALA A 211 19.03 -29.67 6.99
N TYR A 212 19.91 -28.88 7.60
CA TYR A 212 21.20 -28.53 7.05
C TYR A 212 22.17 -29.51 7.69
N GLU A 213 22.28 -30.68 7.10
CA GLU A 213 22.96 -31.84 7.69
C GLU A 213 24.15 -32.30 6.89
N GLN A 214 24.54 -31.55 5.89
CA GLN A 214 25.87 -31.76 5.35
C GLN A 214 26.42 -30.49 4.71
N GLU A 215 27.73 -30.39 4.72
CA GLU A 215 28.46 -29.28 4.17
C GLU A 215 28.78 -29.47 2.72
N THR A 216 29.06 -30.72 2.35
CA THR A 216 29.32 -31.09 0.97
C THR A 216 28.16 -30.64 0.04
N SER A 217 28.48 -29.91 -1.00
CA SER A 217 27.48 -29.43 -1.96
C SER A 217 26.44 -28.56 -1.27
N ARG A 218 26.83 -27.89 -0.20
CA ARG A 218 25.96 -26.90 0.38
C ARG A 218 25.78 -25.80 -0.67
N ASN A 219 26.85 -25.51 -1.39
CA ASN A 219 26.88 -24.70 -2.60
C ASN A 219 26.31 -23.29 -2.40
N LEU A 220 27.14 -22.39 -1.84
CA LEU A 220 26.81 -20.99 -1.70
C LEU A 220 26.51 -20.44 -3.08
N TYR A 221 25.57 -19.50 -3.20
CA TYR A 221 25.40 -18.75 -4.43
C TYR A 221 26.60 -17.85 -4.51
N ILE A 222 27.36 -17.99 -5.60
CA ILE A 222 28.45 -17.08 -5.98
C ILE A 222 28.32 -16.76 -7.46
N ASP A 223 28.40 -15.48 -7.81
CA ASP A 223 28.38 -15.03 -9.19
C ASP A 223 29.45 -13.99 -9.33
N ILE A 224 30.54 -14.28 -10.03
CA ILE A 224 31.56 -13.27 -10.30
C ILE A 224 32.23 -13.53 -11.66
N ASP A 225 32.52 -12.44 -12.40
CA ASP A 225 32.95 -12.47 -13.82
C ASP A 225 31.89 -13.13 -14.75
N GLY A 226 30.60 -12.87 -14.49
CA GLY A 226 29.49 -13.45 -15.27
C GLY A 226 29.17 -14.95 -15.12
N VAL A 227 29.97 -15.71 -14.37
CA VAL A 227 29.80 -17.18 -14.18
C VAL A 227 29.30 -17.52 -12.74
N SER A 228 28.11 -18.14 -12.65
CA SER A 228 27.42 -18.32 -11.37
C SER A 228 27.38 -19.78 -10.90
N GLN A 229 27.25 -19.99 -9.58
CA GLN A 229 27.11 -21.32 -9.03
C GLN A 229 25.88 -22.04 -9.63
N ALA A 230 24.87 -21.30 -10.05
CA ALA A 230 23.69 -21.85 -10.78
C ALA A 230 24.00 -22.61 -12.07
N ASP A 231 25.15 -22.30 -12.70
CA ASP A 231 25.61 -22.96 -13.93
C ASP A 231 26.37 -24.24 -13.66
N ILE A 232 26.86 -24.41 -12.43
CA ILE A 232 27.59 -25.62 -12.01
C ILE A 232 26.71 -26.65 -11.29
N GLN A 233 26.04 -26.31 -10.19
CA GLN A 233 25.36 -27.31 -9.33
C GLN A 233 24.48 -26.63 -8.30
N LEU A 234 23.27 -27.16 -8.11
CA LEU A 234 22.37 -26.62 -7.10
C LEU A 234 22.78 -27.14 -5.71
N PRO A 235 22.27 -26.53 -4.65
CA PRO A 235 22.58 -27.04 -3.31
C PRO A 235 21.98 -28.40 -3.03
N ILE A 236 22.61 -29.25 -2.23
CA ILE A 236 22.06 -30.52 -1.80
C ILE A 236 20.59 -30.29 -1.37
N SER A 237 19.70 -31.23 -1.69
CA SER A 237 18.30 -31.16 -1.27
C SER A 237 18.00 -32.16 -0.19
N SER A 238 17.65 -31.66 1.00
CA SER A 238 17.27 -32.53 2.09
C SER A 238 15.79 -32.82 1.87
N ASN A 239 15.45 -34.08 1.58
CA ASN A 239 14.07 -34.49 1.31
C ASN A 239 13.55 -35.15 2.56
N VAL A 240 12.76 -34.39 3.30
CA VAL A 240 12.32 -34.74 4.63
C VAL A 240 10.83 -34.89 4.69
N ASP A 241 10.36 -36.03 5.18
CA ASP A 241 8.92 -36.22 5.44
C ASP A 241 8.37 -35.40 6.65
N ASP A 242 7.04 -35.31 6.79
CA ASP A 242 6.47 -34.38 7.74
C ASP A 242 6.68 -34.84 9.17
N LEU A 243 6.53 -36.12 9.41
CA LEU A 243 6.74 -36.62 10.76
C LEU A 243 8.14 -36.27 11.31
N THR A 244 9.15 -36.52 10.49
CA THR A 244 10.55 -36.25 10.82
C THR A 244 10.83 -34.76 11.06
N MET A 245 10.27 -33.91 10.20
CA MET A 245 10.39 -32.51 10.37
C MET A 245 9.84 -32.08 11.71
N HIS A 246 8.67 -32.60 12.14
CA HIS A 246 8.08 -32.21 13.41
C HIS A 246 8.72 -32.84 14.64
N GLU A 247 9.11 -34.10 14.61
CA GLU A 247 9.57 -34.74 15.84
C GLU A 247 11.08 -34.65 16.01
N LEU A 248 11.82 -34.36 14.94
CA LEU A 248 13.26 -34.23 14.99
C LEU A 248 13.78 -32.79 14.77
N TYR A 249 13.69 -32.27 13.56
CA TYR A 249 14.41 -31.07 13.15
C TYR A 249 13.80 -29.74 13.69
N MET A 250 12.47 -29.65 13.77
CA MET A 250 11.83 -28.47 14.33
C MET A 250 11.93 -28.33 15.84
N TRP A 251 12.24 -29.39 16.57
CA TRP A 251 12.19 -29.36 18.05
C TRP A 251 13.06 -28.27 18.69
N SER A 252 14.33 -28.24 18.32
CA SER A 252 15.23 -27.25 18.86
C SER A 252 14.80 -25.86 18.46
N PHE A 253 14.26 -25.72 17.26
CA PHE A 253 13.90 -24.41 16.77
C PHE A 253 12.70 -23.88 17.52
N ALA A 254 11.78 -24.77 17.91
CA ALA A 254 10.64 -24.32 18.71
C ALA A 254 11.10 -23.81 20.05
N GLU A 255 12.11 -24.43 20.64
CA GLU A 255 12.67 -23.97 21.93
C GLU A 255 13.41 -22.61 21.74
N ALA A 256 14.13 -22.46 20.65
CA ALA A 256 14.78 -21.19 20.37
C ALA A 256 13.73 -20.07 20.24
N VAL A 257 12.56 -20.39 19.67
CA VAL A 257 11.50 -19.39 19.51
C VAL A 257 10.96 -19.01 20.87
N ARG A 258 10.69 -20.03 21.68
CA ARG A 258 10.14 -19.83 23.01
C ARG A 258 11.07 -19.06 23.92
N ALA A 259 12.37 -19.12 23.68
CA ALA A 259 13.30 -18.33 24.47
C ALA A 259 13.41 -16.86 24.03
N GLY A 260 12.81 -16.52 22.89
CA GLY A 260 12.82 -15.20 22.36
C GLY A 260 13.95 -14.95 21.42
N THR A 261 14.39 -15.95 20.65
CA THR A 261 15.37 -15.63 19.62
C THR A 261 14.77 -14.57 18.75
N ASN A 262 15.55 -13.54 18.50
CA ASN A 262 15.02 -12.37 17.81
C ASN A 262 14.90 -12.62 16.32
N HIS A 263 15.88 -13.33 15.78
CA HIS A 263 15.92 -13.66 14.38
C HIS A 263 16.26 -15.13 14.24
N ILE A 264 16.10 -15.63 13.03
CA ILE A 264 16.50 -16.95 12.61
C ILE A 264 17.18 -16.88 11.23
N MET A 265 18.25 -17.66 11.05
CA MET A 265 18.94 -17.73 9.75
C MET A 265 18.49 -18.96 9.03
N CYS A 266 18.20 -18.82 7.74
CA CYS A 266 17.81 -20.00 6.93
C CYS A 266 19.10 -20.66 6.47
N SER A 267 18.99 -21.80 5.80
CA SER A 267 20.14 -22.64 5.50
C SER A 267 20.52 -22.68 4.01
N TYR A 268 21.72 -23.16 3.73
CA TYR A 268 22.17 -23.39 2.35
C TYR A 268 21.41 -24.54 1.59
N ASN A 269 21.07 -25.61 2.28
CA ASN A 269 20.35 -26.70 1.62
C ASN A 269 19.02 -26.26 1.02
N ARG A 270 18.57 -27.00 0.01
CA ARG A 270 17.22 -26.94 -0.44
C ARG A 270 16.49 -27.95 0.46
N ILE A 271 15.17 -27.78 0.62
CA ILE A 271 14.31 -28.77 1.24
C ILE A 271 13.24 -29.18 0.21
N ASN A 272 13.12 -30.48 -0.09
CA ASN A 272 12.20 -30.95 -1.17
C ASN A 272 12.38 -30.16 -2.47
N ASN A 273 13.64 -29.90 -2.80
CA ASN A 273 14.04 -29.20 -4.03
C ASN A 273 13.71 -27.72 -4.11
N THR A 274 13.22 -27.14 -3.01
CA THR A 274 13.03 -25.70 -2.94
C THR A 274 14.06 -25.08 -1.97
N HIS A 275 14.71 -23.98 -2.37
CA HIS A 275 15.71 -23.30 -1.49
C HIS A 275 15.14 -22.87 -0.14
N SER A 276 15.88 -23.16 0.93
CA SER A 276 15.43 -22.88 2.29
C SER A 276 15.08 -21.40 2.46
N CYS A 277 15.89 -20.50 1.89
CA CYS A 277 15.66 -19.09 2.09
C CYS A 277 14.44 -18.56 1.31
N SER A 278 13.85 -19.39 0.43
CA SER A 278 12.61 -19.06 -0.20
C SER A 278 11.67 -20.23 -0.22
N ASN A 279 11.64 -21.00 0.85
CA ASN A 279 10.73 -22.11 0.96
C ASN A 279 9.49 -21.73 1.77
N ALA A 280 8.34 -21.73 1.12
CA ALA A 280 7.11 -21.21 1.72
C ALA A 280 6.57 -22.13 2.80
N LYS A 281 6.56 -23.43 2.53
CA LYS A 281 6.12 -24.40 3.53
C LYS A 281 7.03 -24.28 4.76
N GLY A 282 8.32 -24.05 4.53
CA GLY A 282 9.31 -23.91 5.60
C GLY A 282 9.19 -22.64 6.40
N LEU A 283 9.17 -21.51 5.74
CA LEU A 283 9.28 -20.24 6.43
C LEU A 283 7.92 -19.65 6.83
N ASN A 284 7.02 -19.52 5.87
CA ASN A 284 5.71 -18.91 6.13
C ASN A 284 4.77 -19.79 6.93
N GLN A 285 4.78 -21.10 6.67
CA GLN A 285 3.89 -22.01 7.35
C GLN A 285 4.58 -22.61 8.55
N LEU A 286 5.63 -23.39 8.41
CA LEU A 286 6.17 -24.12 9.57
C LEU A 286 6.76 -23.16 10.64
N LEU A 287 7.54 -22.18 10.21
CA LEU A 287 8.19 -21.28 11.12
C LEU A 287 7.29 -20.12 11.56
N LYS A 288 6.72 -19.37 10.60
CA LYS A 288 5.93 -18.15 10.95
C LYS A 288 4.46 -18.32 11.45
N THR A 289 3.84 -19.46 11.12
CA THR A 289 2.49 -19.84 11.51
C THR A 289 2.55 -20.87 12.61
N GLU A 290 2.95 -22.08 12.35
CA GLU A 290 2.94 -23.09 13.42
C GLU A 290 3.86 -22.74 14.65
N LEU A 291 5.09 -22.35 14.40
CA LEU A 291 5.95 -21.86 15.50
C LEU A 291 5.62 -20.42 15.90
N ASN A 292 4.79 -19.75 15.10
CA ASN A 292 4.29 -18.43 15.46
C ASN A 292 5.41 -17.37 15.60
N PHE A 293 6.47 -17.56 14.82
CA PHE A 293 7.71 -16.80 14.96
C PHE A 293 7.48 -15.32 14.62
N GLN A 294 7.79 -14.44 15.55
CA GLN A 294 7.55 -13.02 15.41
C GLN A 294 8.71 -12.18 15.01
N GLY A 295 9.80 -12.81 14.68
CA GLY A 295 11.05 -12.12 14.44
C GLY A 295 11.41 -12.26 13.00
N GLY A 296 12.62 -11.82 12.70
CA GLY A 296 13.12 -11.83 11.30
C GLY A 296 13.87 -13.08 10.79
N VAL A 297 13.67 -13.37 9.52
CA VAL A 297 14.49 -14.34 8.83
C VAL A 297 15.60 -13.74 8.00
N VAL A 298 16.83 -14.11 8.34
CA VAL A 298 18.04 -13.61 7.73
C VAL A 298 18.58 -14.71 6.81
N SER A 299 19.07 -14.31 5.65
CA SER A 299 19.72 -15.25 4.74
C SER A 299 21.09 -15.61 5.23
N ASN A 300 21.50 -16.83 4.93
CA ASN A 300 22.89 -17.17 4.93
C ASN A 300 23.58 -16.29 3.92
N TRP A 301 24.90 -16.18 4.05
CA TRP A 301 25.72 -15.44 3.12
C TRP A 301 25.88 -16.31 1.87
N GLY A 302 25.18 -15.93 0.80
CA GLY A 302 25.04 -16.74 -0.40
C GLY A 302 23.90 -17.72 -0.24
N GLY A 303 23.02 -17.53 0.74
CA GLY A 303 21.86 -18.39 0.93
C GLY A 303 20.68 -18.00 0.00
N GLN A 304 20.60 -16.73 -0.35
CA GLN A 304 19.58 -16.23 -1.24
C GLN A 304 19.96 -16.43 -2.74
N TRP A 305 19.06 -17.10 -3.49
CA TRP A 305 19.24 -17.44 -4.95
C TRP A 305 18.34 -16.66 -5.94
N ASP A 306 17.48 -15.77 -5.42
CA ASP A 306 16.47 -15.06 -6.22
C ASP A 306 15.87 -13.83 -5.46
N SER A 307 15.35 -12.85 -6.20
CA SER A 307 14.68 -11.70 -5.62
C SER A 307 13.21 -11.98 -5.11
N VAL A 308 12.40 -12.56 -5.98
CA VAL A 308 10.94 -12.55 -5.83
C VAL A 308 10.43 -13.68 -4.93
N PRO A 309 10.77 -14.96 -5.25
CA PRO A 309 10.25 -16.02 -4.35
C PRO A 309 10.68 -15.80 -2.90
N ALA A 310 11.91 -15.29 -2.70
CA ALA A 310 12.42 -15.03 -1.38
C ALA A 310 11.58 -13.94 -0.69
N ALA A 311 11.25 -12.89 -1.43
CA ALA A 311 10.38 -11.85 -0.85
C ALA A 311 8.99 -12.35 -0.44
N GLU A 312 8.46 -13.35 -1.15
CA GLU A 312 7.10 -13.81 -0.95
C GLU A 312 6.98 -14.93 0.04
N ASN A 313 8.06 -15.71 0.16
CA ASN A 313 8.04 -16.99 0.87
C ASN A 313 8.67 -17.06 2.28
N GLY A 314 9.07 -15.90 2.79
CA GLY A 314 9.46 -15.74 4.19
C GLY A 314 10.77 -15.02 4.50
N LEU A 315 11.60 -14.72 3.51
CA LEU A 315 12.88 -14.09 3.81
C LEU A 315 12.60 -12.69 4.27
N ASP A 316 13.33 -12.20 5.27
CA ASP A 316 13.21 -10.80 5.76
C ASP A 316 14.47 -9.95 5.61
N VAL A 317 15.68 -10.55 5.68
CA VAL A 317 16.93 -9.79 5.46
C VAL A 317 17.91 -10.43 4.47
N ALA A 318 18.31 -9.72 3.44
CA ALA A 318 19.32 -10.25 2.50
C ALA A 318 20.70 -9.90 2.97
N MET A 319 21.54 -10.90 3.13
CA MET A 319 22.94 -10.69 3.50
C MET A 319 23.83 -11.55 2.62
N PRO A 320 24.99 -11.04 2.28
CA PRO A 320 25.51 -9.78 2.74
C PRO A 320 25.21 -8.53 1.88
N GLY A 321 24.44 -8.66 0.79
CA GLY A 321 24.16 -7.52 -0.10
C GLY A 321 25.40 -6.95 -0.77
N LYS A 322 25.69 -5.68 -0.53
CA LYS A 322 26.81 -5.03 -1.16
C LYS A 322 28.17 -5.43 -0.60
N GLY A 323 28.18 -6.12 0.56
CA GLY A 323 29.42 -6.63 1.14
C GLY A 323 29.93 -7.75 0.29
N PHE A 324 31.19 -8.11 0.50
CA PHE A 324 31.87 -9.16 -0.29
C PHE A 324 31.79 -8.89 -1.81
N LEU A 325 31.86 -7.60 -2.19
CA LEU A 325 31.80 -7.14 -3.59
C LEU A 325 30.51 -7.52 -4.36
N GLY A 326 29.42 -7.80 -3.64
CA GLY A 326 28.23 -8.35 -4.28
C GLY A 326 28.41 -9.72 -4.92
N ALA A 327 29.50 -10.40 -4.61
CA ALA A 327 29.81 -11.69 -5.19
C ALA A 327 28.88 -12.79 -4.70
N LEU A 328 28.19 -12.57 -3.58
CA LEU A 328 27.34 -13.62 -2.98
C LEU A 328 25.89 -13.41 -3.32
N GLY A 329 25.63 -12.64 -4.35
CA GLY A 329 24.29 -12.26 -4.67
C GLY A 329 23.98 -10.94 -3.99
N ASP A 330 23.10 -10.21 -4.67
CA ASP A 330 22.66 -8.92 -4.28
C ASP A 330 21.31 -8.72 -4.99
N PHE A 331 20.33 -9.51 -4.54
CA PHE A 331 19.05 -9.72 -5.23
C PHE A 331 17.97 -8.68 -4.87
N TRP A 332 18.15 -7.98 -3.75
CA TRP A 332 17.21 -6.94 -3.34
C TRP A 332 18.05 -5.65 -3.42
N GLY A 333 17.89 -4.70 -2.52
CA GLY A 333 18.37 -3.33 -2.67
C GLY A 333 17.57 -2.58 -3.72
N ALA A 334 18.29 -1.84 -4.56
CA ALA A 334 17.68 -1.17 -5.75
C ALA A 334 16.72 -2.06 -6.56
N THR A 335 17.00 -3.35 -6.63
CA THR A 335 16.13 -4.31 -7.31
C THR A 335 14.77 -4.47 -6.61
N LEU A 336 14.78 -4.49 -5.28
CA LEU A 336 13.52 -4.56 -4.53
C LEU A 336 12.72 -3.26 -4.59
N VAL A 337 13.44 -2.14 -4.63
CA VAL A 337 12.81 -0.86 -4.87
C VAL A 337 12.00 -0.90 -6.17
N GLU A 338 12.58 -1.48 -7.23
CA GLU A 338 11.90 -1.66 -8.52
C GLU A 338 10.73 -2.64 -8.49
N LEU A 339 10.88 -3.72 -7.74
CA LEU A 339 9.79 -4.70 -7.62
C LEU A 339 8.55 -4.14 -6.88
N ILE A 340 8.76 -3.12 -6.04
CA ILE A 340 7.66 -2.60 -5.26
C ILE A 340 6.99 -1.56 -6.14
N ASN A 341 7.78 -0.60 -6.56
CA ASN A 341 7.27 0.46 -7.42
C ASN A 341 6.53 -0.02 -8.69
N ASN A 342 6.92 -1.16 -9.26
CA ASN A 342 6.31 -1.65 -10.50
C ASN A 342 5.24 -2.74 -10.27
N GLY A 343 4.86 -2.94 -9.01
CA GLY A 343 3.71 -3.78 -8.62
C GLY A 343 3.92 -5.28 -8.37
N THR A 344 5.10 -5.80 -8.67
CA THR A 344 5.36 -7.24 -8.54
C THR A 344 5.39 -7.76 -7.07
N VAL A 345 5.99 -6.95 -6.19
CA VAL A 345 6.07 -7.23 -4.77
C VAL A 345 5.30 -6.17 -3.97
N SER A 346 4.39 -6.62 -3.10
CA SER A 346 3.55 -5.73 -2.24
C SER A 346 4.36 -4.90 -1.20
N GLU A 347 4.16 -3.60 -1.18
CA GLU A 347 4.76 -2.77 -0.14
C GLU A 347 4.48 -3.31 1.29
N ASP A 348 3.28 -3.82 1.55
CA ASP A 348 2.96 -4.27 2.91
C ASP A 348 3.80 -5.51 3.35
N LEU A 349 4.02 -6.48 2.45
CA LEU A 349 4.96 -7.58 2.71
C LEU A 349 6.30 -7.03 3.18
N VAL A 350 6.81 -6.04 2.46
CA VAL A 350 8.14 -5.52 2.80
C VAL A 350 8.16 -4.77 4.15
N ARG A 351 7.04 -4.14 4.51
CA ARG A 351 6.92 -3.46 5.81
C ARG A 351 6.97 -4.46 6.93
N ASP A 352 6.36 -5.63 6.74
CA ASP A 352 6.45 -6.72 7.72
C ASP A 352 7.89 -7.12 8.00
N LYS A 353 8.71 -7.19 6.94
CA LYS A 353 10.11 -7.57 7.03
C LYS A 353 10.84 -6.52 7.86
N ALA A 354 10.66 -5.26 7.52
CA ALA A 354 11.24 -4.23 8.35
C ALA A 354 10.73 -4.22 9.79
N VAL A 355 9.47 -4.58 10.03
CA VAL A 355 8.96 -4.54 11.38
C VAL A 355 9.66 -5.65 12.14
N ARG A 356 9.83 -6.81 11.49
CA ARG A 356 10.49 -7.95 12.17
C ARG A 356 11.92 -7.60 12.56
N ILE A 357 12.60 -6.83 11.71
CA ILE A 357 13.98 -6.44 11.98
C ILE A 357 14.06 -5.50 13.14
N LEU A 358 13.28 -4.46 13.08
CA LEU A 358 13.22 -3.46 14.11
C LEU A 358 12.62 -3.93 15.44
N THR A 359 11.84 -5.01 15.47
CA THR A 359 11.34 -5.44 16.77
C THR A 359 12.47 -5.68 17.81
N GLY A 360 13.55 -6.32 17.37
CA GLY A 360 14.69 -6.66 18.24
C GLY A 360 15.49 -5.48 18.77
N TYR A 361 15.72 -4.52 17.90
CA TYR A 361 16.34 -3.27 18.19
C TYR A 361 15.68 -2.57 19.34
N TYR A 362 14.36 -2.51 19.34
CA TYR A 362 13.65 -1.84 20.40
C TYR A 362 13.49 -2.70 21.56
N TYR A 363 13.20 -3.99 21.36
CA TYR A 363 13.01 -4.89 22.50
C TYR A 363 14.28 -4.90 23.41
N LEU A 364 15.46 -4.99 22.80
CA LEU A 364 16.71 -5.04 23.56
C LEU A 364 17.28 -3.67 23.90
N GLY A 365 16.54 -2.60 23.63
CA GLY A 365 16.89 -1.26 24.09
C GLY A 365 18.12 -0.69 23.45
N GLN A 366 18.32 -1.03 22.19
CA GLN A 366 19.46 -0.54 21.41
C GLN A 366 19.26 0.90 20.92
N ASP A 367 18.02 1.41 20.92
CA ASP A 367 17.76 2.88 20.67
C ASP A 367 18.20 3.81 21.84
N THR A 368 17.99 3.37 23.06
CA THR A 368 18.28 4.22 24.25
C THR A 368 19.63 3.83 24.92
N ASN A 369 20.10 2.61 24.61
CA ASN A 369 21.39 2.13 25.01
C ASN A 369 22.22 1.59 23.83
N PRO A 370 22.63 2.50 22.93
CA PRO A 370 23.31 2.00 21.73
C PRO A 370 24.59 1.24 22.02
N PRO A 371 24.87 0.19 21.25
CA PRO A 371 26.20 -0.39 21.31
C PRO A 371 27.25 0.65 21.00
N PRO A 372 28.45 0.50 21.56
CA PRO A 372 29.54 1.38 21.15
C PRO A 372 30.00 1.05 19.73
N PRO A 373 30.82 1.92 19.11
CA PRO A 373 31.21 1.63 17.72
C PRO A 373 32.03 0.34 17.61
N PHE A 374 31.85 -0.39 16.52
CA PHE A 374 32.56 -1.62 16.24
C PHE A 374 33.83 -1.24 15.51
N VAL A 375 35.01 -1.65 16.03
CA VAL A 375 36.30 -1.11 15.53
C VAL A 375 37.21 -2.02 14.72
N TYR A 376 36.89 -3.30 14.63
CA TYR A 376 37.76 -4.24 13.94
C TYR A 376 37.26 -4.53 12.52
N ASN A 377 38.21 -4.59 11.59
CA ASN A 377 37.94 -5.09 10.27
C ASN A 377 37.94 -6.62 10.32
N THR A 378 36.78 -7.24 10.27
CA THR A 378 36.71 -8.71 10.34
C THR A 378 36.43 -9.37 9.03
N ILE A 379 36.40 -8.56 7.97
CA ILE A 379 36.26 -9.08 6.61
C ILE A 379 37.61 -9.43 6.00
N GLY A 380 38.64 -8.62 6.26
CA GLY A 380 40.00 -8.80 5.69
C GLY A 380 40.24 -8.11 4.35
N ALA A 381 41.41 -7.46 4.20
CA ALA A 381 41.96 -7.09 2.88
C ALA A 381 42.24 -8.35 2.05
N PRO A 382 42.10 -8.32 0.71
CA PRO A 382 41.70 -7.16 -0.11
C PRO A 382 40.17 -6.91 -0.31
N THR A 383 39.32 -7.81 0.16
CA THR A 383 37.85 -7.64 0.13
C THR A 383 37.35 -6.32 0.76
N LEU A 384 37.93 -5.96 1.92
CA LEU A 384 37.69 -4.67 2.58
C LEU A 384 39.01 -4.09 3.09
N ASN A 385 39.35 -2.91 2.59
CA ASN A 385 40.61 -2.22 2.89
C ASN A 385 40.20 -1.17 3.90
N ALA A 386 40.42 -1.49 5.16
CA ALA A 386 40.10 -0.58 6.24
C ALA A 386 40.91 -1.01 7.44
N THR A 387 41.37 -0.02 8.20
CA THR A 387 42.21 -0.22 9.36
C THR A 387 41.36 -0.59 10.58
N SER A 388 41.98 -1.27 11.53
CA SER A 388 41.30 -1.68 12.76
C SER A 388 41.73 -0.79 13.93
N GLY A 389 40.79 -0.48 14.82
CA GLY A 389 41.10 0.08 16.11
C GLY A 389 41.43 -1.06 17.05
N TYR A 390 41.38 -0.75 18.34
CA TYR A 390 41.58 -1.75 19.38
C TYR A 390 40.63 -1.47 20.57
N ARG A 391 39.96 -2.51 21.07
CA ARG A 391 39.21 -2.45 22.35
C ARG A 391 39.38 -3.75 23.16
N ASN A 392 39.58 -3.65 24.47
CA ASN A 392 39.68 -4.80 25.34
C ASN A 392 38.39 -4.92 26.13
N VAL A 393 37.66 -6.02 25.95
CA VAL A 393 36.39 -6.27 26.69
C VAL A 393 36.42 -7.44 27.63
N ARG A 394 37.61 -8.03 27.81
CA ARG A 394 37.80 -9.17 28.71
C ARG A 394 37.54 -8.70 30.13
N LYS A 395 36.56 -9.29 30.79
CA LYS A 395 36.18 -8.87 32.13
C LYS A 395 36.77 -9.91 33.12
N PRO A 396 37.17 -9.47 34.33
CA PRO A 396 37.56 -10.49 35.33
C PRO A 396 36.41 -11.49 35.50
N GLY A 397 36.74 -12.75 35.74
CA GLY A 397 35.68 -13.76 35.85
C GLY A 397 35.51 -14.62 34.60
N THR A 398 35.81 -14.06 33.43
CA THR A 398 35.52 -14.77 32.19
C THR A 398 36.49 -15.99 31.96
N ALA A 399 37.76 -15.75 32.26
CA ALA A 399 38.76 -16.80 32.25
C ALA A 399 38.35 -18.00 33.12
N GLU A 400 37.88 -17.75 34.33
CA GLU A 400 37.50 -18.79 35.24
C GLU A 400 36.29 -19.56 34.74
N LEU A 401 35.31 -18.85 34.17
CA LEU A 401 34.15 -19.50 33.56
C LEU A 401 34.54 -20.45 32.43
N ILE A 402 35.42 -20.01 31.53
CA ILE A 402 35.91 -20.83 30.45
C ILE A 402 36.60 -22.06 31.02
N LYS A 403 37.40 -21.85 32.03
CA LYS A 403 38.10 -22.95 32.68
C LYS A 403 37.11 -23.96 33.27
N GLU A 404 36.12 -23.45 34.02
CA GLU A 404 35.05 -24.25 34.66
C GLU A 404 34.26 -25.12 33.63
N ILE A 405 33.92 -24.55 32.48
CA ILE A 405 33.29 -25.31 31.41
C ILE A 405 34.19 -26.48 30.90
N GLY A 406 35.48 -26.19 30.63
CA GLY A 406 36.45 -27.26 30.36
C GLY A 406 36.51 -28.34 31.45
N SER A 407 36.60 -27.96 32.71
CA SER A 407 36.70 -28.96 33.75
C SER A 407 35.45 -29.83 33.89
N ALA A 408 34.30 -29.27 33.57
CA ALA A 408 33.03 -29.95 33.69
C ALA A 408 32.65 -30.80 32.46
N SER A 409 33.33 -30.58 31.34
CA SER A 409 33.02 -31.26 30.06
C SER A 409 33.94 -32.47 29.76
N VAL A 410 35.18 -32.42 30.21
CA VAL A 410 36.12 -33.48 29.89
C VAL A 410 35.50 -34.84 30.25
N THR A 411 35.47 -35.73 29.29
CA THR A 411 34.76 -36.95 29.44
C THR A 411 35.71 -38.12 29.49
N LEU A 412 35.63 -38.87 30.58
CA LEU A 412 36.46 -40.02 30.79
C LEU A 412 35.78 -41.23 30.19
N LEU A 413 36.42 -41.86 29.20
CA LEU A 413 35.86 -43.01 28.47
C LEU A 413 36.40 -44.40 28.86
N LYS A 414 37.60 -44.41 29.44
CA LYS A 414 38.28 -45.61 29.90
C LYS A 414 39.21 -45.26 31.04
N ASN A 415 39.22 -46.09 32.06
CA ASN A 415 40.18 -45.94 33.14
C ASN A 415 40.44 -47.27 33.86
N THR A 416 41.60 -47.90 33.61
CA THR A 416 41.89 -49.17 34.26
C THR A 416 42.59 -49.05 35.61
N GLY A 417 42.72 -47.83 36.13
CA GLY A 417 43.43 -47.60 37.41
C GLY A 417 44.42 -46.47 37.43
N SER A 418 44.87 -45.98 36.26
CA SER A 418 45.94 -44.97 36.20
C SER A 418 45.50 -43.55 36.64
N LEU A 419 44.19 -43.30 36.63
CA LEU A 419 43.65 -41.98 37.02
C LEU A 419 42.73 -42.09 38.26
N PRO A 420 42.74 -41.10 39.16
CA PRO A 420 43.61 -39.92 39.07
C PRO A 420 45.09 -40.19 39.34
N LEU A 421 45.96 -39.28 38.95
CA LEU A 421 47.37 -39.42 39.21
C LEU A 421 47.62 -39.07 40.66
N LYS A 422 48.72 -39.55 41.17
CA LYS A 422 49.08 -39.18 42.49
C LYS A 422 50.15 -38.13 42.40
N HIS A 423 51.39 -38.54 42.25
CA HIS A 423 52.55 -37.65 42.24
C HIS A 423 53.65 -38.31 41.34
N PRO A 424 53.34 -38.64 40.08
CA PRO A 424 54.41 -39.20 39.25
C PRO A 424 55.64 -38.29 39.12
N GLN A 425 56.79 -38.94 39.16
CA GLN A 425 58.09 -38.30 39.20
C GLN A 425 58.71 -38.13 37.81
N ARG A 426 58.30 -38.95 36.83
CA ARG A 426 58.79 -38.84 35.46
C ARG A 426 57.67 -38.93 34.47
N ILE A 427 57.49 -37.84 33.74
CA ILE A 427 56.32 -37.68 32.90
C ILE A 427 56.77 -37.44 31.51
N ALA A 428 56.21 -38.18 30.56
CA ALA A 428 56.43 -37.93 29.14
C ALA A 428 55.13 -37.39 28.52
N VAL A 429 55.27 -36.57 27.49
CA VAL A 429 54.13 -36.00 26.81
C VAL A 429 54.38 -36.12 25.32
N LEU A 430 53.38 -36.55 24.58
CA LEU A 430 53.51 -36.63 23.13
C LEU A 430 52.44 -35.82 22.41
N GLY A 431 52.84 -35.18 21.32
CA GLY A 431 51.92 -34.61 20.34
C GLY A 431 51.99 -33.10 20.31
N ASN A 432 51.90 -32.50 19.11
CA ASN A 432 51.90 -31.04 19.00
C ASN A 432 50.60 -30.47 19.53
N ASP A 433 49.58 -31.31 19.65
CA ASP A 433 48.37 -30.90 20.37
C ASP A 433 48.63 -30.46 21.83
N ALA A 434 49.80 -30.79 22.39
CA ALA A 434 50.14 -30.42 23.74
C ALA A 434 50.69 -29.00 23.87
N THR A 435 51.05 -28.35 22.74
CA THR A 435 51.67 -27.03 22.83
C THR A 435 51.07 -26.08 21.79
N TYR A 436 51.78 -24.97 21.51
CA TYR A 436 51.28 -23.88 20.66
C TYR A 436 51.27 -24.22 19.19
N ASN A 437 50.40 -23.59 18.44
CA ASN A 437 50.52 -23.56 16.99
C ASN A 437 51.90 -22.91 16.79
N VAL A 438 52.77 -23.51 15.98
CA VAL A 438 54.13 -22.99 15.81
C VAL A 438 54.24 -21.63 15.10
N LEU A 439 53.14 -21.22 14.49
CA LEU A 439 53.01 -19.96 13.79
C LEU A 439 52.24 -18.91 14.60
N GLY A 440 51.70 -19.29 15.76
CA GLY A 440 50.97 -18.36 16.66
C GLY A 440 49.52 -18.78 16.82
N PRO A 441 48.93 -18.50 17.97
CA PRO A 441 47.52 -18.93 18.15
C PRO A 441 46.55 -18.50 17.06
N ASN A 442 46.72 -17.28 16.53
CA ASN A 442 45.84 -16.73 15.52
C ASN A 442 46.39 -16.75 14.09
N ALA A 443 47.43 -17.54 13.88
CA ALA A 443 48.10 -17.60 12.56
C ALA A 443 47.20 -18.14 11.44
N CYS A 444 46.26 -18.96 11.81
CA CYS A 444 45.27 -19.48 10.88
C CYS A 444 44.22 -18.47 10.37
N GLY A 445 44.28 -17.22 10.87
CA GLY A 445 43.56 -16.08 10.29
C GLY A 445 42.19 -15.86 10.90
N LEU A 446 41.42 -15.00 10.26
CA LEU A 446 40.12 -14.58 10.80
C LEU A 446 39.05 -15.69 10.89
N ALA A 447 39.21 -16.78 10.16
CA ALA A 447 38.31 -17.93 10.25
C ALA A 447 38.98 -19.24 10.70
N ASN A 448 40.20 -19.18 11.27
CA ASN A 448 40.88 -20.38 11.74
C ASN A 448 40.93 -21.51 10.66
N SER A 449 41.18 -21.12 9.41
CA SER A 449 41.14 -22.05 8.27
C SER A 449 42.19 -21.79 7.18
N ALA A 450 43.11 -20.85 7.38
CA ALA A 450 44.07 -20.49 6.36
C ALA A 450 45.52 -20.97 6.58
N CYS A 451 45.79 -21.81 7.57
CA CYS A 451 47.16 -22.42 7.66
C CYS A 451 47.30 -23.63 6.72
N ASP A 452 48.52 -23.91 6.27
CA ASP A 452 48.80 -25.11 5.45
C ASP A 452 48.20 -26.45 5.98
N ILE A 453 47.77 -27.33 5.09
CA ILE A 453 47.23 -28.67 5.44
C ILE A 453 48.15 -29.42 6.43
N ASP A 454 49.48 -29.21 6.32
CA ASP A 454 50.44 -29.88 7.23
C ASP A 454 50.91 -29.08 8.45
N ASN A 455 50.49 -27.83 8.64
CA ASN A 455 51.00 -27.02 9.74
C ASN A 455 50.63 -27.62 11.12
N LEU A 456 51.53 -27.43 12.09
CA LEU A 456 51.33 -27.87 13.46
C LEU A 456 50.53 -26.76 14.13
N ASN A 457 49.20 -26.94 14.20
CA ASN A 457 48.32 -25.95 14.79
C ASN A 457 48.22 -26.01 16.30
N GLY A 458 48.98 -26.88 16.98
CA GLY A 458 48.99 -26.88 18.43
C GLY A 458 47.64 -27.33 18.95
N THR A 459 47.30 -26.93 20.20
CA THR A 459 46.09 -27.39 20.80
C THR A 459 44.87 -26.98 19.98
N LEU A 460 43.97 -27.93 19.69
CA LEU A 460 42.73 -27.64 18.99
C LEU A 460 41.71 -27.12 20.00
N THR A 461 41.60 -25.80 20.07
CA THR A 461 40.79 -25.18 21.08
C THR A 461 39.49 -24.70 20.49
N THR A 462 39.44 -24.57 19.17
CA THR A 462 38.20 -24.38 18.47
C THR A 462 38.36 -24.92 17.03
N GLY A 463 37.23 -25.07 16.34
CA GLY A 463 37.22 -25.61 14.98
C GLY A 463 37.32 -24.50 13.97
N GLY A 464 37.15 -24.81 12.70
CA GLY A 464 37.42 -23.84 11.67
C GLY A 464 36.16 -23.30 11.06
N GLY A 465 36.23 -22.07 10.61
CA GLY A 465 35.17 -21.44 9.83
C GLY A 465 34.59 -20.21 10.47
N SER A 466 33.35 -19.92 10.10
CA SER A 466 32.66 -18.74 10.62
C SER A 466 32.32 -18.82 12.11
N GLY A 467 32.36 -20.03 12.69
CA GLY A 467 32.16 -20.23 14.12
C GLY A 467 33.36 -20.14 15.04
N SER A 468 34.54 -19.87 14.51
CA SER A 468 35.74 -19.76 15.36
C SER A 468 35.87 -18.36 15.93
N ALA A 469 36.96 -18.13 16.65
CA ALA A 469 37.29 -16.82 17.18
C ALA A 469 38.75 -16.81 17.57
N LEU A 470 39.29 -15.60 17.69
CA LEU A 470 40.70 -15.43 18.00
C LEU A 470 40.94 -15.71 19.49
N SER A 471 42.19 -15.81 19.86
CA SER A 471 42.56 -16.14 21.19
C SER A 471 43.57 -15.12 21.72
N PRO A 472 43.47 -14.73 22.98
CA PRO A 472 44.47 -13.84 23.52
C PRO A 472 45.76 -14.57 23.87
N TYR A 473 45.66 -15.89 24.02
CA TYR A 473 46.74 -16.74 24.41
C TYR A 473 46.17 -18.15 24.44
N THR A 474 47.02 -19.15 24.50
CA THR A 474 46.51 -20.47 24.85
C THR A 474 47.34 -21.07 26.00
N ILE A 475 46.62 -21.49 27.01
CA ILE A 475 47.23 -22.23 28.08
C ILE A 475 47.32 -23.68 27.61
N THR A 476 48.51 -24.09 27.26
CA THR A 476 48.73 -25.38 26.67
C THR A 476 48.72 -26.47 27.69
N PRO A 477 48.38 -27.70 27.25
CA PRO A 477 48.44 -28.80 28.20
C PRO A 477 49.79 -29.02 28.81
N LEU A 478 50.84 -28.90 28.00
CA LEU A 478 52.18 -29.04 28.48
C LEU A 478 52.54 -28.01 29.59
N GLU A 479 52.22 -26.74 29.40
CA GLU A 479 52.41 -25.72 30.42
C GLU A 479 51.77 -26.13 31.75
N ALA A 480 50.50 -26.51 31.72
CA ALA A 480 49.79 -26.80 32.95
C ALA A 480 50.28 -28.09 33.63
N LEU A 481 50.68 -29.08 32.82
CA LEU A 481 51.27 -30.27 33.38
C LEU A 481 52.61 -29.98 34.01
N GLN A 482 53.39 -29.11 33.37
CA GLN A 482 54.70 -28.74 33.88
C GLN A 482 54.55 -28.07 35.18
N LYS A 483 53.67 -27.09 35.25
CA LYS A 483 53.36 -26.49 36.53
C LYS A 483 53.15 -27.49 37.70
N ARG A 484 52.33 -28.51 37.47
CA ARG A 484 52.09 -29.51 38.48
C ARG A 484 53.31 -30.43 38.73
N ALA A 485 53.98 -30.82 37.67
CA ALA A 485 55.26 -31.52 37.78
C ALA A 485 56.24 -30.77 38.72
N ILE A 486 56.41 -29.46 38.52
CA ILE A 486 57.32 -28.69 39.39
C ILE A 486 56.87 -28.64 40.83
N GLU A 487 55.57 -28.57 41.09
CA GLU A 487 55.09 -28.59 42.49
C GLU A 487 55.49 -29.93 43.18
N ASP A 488 55.42 -31.03 42.44
CA ASP A 488 55.81 -32.38 42.92
C ASP A 488 57.31 -32.71 42.76
N ASN A 489 58.18 -31.74 42.44
CA ASN A 489 59.64 -32.01 42.24
C ASN A 489 59.91 -33.12 41.20
N ALA A 490 59.08 -33.18 40.18
CA ALA A 490 59.13 -34.19 39.13
C ALA A 490 59.90 -33.67 37.89
N GLU A 491 60.16 -34.58 36.95
CA GLU A 491 60.63 -34.19 35.63
C GLU A 491 59.57 -34.46 34.58
N ILE A 492 59.69 -33.68 33.51
CA ILE A 492 58.72 -33.70 32.42
C ILE A 492 59.37 -33.25 31.14
N ALA A 493 58.98 -33.91 30.06
CA ALA A 493 59.51 -33.77 28.76
C ALA A 493 58.45 -34.12 27.71
N ALA A 494 58.40 -33.32 26.66
CA ALA A 494 57.44 -33.42 25.60
C ALA A 494 58.13 -33.59 24.23
N VAL A 495 57.66 -34.52 23.41
CA VAL A 495 57.98 -34.52 21.99
C VAL A 495 56.78 -34.00 21.21
N VAL A 496 56.94 -32.81 20.63
CA VAL A 496 55.88 -32.06 20.00
C VAL A 496 56.05 -31.82 18.53
N ALA A 497 57.12 -32.32 17.93
CA ALA A 497 57.26 -32.23 16.48
C ALA A 497 56.37 -33.28 15.77
N ASN A 498 56.26 -33.15 14.44
CA ASN A 498 55.55 -34.13 13.63
C ASN A 498 56.41 -35.42 13.67
N SER A 499 55.87 -36.49 14.24
CA SER A 499 56.62 -37.74 14.41
C SER A 499 57.02 -38.47 13.11
N ASN A 500 56.17 -38.41 12.06
CA ASN A 500 56.48 -38.98 10.71
C ASN A 500 57.62 -38.22 10.02
N THR A 501 57.64 -36.89 10.09
CA THR A 501 58.47 -36.10 9.20
C THR A 501 59.61 -35.28 9.82
N THR A 502 59.88 -35.39 11.11
CA THR A 502 61.01 -34.63 11.70
C THR A 502 62.15 -35.60 12.04
N THR A 503 63.36 -35.30 11.61
CA THR A 503 64.48 -36.18 11.83
C THR A 503 64.68 -36.36 13.36
N GLY A 504 64.86 -37.59 13.78
CA GLY A 504 65.12 -37.87 15.18
C GLY A 504 63.88 -37.94 16.04
N ALA A 505 62.70 -37.62 15.51
CA ALA A 505 61.54 -37.61 16.38
C ALA A 505 61.20 -39.04 16.87
N GLU A 506 61.25 -40.02 15.98
CA GLU A 506 60.89 -41.35 16.41
C GLU A 506 61.87 -41.90 17.48
N ASP A 507 63.16 -41.57 17.36
CA ASP A 507 64.21 -41.95 18.32
C ASP A 507 64.03 -41.31 19.63
N ALA A 508 63.67 -40.03 19.66
CA ALA A 508 63.43 -39.32 20.94
C ALA A 508 62.25 -39.93 21.70
N ILE A 509 61.21 -40.34 20.97
CA ILE A 509 60.01 -41.02 21.55
C ILE A 509 60.45 -42.35 22.14
N ALA A 510 61.21 -43.10 21.36
CA ALA A 510 61.78 -44.42 21.85
C ALA A 510 62.68 -44.35 23.09
N ALA A 511 63.47 -43.29 23.23
CA ALA A 511 64.40 -43.14 24.38
C ALA A 511 63.78 -42.50 25.60
N LEU A 512 62.71 -41.74 25.38
CA LEU A 512 62.03 -41.06 26.46
C LEU A 512 60.96 -41.91 27.14
N LEU A 513 60.19 -42.67 26.36
CA LEU A 513 58.99 -43.33 26.93
C LEU A 513 59.23 -44.44 27.95
N PRO A 514 60.18 -45.35 27.71
CA PRO A 514 60.23 -46.55 28.57
C PRO A 514 60.39 -46.30 30.05
N ASP A 515 61.11 -45.25 30.42
CA ASP A 515 61.36 -44.87 31.83
C ASP A 515 60.32 -43.95 32.52
N ALA A 516 59.34 -43.48 31.76
CA ALA A 516 58.33 -42.59 32.31
C ALA A 516 57.37 -43.38 33.16
N ASP A 517 56.87 -42.71 34.19
CA ASP A 517 55.81 -43.28 35.03
C ASP A 517 54.48 -43.20 34.32
N VAL A 518 54.32 -42.17 33.47
CA VAL A 518 53.08 -41.89 32.77
C VAL A 518 53.41 -41.16 31.50
N THR A 519 52.76 -41.53 30.42
CA THR A 519 52.92 -40.84 29.17
C THR A 519 51.56 -40.40 28.68
N PHE A 520 51.47 -39.12 28.35
CA PHE A 520 50.21 -38.51 27.91
C PHE A 520 50.38 -38.36 26.44
N VAL A 521 49.38 -38.81 25.71
CA VAL A 521 49.38 -38.55 24.30
C VAL A 521 48.18 -37.68 23.96
N PHE A 522 48.45 -36.55 23.35
CA PHE A 522 47.47 -35.60 22.89
C PHE A 522 47.23 -35.71 21.41
N LEU A 523 45.98 -35.87 21.07
CA LEU A 523 45.56 -36.08 19.71
C LEU A 523 44.55 -35.00 19.31
N ASN A 524 44.51 -34.69 18.02
CA ASN A 524 43.45 -33.83 17.53
C ASN A 524 42.87 -34.22 16.17
N ARG A 525 41.79 -33.53 15.83
CA ARG A 525 41.10 -33.71 14.58
C ARG A 525 40.32 -32.45 14.30
N TYR A 526 41.01 -31.51 13.69
CA TYR A 526 40.41 -30.32 13.08
C TYR A 526 39.40 -30.72 12.03
N SER A 527 38.29 -29.98 12.00
CA SER A 527 37.42 -29.93 10.82
C SER A 527 36.84 -28.49 10.74
N GLU A 528 36.24 -28.19 9.59
CA GLU A 528 35.76 -26.84 9.32
C GLU A 528 34.50 -26.86 8.49
N GLU A 529 33.75 -25.79 8.61
CA GLU A 529 32.76 -25.30 7.64
C GLU A 529 33.23 -25.51 6.18
N GLY A 530 32.33 -25.95 5.30
CA GLY A 530 32.63 -26.02 3.86
C GLY A 530 33.10 -27.39 3.39
N ALA A 531 33.44 -28.29 4.31
CA ALA A 531 33.80 -29.66 3.98
C ALA A 531 33.31 -30.55 5.06
N ASP A 532 33.02 -31.79 4.71
CA ASP A 532 32.77 -32.84 5.70
C ASP A 532 34.05 -33.64 5.85
N ALA A 533 34.28 -34.17 7.04
CA ALA A 533 35.39 -35.07 7.25
C ALA A 533 35.19 -36.29 6.33
N PRO A 534 36.25 -36.72 5.62
CA PRO A 534 36.22 -37.91 4.73
C PRO A 534 36.00 -39.24 5.43
N ASP A 535 36.38 -39.30 6.70
CA ASP A 535 36.31 -40.47 7.52
C ASP A 535 36.67 -40.07 8.93
N PHE A 536 36.71 -41.04 9.83
CA PHE A 536 37.06 -40.82 11.22
C PHE A 536 38.56 -40.73 11.55
N SER A 537 39.46 -40.68 10.59
CA SER A 537 40.89 -40.74 10.98
C SER A 537 41.39 -39.49 11.77
N LEU A 538 42.29 -39.74 12.71
CA LEU A 538 42.92 -38.69 13.48
C LEU A 538 43.66 -37.72 12.58
N GLY A 539 43.70 -36.45 13.01
CA GLY A 539 44.53 -35.44 12.35
C GLY A 539 46.06 -35.70 12.49
N GLY A 540 46.82 -35.21 11.52
CA GLY A 540 48.27 -35.13 11.65
C GLY A 540 48.89 -36.52 11.74
N ASP A 541 49.82 -36.66 12.66
CA ASP A 541 50.54 -37.89 12.87
C ASP A 541 49.97 -38.67 14.05
N GLY A 542 48.72 -38.37 14.44
CA GLY A 542 48.02 -39.07 15.51
C GLY A 542 48.12 -40.57 15.48
N ASP A 543 47.79 -41.18 14.37
CA ASP A 543 47.90 -42.65 14.23
C ASP A 543 49.33 -43.16 14.63
N ASN A 544 50.35 -42.48 14.12
CA ASN A 544 51.74 -42.87 14.35
C ASN A 544 52.17 -42.66 15.80
N LEU A 545 51.77 -41.53 16.40
CA LEU A 545 52.00 -41.31 17.84
C LEU A 545 51.38 -42.38 18.70
N MET A 546 50.18 -42.83 18.35
CA MET A 546 49.56 -43.93 19.10
C MET A 546 50.30 -45.26 18.92
N ASP A 547 50.70 -45.60 17.71
CA ASP A 547 51.54 -46.80 17.52
C ASP A 547 52.81 -46.77 18.40
N LEU A 548 53.50 -45.64 18.38
CA LEU A 548 54.75 -45.50 19.10
C LEU A 548 54.52 -45.61 20.60
N ALA A 549 53.45 -44.97 21.10
CA ALA A 549 53.19 -44.85 22.51
C ALA A 549 52.92 -46.17 23.16
N VAL A 550 52.09 -46.99 22.52
CA VAL A 550 51.78 -48.30 23.07
C VAL A 550 52.95 -49.26 22.94
N THR A 551 53.83 -49.01 21.96
CA THR A 551 55.04 -49.77 21.78
C THR A 551 56.04 -49.59 22.92
N TYR A 552 56.22 -48.38 23.41
CA TYR A 552 57.28 -48.07 24.36
C TYR A 552 56.84 -47.77 25.79
N SER A 553 55.55 -47.61 26.05
CA SER A 553 55.07 -47.32 27.40
C SER A 553 53.93 -48.21 27.76
N SER A 554 53.89 -48.53 29.04
CA SER A 554 52.80 -49.33 29.61
C SER A 554 51.73 -48.53 30.33
N ASN A 555 51.92 -47.21 30.44
CA ASN A 555 50.94 -46.36 31.07
C ASN A 555 50.64 -45.15 30.19
N VAL A 556 49.89 -45.36 29.12
CA VAL A 556 49.49 -44.28 28.21
C VAL A 556 48.11 -43.72 28.55
N VAL A 557 47.99 -42.43 28.82
CA VAL A 557 46.72 -41.73 29.01
C VAL A 557 46.47 -40.87 27.77
N VAL A 558 45.38 -41.11 27.06
CA VAL A 558 45.13 -40.43 25.82
C VAL A 558 44.13 -39.31 26.06
N VAL A 559 44.42 -38.11 25.55
CA VAL A 559 43.51 -36.95 25.61
C VAL A 559 43.21 -36.45 24.18
N ILE A 560 41.94 -36.42 23.80
CA ILE A 560 41.56 -36.02 22.44
C ILE A 560 40.85 -34.68 22.40
N HIS A 561 41.35 -33.76 21.61
CA HIS A 561 40.68 -32.52 21.34
C HIS A 561 40.16 -32.71 19.92
N THR A 562 38.87 -32.53 19.71
CA THR A 562 38.28 -32.90 18.44
C THR A 562 36.96 -32.16 18.19
N THR A 563 36.62 -32.00 16.93
CA THR A 563 35.29 -31.55 16.52
C THR A 563 34.22 -32.64 16.45
N GLY A 564 34.60 -33.91 16.62
CA GLY A 564 33.64 -35.00 16.59
C GLY A 564 34.29 -36.35 16.89
N VAL A 565 33.56 -37.43 16.63
CA VAL A 565 34.02 -38.80 16.81
C VAL A 565 35.20 -39.08 15.89
N VAL A 566 36.16 -39.84 16.40
CA VAL A 566 37.35 -40.26 15.67
C VAL A 566 37.64 -41.75 15.86
N ASP A 567 38.51 -42.28 15.02
CA ASP A 567 38.79 -43.70 14.98
C ASP A 567 40.00 -44.02 15.87
N ILE A 568 39.72 -44.71 16.99
CA ILE A 568 40.73 -45.24 17.90
C ILE A 568 40.63 -46.76 18.13
N GLU A 569 39.93 -47.45 17.22
CA GLU A 569 39.77 -48.91 17.28
C GLU A 569 41.08 -49.66 17.35
N LYS A 570 42.15 -49.14 16.76
CA LYS A 570 43.41 -49.88 16.82
C LYS A 570 44.05 -49.94 18.23
N TRP A 571 43.70 -49.02 19.12
CA TRP A 571 44.37 -48.87 20.42
C TRP A 571 43.45 -48.82 21.62
N ALA A 572 42.16 -48.55 21.45
CA ALA A 572 41.27 -48.42 22.60
C ALA A 572 41.24 -49.66 23.48
N ASP A 573 41.40 -50.85 22.89
CA ASP A 573 41.47 -52.11 23.68
C ASP A 573 42.87 -52.55 24.10
N ASN A 574 43.89 -51.77 23.76
CA ASN A 574 45.24 -52.07 24.17
C ASN A 574 45.42 -51.83 25.67
N PRO A 575 45.86 -52.85 26.41
CA PRO A 575 45.97 -52.65 27.85
C PRO A 575 46.98 -51.57 28.31
N ASN A 576 47.89 -51.20 27.42
CA ASN A 576 48.80 -50.06 27.67
C ASN A 576 48.17 -48.70 27.64
N VAL A 577 47.03 -48.58 26.95
CA VAL A 577 46.17 -47.38 26.98
C VAL A 577 45.31 -47.58 28.23
N THR A 578 45.76 -46.99 29.33
CA THR A 578 45.10 -47.16 30.60
C THR A 578 44.00 -46.11 30.82
N ALA A 579 44.01 -45.02 30.09
CA ALA A 579 42.87 -44.13 30.13
C ALA A 579 42.76 -43.35 28.86
N ILE A 580 41.53 -42.95 28.59
CA ILE A 580 41.14 -42.16 27.43
C ILE A 580 40.12 -41.11 27.90
N LEU A 581 40.40 -39.84 27.63
CA LEU A 581 39.51 -38.70 27.80
C LEU A 581 39.33 -37.93 26.46
N VAL A 582 38.16 -37.34 26.26
CA VAL A 582 37.91 -36.48 25.11
C VAL A 582 37.62 -35.13 25.76
N ALA A 583 38.30 -34.09 25.27
CA ALA A 583 38.13 -32.75 25.83
C ALA A 583 37.49 -31.77 24.86
N TYR A 584 37.04 -32.26 23.71
CA TYR A 584 36.29 -31.48 22.75
C TYR A 584 37.12 -30.20 22.39
N LEU A 585 36.53 -29.02 22.47
CA LEU A 585 37.19 -27.80 22.02
C LEU A 585 37.10 -26.83 23.16
N PRO A 586 38.12 -26.81 24.04
CA PRO A 586 38.00 -26.10 25.31
C PRO A 586 38.32 -24.60 25.31
N GLY A 587 38.60 -24.03 24.17
CA GLY A 587 38.96 -22.60 24.11
C GLY A 587 40.27 -22.32 24.87
N GLN A 588 40.43 -21.09 25.31
CA GLN A 588 41.74 -20.59 25.70
C GLN A 588 42.28 -21.25 26.97
N GLU A 589 41.45 -21.89 27.77
CA GLU A 589 41.92 -22.46 29.02
C GLU A 589 42.09 -23.99 28.86
N ALA A 590 42.76 -24.45 27.81
CA ALA A 590 42.81 -25.88 27.52
C ALA A 590 43.54 -26.71 28.57
N GLY A 591 44.76 -26.29 28.88
CA GLY A 591 45.56 -26.93 29.91
C GLY A 591 45.05 -26.91 31.34
N ASN A 592 44.67 -25.74 31.81
CA ASN A 592 44.34 -25.56 33.20
C ASN A 592 42.96 -26.03 33.54
N SER A 593 42.09 -26.22 32.56
CA SER A 593 40.84 -26.96 32.76
C SER A 593 41.01 -28.50 32.85
N LEU A 594 41.98 -29.02 32.09
CA LEU A 594 42.29 -30.45 32.00
C LEU A 594 43.07 -31.02 33.19
N VAL A 595 44.20 -30.41 33.53
CA VAL A 595 45.11 -30.96 34.55
C VAL A 595 44.50 -31.22 35.93
N PRO A 596 43.60 -30.36 36.41
CA PRO A 596 42.91 -30.65 37.69
C PRO A 596 42.04 -31.90 37.70
N VAL A 597 41.48 -32.30 36.55
CA VAL A 597 40.75 -33.56 36.41
C VAL A 597 41.70 -34.77 36.47
N LEU A 598 42.75 -34.71 35.66
CA LEU A 598 43.73 -35.73 35.61
C LEU A 598 44.33 -35.99 36.97
N TYR A 599 44.66 -34.93 37.74
CA TYR A 599 45.27 -35.12 39.07
C TYR A 599 44.22 -35.33 40.19
N GLY A 600 42.94 -35.30 39.90
CA GLY A 600 41.96 -35.64 40.89
C GLY A 600 41.56 -34.56 41.85
N ASP A 601 41.93 -33.31 41.59
CA ASP A 601 41.32 -32.15 42.34
C ASP A 601 39.80 -32.05 42.16
N VAL A 602 39.33 -32.41 40.99
CA VAL A 602 37.93 -32.56 40.62
C VAL A 602 37.79 -33.90 39.87
N ALA A 603 36.75 -34.67 40.17
CA ALA A 603 36.46 -35.83 39.36
C ALA A 603 35.80 -35.40 38.05
N PRO A 604 36.05 -36.12 36.95
CA PRO A 604 35.41 -35.79 35.71
C PRO A 604 33.94 -36.12 35.80
N SER A 605 33.14 -35.34 35.09
CA SER A 605 31.71 -35.48 35.12
C SER A 605 31.05 -35.19 33.77
N GLY A 606 31.82 -35.21 32.68
CA GLY A 606 31.24 -34.96 31.37
C GLY A 606 30.77 -36.30 30.80
N LYS A 607 29.86 -36.22 29.84
CA LYS A 607 29.34 -37.37 29.15
C LYS A 607 29.13 -36.99 27.70
N LEU A 608 29.27 -37.98 26.83
CA LEU A 608 29.18 -37.77 25.42
C LEU A 608 27.83 -37.21 25.02
N PRO A 609 27.81 -36.16 24.21
CA PRO A 609 26.59 -35.64 23.66
C PRO A 609 26.29 -36.22 22.27
N TRP A 610 27.01 -37.25 21.87
CA TRP A 610 26.61 -38.05 20.73
C TRP A 610 27.06 -39.49 20.87
N THR A 611 26.76 -40.30 19.89
CA THR A 611 27.12 -41.70 19.92
C THR A 611 28.49 -41.88 19.28
N TRP A 612 29.36 -42.69 19.95
CA TRP A 612 30.70 -43.11 19.43
C TRP A 612 30.69 -44.59 18.85
N GLY A 613 30.35 -44.74 17.56
CA GLY A 613 30.33 -46.05 16.92
C GLY A 613 31.72 -46.62 16.69
N LYS A 614 31.78 -47.95 16.56
CA LYS A 614 33.06 -48.64 16.29
C LYS A 614 33.55 -48.32 14.91
N SER A 615 32.60 -48.11 13.99
CA SER A 615 32.88 -47.86 12.57
C SER A 615 31.92 -46.83 12.02
N ILE A 616 32.40 -46.09 11.04
CA ILE A 616 31.50 -45.24 10.24
C ILE A 616 30.31 -45.98 9.64
N ASP A 617 30.48 -47.24 9.25
CA ASP A 617 29.39 -48.04 8.68
C ASP A 617 28.20 -48.33 9.61
N ASP A 618 28.34 -48.09 10.92
CA ASP A 618 27.27 -48.30 11.91
C ASP A 618 26.23 -47.16 11.99
N TYR A 619 26.49 -46.02 11.36
CA TYR A 619 25.58 -44.88 11.45
C TYR A 619 24.57 -44.92 10.33
N VAL A 620 23.63 -43.97 10.35
CA VAL A 620 22.59 -43.74 9.31
C VAL A 620 23.25 -43.74 7.95
N PRO A 621 22.82 -44.62 7.03
CA PRO A 621 23.53 -44.64 5.73
C PRO A 621 23.24 -43.41 4.90
N ASN A 622 24.15 -43.09 3.99
CA ASN A 622 24.09 -41.94 3.09
C ASN A 622 24.12 -40.65 3.85
N GLY A 623 24.90 -40.65 4.91
CA GLY A 623 25.07 -39.53 5.78
C GLY A 623 25.66 -38.33 5.08
N VAL A 624 26.59 -38.58 4.16
CA VAL A 624 27.00 -37.52 3.27
C VAL A 624 26.95 -38.01 1.84
N VAL A 625 26.21 -37.28 0.98
CA VAL A 625 26.10 -37.64 -0.41
C VAL A 625 27.08 -36.82 -1.22
N TYR A 626 27.76 -37.56 -2.11
CA TYR A 626 28.80 -37.07 -3.00
C TYR A 626 28.30 -37.31 -4.41
N THR A 627 28.19 -36.28 -5.23
CA THR A 627 27.67 -36.45 -6.61
C THR A 627 27.97 -35.19 -7.33
N ASP A 628 28.15 -35.31 -8.65
CA ASP A 628 28.31 -34.17 -9.57
C ASP A 628 27.02 -33.91 -10.35
N ALA A 629 25.94 -34.62 -10.02
CA ALA A 629 24.64 -34.29 -10.61
C ALA A 629 24.27 -32.83 -10.37
N TYR A 630 23.62 -32.22 -11.34
CA TYR A 630 23.16 -30.85 -11.23
C TYR A 630 22.21 -30.54 -10.02
N SER A 631 21.38 -31.54 -9.67
CA SER A 631 20.43 -31.45 -8.59
C SER A 631 20.63 -32.58 -7.61
N PRO A 632 21.65 -32.44 -6.72
CA PRO A 632 21.95 -33.48 -5.73
C PRO A 632 20.84 -33.64 -4.65
N GLN A 633 20.57 -34.89 -4.31
CA GLN A 633 19.45 -35.27 -3.49
C GLN A 633 19.97 -35.98 -2.28
N SER A 634 19.45 -35.63 -1.10
CA SER A 634 19.66 -36.45 0.12
C SER A 634 18.32 -36.84 0.74
N ASN A 635 18.03 -38.13 0.72
CA ASN A 635 16.72 -38.65 1.09
C ASN A 635 16.77 -39.09 2.55
N PHE A 636 15.98 -38.45 3.41
CA PHE A 636 16.09 -38.71 4.86
C PHE A 636 15.22 -39.89 5.20
N THR A 637 15.54 -41.05 4.64
CA THR A 637 14.65 -42.23 4.72
C THR A 637 14.70 -42.91 6.07
N GLU A 638 15.79 -42.73 6.82
CA GLU A 638 15.86 -43.11 8.26
C GLU A 638 14.78 -42.49 9.18
N GLY A 639 14.27 -41.31 8.81
CA GLY A 639 13.25 -40.64 9.60
C GLY A 639 13.79 -40.03 10.89
N VAL A 640 13.07 -40.21 12.00
CA VAL A 640 13.57 -39.76 13.31
C VAL A 640 14.78 -40.54 13.85
N PHE A 641 15.25 -41.58 13.15
CA PHE A 641 16.27 -42.52 13.61
C PHE A 641 17.70 -42.08 13.22
N ILE A 642 18.20 -41.03 13.88
CA ILE A 642 19.60 -40.60 13.77
C ILE A 642 20.35 -40.81 15.08
N ASP A 643 21.66 -40.86 14.99
CA ASP A 643 22.57 -41.03 16.15
C ASP A 643 22.05 -42.23 16.93
N TYR A 644 21.78 -42.09 18.23
CA TYR A 644 21.54 -43.27 19.07
C TYR A 644 20.21 -43.93 18.75
N ARG A 645 19.23 -43.22 18.18
CA ARG A 645 18.03 -43.96 17.84
C ARG A 645 18.24 -44.91 16.70
N TRP A 646 19.19 -44.62 15.83
CA TRP A 646 19.61 -45.56 14.79
C TRP A 646 20.32 -46.76 15.40
N PHE A 647 21.25 -46.53 16.29
CA PHE A 647 21.93 -47.66 16.94
C PHE A 647 20.96 -48.57 17.69
N ASP A 648 20.10 -47.96 18.50
CA ASP A 648 19.14 -48.73 19.31
C ASP A 648 18.12 -49.54 18.47
N LYS A 649 17.57 -48.95 17.39
CA LYS A 649 16.66 -49.62 16.46
C LYS A 649 17.29 -50.83 15.77
N MET A 650 18.51 -50.68 15.26
CA MET A 650 19.25 -51.72 14.51
C MET A 650 20.05 -52.71 15.37
N GLY A 651 19.93 -52.64 16.70
CA GLY A 651 20.71 -53.49 17.61
C GLY A 651 22.23 -53.37 17.43
N ILE A 652 22.71 -52.18 17.10
CA ILE A 652 24.14 -51.98 16.96
C ILE A 652 24.69 -51.54 18.30
N THR A 653 25.76 -52.19 18.77
CA THR A 653 26.41 -51.83 20.00
C THR A 653 27.53 -50.77 19.73
N PRO A 654 27.35 -49.54 20.18
CA PRO A 654 28.45 -48.60 20.05
C PRO A 654 29.59 -48.95 21.00
N ARG A 655 30.75 -48.39 20.75
CA ARG A 655 31.88 -48.45 21.69
C ARG A 655 31.58 -47.67 22.94
N TYR A 656 31.24 -46.42 22.73
CA TYR A 656 30.74 -45.53 23.78
C TYR A 656 29.43 -44.91 23.29
N GLU A 657 28.42 -45.10 24.11
CA GLU A 657 27.10 -44.65 23.80
C GLU A 657 26.87 -43.20 24.23
N PHE A 658 25.87 -42.62 23.59
CA PHE A 658 25.28 -41.35 23.96
C PHE A 658 25.05 -41.32 25.46
N GLY A 659 25.45 -40.25 26.10
CA GLY A 659 25.28 -40.13 27.52
C GLY A 659 26.25 -40.89 28.41
N PHE A 660 27.32 -41.43 27.83
CA PHE A 660 28.30 -42.17 28.58
C PHE A 660 29.48 -41.28 29.03
N GLY A 661 29.95 -41.57 30.25
CA GLY A 661 31.10 -40.89 30.83
C GLY A 661 31.39 -41.49 32.20
N LEU A 662 32.64 -41.89 32.46
CA LEU A 662 33.02 -42.36 33.79
C LEU A 662 33.35 -41.21 34.74
N SER A 663 33.32 -41.55 36.02
CA SER A 663 33.77 -40.74 37.12
C SER A 663 34.90 -41.49 37.83
N TYR A 664 35.43 -40.89 38.90
CA TYR A 664 36.37 -41.59 39.78
C TYR A 664 35.67 -42.33 40.91
N THR A 665 34.35 -42.34 40.92
CA THR A 665 33.53 -43.04 41.86
C THR A 665 32.39 -43.67 41.08
N THR A 666 31.56 -44.46 41.73
CA THR A 666 30.40 -45.09 41.08
C THR A 666 29.12 -44.58 41.71
N PHE A 667 28.02 -44.56 40.97
CA PHE A 667 26.71 -44.15 41.51
C PHE A 667 25.65 -45.27 41.36
N THR A 668 24.83 -45.43 42.37
CA THR A 668 23.74 -46.38 42.40
C THR A 668 22.38 -45.67 42.40
N TYR A 669 21.51 -46.14 41.52
CA TYR A 669 20.20 -45.55 41.30
C TYR A 669 19.17 -46.31 42.07
N SER A 670 18.18 -45.60 42.60
CA SER A 670 17.09 -46.28 43.33
C SER A 670 15.83 -45.45 43.37
N ASN A 671 14.77 -46.13 43.80
CA ASN A 671 13.51 -45.52 44.17
C ASN A 671 12.93 -44.59 43.08
N LEU A 672 12.58 -45.15 41.92
CA LEU A 672 11.95 -44.39 40.84
C LEU A 672 10.51 -44.09 41.20
N ILE A 673 10.09 -42.84 41.12
CA ILE A 673 8.76 -42.40 41.53
C ILE A 673 8.18 -41.59 40.35
N VAL A 674 6.96 -41.93 39.94
CA VAL A 674 6.24 -41.12 38.97
C VAL A 674 5.17 -40.39 39.75
N ASP A 675 5.37 -39.09 40.01
CA ASP A 675 4.39 -38.26 40.75
C ASP A 675 3.45 -37.60 39.76
N HIS A 676 2.23 -38.13 39.62
CA HIS A 676 1.22 -37.61 38.68
C HIS A 676 0.54 -36.35 39.18
N GLY A 677 0.65 -36.08 40.48
CA GLY A 677 0.13 -34.86 41.04
C GLY A 677 1.05 -33.65 40.96
N ARG A 678 2.30 -33.80 40.48
CA ARG A 678 3.17 -32.64 40.39
C ARG A 678 3.17 -32.14 38.97
N TRP A 679 2.17 -31.30 38.67
CA TRP A 679 2.00 -30.67 37.34
C TRP A 679 2.02 -29.15 37.50
N ALA A 680 2.05 -28.43 36.40
CA ALA A 680 2.08 -26.93 36.43
C ALA A 680 1.88 -26.37 35.06
N LYS A 681 1.20 -25.24 34.94
CA LYS A 681 1.02 -24.59 33.67
C LYS A 681 2.31 -23.86 33.29
N ASP A 682 2.56 -23.79 32.00
CA ASP A 682 3.68 -23.03 31.50
C ASP A 682 3.39 -21.51 31.49
N TYR A 683 4.02 -20.75 32.37
CA TYR A 683 3.79 -19.29 32.51
C TYR A 683 5.01 -18.51 31.97
N SER A 684 6.17 -19.17 31.92
CA SER A 684 7.48 -18.51 32.01
C SER A 684 8.32 -18.41 30.69
N SER A 685 7.86 -19.02 29.59
CA SER A 685 8.48 -18.79 28.28
C SER A 685 8.37 -17.30 27.81
N VAL A 686 9.36 -16.88 27.03
CA VAL A 686 9.48 -15.53 26.56
C VAL A 686 8.48 -15.31 25.41
N MET A 687 8.27 -16.34 24.58
CA MET A 687 7.28 -16.30 23.49
C MET A 687 6.53 -17.62 23.41
N GLU A 688 5.44 -17.61 22.67
CA GLU A 688 4.53 -18.74 22.54
C GLU A 688 4.54 -19.21 21.12
N THR A 689 4.50 -20.52 20.94
CA THR A 689 4.30 -21.12 19.60
C THR A 689 2.79 -21.23 19.34
N ALA A 690 2.37 -21.64 18.15
CA ALA A 690 0.96 -21.93 17.83
C ALA A 690 0.84 -23.39 17.38
N GLU A 691 1.50 -24.28 18.10
CA GLU A 691 1.59 -25.69 17.71
C GLU A 691 0.29 -26.37 18.09
N PRO A 692 -0.44 -26.93 17.11
CA PRO A 692 -1.75 -27.50 17.49
C PRO A 692 -1.57 -28.83 18.18
N PHE A 693 -2.40 -29.05 19.18
CA PHE A 693 -2.43 -30.31 19.87
C PHE A 693 -3.86 -30.67 20.26
N ALA A 694 -4.15 -31.97 20.29
CA ALA A 694 -5.50 -32.54 20.42
C ALA A 694 -6.19 -32.24 21.75
N GLU A 695 -5.40 -32.09 22.82
CA GLU A 695 -5.89 -31.87 24.19
C GLU A 695 -6.15 -30.36 24.53
N TRP A 696 -5.96 -29.45 23.56
CA TRP A 696 -6.22 -28.00 23.75
C TRP A 696 -7.66 -27.78 24.20
N ASP A 697 -7.85 -27.02 25.27
CA ASP A 697 -9.16 -26.65 25.82
C ASP A 697 -9.38 -25.14 25.91
N GLY A 698 -8.55 -24.34 25.25
CA GLY A 698 -8.54 -22.89 25.44
C GLY A 698 -7.67 -22.31 26.57
N THR A 699 -7.40 -23.08 27.64
CA THR A 699 -6.58 -22.59 28.80
C THR A 699 -5.11 -23.08 28.80
N ASN A 700 -4.96 -24.35 28.47
CA ASN A 700 -3.72 -25.12 28.55
C ASN A 700 -2.67 -25.04 27.35
N SER A 701 -1.59 -25.80 27.48
CA SER A 701 -0.47 -25.67 26.58
C SER A 701 0.20 -26.98 26.32
N LEU A 702 0.78 -27.06 25.14
CA LEU A 702 1.72 -28.13 24.83
C LEU A 702 2.90 -28.22 25.79
N TYR A 703 3.26 -27.11 26.44
CA TYR A 703 4.45 -27.04 27.27
C TYR A 703 4.20 -27.07 28.75
N ASP A 704 2.94 -27.30 29.15
CA ASP A 704 2.61 -27.62 30.53
C ASP A 704 3.36 -28.85 31.02
N VAL A 705 3.77 -28.83 32.27
CA VAL A 705 4.28 -30.05 32.88
C VAL A 705 3.06 -30.84 33.41
N ILE A 706 2.92 -32.05 32.90
CA ILE A 706 1.77 -32.92 33.19
C ILE A 706 2.11 -33.91 34.30
N PHE A 707 3.35 -34.33 34.43
CA PHE A 707 3.83 -35.00 35.62
C PHE A 707 5.33 -34.81 35.85
N THR A 708 5.84 -35.31 36.99
CA THR A 708 7.25 -35.13 37.32
C THR A 708 7.78 -36.45 37.79
N VAL A 709 8.99 -36.80 37.35
CA VAL A 709 9.60 -38.04 37.84
C VAL A 709 10.85 -37.80 38.69
N PHE A 710 10.99 -38.64 39.72
CA PHE A 710 11.99 -38.58 40.74
C PHE A 710 12.74 -39.90 40.85
N ALA A 711 14.02 -39.80 41.16
CA ALA A 711 14.82 -40.96 41.47
C ALA A 711 15.90 -40.50 42.41
N THR A 712 16.56 -41.46 43.01
CA THR A 712 17.55 -41.21 44.03
C THR A 712 18.89 -41.80 43.53
N ILE A 713 19.97 -41.01 43.56
CA ILE A 713 21.33 -41.55 43.37
C ILE A 713 22.05 -41.58 44.67
N THR A 714 22.95 -42.55 44.79
CA THR A 714 23.82 -42.68 45.93
C THR A 714 25.26 -42.90 45.50
N ASN A 715 26.17 -42.17 46.13
CA ASN A 715 27.57 -42.28 45.79
C ASN A 715 28.09 -43.52 46.48
N THR A 716 28.45 -44.49 45.67
CA THR A 716 28.64 -45.81 46.13
C THR A 716 30.12 -46.24 46.05
N GLY A 717 31.02 -45.39 45.51
CA GLY A 717 32.49 -45.57 45.58
C GLY A 717 33.21 -44.80 46.71
N ASN A 718 34.45 -44.37 46.46
CA ASN A 718 35.41 -43.91 47.47
C ASN A 718 35.83 -42.45 47.39
N LEU A 719 35.28 -41.75 46.40
CA LEU A 719 35.62 -40.36 46.20
C LEU A 719 34.36 -39.55 45.98
N THR A 720 34.40 -38.29 46.40
CA THR A 720 33.42 -37.31 46.00
C THR A 720 33.34 -37.20 44.48
N GLY A 721 32.14 -37.04 43.94
CA GLY A 721 31.94 -36.93 42.48
C GLY A 721 30.61 -36.34 42.09
N SER A 722 30.51 -35.79 40.86
CA SER A 722 29.23 -35.33 40.29
C SER A 722 28.69 -36.35 39.28
N GLU A 723 27.36 -36.46 39.17
CA GLU A 723 26.70 -37.46 38.31
C GLU A 723 25.66 -36.79 37.45
N VAL A 724 25.66 -37.09 36.17
CA VAL A 724 24.60 -36.65 35.28
C VAL A 724 23.59 -37.79 35.12
N ALA A 725 22.46 -37.66 35.84
CA ALA A 725 21.27 -38.53 35.66
C ALA A 725 20.44 -38.20 34.40
N GLN A 726 19.94 -39.23 33.71
CA GLN A 726 19.26 -39.12 32.44
C GLN A 726 17.94 -39.89 32.47
N LEU A 727 16.95 -39.39 31.70
CA LEU A 727 15.66 -39.98 31.65
C LEU A 727 15.34 -40.13 30.22
N TYR A 728 14.83 -41.34 29.88
CA TYR A 728 14.39 -41.81 28.56
C TYR A 728 12.96 -42.40 28.63
N ILE A 729 12.19 -42.14 27.59
CA ILE A 729 10.85 -42.61 27.47
C ILE A 729 10.75 -43.36 26.17
N SER A 730 10.10 -44.51 26.22
CA SER A 730 9.64 -45.22 25.04
C SER A 730 8.21 -44.80 24.87
N ILE A 731 7.94 -44.03 23.84
CA ILE A 731 6.57 -43.65 23.48
C ILE A 731 5.97 -44.74 22.60
N PRO A 732 4.77 -45.25 22.92
CA PRO A 732 4.21 -46.34 22.08
C PRO A 732 3.64 -45.85 20.77
N GLY A 733 3.50 -46.77 19.80
CA GLY A 733 3.02 -46.48 18.45
C GLY A 733 3.81 -47.27 17.41
N ASP A 734 3.54 -46.99 16.14
CA ASP A 734 4.27 -47.66 15.07
C ASP A 734 5.66 -47.03 14.83
N ASN A 735 6.68 -47.88 14.72
CA ASN A 735 8.00 -47.45 14.26
C ASN A 735 8.59 -46.29 15.11
N GLN A 736 8.59 -46.49 16.43
CA GLN A 736 8.99 -45.47 17.40
C GLN A 736 10.39 -45.79 17.93
N PRO A 737 11.21 -44.76 18.15
CA PRO A 737 12.45 -45.10 18.82
C PRO A 737 12.23 -45.93 20.08
N VAL A 738 13.09 -46.91 20.27
CA VAL A 738 13.17 -47.73 21.47
C VAL A 738 13.11 -46.86 22.70
N ARG A 739 13.89 -45.78 22.67
CA ARG A 739 13.87 -44.80 23.71
C ARG A 739 14.32 -43.42 23.27
N GLN A 740 13.88 -42.40 24.00
CA GLN A 740 14.17 -40.98 23.68
C GLN A 740 14.50 -40.21 24.93
N LEU A 741 15.60 -39.44 24.89
CA LEU A 741 15.98 -38.60 26.05
C LEU A 741 14.86 -37.63 26.30
N ARG A 742 14.40 -37.54 27.53
CA ARG A 742 13.45 -36.53 27.94
C ARG A 742 13.77 -35.86 29.27
N GLY A 743 14.99 -36.02 29.77
CA GLY A 743 15.36 -35.31 30.96
C GLY A 743 16.80 -35.52 31.33
N PHE A 744 17.38 -34.53 32.02
CA PHE A 744 18.66 -34.74 32.66
C PHE A 744 18.81 -33.79 33.84
N ASP A 745 19.65 -34.21 34.77
CA ASP A 745 19.85 -33.50 36.01
C ASP A 745 21.23 -33.83 36.48
N LYS A 746 22.03 -32.81 36.76
CA LYS A 746 23.38 -33.00 37.24
C LYS A 746 23.51 -32.68 38.70
N ILE A 747 23.88 -33.69 39.47
CA ILE A 747 24.14 -33.56 40.90
C ILE A 747 25.63 -33.28 41.10
N LYS A 748 25.93 -32.16 41.76
CA LYS A 748 27.30 -31.63 41.88
C LYS A 748 27.91 -32.14 43.16
N ASP A 749 29.12 -32.70 43.13
CA ASP A 749 29.91 -32.98 44.37
C ASP A 749 29.17 -33.76 45.48
N LEU A 750 28.58 -34.90 45.12
CA LEU A 750 27.92 -35.79 46.05
C LEU A 750 29.04 -36.47 46.88
N PRO A 751 29.03 -36.32 48.22
CA PRO A 751 30.04 -37.02 49.02
C PRO A 751 29.82 -38.51 49.09
N VAL A 752 30.85 -39.23 49.55
CA VAL A 752 30.82 -40.69 49.69
C VAL A 752 29.71 -41.07 50.69
N GLY A 753 28.91 -42.07 50.34
CA GLY A 753 27.76 -42.49 51.15
C GLY A 753 26.47 -41.64 51.13
N ASP A 754 26.50 -40.47 50.52
CA ASP A 754 25.37 -39.56 50.50
C ASP A 754 24.48 -39.88 49.29
N SER A 755 23.26 -39.42 49.43
CA SER A 755 22.22 -39.60 48.45
C SER A 755 21.65 -38.27 48.08
N ALA A 756 21.01 -38.24 46.92
CA ALA A 756 20.33 -37.03 46.48
C ALA A 756 19.28 -37.41 45.48
N VAL A 757 18.22 -36.61 45.49
CA VAL A 757 17.13 -36.77 44.60
C VAL A 757 17.33 -35.98 43.32
N VAL A 758 16.96 -36.63 42.25
CA VAL A 758 17.12 -36.12 40.95
C VAL A 758 15.68 -35.89 40.51
N THR A 759 15.41 -34.88 39.70
CA THR A 759 14.03 -34.58 39.32
C THR A 759 13.85 -34.16 37.87
N PHE A 760 12.78 -34.67 37.27
CA PHE A 760 12.61 -34.59 35.87
C PHE A 760 11.20 -34.16 35.55
N PRO A 761 11.02 -32.86 35.32
CA PRO A 761 9.71 -32.39 34.89
C PRO A 761 9.41 -32.92 33.48
N ILE A 762 8.26 -33.53 33.31
CA ILE A 762 7.81 -34.05 32.01
C ILE A 762 6.72 -33.20 31.38
N ARG A 763 7.01 -32.55 30.23
CA ARG A 763 5.99 -31.72 29.60
C ARG A 763 5.06 -32.54 28.75
N ARG A 764 3.91 -31.97 28.41
CA ARG A 764 2.99 -32.64 27.51
C ARG A 764 3.65 -33.03 26.18
N LYS A 765 4.38 -32.10 25.59
CA LYS A 765 5.11 -32.42 24.37
C LYS A 765 6.12 -33.58 24.46
N ASP A 766 6.69 -33.81 25.66
CA ASP A 766 7.67 -34.89 25.90
C ASP A 766 7.12 -36.29 25.74
N VAL A 767 5.80 -36.39 25.72
CA VAL A 767 5.15 -37.66 25.72
C VAL A 767 4.16 -37.73 24.52
N SER A 768 4.27 -36.78 23.57
CA SER A 768 3.43 -36.72 22.37
C SER A 768 4.10 -37.25 21.05
N SER A 769 3.26 -37.47 20.04
CA SER A 769 3.67 -37.82 18.67
C SER A 769 2.96 -36.85 17.70
N TRP A 770 3.52 -36.69 16.51
CA TRP A 770 2.91 -35.87 15.47
C TRP A 770 2.08 -36.79 14.60
N SER A 771 0.79 -36.49 14.53
CA SER A 771 -0.11 -37.13 13.58
C SER A 771 -0.05 -36.40 12.22
N VAL A 772 0.45 -37.10 11.21
CA VAL A 772 0.50 -36.58 9.88
C VAL A 772 -0.90 -36.39 9.30
N VAL A 773 -1.82 -37.32 9.61
CA VAL A 773 -3.19 -37.28 9.08
C VAL A 773 -3.90 -36.06 9.66
N ASP A 774 -3.86 -35.92 10.99
CA ASP A 774 -4.57 -34.84 11.66
C ASP A 774 -3.80 -33.53 11.73
N GLN A 775 -2.49 -33.54 11.44
CA GLN A 775 -1.67 -32.32 11.54
C GLN A 775 -1.68 -31.72 12.94
N LEU A 776 -1.40 -32.55 13.91
CA LEU A 776 -1.43 -32.14 15.27
C LEU A 776 -0.66 -33.09 16.19
N TRP A 777 -0.22 -32.53 17.33
CA TRP A 777 0.43 -33.29 18.39
C TRP A 777 -0.64 -33.95 19.25
N TYR A 778 -0.38 -35.16 19.73
CA TYR A 778 -1.30 -35.84 20.65
C TYR A 778 -0.52 -36.83 21.51
N VAL A 779 -1.09 -37.15 22.67
CA VAL A 779 -0.51 -38.15 23.58
C VAL A 779 -1.15 -39.46 23.23
N PRO A 780 -0.39 -40.43 22.71
CA PRO A 780 -1.02 -41.68 22.27
C PRO A 780 -1.46 -42.54 23.43
N ASN A 781 -2.43 -43.44 23.18
CA ASN A 781 -2.81 -44.51 24.15
C ASN A 781 -1.80 -45.63 24.14
N GLY A 782 -1.49 -46.18 25.31
CA GLY A 782 -0.63 -47.38 25.42
C GLY A 782 0.31 -47.30 26.61
N ASP A 783 1.18 -48.29 26.73
CA ASP A 783 2.16 -48.34 27.80
C ASP A 783 3.37 -47.48 27.40
N PHE A 784 3.69 -46.45 28.19
CA PHE A 784 4.93 -45.67 28.03
C PHE A 784 5.92 -46.26 29.02
N LEU A 785 7.10 -46.71 28.59
CA LEU A 785 8.18 -47.11 29.54
C LEU A 785 9.05 -45.92 29.93
N ILE A 786 9.27 -45.67 31.21
CA ILE A 786 10.14 -44.58 31.69
C ILE A 786 11.36 -45.18 32.34
N SER A 787 12.52 -44.81 31.82
CA SER A 787 13.81 -45.35 32.23
CA SER A 787 13.81 -45.35 32.23
C SER A 787 14.73 -44.24 32.71
N VAL A 788 15.44 -44.50 33.82
CA VAL A 788 16.36 -43.57 34.40
C VAL A 788 17.68 -44.24 34.72
N GLY A 789 18.78 -43.53 34.42
CA GLY A 789 20.12 -43.99 34.75
C GLY A 789 21.19 -43.07 34.26
N GLY A 790 22.39 -43.62 34.19
CA GLY A 790 23.60 -42.88 33.97
C GLY A 790 24.08 -42.77 32.55
N SER A 791 23.43 -43.50 31.64
CA SER A 791 23.66 -43.39 30.22
C SER A 791 22.47 -43.96 29.44
N SER A 792 22.48 -43.78 28.12
CA SER A 792 21.46 -44.35 27.25
C SER A 792 21.43 -45.90 27.18
N ARG A 793 22.42 -46.59 27.73
CA ARG A 793 22.40 -48.08 27.86
C ARG A 793 22.75 -48.62 29.24
N ASP A 794 22.61 -47.79 30.25
CA ASP A 794 22.82 -48.17 31.62
C ASP A 794 21.64 -47.52 32.33
N LEU A 795 20.53 -48.26 32.32
CA LEU A 795 19.23 -47.75 32.80
C LEU A 795 18.65 -48.75 33.76
N PRO A 796 19.07 -48.72 35.03
CA PRO A 796 18.62 -49.73 35.98
C PRO A 796 17.22 -49.54 36.55
N LEU A 797 16.66 -48.35 36.53
CA LEU A 797 15.30 -48.15 37.03
C LEU A 797 14.37 -48.01 35.85
N ASN A 798 13.24 -48.68 35.92
CA ASN A 798 12.17 -48.44 34.96
C ASN A 798 10.78 -48.59 35.58
N THR A 799 9.77 -48.08 34.87
CA THR A 799 8.39 -48.25 35.27
C THR A 799 7.52 -47.94 34.10
N THR A 800 6.23 -48.19 34.27
CA THR A 800 5.27 -48.02 33.19
C THR A 800 4.17 -47.00 33.58
N TRP A 801 3.97 -46.06 32.66
CA TRP A 801 2.91 -45.08 32.70
C TRP A 801 1.94 -45.38 31.56
N THR A 802 0.65 -45.54 31.90
CA THR A 802 -0.48 -45.70 30.91
C THR A 802 -1.56 -44.60 31.15
N PRO A 803 -1.75 -43.63 30.21
CA PRO A 803 -2.60 -42.41 30.35
C PRO A 803 -4.14 -42.46 30.52
N HIS A 804 -4.83 -43.52 30.09
CA HIS A 804 -6.33 -43.55 30.19
C HIS A 804 -6.81 -44.70 31.10
N GLN B 48 -16.37 -10.47 62.19
CA GLN B 48 -16.71 -9.24 61.41
C GLN B 48 -16.19 -9.26 59.94
N TRP B 49 -15.06 -9.94 59.71
CA TRP B 49 -14.43 -10.02 58.40
C TRP B 49 -14.13 -11.51 58.15
N PRO B 50 -14.77 -12.12 57.14
CA PRO B 50 -14.73 -13.58 56.97
C PRO B 50 -13.47 -14.18 56.26
N ALA B 51 -13.11 -15.38 56.68
CA ALA B 51 -11.88 -16.06 56.25
C ALA B 51 -12.08 -16.62 54.83
N PRO B 52 -11.40 -16.07 53.79
CA PRO B 52 -11.56 -16.70 52.46
C PRO B 52 -10.81 -18.04 52.43
N LEU B 53 -11.33 -19.06 51.74
CA LEU B 53 -10.66 -20.34 51.72
C LEU B 53 -9.48 -20.25 50.77
N ALA B 54 -8.45 -21.00 51.08
CA ALA B 54 -7.32 -21.13 50.18
C ALA B 54 -7.67 -21.90 48.90
N ASN B 55 -7.09 -21.47 47.80
CA ASN B 55 -7.30 -22.13 46.49
C ASN B 55 -5.99 -22.36 45.71
N GLY B 56 -4.84 -22.00 46.28
CA GLY B 56 -3.56 -22.22 45.62
C GLY B 56 -3.02 -21.12 44.70
N GLY B 57 -3.83 -20.13 44.37
CA GLY B 57 -3.42 -19.03 43.51
C GLY B 57 -2.78 -19.47 42.20
N LYS B 58 -1.82 -18.68 41.75
CA LYS B 58 -1.10 -18.92 40.47
C LYS B 58 -0.14 -20.15 40.47
N SER B 59 0.93 -20.10 41.24
CA SER B 59 1.98 -21.12 41.13
C SER B 59 1.77 -22.39 41.98
N TRP B 60 0.98 -22.32 43.05
CA TRP B 60 0.82 -23.46 43.95
C TRP B 60 -0.42 -24.36 43.67
N ALA B 61 -0.97 -24.30 42.45
CA ALA B 61 -2.23 -24.99 42.14
C ALA B 61 -2.15 -26.49 42.45
N SER B 62 -1.16 -27.18 41.95
CA SER B 62 -1.07 -28.62 42.20
C SER B 62 -0.68 -28.97 43.61
N ALA B 63 0.12 -28.14 44.24
CA ALA B 63 0.45 -28.35 45.62
C ALA B 63 -0.78 -28.21 46.51
N PHE B 64 -1.60 -27.20 46.26
CA PHE B 64 -2.84 -27.02 47.02
C PHE B 64 -3.72 -28.23 46.85
N LYS B 65 -3.76 -28.75 45.63
CA LYS B 65 -4.63 -29.89 45.41
C LYS B 65 -4.21 -31.14 46.23
N LYS B 66 -2.93 -31.45 46.38
CA LYS B 66 -2.51 -32.55 47.26
C LYS B 66 -2.78 -32.17 48.70
N ALA B 67 -2.50 -30.90 49.04
CA ALA B 67 -2.75 -30.43 50.39
C ALA B 67 -4.22 -30.68 50.75
N LYS B 68 -5.15 -30.26 49.87
CA LYS B 68 -6.58 -30.48 50.09
C LYS B 68 -6.89 -31.98 50.25
N ALA B 69 -6.34 -32.84 49.39
CA ALA B 69 -6.62 -34.27 49.47
C ALA B 69 -6.14 -34.88 50.76
N THR B 70 -4.96 -34.44 51.25
CA THR B 70 -4.40 -34.96 52.48
C THR B 70 -5.18 -34.51 53.68
N VAL B 71 -5.53 -33.22 53.73
CA VAL B 71 -6.29 -32.68 54.86
C VAL B 71 -7.67 -33.34 54.93
N THR B 72 -8.29 -33.60 53.78
CA THR B 72 -9.57 -34.31 53.72
C THR B 72 -9.57 -35.73 54.42
N GLU B 73 -8.45 -36.40 54.52
CA GLU B 73 -8.37 -37.66 55.25
C GLU B 73 -8.10 -37.48 56.76
N MET B 74 -7.96 -36.25 57.24
CA MET B 74 -7.48 -36.08 58.61
C MET B 74 -8.61 -36.11 59.68
N THR B 75 -8.31 -36.71 60.85
CA THR B 75 -9.16 -36.65 62.02
C THR B 75 -9.05 -35.25 62.68
N VAL B 76 -10.00 -34.92 63.54
CA VAL B 76 -9.92 -33.72 64.31
C VAL B 76 -8.60 -33.68 65.09
N GLU B 77 -8.23 -34.78 65.74
CA GLU B 77 -7.00 -34.84 66.55
C GLU B 77 -5.72 -34.55 65.68
N GLU B 78 -5.72 -35.02 64.44
CA GLU B 78 -4.61 -34.76 63.51
C GLU B 78 -4.52 -33.31 63.04
N LEU B 79 -5.66 -32.66 62.86
CA LEU B 79 -5.68 -31.26 62.47
C LEU B 79 -5.17 -30.37 63.57
N ALA B 80 -5.45 -30.72 64.82
CA ALA B 80 -4.89 -30.01 65.96
C ALA B 80 -3.38 -30.25 66.14
N ASN B 81 -2.92 -31.41 65.70
CA ASN B 81 -1.51 -31.75 65.74
C ASN B 81 -0.68 -30.85 64.84
N ILE B 82 -1.09 -30.71 63.58
CA ILE B 82 -0.31 -29.98 62.60
C ILE B 82 -0.39 -28.44 62.77
N THR B 83 -1.45 -27.93 63.43
CA THR B 83 -1.63 -26.53 63.58
C THR B 83 -1.06 -25.96 64.85
N SER B 84 -0.31 -26.73 65.65
CA SER B 84 0.27 -26.24 66.91
C SER B 84 1.63 -26.86 67.13
N GLY B 85 2.53 -26.12 67.75
CA GLY B 85 3.90 -26.60 67.94
C GLY B 85 4.10 -27.70 68.98
N VAL B 86 5.15 -28.49 68.82
CA VAL B 86 5.52 -29.58 69.75
C VAL B 86 6.99 -29.44 70.06
N ILE B 87 7.46 -30.29 70.97
CA ILE B 87 8.83 -30.22 71.46
C ILE B 87 9.81 -30.77 70.43
N GLY B 88 10.87 -30.01 70.13
CA GLY B 88 12.00 -30.51 69.27
C GLY B 88 13.23 -29.62 69.33
N LEU B 89 14.21 -29.93 68.48
CA LEU B 89 15.50 -29.29 68.53
C LEU B 89 15.51 -27.83 67.91
N CYS B 90 14.54 -27.55 67.04
CA CYS B 90 14.44 -26.29 66.32
C CYS B 90 13.63 -25.29 67.12
N SER B 91 13.71 -24.03 66.71
CA SER B 91 12.93 -22.91 67.34
C SER B 91 11.48 -23.33 67.52
N GLY B 92 10.92 -23.99 66.50
CA GLY B 92 9.57 -24.48 66.56
C GLY B 92 9.41 -25.70 65.69
N VAL B 93 8.43 -26.54 66.04
CA VAL B 93 8.23 -27.81 65.34
C VAL B 93 6.72 -28.06 65.28
N THR B 94 6.17 -28.28 64.08
CA THR B 94 4.76 -28.68 63.94
C THR B 94 4.61 -30.16 64.29
N GLY B 95 3.44 -30.55 64.79
CA GLY B 95 3.14 -31.96 65.05
C GLY B 95 3.07 -32.77 63.77
N ALA B 96 3.50 -34.00 63.86
CA ALA B 96 3.38 -34.93 62.73
C ALA B 96 1.93 -35.35 62.54
N VAL B 97 1.62 -35.87 61.34
CA VAL B 97 0.39 -36.61 61.09
C VAL B 97 0.90 -37.98 60.65
N THR B 98 1.13 -38.82 61.66
CA THR B 98 1.99 -39.97 61.48
C THR B 98 1.26 -41.09 60.70
N ARG B 99 -0.05 -41.20 60.88
CA ARG B 99 -0.87 -42.14 60.13
C ARG B 99 -0.77 -41.88 58.65
N LEU B 100 -0.56 -40.63 58.24
CA LEU B 100 -0.49 -40.30 56.78
C LEU B 100 0.91 -40.15 56.20
N GLY B 101 1.97 -40.46 56.95
CA GLY B 101 3.35 -40.19 56.50
C GLY B 101 3.76 -38.72 56.42
N ILE B 102 3.05 -37.82 57.15
CA ILE B 102 3.44 -36.39 57.20
C ILE B 102 4.35 -36.13 58.43
N PRO B 103 5.63 -35.76 58.19
CA PRO B 103 6.50 -35.62 59.34
C PRO B 103 6.34 -34.27 59.99
N GLU B 104 6.97 -34.16 61.16
CA GLU B 104 7.24 -32.87 61.86
C GLU B 104 7.97 -31.90 60.93
N PHE B 105 7.54 -30.65 60.88
CA PHE B 105 8.31 -29.60 60.18
C PHE B 105 9.12 -28.83 61.22
N CYS B 106 10.35 -28.50 60.83
CA CYS B 106 11.33 -27.80 61.63
C CYS B 106 11.26 -26.30 61.21
N LEU B 107 10.90 -25.44 62.16
CA LEU B 107 10.89 -24.00 61.94
C LEU B 107 12.09 -23.41 62.62
N GLN B 108 12.89 -22.69 61.84
CA GLN B 108 14.18 -22.21 62.33
C GLN B 108 14.48 -20.78 61.99
N ASP B 109 14.85 -20.01 63.00
CA ASP B 109 15.48 -18.69 62.81
C ASP B 109 16.79 -18.85 62.02
N GLY B 110 17.22 -17.83 61.28
CA GLY B 110 16.56 -16.54 61.18
C GLY B 110 17.06 -15.77 59.99
N PRO B 111 16.85 -14.42 59.96
CA PRO B 111 17.16 -13.64 58.77
C PRO B 111 18.63 -13.44 58.31
N ILE B 112 19.63 -13.93 59.02
CA ILE B 112 21.00 -14.06 58.45
C ILE B 112 21.38 -15.52 58.20
N GLY B 113 20.46 -16.44 58.34
CA GLY B 113 20.77 -17.87 58.13
C GLY B 113 20.48 -18.63 59.41
N PRO B 114 20.64 -19.96 59.39
CA PRO B 114 20.21 -20.72 60.56
C PRO B 114 20.96 -20.34 61.86
N ARG B 115 20.18 -20.06 62.90
CA ARG B 115 20.69 -19.64 64.19
C ARG B 115 20.88 -20.86 65.10
N GLY B 116 21.91 -20.84 65.91
CA GLY B 116 22.09 -21.81 66.95
C GLY B 116 22.85 -23.02 66.48
N VAL B 117 23.49 -22.89 65.35
CA VAL B 117 23.90 -24.05 64.65
C VAL B 117 25.38 -23.88 64.42
N HIS B 118 26.11 -24.98 64.54
CA HIS B 118 27.48 -24.99 64.05
C HIS B 118 27.56 -25.44 62.59
N GLY B 119 28.75 -25.34 62.02
CA GLY B 119 28.99 -25.79 60.67
C GLY B 119 28.38 -24.94 59.57
N SER B 120 28.05 -23.70 59.90
CA SER B 120 27.42 -22.79 58.98
C SER B 120 28.30 -21.54 58.88
N SER B 121 27.84 -20.57 58.10
CA SER B 121 28.47 -19.31 57.93
C SER B 121 27.66 -18.21 58.56
N GLN B 122 28.33 -17.10 58.88
CA GLN B 122 27.64 -15.95 59.45
C GLN B 122 27.49 -14.88 58.36
N PHE B 123 26.32 -14.79 57.74
CA PHE B 123 26.10 -13.84 56.67
C PHE B 123 25.98 -12.42 57.17
N PRO B 124 26.20 -11.43 56.28
CA PRO B 124 25.91 -10.06 56.66
C PRO B 124 24.40 -9.86 56.88
N ALA B 125 24.06 -8.95 57.77
CA ALA B 125 22.67 -8.57 58.02
C ALA B 125 21.97 -7.89 56.82
N GLY B 126 20.64 -7.89 56.90
CA GLY B 126 19.77 -7.17 55.99
C GLY B 126 20.20 -5.73 55.78
N LEU B 127 20.50 -5.03 56.84
CA LEU B 127 21.01 -3.68 56.78
C LEU B 127 22.16 -3.56 55.80
N THR B 128 23.11 -4.45 55.96
CA THR B 128 24.35 -4.44 55.20
C THR B 128 24.09 -4.76 53.77
N VAL B 129 23.25 -5.76 53.47
CA VAL B 129 22.94 -6.02 52.06
C VAL B 129 22.13 -4.89 51.43
N ALA B 130 21.26 -4.26 52.19
CA ALA B 130 20.58 -3.07 51.71
C ALA B 130 21.54 -1.96 51.24
N ALA B 131 22.59 -1.69 52.02
CA ALA B 131 23.54 -0.63 51.64
C ALA B 131 24.33 -0.95 50.40
N THR B 132 24.30 -2.20 49.90
CA THR B 132 24.88 -2.44 48.61
C THR B 132 24.08 -1.85 47.49
N TRP B 133 22.79 -1.58 47.70
CA TRP B 133 21.87 -1.23 46.58
C TRP B 133 22.01 -2.16 45.38
N ASP B 134 22.35 -3.43 45.62
CA ASP B 134 22.70 -4.39 44.58
C ASP B 134 21.77 -5.61 44.57
N ARG B 135 20.85 -5.61 43.60
CA ARG B 135 19.87 -6.70 43.41
C ARG B 135 20.44 -8.10 43.29
N THR B 136 21.52 -8.23 42.53
CA THR B 136 22.28 -9.51 42.37
C THR B 136 22.80 -10.06 43.72
N LEU B 137 23.25 -9.20 44.61
CA LEU B 137 23.74 -9.61 45.94
C LEU B 137 22.57 -9.90 46.91
N MET B 138 21.45 -9.16 46.82
CA MET B 138 20.34 -9.42 47.72
C MET B 138 19.85 -10.86 47.41
N TYR B 139 19.74 -11.20 46.13
CA TYR B 139 19.35 -12.55 45.73
C TYR B 139 20.38 -13.59 46.14
N ALA B 140 21.63 -13.36 45.78
CA ALA B 140 22.66 -14.38 46.02
C ALA B 140 22.85 -14.65 47.51
N ARG B 141 22.80 -13.63 48.34
CA ARG B 141 22.84 -13.84 49.81
C ARG B 141 21.72 -14.75 50.34
N ALA B 142 20.50 -14.55 49.83
CA ALA B 142 19.39 -15.32 50.34
C ALA B 142 19.41 -16.77 49.80
N ARG B 143 19.98 -16.95 48.61
CA ARG B 143 20.12 -18.25 48.00
C ARG B 143 21.17 -19.04 48.78
N GLY B 144 22.23 -18.37 49.22
CA GLY B 144 23.27 -18.99 50.06
C GLY B 144 22.75 -19.34 51.45
N MET B 145 21.96 -18.45 52.07
CA MET B 145 21.33 -18.72 53.36
C MET B 145 20.42 -19.93 53.19
N GLY B 146 19.67 -19.94 52.09
CA GLY B 146 18.73 -20.99 51.82
C GLY B 146 19.41 -22.32 51.72
N GLN B 147 20.57 -22.34 51.05
CA GLN B 147 21.33 -23.56 50.89
C GLN B 147 21.72 -24.12 52.28
N GLU B 148 22.15 -23.28 53.20
CA GLU B 148 22.51 -23.74 54.53
C GLU B 148 21.28 -24.11 55.40
N PHE B 149 20.18 -23.38 55.27
CA PHE B 149 18.95 -23.78 55.93
C PHE B 149 18.58 -25.20 55.46
N HIS B 150 18.56 -25.42 54.14
CA HIS B 150 18.13 -26.70 53.61
C HIS B 150 19.02 -27.83 54.13
N ASP B 151 20.32 -27.65 54.00
CA ASP B 151 21.30 -28.64 54.33
C ASP B 151 21.37 -28.93 55.83
N GLN B 152 20.95 -27.99 56.66
CA GLN B 152 20.84 -28.24 58.09
C GLN B 152 19.50 -28.91 58.45
N GLY B 153 18.61 -29.05 57.49
CA GLY B 153 17.36 -29.74 57.75
C GLY B 153 16.16 -28.89 58.14
N VAL B 154 16.15 -27.66 57.70
CA VAL B 154 15.06 -26.76 58.02
C VAL B 154 14.05 -26.84 56.90
N HIS B 155 12.78 -26.93 57.29
CA HIS B 155 11.64 -26.91 56.36
C HIS B 155 11.16 -25.49 56.14
N LEU B 156 11.05 -24.72 57.23
CA LEU B 156 10.57 -23.36 57.23
C LEU B 156 11.57 -22.43 57.91
N ALA B 157 12.05 -21.45 57.14
CA ALA B 157 13.03 -20.47 57.64
C ALA B 157 12.26 -19.31 58.20
N LEU B 158 12.48 -18.92 59.43
CA LEU B 158 11.77 -17.74 59.96
C LEU B 158 12.51 -16.49 59.47
N ALA B 159 12.26 -16.19 58.20
CA ALA B 159 13.04 -15.24 57.42
C ALA B 159 12.35 -15.03 56.05
N PRO B 160 12.50 -13.89 55.39
CA PRO B 160 13.20 -12.71 55.87
C PRO B 160 12.26 -11.76 56.57
N VAL B 161 12.83 -10.66 57.04
CA VAL B 161 12.10 -9.54 57.60
C VAL B 161 11.73 -8.67 56.41
N THR B 162 10.44 -8.42 56.20
CA THR B 162 10.01 -7.79 54.94
C THR B 162 9.14 -6.64 55.25
N GLY B 163 9.64 -5.76 56.09
CA GLY B 163 8.93 -4.55 56.44
C GLY B 163 8.17 -4.50 57.76
N GLY B 164 8.51 -5.40 58.67
CA GLY B 164 8.17 -5.21 60.08
C GLY B 164 9.27 -5.68 61.00
N PRO B 165 10.13 -4.79 61.51
CA PRO B 165 10.03 -3.32 61.40
C PRO B 165 10.56 -2.74 60.10
N LEU B 166 9.93 -1.66 59.66
CA LEU B 166 10.31 -0.97 58.43
C LEU B 166 11.25 0.19 58.70
N GLY B 167 11.10 0.94 59.78
CA GLY B 167 11.99 2.08 60.05
C GLY B 167 11.38 3.38 60.60
N ARG B 168 10.19 3.31 61.23
CA ARG B 168 9.58 4.47 61.84
C ARG B 168 10.49 5.13 62.88
N THR B 169 11.21 4.31 63.66
CA THR B 169 12.19 4.85 64.58
C THR B 169 13.55 4.29 64.24
N PRO B 170 14.56 5.19 64.17
CA PRO B 170 15.92 4.75 63.96
C PRO B 170 16.56 4.23 65.29
N LEU B 171 15.81 4.15 66.39
CA LEU B 171 16.32 3.51 67.62
C LEU B 171 15.90 2.05 67.79
N ASN B 172 15.15 1.52 66.82
CA ASN B 172 14.58 0.19 66.91
C ASN B 172 15.69 -0.82 67.16
N GLY B 173 15.63 -1.54 68.25
CA GLY B 173 16.68 -2.54 68.54
C GLY B 173 16.94 -3.66 67.52
N ARG B 174 15.94 -3.99 66.75
CA ARG B 174 16.11 -4.94 65.65
C ARG B 174 15.77 -4.39 64.26
N GLY B 175 15.86 -3.08 64.06
CA GLY B 175 15.82 -2.48 62.70
C GLY B 175 16.82 -3.08 61.69
N TRP B 176 18.02 -3.39 62.17
CA TRP B 176 19.11 -3.97 61.37
C TRP B 176 18.79 -5.32 60.67
N GLU B 177 17.77 -6.05 61.15
CA GLU B 177 17.38 -7.34 60.57
C GLU B 177 16.63 -7.14 59.24
N GLY B 178 16.02 -5.96 59.09
CA GLY B 178 15.32 -5.59 57.86
C GLY B 178 16.32 -4.95 56.93
N THR B 179 15.85 -4.15 56.01
CA THR B 179 16.70 -3.55 55.04
C THR B 179 16.77 -2.05 54.85
N PHE B 180 15.84 -1.49 54.11
CA PHE B 180 15.79 -0.07 53.90
C PHE B 180 14.65 0.56 54.74
N ALA B 181 14.80 1.80 55.18
CA ALA B 181 13.68 2.56 55.81
C ALA B 181 12.93 3.27 54.69
N ASP B 182 12.36 2.47 53.82
CA ASP B 182 11.70 2.91 52.61
C ASP B 182 10.89 1.77 52.03
N PRO B 183 9.57 1.98 51.81
CA PRO B 183 8.75 0.88 51.30
C PRO B 183 9.18 0.35 49.97
N TYR B 184 9.62 1.21 49.07
CA TYR B 184 9.93 0.75 47.70
C TYR B 184 11.13 -0.20 47.69
N ALA B 185 12.24 0.27 48.24
CA ALA B 185 13.47 -0.52 48.28
C ALA B 185 13.36 -1.71 49.21
N CYS B 186 12.78 -1.52 50.39
CA CYS B 186 12.50 -2.69 51.26
C CYS B 186 11.68 -3.77 50.50
N GLY B 187 10.77 -3.31 49.64
CA GLY B 187 10.04 -4.12 48.71
C GLY B 187 10.84 -4.89 47.69
N GLU B 188 11.82 -4.29 47.05
CA GLU B 188 12.64 -5.07 46.09
C GLU B 188 13.46 -6.06 46.84
N ALA B 189 14.07 -5.63 47.95
CA ALA B 189 14.88 -6.49 48.79
C ALA B 189 14.13 -7.68 49.29
N SER B 190 12.93 -7.45 49.79
CA SER B 190 12.05 -8.55 50.22
C SER B 190 11.67 -9.50 49.08
N TYR B 191 11.35 -9.00 47.89
CA TYR B 191 11.01 -9.86 46.77
C TYR B 191 12.18 -10.86 46.56
N LEU B 192 13.39 -10.31 46.52
CA LEU B 192 14.57 -11.06 46.13
C LEU B 192 15.03 -11.95 47.27
N SER B 193 14.86 -11.55 48.53
CA SER B 193 15.23 -12.41 49.62
C SER B 193 14.31 -13.64 49.72
N VAL B 194 13.01 -13.47 49.43
CA VAL B 194 12.07 -14.58 49.39
C VAL B 194 12.33 -15.52 48.20
N LYS B 195 12.56 -14.94 47.06
CA LYS B 195 12.93 -15.75 45.86
C LYS B 195 14.20 -16.60 46.12
N GLY B 196 15.22 -16.01 46.71
CA GLY B 196 16.47 -16.74 47.00
C GLY B 196 16.30 -17.90 47.96
N LEU B 197 15.56 -17.65 49.04
CA LEU B 197 15.23 -18.71 49.98
C LEU B 197 14.38 -19.83 49.34
N THR B 198 13.30 -19.50 48.64
CA THR B 198 12.39 -20.56 48.12
C THR B 198 13.07 -21.32 47.05
N ASP B 199 13.90 -20.64 46.25
CA ASP B 199 14.65 -21.33 45.18
C ASP B 199 15.66 -22.31 45.75
N ALA B 200 16.13 -22.12 46.98
CA ALA B 200 17.00 -23.13 47.64
C ALA B 200 16.23 -24.32 48.23
N GLY B 201 14.91 -24.33 48.08
CA GLY B 201 14.09 -25.37 48.64
C GLY B 201 13.63 -25.19 50.09
N VAL B 202 13.80 -24.02 50.69
CA VAL B 202 13.20 -23.84 52.00
C VAL B 202 12.01 -22.91 51.92
N ALA B 203 11.00 -23.24 52.70
CA ALA B 203 9.81 -22.40 52.80
C ALA B 203 10.11 -21.19 53.65
N THR B 204 9.57 -20.06 53.25
CA THR B 204 9.76 -18.80 53.95
C THR B 204 8.57 -18.43 54.85
N VAL B 205 8.91 -17.72 55.92
CA VAL B 205 7.98 -17.10 56.84
C VAL B 205 8.40 -15.63 56.98
N SER B 206 7.90 -14.80 56.06
CA SER B 206 8.19 -13.42 56.00
C SER B 206 7.55 -12.76 57.20
N LYS B 207 8.28 -11.77 57.76
CA LYS B 207 7.89 -11.24 59.04
C LYS B 207 8.26 -9.80 59.26
N HIS B 208 7.66 -9.10 60.23
CA HIS B 208 6.54 -9.50 61.05
C HIS B 208 5.35 -8.63 60.65
N TRP B 209 4.19 -9.23 60.42
CA TRP B 209 2.97 -8.51 59.98
C TRP B 209 2.22 -8.10 61.24
N ILE B 210 2.04 -6.82 61.55
CA ILE B 210 2.47 -5.68 60.79
C ILE B 210 2.48 -4.41 61.73
N ALA B 211 3.19 -3.37 61.31
CA ALA B 211 3.37 -2.13 62.05
C ALA B 211 4.07 -2.37 63.38
N TYR B 212 4.98 -3.34 63.34
CA TYR B 212 5.78 -3.70 64.49
C TYR B 212 6.99 -2.75 64.44
N GLU B 213 6.82 -1.55 64.99
CA GLU B 213 7.85 -0.52 64.89
C GLU B 213 8.56 -0.14 66.17
N GLN B 214 8.38 -0.90 67.26
CA GLN B 214 9.24 -0.72 68.39
C GLN B 214 9.28 -1.98 69.20
N GLU B 215 10.36 -2.11 69.96
CA GLU B 215 10.62 -3.30 70.75
C GLU B 215 10.06 -3.15 72.10
N THR B 216 10.25 -1.96 72.67
CA THR B 216 9.70 -1.61 73.96
C THR B 216 8.19 -1.85 74.06
N SER B 217 7.81 -2.53 75.15
CA SER B 217 6.42 -2.90 75.45
C SER B 217 5.78 -3.80 74.38
N ARG B 218 6.62 -4.54 73.64
CA ARG B 218 6.11 -5.51 72.67
C ARG B 218 5.36 -6.63 73.41
N ASN B 219 5.86 -6.99 74.60
CA ASN B 219 5.14 -7.76 75.60
C ASN B 219 4.64 -9.14 75.19
N LEU B 220 5.58 -10.05 74.96
CA LEU B 220 5.21 -11.40 74.51
C LEU B 220 4.30 -11.99 75.58
N TYR B 221 3.34 -12.84 75.17
CA TYR B 221 2.51 -13.59 76.13
C TYR B 221 3.37 -14.60 76.91
N ILE B 222 3.43 -14.43 78.23
CA ILE B 222 4.15 -15.34 79.11
C ILE B 222 3.27 -15.61 80.30
N ASP B 223 3.17 -16.88 80.70
CA ASP B 223 2.34 -17.36 81.82
C ASP B 223 3.16 -18.41 82.59
N ILE B 224 3.85 -17.93 83.63
CA ILE B 224 4.72 -18.73 84.53
C ILE B 224 4.16 -18.65 85.96
N ASP B 225 4.04 -19.79 86.63
CA ASP B 225 3.43 -19.87 87.97
C ASP B 225 1.95 -19.45 87.97
N GLY B 226 1.24 -19.59 86.85
CA GLY B 226 -0.11 -18.98 86.71
C GLY B 226 -0.18 -17.43 86.72
N VAL B 227 0.97 -16.71 86.80
CA VAL B 227 1.03 -15.24 86.65
C VAL B 227 1.38 -14.87 85.19
N SER B 228 0.47 -14.11 84.59
CA SER B 228 0.39 -13.90 83.15
C SER B 228 0.87 -12.49 82.80
N GLN B 229 1.35 -12.31 81.57
CA GLN B 229 1.68 -10.97 81.06
C GLN B 229 0.39 -10.17 80.93
N ALA B 230 -0.72 -10.86 80.68
CA ALA B 230 -2.05 -10.24 80.69
C ALA B 230 -2.48 -9.53 81.97
N ASP B 231 -1.88 -9.90 83.12
CA ASP B 231 -2.11 -9.27 84.44
C ASP B 231 -1.19 -8.04 84.70
N ILE B 232 -0.29 -7.70 83.78
CA ILE B 232 0.72 -6.65 83.94
C ILE B 232 0.53 -5.51 82.90
N GLN B 233 0.62 -5.81 81.61
CA GLN B 233 0.57 -4.79 80.57
C GLN B 233 0.24 -5.45 79.22
N LEU B 234 -0.74 -4.93 78.52
CA LEU B 234 -0.98 -5.35 77.12
C LEU B 234 0.15 -4.88 76.18
N PRO B 235 0.25 -5.49 74.99
CA PRO B 235 1.24 -5.03 74.06
C PRO B 235 1.04 -3.62 73.54
N ILE B 236 2.13 -2.97 73.17
CA ILE B 236 2.03 -1.66 72.50
C ILE B 236 1.05 -1.74 71.31
N SER B 237 0.18 -0.75 71.11
CA SER B 237 -0.83 -0.77 69.99
C SER B 237 -0.49 0.29 69.00
N SER B 238 -0.21 -0.16 67.79
CA SER B 238 -0.03 0.69 66.67
C SER B 238 -1.40 1.05 66.14
N ASN B 239 -1.76 2.32 66.22
CA ASN B 239 -3.00 2.87 65.70
C ASN B 239 -2.65 3.56 64.40
N VAL B 240 -3.05 2.93 63.30
CA VAL B 240 -2.53 3.24 61.99
C VAL B 240 -3.71 3.55 61.08
N ASP B 241 -3.75 4.74 60.47
CA ASP B 241 -4.84 5.04 59.53
C ASP B 241 -4.73 4.18 58.28
N ASP B 242 -5.80 4.14 57.49
CA ASP B 242 -5.91 3.18 56.37
C ASP B 242 -4.98 3.59 55.26
N LEU B 243 -4.83 4.90 55.03
CA LEU B 243 -3.94 5.33 53.97
C LEU B 243 -2.48 4.91 54.23
N THR B 244 -2.04 5.20 55.44
CA THR B 244 -0.74 4.80 55.91
C THR B 244 -0.47 3.30 55.85
N MET B 245 -1.41 2.48 56.28
CA MET B 245 -1.30 1.02 56.16
C MET B 245 -1.07 0.57 54.73
N HIS B 246 -1.77 1.22 53.77
CA HIS B 246 -1.67 0.85 52.33
C HIS B 246 -0.37 1.35 51.68
N GLU B 247 -0.03 2.61 51.85
CA GLU B 247 1.06 3.22 51.12
C GLU B 247 2.45 3.02 51.77
N LEU B 248 2.48 2.62 53.03
CA LEU B 248 3.75 2.41 53.72
C LEU B 248 3.92 0.97 54.19
N TYR B 249 3.11 0.51 55.12
CA TYR B 249 3.38 -0.73 55.80
C TYR B 249 3.05 -1.95 54.98
N MET B 250 1.98 -1.93 54.22
CA MET B 250 1.63 -3.12 53.40
C MET B 250 2.53 -3.35 52.18
N TRP B 251 3.27 -2.33 51.76
CA TRP B 251 3.92 -2.33 50.46
C TRP B 251 4.94 -3.47 50.29
N SER B 252 5.74 -3.71 51.33
CA SER B 252 6.72 -4.75 51.28
C SER B 252 6.14 -6.11 51.43
N PHE B 253 5.05 -6.24 52.18
CA PHE B 253 4.40 -7.54 52.32
C PHE B 253 3.76 -7.94 51.02
N ALA B 254 3.19 -6.99 50.26
CA ALA B 254 2.63 -7.32 48.97
C ALA B 254 3.74 -7.85 48.05
N GLU B 255 4.94 -7.29 48.15
CA GLU B 255 6.02 -7.85 47.35
C GLU B 255 6.40 -9.24 47.84
N ALA B 256 6.42 -9.50 49.13
CA ALA B 256 6.76 -10.85 49.61
C ALA B 256 5.76 -11.88 49.16
N VAL B 257 4.48 -11.50 49.14
CA VAL B 257 3.40 -12.38 48.69
C VAL B 257 3.62 -12.72 47.25
N ARG B 258 3.86 -11.70 46.43
CA ARG B 258 4.10 -11.87 44.97
C ARG B 258 5.34 -12.72 44.59
N ALA B 259 6.36 -12.63 45.43
CA ALA B 259 7.54 -13.49 45.27
C ALA B 259 7.28 -14.93 45.70
N GLY B 260 6.15 -15.21 46.34
CA GLY B 260 5.79 -16.57 46.73
C GLY B 260 6.12 -16.98 48.16
N THR B 261 6.20 -16.01 49.06
CA THR B 261 6.40 -16.40 50.45
C THR B 261 5.33 -17.40 50.89
N ASN B 262 5.77 -18.48 51.52
CA ASN B 262 4.90 -19.61 51.82
C ASN B 262 4.04 -19.34 53.06
N HIS B 263 4.57 -18.52 53.97
CA HIS B 263 3.91 -18.15 55.16
C HIS B 263 4.32 -16.73 55.52
N ILE B 264 3.58 -16.18 56.46
CA ILE B 264 3.78 -14.85 56.96
C ILE B 264 3.66 -15.00 58.44
N MET B 265 4.43 -14.22 59.18
CA MET B 265 4.40 -14.26 60.63
C MET B 265 3.69 -13.01 61.12
N CYS B 266 2.78 -13.12 62.09
CA CYS B 266 2.11 -11.94 62.61
C CYS B 266 3.09 -11.20 63.57
N SER B 267 2.65 -10.24 64.36
CA SER B 267 3.54 -9.44 65.17
C SER B 267 3.09 -9.44 66.61
N TYR B 268 3.95 -8.94 67.46
CA TYR B 268 3.70 -8.83 68.87
C TYR B 268 2.79 -7.68 69.21
N ASN B 269 2.93 -6.59 68.49
CA ASN B 269 2.07 -5.42 68.72
C ASN B 269 0.59 -5.68 68.42
N ARG B 270 -0.27 -4.88 69.07
CA ARG B 270 -1.65 -4.75 68.67
C ARG B 270 -1.72 -3.71 67.60
N ILE B 271 -2.84 -3.73 66.88
CA ILE B 271 -3.17 -2.69 65.92
C ILE B 271 -4.57 -2.22 66.23
N ASN B 272 -4.76 -0.93 66.45
CA ASN B 272 -6.04 -0.41 66.91
C ASN B 272 -6.61 -1.25 68.09
N ASN B 273 -5.73 -1.55 69.06
CA ASN B 273 -6.09 -2.23 70.29
C ASN B 273 -6.60 -3.66 70.10
N THR B 274 -6.22 -4.28 69.00
CA THR B 274 -6.49 -5.67 68.74
C THR B 274 -5.21 -6.41 68.35
N HIS B 275 -4.92 -7.47 69.09
CA HIS B 275 -3.75 -8.29 68.85
C HIS B 275 -3.58 -8.61 67.36
N SER B 276 -2.34 -8.48 66.84
CA SER B 276 -2.07 -8.76 65.44
C SER B 276 -2.41 -10.18 65.07
N CYS B 277 -2.06 -11.12 65.94
CA CYS B 277 -2.26 -12.54 65.63
C CYS B 277 -3.74 -12.96 65.63
N SER B 278 -4.64 -12.09 66.08
CA SER B 278 -6.06 -12.34 65.97
C SER B 278 -6.84 -11.11 65.50
N ASN B 279 -6.29 -10.39 64.55
CA ASN B 279 -6.87 -9.15 64.04
C ASN B 279 -7.58 -9.41 62.71
N ALA B 280 -8.88 -9.48 62.75
CA ALA B 280 -9.61 -9.92 61.57
C ALA B 280 -9.35 -9.01 60.38
N LYS B 281 -9.27 -7.72 60.64
CA LYS B 281 -9.06 -6.75 59.58
C LYS B 281 -7.68 -6.95 58.92
N GLY B 282 -6.69 -7.14 59.74
CA GLY B 282 -5.32 -7.40 59.28
C GLY B 282 -5.17 -8.69 58.56
N LEU B 283 -5.55 -9.79 59.20
CA LEU B 283 -5.26 -11.11 58.63
C LEU B 283 -6.29 -11.54 57.60
N ASN B 284 -7.56 -11.53 57.96
CA ASN B 284 -8.57 -12.07 57.04
C ASN B 284 -8.85 -11.12 55.86
N GLN B 285 -8.83 -9.80 56.09
CA GLN B 285 -9.23 -8.89 55.03
C GLN B 285 -7.98 -8.38 54.33
N LEU B 286 -7.12 -7.67 54.99
CA LEU B 286 -6.01 -7.09 54.30
C LEU B 286 -5.07 -8.15 53.66
N LEU B 287 -4.62 -9.09 54.48
CA LEU B 287 -3.63 -10.08 54.05
C LEU B 287 -4.29 -11.07 53.13
N LYS B 288 -5.32 -11.77 53.64
CA LYS B 288 -5.92 -12.91 52.91
C LYS B 288 -6.95 -12.54 51.84
N THR B 289 -7.52 -11.35 51.88
CA THR B 289 -8.45 -10.94 50.84
C THR B 289 -7.73 -10.05 49.84
N GLU B 290 -7.27 -8.89 50.30
CA GLU B 290 -6.70 -7.88 49.40
C GLU B 290 -5.36 -8.31 48.77
N LEU B 291 -4.42 -8.77 49.60
CA LEU B 291 -3.16 -9.34 49.12
C LEU B 291 -3.32 -10.77 48.63
N ASN B 292 -4.52 -11.34 48.80
CA ASN B 292 -4.86 -12.61 48.28
C ASN B 292 -3.90 -13.72 48.71
N PHE B 293 -3.43 -13.67 49.96
CA PHE B 293 -2.43 -14.61 50.44
C PHE B 293 -2.94 -16.03 50.58
N GLN B 294 -2.24 -16.96 49.99
CA GLN B 294 -2.60 -18.36 49.99
C GLN B 294 -1.90 -19.23 50.97
N GLY B 295 -0.96 -18.70 51.70
CA GLY B 295 -0.20 -19.45 52.69
C GLY B 295 -0.72 -19.33 54.11
N GLY B 296 0.09 -19.82 55.05
CA GLY B 296 -0.23 -19.80 56.49
C GLY B 296 0.25 -18.56 57.26
N VAL B 297 -0.58 -18.11 58.22
CA VAL B 297 -0.13 -17.18 59.20
C VAL B 297 0.39 -17.92 60.45
N VAL B 298 1.62 -17.65 60.82
CA VAL B 298 2.27 -18.32 61.92
C VAL B 298 2.37 -17.29 63.03
N SER B 299 2.11 -17.66 64.26
CA SER B 299 2.22 -16.71 65.38
C SER B 299 3.69 -16.45 65.72
N ASN B 300 3.98 -15.25 66.22
CA ASN B 300 5.21 -15.00 66.93
C ASN B 300 5.26 -15.93 68.13
N TRP B 301 6.46 -16.14 68.66
CA TRP B 301 6.64 -16.95 69.83
C TRP B 301 6.14 -16.18 71.02
N GLY B 302 4.97 -16.52 71.54
CA GLY B 302 4.26 -15.64 72.49
C GLY B 302 3.42 -14.54 71.83
N GLY B 303 3.11 -14.69 70.56
CA GLY B 303 2.29 -13.71 69.81
C GLY B 303 0.79 -13.97 69.93
N GLN B 304 0.40 -15.16 70.38
CA GLN B 304 -1.00 -15.56 70.54
C GLN B 304 -1.45 -15.44 72.00
N TRP B 305 -2.55 -14.74 72.22
CA TRP B 305 -3.07 -14.36 73.54
C TRP B 305 -4.45 -14.99 73.89
N ASP B 306 -4.91 -15.96 73.11
CA ASP B 306 -6.31 -16.45 73.10
C ASP B 306 -6.51 -17.58 72.09
N SER B 307 -7.57 -18.34 72.32
CA SER B 307 -7.89 -19.52 71.49
C SER B 307 -8.86 -19.23 70.32
N VAL B 308 -10.06 -18.74 70.63
CA VAL B 308 -11.15 -18.68 69.67
C VAL B 308 -10.94 -17.51 68.65
N PRO B 309 -10.68 -16.28 69.12
CA PRO B 309 -10.47 -15.21 68.12
C PRO B 309 -9.31 -15.48 67.16
N ALA B 310 -8.21 -16.04 67.66
CA ALA B 310 -7.08 -16.39 66.80
C ALA B 310 -7.56 -17.32 65.71
N ALA B 311 -8.40 -18.30 66.07
CA ALA B 311 -8.95 -19.28 65.13
C ALA B 311 -9.92 -18.69 64.11
N GLU B 312 -10.73 -17.73 64.51
CA GLU B 312 -11.75 -17.15 63.63
C GLU B 312 -11.20 -16.05 62.77
N ASN B 313 -10.17 -15.37 63.28
CA ASN B 313 -9.63 -14.16 62.70
C ASN B 313 -8.33 -14.31 61.85
N GLY B 314 -7.91 -15.53 61.52
CA GLY B 314 -6.86 -15.65 60.46
C GLY B 314 -5.52 -16.27 60.82
N LEU B 315 -5.31 -16.66 62.09
CA LEU B 315 -4.07 -17.36 62.48
C LEU B 315 -4.17 -18.80 62.00
N ASP B 316 -3.06 -19.36 61.48
CA ASP B 316 -3.02 -20.77 61.03
C ASP B 316 -2.20 -21.77 61.91
N VAL B 317 -1.17 -21.26 62.58
CA VAL B 317 -0.23 -22.08 63.30
C VAL B 317 0.09 -21.41 64.64
N ALA B 318 -0.09 -22.14 65.74
CA ALA B 318 0.28 -21.66 67.06
C ALA B 318 1.71 -22.08 67.36
N MET B 319 2.56 -21.12 67.71
CA MET B 319 3.93 -21.43 68.06
C MET B 319 4.32 -20.67 69.30
N PRO B 320 5.11 -21.29 70.20
CA PRO B 320 5.74 -22.58 69.98
C PRO B 320 4.96 -23.82 70.48
N GLY B 321 3.71 -23.61 70.97
CA GLY B 321 2.82 -24.68 71.40
C GLY B 321 3.34 -25.29 72.69
N LYS B 322 3.70 -26.57 72.66
CA LYS B 322 4.28 -27.23 73.80
C LYS B 322 5.75 -26.96 73.97
N GLY B 323 6.40 -26.28 73.01
CA GLY B 323 7.76 -25.86 73.22
C GLY B 323 7.85 -24.81 74.29
N PHE B 324 9.04 -24.70 74.85
CA PHE B 324 9.34 -23.70 75.89
C PHE B 324 8.43 -23.93 77.12
N LEU B 325 8.17 -25.22 77.41
CA LEU B 325 7.38 -25.70 78.54
C LEU B 325 5.93 -25.16 78.56
N GLY B 326 5.41 -24.73 77.42
CA GLY B 326 4.12 -24.02 77.44
C GLY B 326 4.09 -22.60 78.01
N ALA B 327 5.22 -22.08 78.50
CA ALA B 327 5.28 -20.75 79.13
C ALA B 327 4.85 -19.59 78.20
N LEU B 328 4.97 -19.77 76.88
CA LEU B 328 4.63 -18.74 75.92
C LEU B 328 3.20 -18.85 75.41
N GLY B 329 2.35 -19.54 76.19
CA GLY B 329 0.97 -19.81 75.83
C GLY B 329 0.90 -21.07 75.01
N ASP B 330 -0.19 -21.81 75.20
CA ASP B 330 -0.46 -23.05 74.50
C ASP B 330 -1.99 -23.08 74.36
N PHE B 331 -2.47 -22.25 73.45
CA PHE B 331 -3.88 -21.91 73.38
C PHE B 331 -4.65 -22.85 72.46
N TRP B 332 -3.97 -23.65 71.64
CA TRP B 332 -4.64 -24.60 70.72
C TRP B 332 -4.13 -25.99 71.09
N GLY B 333 -3.92 -26.93 70.19
CA GLY B 333 -3.56 -28.32 70.58
C GLY B 333 -4.81 -29.00 71.11
N ALA B 334 -4.73 -29.54 72.33
CA ALA B 334 -5.92 -30.24 72.91
C ALA B 334 -7.13 -29.30 73.11
N THR B 335 -6.86 -28.07 73.55
CA THR B 335 -7.89 -27.04 73.65
C THR B 335 -8.65 -26.83 72.28
N LEU B 336 -7.97 -27.00 71.15
CA LEU B 336 -8.62 -26.82 69.86
C LEU B 336 -9.48 -28.02 69.51
N VAL B 337 -9.06 -29.20 69.94
CA VAL B 337 -9.91 -30.38 69.83
C VAL B 337 -11.29 -30.19 70.52
N GLU B 338 -11.26 -29.69 71.75
CA GLU B 338 -12.47 -29.42 72.53
C GLU B 338 -13.35 -28.37 71.86
N LEU B 339 -12.73 -27.31 71.39
CA LEU B 339 -13.43 -26.27 70.66
C LEU B 339 -14.07 -26.75 69.36
N ILE B 340 -13.46 -27.67 68.65
CA ILE B 340 -14.08 -28.21 67.44
C ILE B 340 -15.22 -29.18 67.79
N ASN B 341 -14.95 -30.13 68.70
CA ASN B 341 -15.94 -31.16 69.10
C ASN B 341 -17.12 -30.62 69.89
N ASN B 342 -16.94 -29.53 70.60
CA ASN B 342 -18.09 -28.89 71.21
C ASN B 342 -18.72 -27.77 70.36
N GLY B 343 -18.34 -27.64 69.09
CA GLY B 343 -19.02 -26.78 68.11
C GLY B 343 -18.66 -25.30 68.10
N THR B 344 -17.74 -24.86 68.96
CA THR B 344 -17.42 -23.45 69.08
C THR B 344 -16.57 -22.96 67.89
N VAL B 345 -15.76 -23.87 67.35
CA VAL B 345 -14.91 -23.59 66.23
C VAL B 345 -15.15 -24.69 65.18
N SER B 346 -15.54 -24.25 64.00
CA SER B 346 -15.83 -25.11 62.89
C SER B 346 -14.64 -25.92 62.38
N GLU B 347 -14.87 -27.20 62.12
CA GLU B 347 -13.89 -28.00 61.44
C GLU B 347 -13.46 -27.47 60.06
N ASP B 348 -14.32 -26.82 59.29
CA ASP B 348 -13.88 -26.28 57.98
C ASP B 348 -12.82 -25.17 58.13
N LEU B 349 -12.98 -24.31 59.15
CA LEU B 349 -12.01 -23.28 59.42
C LEU B 349 -10.66 -23.92 59.61
N VAL B 350 -10.62 -24.97 60.42
CA VAL B 350 -9.35 -25.55 60.82
C VAL B 350 -8.70 -26.34 59.66
N ARG B 351 -9.53 -26.95 58.85
CA ARG B 351 -9.05 -27.62 57.64
C ARG B 351 -8.32 -26.65 56.74
N ASP B 352 -8.83 -25.43 56.62
CA ASP B 352 -8.20 -24.42 55.82
C ASP B 352 -6.81 -24.03 56.35
N LYS B 353 -6.65 -23.99 57.68
CA LYS B 353 -5.31 -23.79 58.28
C LYS B 353 -4.35 -24.90 57.87
N ALA B 354 -4.78 -26.15 58.00
CA ALA B 354 -3.91 -27.30 57.62
C ALA B 354 -3.53 -27.37 56.15
N VAL B 355 -4.44 -27.02 55.27
CA VAL B 355 -4.17 -26.81 53.86
C VAL B 355 -3.15 -25.69 53.60
N ARG B 356 -3.23 -24.59 54.35
CA ARG B 356 -2.25 -23.55 54.13
C ARG B 356 -0.88 -24.03 54.54
N ILE B 357 -0.81 -24.87 55.59
CA ILE B 357 0.48 -25.38 56.05
C ILE B 357 1.10 -26.35 55.04
N LEU B 358 0.24 -27.23 54.55
CA LEU B 358 0.67 -28.32 53.68
C LEU B 358 0.93 -27.92 52.25
N THR B 359 0.39 -26.77 51.81
CA THR B 359 0.66 -26.28 50.48
C THR B 359 2.17 -26.01 50.29
N GLY B 360 2.82 -25.44 51.29
CA GLY B 360 4.27 -25.16 51.21
C GLY B 360 5.08 -26.44 51.09
N TYR B 361 4.73 -27.41 51.96
CA TYR B 361 5.32 -28.73 51.99
C TYR B 361 5.35 -29.42 50.64
N TYR B 362 4.21 -29.45 49.98
CA TYR B 362 4.12 -30.08 48.67
C TYR B 362 4.69 -29.21 47.57
N TYR B 363 4.58 -27.89 47.66
CA TYR B 363 5.12 -27.03 46.57
C TYR B 363 6.65 -27.06 46.51
N LEU B 364 7.29 -27.08 47.66
CA LEU B 364 8.73 -27.15 47.67
C LEU B 364 9.28 -28.57 47.50
N GLY B 365 8.41 -29.59 47.35
CA GLY B 365 8.86 -30.94 47.12
C GLY B 365 9.52 -31.58 48.33
N GLN B 366 9.04 -31.22 49.51
CA GLN B 366 9.64 -31.77 50.71
C GLN B 366 9.13 -33.21 51.00
N ASP B 367 8.05 -33.62 50.35
CA ASP B 367 7.60 -35.01 50.49
C ASP B 367 8.54 -35.96 49.71
N THR B 368 8.89 -35.56 48.48
CA THR B 368 9.69 -36.39 47.58
C THR B 368 11.17 -36.12 47.75
N ASN B 369 11.55 -34.98 48.32
CA ASN B 369 12.94 -34.72 48.69
C ASN B 369 13.02 -34.15 50.13
N PRO B 370 12.78 -35.00 51.16
CA PRO B 370 12.73 -34.47 52.51
C PRO B 370 14.07 -33.81 52.87
N PRO B 371 14.02 -32.76 53.68
CA PRO B 371 15.29 -32.26 54.15
C PRO B 371 15.96 -33.34 55.03
N PRO B 372 17.32 -33.32 55.12
CA PRO B 372 18.01 -34.21 56.10
C PRO B 372 17.51 -33.94 57.52
N PRO B 373 17.93 -34.77 58.52
CA PRO B 373 17.61 -34.54 59.94
C PRO B 373 18.35 -33.31 60.51
N PHE B 374 17.66 -32.57 61.39
CA PHE B 374 18.17 -31.38 62.06
C PHE B 374 18.81 -31.83 63.36
N VAL B 375 20.07 -31.49 63.60
CA VAL B 375 20.81 -32.20 64.68
C VAL B 375 21.29 -31.39 65.89
N TYR B 376 21.07 -30.08 65.92
CA TYR B 376 21.59 -29.22 66.97
C TYR B 376 20.47 -28.91 67.92
N ASN B 377 20.80 -28.82 69.21
CA ASN B 377 19.91 -28.22 70.21
C ASN B 377 20.05 -26.67 70.23
N THR B 378 19.16 -26.01 69.50
CA THR B 378 19.08 -24.55 69.44
C THR B 378 18.18 -23.89 70.50
N ILE B 379 17.54 -24.68 71.34
CA ILE B 379 16.68 -24.22 72.42
C ILE B 379 17.50 -24.02 73.69
N GLY B 380 18.22 -25.07 74.07
CA GLY B 380 19.15 -25.08 75.20
C GLY B 380 18.58 -25.59 76.51
N ALA B 381 19.46 -26.11 77.36
CA ALA B 381 19.10 -26.63 78.68
C ALA B 381 19.02 -25.47 79.67
N PRO B 382 18.14 -25.51 80.68
CA PRO B 382 17.23 -26.65 81.04
C PRO B 382 15.92 -26.85 80.23
N THR B 383 15.58 -25.93 79.32
CA THR B 383 14.29 -25.99 78.58
C THR B 383 14.13 -27.25 77.79
N LEU B 384 15.18 -27.63 77.04
CA LEU B 384 15.29 -28.92 76.36
C LEU B 384 16.65 -29.57 76.65
N ASN B 385 16.58 -30.79 77.21
CA ASN B 385 17.70 -31.68 77.44
C ASN B 385 17.84 -32.53 76.20
N ALA B 386 18.93 -32.36 75.48
CA ALA B 386 19.17 -33.14 74.25
C ALA B 386 20.54 -32.78 73.79
N THR B 387 21.25 -33.78 73.32
CA THR B 387 22.56 -33.58 72.81
C THR B 387 22.46 -33.09 71.35
N SER B 388 23.48 -32.38 70.92
CA SER B 388 23.60 -31.91 69.57
C SER B 388 24.50 -32.84 68.81
N GLY B 389 24.23 -32.99 67.52
CA GLY B 389 25.11 -33.68 66.61
C GLY B 389 26.07 -32.66 66.07
N TYR B 390 26.68 -33.01 64.93
CA TYR B 390 27.50 -32.09 64.14
C TYR B 390 27.31 -32.25 62.61
N ARG B 391 27.22 -31.13 61.91
CA ARG B 391 27.18 -31.12 60.48
C ARG B 391 27.80 -29.83 59.91
N ASN B 392 28.75 -29.97 58.96
CA ASN B 392 29.30 -28.86 58.20
C ASN B 392 28.62 -28.72 56.81
N VAL B 393 27.98 -27.58 56.58
CA VAL B 393 27.26 -27.28 55.36
C VAL B 393 27.85 -26.05 54.61
N ARG B 394 28.98 -25.51 55.08
CA ARG B 394 29.67 -24.43 54.40
C ARG B 394 30.24 -24.91 53.12
N LYS B 395 29.76 -24.32 52.03
CA LYS B 395 30.16 -24.62 50.69
C LYS B 395 31.23 -23.67 50.21
N PRO B 396 32.09 -24.13 49.30
CA PRO B 396 33.04 -23.20 48.70
C PRO B 396 32.26 -22.12 47.88
N GLY B 397 32.78 -20.92 47.88
CA GLY B 397 32.06 -19.79 47.28
C GLY B 397 31.29 -18.94 48.31
N THR B 398 30.86 -19.52 49.43
CA THR B 398 30.06 -18.74 50.34
C THR B 398 30.91 -17.63 51.03
N ALA B 399 32.15 -17.95 51.42
CA ALA B 399 32.98 -16.92 52.06
C ALA B 399 33.24 -15.72 51.13
N GLU B 400 33.50 -16.02 49.85
CA GLU B 400 33.79 -15.01 48.86
C GLU B 400 32.53 -14.14 48.70
N LEU B 401 31.37 -14.75 48.61
CA LEU B 401 30.15 -14.00 48.59
C LEU B 401 29.98 -13.03 49.79
N ILE B 402 30.27 -13.52 51.00
CA ILE B 402 30.12 -12.73 52.24
C ILE B 402 31.11 -11.57 52.18
N LYS B 403 32.31 -11.82 51.66
CA LYS B 403 33.22 -10.75 51.43
C LYS B 403 32.81 -9.73 50.34
N GLU B 404 32.22 -10.14 49.21
CA GLU B 404 31.75 -9.14 48.19
C GLU B 404 30.63 -8.24 48.72
N ILE B 405 29.76 -8.78 49.57
CA ILE B 405 28.70 -7.98 50.19
C ILE B 405 29.24 -6.89 51.13
N GLY B 406 30.26 -7.23 51.91
CA GLY B 406 30.95 -6.26 52.73
C GLY B 406 31.63 -5.18 51.89
N SER B 407 32.37 -5.61 50.87
CA SER B 407 33.07 -4.68 49.98
C SER B 407 32.15 -3.77 49.17
N ALA B 408 30.97 -4.26 48.80
CA ALA B 408 29.97 -3.44 48.09
C ALA B 408 29.10 -2.56 49.02
N SER B 409 29.11 -2.78 50.33
CA SER B 409 28.22 -2.05 51.24
C SER B 409 28.93 -0.95 52.01
N VAL B 410 30.21 -1.08 52.27
CA VAL B 410 30.92 -0.12 53.05
C VAL B 410 30.69 1.26 52.40
N THR B 411 30.27 2.22 53.23
CA THR B 411 29.74 3.48 52.76
C THR B 411 30.66 4.64 53.22
N LEU B 412 31.22 5.35 52.25
CA LEU B 412 32.16 6.43 52.55
C LEU B 412 31.36 7.69 52.83
N LEU B 413 31.46 8.25 54.00
CA LEU B 413 30.62 9.40 54.36
C LEU B 413 31.38 10.70 54.35
N LYS B 414 32.64 10.64 54.71
CA LYS B 414 33.50 11.79 54.64
C LYS B 414 34.92 11.39 54.13
N ASN B 415 35.57 12.28 53.38
CA ASN B 415 36.89 12.04 52.85
C ASN B 415 37.48 13.37 52.41
N THR B 416 38.32 13.95 53.22
CA THR B 416 39.01 15.16 52.85
C THR B 416 40.30 14.91 52.06
N GLY B 417 40.63 13.64 51.72
CA GLY B 417 41.79 13.28 50.86
C GLY B 417 42.70 12.17 51.40
N SER B 418 42.49 11.75 52.65
CA SER B 418 43.29 10.65 53.23
C SER B 418 43.02 9.26 52.59
N LEU B 419 41.91 9.08 51.87
CA LEU B 419 41.61 7.78 51.25
C LEU B 419 41.51 7.98 49.73
N PRO B 420 41.95 7.01 48.92
CA PRO B 420 42.51 5.75 49.39
C PRO B 420 43.91 5.89 49.98
N LEU B 421 44.28 4.97 50.88
CA LEU B 421 45.66 4.90 51.39
C LEU B 421 46.58 4.51 50.26
N LYS B 422 47.83 4.94 50.36
CA LYS B 422 48.89 4.50 49.43
C LYS B 422 49.81 3.38 49.90
N HIS B 423 50.75 3.63 50.80
CA HIS B 423 51.63 2.55 51.36
C HIS B 423 52.23 3.11 52.67
N PRO B 424 51.36 3.55 53.60
CA PRO B 424 51.87 4.20 54.77
C PRO B 424 52.68 3.22 55.59
N GLN B 425 53.64 3.78 56.28
CA GLN B 425 54.67 3.02 56.89
C GLN B 425 54.40 2.79 58.35
N ARG B 426 53.59 3.63 58.98
CA ARG B 426 53.40 3.55 60.43
C ARG B 426 51.92 3.72 60.69
N ILE B 427 51.30 2.66 61.22
CA ILE B 427 49.88 2.63 61.32
C ILE B 427 49.50 2.36 62.77
N ALA B 428 48.63 3.22 63.28
CA ALA B 428 47.96 3.06 64.56
C ALA B 428 46.49 2.67 64.37
N VAL B 429 46.00 1.80 65.26
CA VAL B 429 44.65 1.31 65.26
C VAL B 429 44.12 1.44 66.68
N LEU B 430 42.92 2.01 66.83
CA LEU B 430 42.25 2.15 68.12
C LEU B 430 40.95 1.34 68.18
N GLY B 431 40.74 0.64 69.30
CA GLY B 431 39.40 0.23 69.75
C GLY B 431 39.20 -1.25 69.67
N ASN B 432 38.40 -1.78 70.56
CA ASN B 432 38.21 -3.24 70.66
C ASN B 432 37.48 -3.78 69.42
N ASP B 433 36.74 -2.92 68.72
CA ASP B 433 36.06 -3.26 67.46
C ASP B 433 37.02 -3.70 66.37
N ALA B 434 38.31 -3.39 66.52
CA ALA B 434 39.33 -3.86 65.57
C ALA B 434 39.70 -5.33 65.72
N THR B 435 39.32 -5.98 66.82
CA THR B 435 39.76 -7.36 67.10
C THR B 435 38.60 -8.26 67.62
N TYR B 436 38.97 -9.42 68.16
CA TYR B 436 38.00 -10.45 68.60
C TYR B 436 37.25 -10.08 69.87
N ASN B 437 36.07 -10.62 70.05
CA ASN B 437 35.44 -10.71 71.37
C ASN B 437 36.50 -11.38 72.26
N VAL B 438 36.83 -10.78 73.39
CA VAL B 438 37.87 -11.30 74.24
C VAL B 438 37.47 -12.69 74.84
N LEU B 439 36.21 -13.09 74.71
CA LEU B 439 35.69 -14.32 75.26
C LEU B 439 35.36 -15.31 74.14
N GLY B 440 35.63 -14.92 72.86
CA GLY B 440 35.31 -15.74 71.67
C GLY B 440 34.13 -15.23 70.83
N PRO B 441 34.19 -15.40 69.49
CA PRO B 441 33.10 -14.90 68.62
C PRO B 441 31.70 -15.33 69.05
N ASN B 442 31.56 -16.54 69.59
CA ASN B 442 30.23 -17.03 70.00
C ASN B 442 29.98 -17.01 71.50
N ALA B 443 30.72 -16.20 72.24
CA ALA B 443 30.62 -16.22 73.71
C ALA B 443 29.25 -15.73 74.26
N CYS B 444 28.62 -14.87 73.47
CA CYS B 444 27.39 -14.21 73.83
C CYS B 444 26.20 -15.17 73.64
N GLY B 445 26.48 -16.41 73.18
CA GLY B 445 25.56 -17.53 73.33
C GLY B 445 24.67 -17.65 72.12
N LEU B 446 23.59 -18.44 72.19
CA LEU B 446 22.82 -18.77 70.96
C LEU B 446 22.01 -17.62 70.32
N ALA B 447 21.82 -16.52 71.03
CA ALA B 447 21.09 -15.35 70.50
C ALA B 447 21.97 -14.08 70.47
N ASN B 448 23.28 -14.24 70.63
CA ASN B 448 24.21 -13.11 70.65
C ASN B 448 23.75 -11.94 71.58
N SER B 449 23.32 -12.32 72.78
CA SER B 449 22.88 -11.33 73.76
C SER B 449 23.12 -11.66 75.23
N ALA B 450 24.00 -12.62 75.54
CA ALA B 450 24.21 -12.99 76.94
C ALA B 450 25.53 -12.55 77.59
N CYS B 451 26.35 -11.76 76.91
CA CYS B 451 27.61 -11.33 77.49
C CYS B 451 27.30 -10.16 78.35
N ASP B 452 28.13 -9.93 79.35
CA ASP B 452 28.00 -8.82 80.24
C ASP B 452 27.89 -7.44 79.49
N ILE B 453 27.11 -6.52 80.07
CA ILE B 453 26.99 -5.09 79.66
C ILE B 453 28.33 -4.39 79.32
N ASP B 454 29.40 -4.63 80.08
CA ASP B 454 30.73 -4.04 79.77
C ASP B 454 31.71 -4.90 78.94
N ASN B 455 31.32 -6.11 78.55
CA ASN B 455 32.25 -6.95 77.84
C ASN B 455 32.72 -6.34 76.47
N LEU B 456 33.96 -6.59 76.12
CA LEU B 456 34.55 -6.13 74.89
C LEU B 456 34.27 -7.17 73.87
N ASN B 457 33.19 -6.97 73.11
CA ASN B 457 32.62 -7.99 72.21
C ASN B 457 33.37 -8.08 70.89
N GLY B 458 34.43 -7.29 70.78
CA GLY B 458 35.13 -7.11 69.53
C GLY B 458 34.26 -6.66 68.38
N THR B 459 34.68 -7.05 67.19
CA THR B 459 34.09 -6.52 65.99
C THR B 459 32.59 -6.83 65.92
N LEU B 460 31.78 -5.83 65.62
CA LEU B 460 30.35 -6.05 65.62
C LEU B 460 29.99 -6.58 64.23
N THR B 461 29.81 -7.89 64.13
CA THR B 461 29.55 -8.51 62.87
C THR B 461 28.08 -8.88 62.67
N THR B 462 27.30 -8.79 63.76
CA THR B 462 25.87 -8.99 63.76
C THR B 462 25.24 -8.40 65.02
N GLY B 463 23.92 -8.33 65.04
CA GLY B 463 23.24 -7.81 66.22
C GLY B 463 22.76 -8.92 67.13
N GLY B 464 22.01 -8.54 68.16
CA GLY B 464 21.49 -9.49 69.12
C GLY B 464 20.03 -9.89 68.93
N GLY B 465 19.73 -11.15 69.23
CA GLY B 465 18.39 -11.69 69.36
C GLY B 465 18.21 -12.88 68.42
N SER B 466 16.96 -13.17 68.09
CA SER B 466 16.60 -14.31 67.27
C SER B 466 17.12 -14.24 65.83
N GLY B 467 17.54 -13.05 65.40
CA GLY B 467 18.16 -12.88 64.06
C GLY B 467 19.66 -12.91 63.92
N SER B 468 20.37 -13.24 65.00
CA SER B 468 21.80 -13.51 64.93
C SER B 468 22.08 -14.92 64.46
N ALA B 469 23.36 -15.26 64.37
CA ALA B 469 23.83 -16.59 64.03
C ALA B 469 25.26 -16.69 64.54
N LEU B 470 25.70 -17.92 64.74
CA LEU B 470 27.08 -18.18 65.12
C LEU B 470 28.00 -17.92 63.95
N SER B 471 29.24 -17.81 64.26
CA SER B 471 30.26 -17.49 63.32
C SER B 471 31.33 -18.58 63.48
N PRO B 472 31.81 -19.12 62.39
CA PRO B 472 32.90 -20.09 62.46
C PRO B 472 34.29 -19.46 62.76
N TYR B 473 34.41 -18.16 62.58
CA TYR B 473 35.60 -17.40 62.86
C TYR B 473 35.25 -15.92 62.60
N THR B 474 36.12 -15.01 63.05
CA THR B 474 35.99 -13.61 62.60
C THR B 474 37.31 -13.16 62.05
N ILE B 475 37.27 -12.68 60.79
CA ILE B 475 38.41 -11.97 60.21
C ILE B 475 38.39 -10.53 60.70
N THR B 476 39.32 -10.21 61.58
CA THR B 476 39.30 -8.91 62.23
C THR B 476 39.88 -7.83 61.34
N PRO B 477 39.38 -6.60 61.45
CA PRO B 477 40.02 -5.47 60.78
C PRO B 477 41.51 -5.40 61.09
N LEU B 478 41.91 -5.73 62.34
CA LEU B 478 43.33 -5.67 62.71
C LEU B 478 44.18 -6.65 61.91
N GLU B 479 43.76 -7.92 61.81
CA GLU B 479 44.54 -8.87 61.07
C GLU B 479 44.56 -8.59 59.58
N ALA B 480 43.47 -8.08 59.00
CA ALA B 480 43.49 -7.68 57.59
C ALA B 480 44.38 -6.43 57.36
N LEU B 481 44.32 -5.43 58.25
CA LEU B 481 45.25 -4.32 58.17
C LEU B 481 46.71 -4.74 58.33
N GLN B 482 46.99 -5.55 59.33
CA GLN B 482 48.36 -6.03 59.50
C GLN B 482 48.85 -6.76 58.22
N LYS B 483 48.05 -7.65 57.64
CA LYS B 483 48.48 -8.38 56.48
C LYS B 483 48.94 -7.41 55.35
N ARG B 484 48.15 -6.37 55.10
CA ARG B 484 48.51 -5.35 54.14
C ARG B 484 49.79 -4.54 54.59
N ALA B 485 49.89 -4.19 55.87
CA ALA B 485 51.08 -3.57 56.44
C ALA B 485 52.39 -4.35 56.19
N ILE B 486 52.30 -5.65 56.39
CA ILE B 486 53.45 -6.56 56.18
C ILE B 486 53.87 -6.56 54.68
N GLU B 487 52.90 -6.51 53.76
CA GLU B 487 53.16 -6.41 52.32
C GLU B 487 53.91 -5.15 51.97
N ASP B 488 53.64 -4.03 52.64
CA ASP B 488 54.37 -2.75 52.40
C ASP B 488 55.58 -2.52 53.29
N ASN B 489 55.98 -3.56 54.05
CA ASN B 489 57.10 -3.46 54.98
C ASN B 489 56.86 -2.39 56.01
N ALA B 490 55.63 -2.28 56.46
CA ALA B 490 55.24 -1.17 57.38
C ALA B 490 55.20 -1.71 58.79
N GLU B 491 55.02 -0.82 59.75
CA GLU B 491 54.69 -1.24 61.11
C GLU B 491 53.28 -0.79 61.48
N ILE B 492 52.73 -1.50 62.44
CA ILE B 492 51.33 -1.39 62.87
C ILE B 492 51.19 -1.85 64.32
N ALA B 493 50.40 -1.09 65.07
CA ALA B 493 50.20 -1.27 66.49
C ALA B 493 48.76 -0.87 66.76
N ALA B 494 48.06 -1.69 67.54
CA ALA B 494 46.68 -1.43 67.98
C ALA B 494 46.55 -1.36 69.50
N VAL B 495 45.84 -0.38 70.01
CA VAL B 495 45.37 -0.42 71.39
C VAL B 495 43.91 -0.91 71.39
N VAL B 496 43.63 -2.05 71.97
CA VAL B 496 42.31 -2.67 71.83
C VAL B 496 41.53 -2.83 73.09
N ALA B 497 42.05 -2.30 74.18
CA ALA B 497 41.40 -2.44 75.47
C ALA B 497 40.39 -1.28 75.67
N ASN B 498 39.60 -1.31 76.74
CA ASN B 498 38.78 -0.18 77.12
C ASN B 498 39.71 1.00 77.51
N SER B 499 39.68 2.08 76.72
CA SER B 499 40.50 3.27 76.99
C SER B 499 40.22 3.95 78.35
N ASN B 500 39.04 3.73 78.93
CA ASN B 500 38.67 4.38 80.18
C ASN B 500 39.03 3.56 81.42
N THR B 501 38.90 2.23 81.37
CA THR B 501 39.03 1.39 82.57
C THR B 501 40.34 0.60 82.68
N THR B 502 41.13 0.45 81.63
CA THR B 502 42.40 -0.31 81.68
C THR B 502 43.58 0.62 82.02
N THR B 503 44.37 0.19 83.00
CA THR B 503 45.45 0.99 83.52
C THR B 503 46.45 1.15 82.41
N GLY B 504 46.88 2.38 82.18
CA GLY B 504 47.90 2.67 81.18
C GLY B 504 47.38 2.93 79.76
N ALA B 505 46.07 2.82 79.52
CA ALA B 505 45.57 2.85 78.12
C ALA B 505 45.63 4.22 77.51
N GLU B 506 45.16 5.21 78.23
CA GLU B 506 45.31 6.66 77.84
C GLU B 506 46.77 7.00 77.48
N ASP B 507 47.75 6.61 78.31
CA ASP B 507 49.16 6.89 78.03
C ASP B 507 49.67 6.18 76.79
N ALA B 508 49.29 4.91 76.62
CA ALA B 508 49.75 4.20 75.41
C ALA B 508 49.25 4.95 74.14
N ILE B 509 47.99 5.42 74.17
CA ILE B 509 47.37 6.02 73.01
C ILE B 509 48.14 7.31 72.69
N ALA B 510 48.41 8.13 73.71
CA ALA B 510 49.18 9.38 73.55
C ALA B 510 50.61 9.16 73.09
N ALA B 511 51.29 8.10 73.47
CA ALA B 511 52.68 7.81 72.97
C ALA B 511 52.73 7.21 71.55
N LEU B 512 51.74 6.41 71.22
CA LEU B 512 51.62 5.77 69.87
C LEU B 512 51.14 6.71 68.73
N LEU B 513 50.16 7.55 68.99
CA LEU B 513 49.49 8.23 67.88
C LEU B 513 50.30 9.32 67.16
N PRO B 514 51.07 10.17 67.87
CA PRO B 514 51.68 11.30 67.12
C PRO B 514 52.63 10.95 66.00
N ASP B 515 53.21 9.76 65.99
CA ASP B 515 54.16 9.40 64.92
C ASP B 515 53.53 8.59 63.81
N ALA B 516 52.29 8.16 63.97
CA ALA B 516 51.65 7.35 62.93
C ALA B 516 51.28 8.25 61.77
N ASP B 517 51.42 7.72 60.59
CA ASP B 517 51.07 8.41 59.35
C ASP B 517 49.53 8.40 59.19
N VAL B 518 48.88 7.36 59.75
CA VAL B 518 47.44 7.23 59.76
C VAL B 518 46.99 6.47 61.00
N THR B 519 45.92 6.95 61.64
CA THR B 519 45.32 6.24 62.77
C THR B 519 43.87 5.82 62.48
N PHE B 520 43.62 4.52 62.53
CA PHE B 520 42.27 3.98 62.35
C PHE B 520 41.54 3.92 63.64
N VAL B 521 40.34 4.47 63.72
CA VAL B 521 39.52 4.27 64.88
C VAL B 521 38.28 3.43 64.54
N PHE B 522 38.14 2.31 65.22
CA PHE B 522 37.03 1.40 65.03
C PHE B 522 36.03 1.54 66.16
N LEU B 523 34.78 1.82 65.81
CA LEU B 523 33.68 2.12 66.73
C LEU B 523 32.51 1.17 66.48
N ASN B 524 31.80 0.81 67.52
CA ASN B 524 30.63 -0.05 67.35
C ASN B 524 29.48 0.41 68.20
N ARG B 525 28.33 -0.17 67.91
CA ARG B 525 27.07 0.12 68.60
C ARG B 525 26.15 -1.10 68.48
N TYR B 526 26.35 -2.04 69.41
CA TYR B 526 25.46 -3.16 69.62
C TYR B 526 23.99 -2.73 69.96
N SER B 527 23.01 -3.43 69.37
CA SER B 527 21.63 -3.41 69.82
C SER B 527 21.02 -4.81 69.55
N GLU B 528 19.81 -5.01 70.10
CA GLU B 528 19.21 -6.32 70.08
C GLU B 528 17.70 -6.30 70.18
N GLU B 529 17.07 -7.40 69.75
CA GLU B 529 15.65 -7.61 69.99
C GLU B 529 15.41 -7.52 71.49
N GLY B 530 14.22 -7.02 71.85
CA GLY B 530 13.76 -6.94 73.25
C GLY B 530 13.83 -5.54 73.83
N ALA B 531 14.64 -4.66 73.25
CA ALA B 531 14.80 -3.31 73.74
C ALA B 531 15.16 -2.39 72.59
N ASP B 532 14.89 -1.11 72.71
CA ASP B 532 15.35 -0.14 71.74
C ASP B 532 16.59 0.59 72.31
N ALA B 533 17.35 1.19 71.41
CA ALA B 533 18.51 1.94 71.80
C ALA B 533 17.95 3.16 72.49
N PRO B 534 18.53 3.55 73.64
CA PRO B 534 18.02 4.70 74.39
C PRO B 534 18.33 6.02 73.70
N ASP B 535 19.36 6.04 72.87
CA ASP B 535 19.77 7.25 72.14
C ASP B 535 20.78 6.87 71.02
N PHE B 536 21.44 7.84 70.40
CA PHE B 536 22.44 7.59 69.38
C PHE B 536 23.86 7.39 69.90
N SER B 537 24.07 7.34 71.21
CA SER B 537 25.44 7.33 71.73
C SER B 537 26.18 6.05 71.32
N LEU B 538 27.48 6.20 71.09
CA LEU B 538 28.33 5.06 70.74
C LEU B 538 28.41 4.10 71.90
N GLY B 539 28.58 2.83 71.56
CA GLY B 539 28.78 1.80 72.58
C GLY B 539 30.18 1.82 73.19
N GLY B 540 30.30 1.31 74.41
CA GLY B 540 31.61 1.14 75.01
C GLY B 540 32.28 2.48 75.24
N ASP B 541 33.60 2.50 74.98
CA ASP B 541 34.46 3.67 75.19
C ASP B 541 34.60 4.51 73.92
N GLY B 542 33.74 4.27 72.92
CA GLY B 542 33.81 5.03 71.72
C GLY B 542 34.03 6.54 71.84
N ASP B 543 33.20 7.22 72.61
CA ASP B 543 33.35 8.69 72.79
C ASP B 543 34.75 9.06 73.22
N ASN B 544 35.24 8.37 74.25
CA ASN B 544 36.56 8.59 74.78
C ASN B 544 37.63 8.26 73.72
N LEU B 545 37.50 7.16 72.97
CA LEU B 545 38.47 6.88 71.85
C LEU B 545 38.59 8.02 70.87
N MET B 546 37.45 8.57 70.49
CA MET B 546 37.42 9.68 69.56
C MET B 546 38.05 10.91 70.15
N ASP B 547 37.74 11.23 71.41
CA ASP B 547 38.35 12.43 72.04
C ASP B 547 39.89 12.29 72.01
N LEU B 548 40.43 11.11 72.30
CA LEU B 548 41.87 10.92 72.31
C LEU B 548 42.45 10.95 70.92
N ALA B 549 41.77 10.34 69.97
CA ALA B 549 42.26 10.25 68.61
C ALA B 549 42.50 11.60 67.98
N VAL B 550 41.51 12.49 68.08
CA VAL B 550 41.67 13.85 67.50
C VAL B 550 42.63 14.72 68.27
N THR B 551 42.99 14.36 69.50
CA THR B 551 43.96 15.13 70.30
C THR B 551 45.39 14.85 69.84
N TYR B 552 45.65 13.62 69.40
CA TYR B 552 47.00 13.17 69.19
C TYR B 552 47.37 12.90 67.76
N SER B 553 46.42 13.01 66.86
CA SER B 553 46.65 12.64 65.48
C SER B 553 45.89 13.55 64.55
N SER B 554 46.52 13.86 63.42
CA SER B 554 45.94 14.71 62.40
C SER B 554 45.38 13.95 61.19
N ASN B 555 45.45 12.60 61.24
CA ASN B 555 45.03 11.79 60.13
C ASN B 555 44.22 10.60 60.65
N VAL B 556 43.01 10.88 61.11
CA VAL B 556 42.14 9.93 61.77
C VAL B 556 41.08 9.46 60.79
N VAL B 557 41.05 8.15 60.58
CA VAL B 557 40.06 7.50 59.73
C VAL B 557 39.14 6.66 60.61
N VAL B 558 37.85 6.95 60.59
CA VAL B 558 36.92 6.33 61.50
C VAL B 558 36.15 5.26 60.77
N VAL B 559 35.99 4.09 61.37
CA VAL B 559 35.20 3.01 60.75
C VAL B 559 34.18 2.58 61.77
N ILE B 560 32.91 2.50 61.36
CA ILE B 560 31.80 2.29 62.25
C ILE B 560 31.09 1.03 61.90
N HIS B 561 31.06 0.08 62.85
CA HIS B 561 30.22 -1.13 62.76
C HIS B 561 29.05 -0.89 63.64
N THR B 562 27.87 -1.06 63.08
CA THR B 562 26.67 -0.61 63.79
C THR B 562 25.37 -1.17 63.29
N THR B 563 24.41 -1.21 64.22
CA THR B 563 23.04 -1.58 63.91
C THR B 563 22.20 -0.43 63.42
N GLY B 564 22.67 0.79 63.57
CA GLY B 564 21.89 1.97 63.13
C GLY B 564 22.70 3.26 63.26
N VAL B 565 22.05 4.38 62.97
CA VAL B 565 22.64 5.71 63.15
C VAL B 565 23.24 5.87 64.55
N VAL B 566 24.38 6.56 64.62
CA VAL B 566 25.00 6.93 65.88
C VAL B 566 25.39 8.40 65.85
N ASP B 567 25.77 8.94 66.99
CA ASP B 567 26.04 10.35 67.15
C ASP B 567 27.54 10.56 67.11
N ILE B 568 28.02 11.15 66.01
CA ILE B 568 29.43 11.49 65.84
C ILE B 568 29.64 13.02 65.70
N GLU B 569 28.63 13.80 66.10
CA GLU B 569 28.57 15.29 65.91
C GLU B 569 29.75 16.04 66.49
N LYS B 570 30.19 15.64 67.68
CA LYS B 570 31.36 16.23 68.33
C LYS B 570 32.71 16.14 67.52
N TRP B 571 32.79 15.25 66.54
CA TRP B 571 34.02 14.98 65.78
C TRP B 571 33.86 15.03 64.26
N ALA B 572 32.66 14.93 63.70
CA ALA B 572 32.53 14.80 62.24
C ALA B 572 33.06 16.00 61.43
N ASP B 573 33.00 17.19 62.01
CA ASP B 573 33.55 18.42 61.43
C ASP B 573 34.94 18.81 61.94
N ASN B 574 35.50 18.12 62.93
CA ASN B 574 36.91 18.23 63.26
C ASN B 574 37.83 17.87 62.05
N PRO B 575 38.70 18.81 61.63
CA PRO B 575 39.59 18.50 60.45
C PRO B 575 40.65 17.41 60.69
N ASN B 576 40.91 17.03 61.94
CA ASN B 576 41.73 15.83 62.21
C ASN B 576 41.05 14.50 61.82
N VAL B 577 39.75 14.52 61.66
CA VAL B 577 39.07 13.35 61.16
C VAL B 577 39.00 13.57 59.65
N THR B 578 39.84 12.90 58.91
CA THR B 578 39.92 13.05 57.51
C THR B 578 39.05 12.10 56.75
N ALA B 579 38.66 11.01 57.35
CA ALA B 579 37.62 10.19 56.72
C ALA B 579 36.75 9.43 57.68
N ILE B 580 35.55 9.12 57.22
CA ILE B 580 34.53 8.39 57.99
C ILE B 580 33.81 7.34 57.12
N LEU B 581 33.76 6.08 57.57
CA LEU B 581 33.10 4.98 56.84
C LEU B 581 32.18 4.25 57.79
N VAL B 582 31.04 3.83 57.30
CA VAL B 582 30.15 2.96 58.05
C VAL B 582 30.12 1.66 57.30
N ALA B 583 30.36 0.58 58.05
CA ALA B 583 30.44 -0.78 57.52
C ALA B 583 29.32 -1.70 57.98
N TYR B 584 28.41 -1.18 58.78
CA TYR B 584 27.20 -1.89 59.18
C TYR B 584 27.53 -3.18 59.92
N LEU B 585 27.02 -4.33 59.47
CA LEU B 585 27.18 -5.60 60.14
C LEU B 585 27.58 -6.58 59.08
N PRO B 586 28.89 -6.67 58.88
CA PRO B 586 29.44 -7.43 57.73
C PRO B 586 29.52 -8.98 57.83
N GLY B 587 29.13 -9.57 58.94
CA GLY B 587 29.34 -11.01 59.10
C GLY B 587 30.79 -11.42 59.30
N GLN B 588 31.10 -12.65 58.94
CA GLN B 588 32.41 -13.25 59.25
C GLN B 588 33.61 -12.64 58.48
N GLU B 589 33.39 -12.00 57.33
CA GLU B 589 34.45 -11.42 56.54
C GLU B 589 34.63 -9.90 56.84
N ALA B 590 34.66 -9.55 58.14
CA ALA B 590 34.68 -8.15 58.55
C ALA B 590 35.93 -7.38 58.02
N GLY B 591 37.12 -7.87 58.30
CA GLY B 591 38.33 -7.10 57.91
C GLY B 591 38.74 -7.20 56.45
N ASN B 592 38.55 -8.37 55.86
CA ASN B 592 39.01 -8.62 54.53
C ASN B 592 38.06 -8.05 53.43
N SER B 593 36.87 -7.61 53.81
CA SER B 593 35.97 -6.80 52.94
C SER B 593 36.24 -5.31 52.99
N LEU B 594 36.71 -4.84 54.12
CA LEU B 594 36.96 -3.41 54.36
C LEU B 594 38.29 -2.88 53.85
N VAL B 595 39.36 -3.58 54.20
CA VAL B 595 40.72 -3.23 53.81
C VAL B 595 40.99 -2.97 52.30
N PRO B 596 40.53 -3.84 51.40
CA PRO B 596 40.57 -3.50 49.99
C PRO B 596 39.95 -2.15 49.59
N VAL B 597 38.89 -1.71 50.27
CA VAL B 597 38.27 -0.45 49.97
C VAL B 597 39.14 0.69 50.54
N LEU B 598 39.68 0.50 51.74
CA LEU B 598 40.56 1.47 52.33
C LEU B 598 41.83 1.73 51.49
N TYR B 599 42.46 0.69 50.96
CA TYR B 599 43.65 0.84 50.09
C TYR B 599 43.35 1.08 48.58
N GLY B 600 42.09 1.22 48.21
CA GLY B 600 41.74 1.55 46.86
C GLY B 600 41.78 0.45 45.85
N ASP B 601 41.97 -0.78 46.27
CA ASP B 601 41.81 -1.87 45.30
C ASP B 601 40.43 -1.94 44.66
N VAL B 602 39.41 -1.49 45.42
CA VAL B 602 38.03 -1.39 45.00
C VAL B 602 37.52 -0.09 45.59
N ALA B 603 36.91 0.78 44.80
CA ALA B 603 36.32 2.03 45.29
C ALA B 603 35.03 1.72 46.08
N PRO B 604 34.73 2.49 47.14
CA PRO B 604 33.46 2.31 47.80
C PRO B 604 32.28 2.70 46.94
N SER B 605 31.20 1.92 47.07
CA SER B 605 30.00 2.11 46.31
C SER B 605 28.73 1.95 47.12
N GLY B 606 28.86 1.75 48.42
CA GLY B 606 27.70 1.62 49.26
C GLY B 606 27.05 2.99 49.47
N LYS B 607 25.73 2.99 49.70
CA LYS B 607 25.07 4.18 50.12
C LYS B 607 24.12 3.92 51.27
N LEU B 608 23.86 4.98 52.05
CA LEU B 608 22.97 4.87 53.20
C LEU B 608 21.58 4.38 52.85
N PRO B 609 21.10 3.34 53.54
CA PRO B 609 19.74 2.83 53.37
C PRO B 609 18.74 3.41 54.39
N TRP B 610 19.20 4.38 55.19
CA TRP B 610 18.31 5.27 55.90
C TRP B 610 18.94 6.64 56.01
N THR B 611 18.29 7.52 56.73
CA THR B 611 18.78 8.87 56.98
C THR B 611 19.58 8.97 58.29
N TRP B 612 20.67 9.73 58.19
CA TRP B 612 21.60 10.03 59.28
C TRP B 612 21.41 11.49 59.74
N GLY B 613 20.48 11.70 60.67
CA GLY B 613 20.22 13.02 61.19
C GLY B 613 21.24 13.47 62.21
N LYS B 614 21.33 14.79 62.41
CA LYS B 614 22.28 15.35 63.39
C LYS B 614 21.90 15.11 64.84
N SER B 615 20.60 14.91 65.07
CA SER B 615 20.02 14.68 66.38
C SER B 615 18.82 13.70 66.28
N ILE B 616 18.67 12.89 67.32
CA ILE B 616 17.49 12.07 67.49
C ILE B 616 16.20 12.89 67.39
N ASP B 617 16.27 14.16 67.78
CA ASP B 617 15.12 15.09 67.67
C ASP B 617 14.64 15.40 66.23
N ASP B 618 15.42 15.03 65.21
CA ASP B 618 15.06 15.35 63.82
C ASP B 618 14.12 14.36 63.18
N TYR B 619 13.79 13.28 63.88
CA TYR B 619 13.05 12.16 63.28
C TYR B 619 11.58 12.22 63.70
N VAL B 620 10.79 11.25 63.21
CA VAL B 620 9.39 11.10 63.51
C VAL B 620 9.25 11.18 65.01
N PRO B 621 8.39 12.09 65.52
CA PRO B 621 8.15 12.16 66.99
C PRO B 621 7.58 10.89 67.59
N ASN B 622 7.98 10.63 68.83
CA ASN B 622 7.44 9.51 69.59
C ASN B 622 7.76 8.18 68.92
N GLY B 623 8.97 8.07 68.43
CA GLY B 623 9.42 6.89 67.80
C GLY B 623 9.40 5.69 68.69
N VAL B 624 9.68 5.90 69.97
CA VAL B 624 9.39 4.87 70.95
C VAL B 624 8.64 5.41 72.13
N VAL B 625 7.49 4.81 72.43
CA VAL B 625 6.72 5.24 73.54
C VAL B 625 7.03 4.39 74.79
N TYR B 626 7.25 5.09 75.89
CA TYR B 626 7.65 4.51 77.15
C TYR B 626 6.50 4.81 78.10
N THR B 627 5.81 3.79 78.59
CA THR B 627 4.67 4.05 79.49
C THR B 627 4.42 2.84 80.36
N ASP B 628 3.86 3.08 81.56
CA ASP B 628 3.46 1.98 82.44
C ASP B 628 1.96 1.73 82.36
N ALA B 629 1.22 2.45 81.50
CA ALA B 629 -0.23 2.20 81.38
C ALA B 629 -0.51 0.74 81.01
N TYR B 630 -1.63 0.22 81.50
CA TYR B 630 -2.01 -1.14 81.20
C TYR B 630 -2.23 -1.34 79.69
N SER B 631 -2.74 -0.31 79.00
CA SER B 631 -2.94 -0.33 77.57
C SER B 631 -2.08 0.71 76.83
N PRO B 632 -0.82 0.37 76.50
CA PRO B 632 0.06 1.37 75.87
C PRO B 632 -0.27 1.58 74.41
N GLN B 633 -0.15 2.83 73.96
CA GLN B 633 -0.60 3.30 72.63
C GLN B 633 0.53 3.98 71.87
N SER B 634 0.64 3.70 70.57
CA SER B 634 1.50 4.46 69.68
C SER B 634 0.68 4.89 68.45
N ASN B 635 0.44 6.18 68.40
CA ASN B 635 -0.47 6.86 67.49
C ASN B 635 0.48 7.21 66.31
N PHE B 636 0.21 6.68 65.12
CA PHE B 636 1.08 6.97 63.98
C PHE B 636 0.57 8.23 63.24
N THR B 637 0.58 9.38 63.92
CA THR B 637 -0.10 10.55 63.39
C THR B 637 0.72 11.18 62.23
N GLU B 638 2.04 10.96 62.20
CA GLU B 638 2.88 11.33 61.07
C GLU B 638 2.47 10.73 59.71
N GLY B 639 1.64 9.68 59.71
CA GLY B 639 1.19 9.06 58.48
C GLY B 639 2.33 8.40 57.72
N VAL B 640 2.38 8.64 56.42
CA VAL B 640 3.42 8.12 55.55
C VAL B 640 4.80 8.76 55.70
N PHE B 641 4.92 9.80 56.48
CA PHE B 641 6.16 10.53 56.54
C PHE B 641 7.10 9.90 57.56
N ILE B 642 7.75 8.80 57.24
CA ILE B 642 8.74 8.23 58.11
C ILE B 642 10.06 8.47 57.43
N ASP B 643 11.14 8.35 58.15
CA ASP B 643 12.52 8.54 57.67
C ASP B 643 12.68 9.79 56.79
N TYR B 644 13.27 9.65 55.62
CA TYR B 644 13.54 10.78 54.77
C TYR B 644 12.29 11.50 54.38
N ARG B 645 11.13 10.88 54.37
CA ARG B 645 10.02 11.72 54.01
C ARG B 645 9.59 12.67 55.07
N TRP B 646 9.89 12.34 56.31
CA TRP B 646 9.72 13.27 57.39
C TRP B 646 10.72 14.46 57.29
N PHE B 647 12.01 14.19 57.03
CA PHE B 647 13.04 15.23 56.92
C PHE B 647 12.69 16.20 55.81
N ASP B 648 12.35 15.63 54.65
CA ASP B 648 12.00 16.41 53.43
C ASP B 648 10.80 17.29 53.63
N LYS B 649 9.74 16.77 54.26
CA LYS B 649 8.52 17.54 54.50
C LYS B 649 8.73 18.64 55.52
N MET B 650 9.50 18.39 56.57
CA MET B 650 9.75 19.40 57.62
C MET B 650 10.89 20.42 57.33
N GLY B 651 11.60 20.24 56.22
CA GLY B 651 12.74 21.09 55.86
C GLY B 651 13.89 20.91 56.85
N ILE B 652 14.15 19.67 57.29
CA ILE B 652 15.28 19.38 58.16
C ILE B 652 16.38 18.75 57.30
N THR B 653 17.56 19.34 57.37
CA THR B 653 18.75 18.95 56.62
C THR B 653 19.49 17.87 57.44
N PRO B 654 19.58 16.61 56.92
CA PRO B 654 20.35 15.64 57.69
C PRO B 654 21.84 15.91 57.49
N ARG B 655 22.67 15.36 58.38
CA ARG B 655 24.10 15.30 58.14
C ARG B 655 24.42 14.49 56.88
N TYR B 656 23.92 13.26 56.80
CA TYR B 656 24.06 12.41 55.60
C TYR B 656 22.69 11.90 55.23
N GLU B 657 22.25 12.21 54.02
CA GLU B 657 20.89 11.88 53.61
C GLU B 657 20.71 10.44 53.10
N PHE B 658 19.47 9.98 53.09
CA PHE B 658 19.11 8.67 52.50
C PHE B 658 19.65 8.58 51.09
N GLY B 659 20.24 7.44 50.78
CA GLY B 659 20.89 7.22 49.49
C GLY B 659 22.24 7.93 49.32
N PHE B 660 22.90 8.37 50.40
CA PHE B 660 24.19 9.05 50.26
C PHE B 660 25.37 8.11 50.43
N GLY B 661 26.33 8.25 49.56
CA GLY B 661 27.63 7.64 49.77
C GLY B 661 28.65 8.24 48.84
N LEU B 662 29.85 8.51 49.31
CA LEU B 662 30.90 9.02 48.43
C LEU B 662 31.59 7.86 47.71
N SER B 663 32.32 8.18 46.67
CA SER B 663 33.19 7.23 45.94
C SER B 663 34.61 7.86 45.98
N TYR B 664 35.58 7.24 45.33
CA TYR B 664 36.87 7.87 45.02
C TYR B 664 36.91 8.58 43.67
N THR B 665 35.76 8.69 42.99
CA THR B 665 35.64 9.42 41.74
C THR B 665 34.30 10.12 41.79
N THR B 666 33.95 10.85 40.76
CA THR B 666 32.71 11.63 40.75
C THR B 666 32.00 11.28 39.49
N PHE B 667 30.68 11.50 39.47
CA PHE B 667 29.84 11.12 38.32
C PHE B 667 28.98 12.29 37.95
N THR B 668 28.83 12.56 36.67
CA THR B 668 27.93 13.54 36.18
C THR B 668 26.69 12.86 35.51
N TYR B 669 25.51 13.40 35.80
CA TYR B 669 24.24 12.91 35.24
C TYR B 669 23.80 13.75 34.05
N SER B 670 23.23 13.09 33.05
CA SER B 670 22.81 13.76 31.84
C SER B 670 21.74 12.94 31.11
N ASN B 671 21.04 13.61 30.17
CA ASN B 671 20.12 12.97 29.23
C ASN B 671 19.04 12.04 29.82
N LEU B 672 18.21 12.63 30.66
CA LEU B 672 16.97 12.06 31.20
C LEU B 672 15.89 11.91 30.11
N ILE B 673 15.41 10.67 29.94
CA ILE B 673 14.48 10.28 28.90
C ILE B 673 13.32 9.58 29.57
N VAL B 674 12.13 10.08 29.39
CA VAL B 674 10.98 9.38 29.90
C VAL B 674 10.33 8.69 28.68
N ASP B 675 10.43 7.35 28.61
CA ASP B 675 10.03 6.63 27.43
C ASP B 675 8.68 5.96 27.69
N HIS B 676 7.61 6.56 27.14
CA HIS B 676 6.24 6.03 27.31
C HIS B 676 5.93 4.87 26.39
N GLY B 677 6.84 4.62 25.45
CA GLY B 677 6.74 3.53 24.50
C GLY B 677 7.18 2.19 25.03
N ARG B 678 7.78 2.19 26.22
CA ARG B 678 8.40 1.02 26.79
C ARG B 678 7.65 0.56 28.02
N TRP B 679 6.64 -0.24 27.76
CA TRP B 679 5.68 -0.68 28.74
C TRP B 679 5.59 -2.19 28.57
N ALA B 680 5.05 -2.88 29.56
CA ALA B 680 4.90 -4.32 29.47
C ALA B 680 4.04 -4.91 30.58
N LYS B 681 3.39 -6.02 30.24
CA LYS B 681 2.48 -6.68 31.10
C LYS B 681 3.32 -7.37 32.19
N ASP B 682 2.78 -7.51 33.39
CA ASP B 682 3.44 -8.31 34.43
C ASP B 682 3.14 -9.86 34.25
N TYR B 683 4.12 -10.66 33.84
CA TYR B 683 4.02 -12.15 33.85
C TYR B 683 4.90 -12.81 34.89
N SER B 684 5.94 -12.09 35.34
CA SER B 684 7.04 -12.59 36.18
C SER B 684 6.60 -13.24 37.51
N SER B 685 5.72 -12.58 38.25
CA SER B 685 5.42 -12.91 39.66
C SER B 685 4.99 -14.37 39.90
N VAL B 686 5.41 -14.90 41.03
CA VAL B 686 5.14 -16.29 41.40
C VAL B 686 3.70 -16.47 41.87
N MET B 687 3.26 -15.52 42.71
CA MET B 687 1.88 -15.40 43.20
C MET B 687 1.28 -14.03 42.90
N GLU B 688 -0.05 -13.91 42.95
CA GLU B 688 -0.74 -12.69 42.55
C GLU B 688 -1.55 -12.11 43.69
N THR B 689 -1.51 -10.78 43.84
CA THR B 689 -2.40 -10.12 44.76
C THR B 689 -3.76 -9.83 44.14
N ALA B 690 -4.73 -9.39 44.95
CA ALA B 690 -6.04 -8.91 44.44
C ALA B 690 -6.27 -7.44 44.87
N GLU B 691 -5.24 -6.65 44.74
CA GLU B 691 -5.28 -5.25 45.13
C GLU B 691 -6.17 -4.52 44.15
N PRO B 692 -7.23 -3.87 44.64
CA PRO B 692 -8.10 -3.20 43.70
C PRO B 692 -7.52 -1.90 43.21
N PHE B 693 -7.82 -1.62 41.95
CA PHE B 693 -7.37 -0.42 41.31
C PHE B 693 -8.31 0.01 40.20
N ALA B 694 -8.30 1.31 39.95
CA ALA B 694 -9.28 1.96 39.11
C ALA B 694 -9.21 1.57 37.66
N GLU B 695 -8.01 1.32 37.15
CA GLU B 695 -7.79 1.00 35.76
C GLU B 695 -7.94 -0.52 35.48
N TRP B 696 -8.45 -1.30 36.43
CA TRP B 696 -8.66 -2.75 36.24
C TRP B 696 -9.64 -3.03 35.07
N ASP B 697 -9.27 -3.95 34.20
CA ASP B 697 -10.01 -4.22 32.99
C ASP B 697 -10.21 -5.72 32.75
N GLY B 698 -9.90 -6.57 33.71
CA GLY B 698 -10.02 -8.01 33.59
C GLY B 698 -8.74 -8.76 33.28
N THR B 699 -7.74 -8.07 32.76
CA THR B 699 -6.50 -8.69 32.44
C THR B 699 -5.26 -8.02 32.99
N ASN B 700 -5.25 -6.70 33.06
CA ASN B 700 -4.11 -5.95 33.55
C ASN B 700 -3.71 -6.11 35.01
N SER B 701 -2.77 -5.31 35.46
CA SER B 701 -2.28 -5.42 36.80
C SER B 701 -1.74 -4.16 37.40
N LEU B 702 -1.89 -3.99 38.69
CA LEU B 702 -1.25 -2.86 39.36
C LEU B 702 0.24 -2.88 39.08
N TYR B 703 0.79 -4.04 38.79
CA TYR B 703 2.23 -4.24 38.60
C TYR B 703 2.70 -4.29 37.14
N ASP B 704 1.86 -3.93 36.18
CA ASP B 704 2.34 -3.73 34.82
C ASP B 704 3.33 -2.56 34.79
N VAL B 705 4.35 -2.64 33.91
CA VAL B 705 5.17 -1.44 33.69
C VAL B 705 4.50 -0.58 32.65
N ILE B 706 4.28 0.67 33.04
CA ILE B 706 3.51 1.61 32.22
C ILE B 706 4.37 2.54 31.46
N PHE B 707 5.58 2.84 31.94
CA PHE B 707 6.63 3.44 31.16
C PHE B 707 8.01 3.20 31.78
N THR B 708 9.07 3.59 31.05
CA THR B 708 10.44 3.38 31.52
C THR B 708 11.24 4.65 31.44
N VAL B 709 11.99 4.99 32.51
CA VAL B 709 12.84 6.16 32.47
C VAL B 709 14.33 5.82 32.35
N PHE B 710 15.08 6.59 31.53
CA PHE B 710 16.49 6.35 31.28
C PHE B 710 17.31 7.58 31.63
N ALA B 711 18.60 7.36 31.93
CA ALA B 711 19.52 8.46 32.16
C ALA B 711 20.95 7.96 31.90
N THR B 712 21.86 8.91 31.79
CA THR B 712 23.26 8.65 31.48
C THR B 712 24.12 9.16 32.61
N ILE B 713 25.05 8.31 33.07
CA ILE B 713 26.08 8.75 33.98
C ILE B 713 27.44 8.68 33.27
N THR B 714 28.30 9.63 33.61
CA THR B 714 29.65 9.70 33.07
C THR B 714 30.63 9.77 34.24
N ASN B 715 31.69 8.95 34.22
CA ASN B 715 32.72 9.03 35.24
C ASN B 715 33.61 10.20 34.86
N THR B 716 33.61 11.16 35.74
CA THR B 716 34.11 12.47 35.48
C THR B 716 35.26 12.79 36.47
N GLY B 717 35.75 11.80 37.22
CA GLY B 717 36.90 11.98 38.11
C GLY B 717 38.11 11.18 37.60
N ASN B 718 38.96 10.73 38.50
CA ASN B 718 40.30 10.19 38.13
C ASN B 718 40.44 8.69 38.37
N LEU B 719 39.41 8.04 38.91
CA LEU B 719 39.47 6.58 39.08
C LEU B 719 38.18 5.92 38.65
N THR B 720 38.30 4.64 38.34
CA THR B 720 37.20 3.74 38.15
C THR B 720 36.34 3.61 39.42
N GLY B 721 35.03 3.56 39.22
CA GLY B 721 34.10 3.47 40.34
C GLY B 721 32.76 2.92 39.92
N SER B 722 32.04 2.41 40.90
CA SER B 722 30.64 2.06 40.75
C SER B 722 29.77 3.14 41.36
N GLU B 723 28.50 3.17 40.97
CA GLU B 723 27.61 4.31 41.23
C GLU B 723 26.21 3.76 41.27
N VAL B 724 25.56 4.01 42.41
CA VAL B 724 24.14 3.76 42.57
C VAL B 724 23.32 4.96 42.11
N ALA B 725 22.70 4.83 40.96
CA ALA B 725 21.76 5.82 40.47
C ALA B 725 20.35 5.59 41.07
N GLN B 726 19.66 6.66 41.45
CA GLN B 726 18.36 6.61 42.15
C GLN B 726 17.31 7.46 41.39
N LEU B 727 16.04 6.98 41.38
CA LEU B 727 14.95 7.72 40.75
C LEU B 727 13.90 8.00 41.83
N TYR B 728 13.45 9.25 41.89
CA TYR B 728 12.46 9.74 42.87
C TYR B 728 11.30 10.37 42.12
N ILE B 729 10.09 10.13 42.63
CA ILE B 729 8.84 10.60 42.05
C ILE B 729 8.08 11.43 43.09
N SER B 730 7.61 12.61 42.72
CA SER B 730 6.68 13.43 43.54
C SER B 730 5.34 13.19 42.91
N ILE B 731 4.49 12.47 43.61
CA ILE B 731 3.16 12.14 43.17
C ILE B 731 2.32 13.31 43.64
N PRO B 732 1.48 13.91 42.77
CA PRO B 732 0.67 15.09 43.19
C PRO B 732 -0.53 14.70 44.04
N GLY B 733 -1.13 15.70 44.65
CA GLY B 733 -2.23 15.49 45.60
C GLY B 733 -1.88 16.24 46.87
N ASP B 734 -2.77 16.20 47.86
CA ASP B 734 -2.50 16.96 49.08
C ASP B 734 -1.80 16.11 50.14
N ASN B 735 -0.90 16.76 50.88
CA ASN B 735 -0.17 16.10 51.93
C ASN B 735 0.61 14.89 51.40
N GLN B 736 1.28 15.09 50.25
CA GLN B 736 2.12 14.04 49.62
C GLN B 736 3.56 14.22 50.01
N PRO B 737 4.26 13.10 50.17
CA PRO B 737 5.72 13.26 50.27
C PRO B 737 6.32 14.15 49.18
N VAL B 738 7.26 15.01 49.58
CA VAL B 738 8.04 15.78 48.61
C VAL B 738 8.59 14.86 47.51
N ARG B 739 9.24 13.75 47.89
CA ARG B 739 9.69 12.81 46.88
C ARG B 739 9.72 11.41 47.45
N GLN B 740 9.59 10.41 46.58
CA GLN B 740 9.50 9.00 46.96
C GLN B 740 10.41 8.18 46.03
N LEU B 741 11.28 7.38 46.61
CA LEU B 741 12.10 6.54 45.79
C LEU B 741 11.24 5.55 44.98
N ARG B 742 11.52 5.42 43.68
CA ARG B 742 10.85 4.47 42.76
C ARG B 742 11.77 3.75 41.80
N GLY B 743 13.08 3.85 42.04
CA GLY B 743 14.03 3.13 41.21
C GLY B 743 15.46 3.26 41.67
N PHE B 744 16.24 2.23 41.42
CA PHE B 744 17.67 2.32 41.60
C PHE B 744 18.34 1.40 40.64
N ASP B 745 19.60 1.67 40.31
CA ASP B 745 20.31 0.90 39.31
C ASP B 745 21.77 1.14 39.59
N LYS B 746 22.52 0.06 39.86
CA LYS B 746 23.92 0.16 40.25
C LYS B 746 24.83 -0.14 39.07
N ILE B 747 25.51 0.88 38.57
CA ILE B 747 26.52 0.68 37.50
C ILE B 747 27.89 0.19 38.06
N LYS B 748 28.33 -0.95 37.56
CA LYS B 748 29.55 -1.59 38.05
C LYS B 748 30.80 -1.11 37.26
N ASP B 749 31.74 -0.47 37.97
CA ASP B 749 33.14 -0.31 37.47
C ASP B 749 33.22 0.44 36.14
N LEU B 750 32.67 1.65 36.18
CA LEU B 750 32.64 2.58 35.08
C LEU B 750 34.03 3.21 35.02
N PRO B 751 34.78 2.96 33.92
CA PRO B 751 36.11 3.58 33.84
C PRO B 751 36.08 5.10 33.63
N VAL B 752 37.16 5.74 33.99
CA VAL B 752 37.36 7.17 33.81
C VAL B 752 36.98 7.59 32.39
N GLY B 753 36.09 8.57 32.28
CA GLY B 753 35.65 9.10 31.00
C GLY B 753 34.57 8.35 30.25
N ASP B 754 34.22 7.14 30.67
CA ASP B 754 33.17 6.37 30.03
C ASP B 754 31.79 6.74 30.65
N SER B 755 30.77 6.33 29.89
CA SER B 755 29.36 6.62 30.14
C SER B 755 28.60 5.32 30.14
N ALA B 756 27.51 5.30 30.86
CA ALA B 756 26.63 4.16 30.87
C ALA B 756 25.21 4.63 31.08
N VAL B 757 24.28 3.93 30.48
CA VAL B 757 22.91 4.21 30.60
C VAL B 757 22.31 3.41 31.75
N VAL B 758 21.40 4.08 32.45
CA VAL B 758 20.76 3.61 33.70
C VAL B 758 19.28 3.52 33.35
N THR B 759 18.62 2.43 33.74
CA THR B 759 17.24 2.20 33.32
C THR B 759 16.34 1.90 34.53
N PHE B 760 15.16 2.51 34.52
CA PHE B 760 14.22 2.50 35.65
C PHE B 760 12.78 2.18 35.17
N PRO B 761 12.38 0.90 35.19
CA PRO B 761 11.00 0.59 34.79
C PRO B 761 10.01 1.04 35.87
N ILE B 762 8.92 1.69 35.47
CA ILE B 762 7.94 2.26 36.42
C ILE B 762 6.64 1.54 36.28
N ARG B 763 6.20 0.88 37.35
CA ARG B 763 4.94 0.13 37.34
C ARG B 763 3.74 1.03 37.63
N ARG B 764 2.52 0.54 37.36
CA ARG B 764 1.30 1.30 37.66
C ARG B 764 1.29 1.71 39.15
N LYS B 765 1.61 0.78 40.05
CA LYS B 765 1.56 1.03 41.49
C LYS B 765 2.53 2.12 41.91
N ASP B 766 3.66 2.21 41.22
CA ASP B 766 4.73 3.19 41.53
C ASP B 766 4.32 4.65 41.42
N VAL B 767 3.22 4.91 40.73
CA VAL B 767 2.75 6.23 40.35
C VAL B 767 1.30 6.38 40.87
N SER B 768 0.85 5.51 41.77
CA SER B 768 -0.51 5.50 42.26
C SER B 768 -0.61 6.02 43.69
N SER B 769 -1.83 6.31 44.08
CA SER B 769 -2.20 6.66 45.46
C SER B 769 -3.34 5.78 45.84
N TRP B 770 -3.51 5.53 47.14
CA TRP B 770 -4.62 4.70 47.65
C TRP B 770 -5.73 5.66 48.04
N SER B 771 -6.95 5.37 47.60
CA SER B 771 -8.13 6.20 47.94
C SER B 771 -8.84 5.55 49.12
N VAL B 772 -8.85 6.23 50.24
CA VAL B 772 -9.53 5.71 51.42
C VAL B 772 -11.04 5.65 51.16
N VAL B 773 -11.55 6.66 50.47
CA VAL B 773 -12.96 6.73 50.14
C VAL B 773 -13.36 5.60 49.21
N ASP B 774 -12.65 5.41 48.11
CA ASP B 774 -13.00 4.34 47.12
C ASP B 774 -12.47 2.95 47.45
N GLN B 775 -11.58 2.87 48.43
CA GLN B 775 -10.91 1.63 48.72
C GLN B 775 -10.23 1.03 47.48
N LEU B 776 -9.42 1.83 46.82
CA LEU B 776 -8.68 1.33 45.67
C LEU B 776 -7.48 2.21 45.32
N TRP B 777 -6.49 1.63 44.62
CA TRP B 777 -5.37 2.36 44.05
C TRP B 777 -5.81 3.04 42.77
N TYR B 778 -5.36 4.28 42.58
CA TYR B 778 -5.57 5.03 41.32
C TYR B 778 -4.36 5.90 40.96
N VAL B 779 -4.19 6.17 39.68
CA VAL B 779 -3.14 7.14 39.27
C VAL B 779 -3.77 8.51 39.26
N PRO B 780 -3.30 9.45 40.09
CA PRO B 780 -3.91 10.79 39.98
C PRO B 780 -3.60 11.55 38.70
N ASN B 781 -4.53 12.42 38.31
CA ASN B 781 -4.23 13.42 37.30
C ASN B 781 -3.57 14.58 38.03
N GLY B 782 -2.65 15.24 37.37
CA GLY B 782 -1.80 16.20 38.07
C GLY B 782 -0.39 16.03 37.58
N ASP B 783 0.44 16.98 38.00
CA ASP B 783 1.87 17.00 37.74
C ASP B 783 2.68 16.07 38.64
N PHE B 784 3.34 15.09 38.04
CA PHE B 784 4.39 14.31 38.70
C PHE B 784 5.73 14.98 38.40
N LEU B 785 6.63 15.05 39.37
CA LEU B 785 8.01 15.36 39.04
C LEU B 785 8.80 14.07 39.16
N ILE B 786 9.70 13.84 38.20
CA ILE B 786 10.59 12.68 38.20
C ILE B 786 12.01 13.18 38.28
N SER B 787 12.77 12.78 39.31
CA SER B 787 14.14 13.25 39.55
CA SER B 787 14.13 13.26 39.56
C SER B 787 15.09 12.08 39.62
N VAL B 788 16.24 12.21 38.97
CA VAL B 788 17.26 11.23 38.97
C VAL B 788 18.61 11.81 39.45
N GLY B 789 19.28 11.01 40.27
CA GLY B 789 20.62 11.34 40.74
C GLY B 789 21.19 10.32 41.73
N GLY B 790 22.11 10.81 42.55
CA GLY B 790 23.02 9.98 43.32
C GLY B 790 22.73 9.92 44.79
N SER B 791 21.78 10.71 45.27
CA SER B 791 21.18 10.59 46.58
C SER B 791 19.81 11.28 46.63
N SER B 792 19.11 11.18 47.74
CA SER B 792 17.78 11.80 47.83
C SER B 792 17.80 13.38 47.87
N ARG B 793 18.95 14.00 48.10
CA ARG B 793 19.13 15.47 48.08
C ARG B 793 20.07 15.95 47.01
N ASP B 794 20.52 15.06 46.15
CA ASP B 794 21.50 15.39 45.12
C ASP B 794 20.94 14.88 43.77
N LEU B 795 20.08 15.70 43.17
CA LEU B 795 19.18 15.29 42.08
C LEU B 795 19.23 16.29 40.92
N PRO B 796 20.27 16.19 40.08
CA PRO B 796 20.42 17.20 39.04
C PRO B 796 19.47 17.06 37.82
N LEU B 797 18.97 15.84 37.52
CA LEU B 797 17.99 15.63 36.45
C LEU B 797 16.59 15.65 36.98
N ASN B 798 15.68 16.33 36.27
CA ASN B 798 14.29 16.36 36.60
C ASN B 798 13.41 16.70 35.37
N THR B 799 12.19 16.19 35.39
CA THR B 799 11.23 16.46 34.35
C THR B 799 9.82 16.22 34.93
N THR B 800 8.84 16.72 34.21
CA THR B 800 7.46 16.71 34.68
C THR B 800 6.67 15.79 33.76
N TRP B 801 5.89 14.88 34.35
CA TRP B 801 5.00 14.04 33.62
C TRP B 801 3.58 14.34 34.12
N THR B 802 2.72 14.71 33.17
CA THR B 802 1.30 14.84 33.40
C THR B 802 0.60 13.74 32.60
N PRO B 803 -0.05 12.78 33.27
CA PRO B 803 -0.53 11.56 32.68
C PRO B 803 -0.99 11.56 31.24
N HIS B 804 -1.91 12.41 30.80
CA HIS B 804 -2.16 12.37 29.32
C HIS B 804 -1.90 13.70 28.60
N HIS B 805 -1.06 14.55 29.22
CA HIS B 805 -0.52 15.80 28.65
C HIS B 805 -1.66 16.82 28.37
N TRP C 49 -59.78 -18.33 11.58
CA TRP C 49 -59.79 -17.03 12.34
C TRP C 49 -60.40 -15.83 11.60
N PRO C 50 -61.63 -15.47 11.96
CA PRO C 50 -62.38 -14.53 11.14
C PRO C 50 -62.05 -13.03 11.41
N ALA C 51 -62.28 -12.22 10.38
CA ALA C 51 -61.94 -10.79 10.40
C ALA C 51 -63.01 -10.01 11.15
N PRO C 52 -62.72 -9.45 12.33
CA PRO C 52 -63.75 -8.58 12.91
C PRO C 52 -63.91 -7.25 12.17
N LEU C 53 -65.10 -6.67 12.27
CA LEU C 53 -65.41 -5.42 11.61
C LEU C 53 -64.96 -4.26 12.46
N ALA C 54 -64.35 -3.28 11.83
CA ALA C 54 -64.08 -2.02 12.48
C ALA C 54 -65.37 -1.42 13.08
N ASN C 55 -65.20 -0.74 14.19
CA ASN C 55 -66.30 -0.01 14.87
C ASN C 55 -65.85 1.40 15.34
N GLY C 56 -64.63 1.84 15.04
CA GLY C 56 -64.16 3.17 15.46
C GLY C 56 -63.51 3.27 16.84
N GLY C 57 -63.64 2.21 17.65
CA GLY C 57 -63.05 2.17 18.98
C GLY C 57 -63.36 3.44 19.77
N LYS C 58 -62.39 4.00 20.45
CA LYS C 58 -62.66 5.02 21.44
C LYS C 58 -62.64 6.41 20.81
N SER C 59 -61.51 6.84 20.22
CA SER C 59 -61.38 8.22 19.77
C SER C 59 -61.84 8.50 18.35
N TRP C 60 -61.99 7.44 17.55
CA TRP C 60 -62.35 7.58 16.13
C TRP C 60 -63.83 7.32 15.82
N ALA C 61 -64.71 7.53 16.77
CA ALA C 61 -66.06 7.06 16.65
C ALA C 61 -66.69 7.78 15.50
N SER C 62 -66.58 9.10 15.50
CA SER C 62 -67.25 9.87 14.50
C SER C 62 -66.56 9.81 13.16
N ALA C 63 -65.24 9.67 13.19
CA ALA C 63 -64.46 9.44 11.95
C ALA C 63 -64.80 8.08 11.30
N PHE C 64 -64.99 7.07 12.09
CA PHE C 64 -65.50 5.78 11.57
C PHE C 64 -66.88 5.94 10.90
N LYS C 65 -67.77 6.72 11.51
CA LYS C 65 -69.10 6.92 10.92
C LYS C 65 -69.07 7.67 9.59
N LYS C 66 -68.25 8.72 9.46
CA LYS C 66 -68.08 9.36 8.12
C LYS C 66 -67.43 8.38 7.15
N ALA C 67 -66.47 7.62 7.64
CA ALA C 67 -65.87 6.61 6.77
C ALA C 67 -66.95 5.58 6.25
N LYS C 68 -67.78 5.09 7.17
CA LYS C 68 -68.84 4.15 6.80
C LYS C 68 -69.85 4.85 5.84
N ALA C 69 -70.09 6.12 6.06
CA ALA C 69 -70.99 6.90 5.21
C ALA C 69 -70.54 6.86 3.76
N THR C 70 -69.25 7.10 3.55
CA THR C 70 -68.68 7.13 2.21
C THR C 70 -68.54 5.72 1.59
N VAL C 71 -68.08 4.74 2.36
CA VAL C 71 -67.86 3.39 1.84
C VAL C 71 -69.16 2.77 1.39
N THR C 72 -70.22 2.87 2.20
CA THR C 72 -71.53 2.39 1.82
C THR C 72 -71.99 2.79 0.36
N GLU C 73 -71.60 3.98 -0.11
CA GLU C 73 -71.94 4.47 -1.44
C GLU C 73 -71.00 3.96 -2.58
N MET C 74 -69.96 3.22 -2.24
CA MET C 74 -68.93 2.90 -3.21
C MET C 74 -69.31 1.69 -4.07
N THR C 75 -68.93 1.76 -5.34
CA THR C 75 -68.95 0.58 -6.24
C THR C 75 -67.78 -0.33 -5.98
N VAL C 76 -67.89 -1.54 -6.50
CA VAL C 76 -66.85 -2.54 -6.41
C VAL C 76 -65.55 -2.06 -7.02
N GLU C 77 -65.69 -1.42 -8.17
CA GLU C 77 -64.55 -0.85 -8.91
C GLU C 77 -63.87 0.27 -8.06
N GLU C 78 -64.64 1.04 -7.29
CA GLU C 78 -64.08 2.11 -6.41
C GLU C 78 -63.43 1.54 -5.13
N LEU C 79 -64.01 0.47 -4.58
CA LEU C 79 -63.42 -0.25 -3.45
C LEU C 79 -62.07 -0.82 -3.84
N ALA C 80 -61.94 -1.25 -5.09
CA ALA C 80 -60.73 -1.84 -5.54
C ALA C 80 -59.67 -0.79 -5.84
N ASN C 81 -60.11 0.43 -6.06
CA ASN C 81 -59.23 1.50 -6.41
C ASN C 81 -58.54 2.06 -5.16
N ILE C 82 -59.31 2.34 -4.12
CA ILE C 82 -58.76 2.79 -2.85
C ILE C 82 -57.89 1.72 -2.10
N THR C 83 -58.09 0.44 -2.33
CA THR C 83 -57.36 -0.59 -1.62
C THR C 83 -56.07 -1.04 -2.31
N SER C 84 -55.70 -0.44 -3.42
CA SER C 84 -54.50 -0.85 -4.16
C SER C 84 -53.72 0.38 -4.65
N GLY C 85 -52.42 0.25 -4.77
CA GLY C 85 -51.61 1.42 -5.09
C GLY C 85 -51.69 1.78 -6.55
N VAL C 86 -51.47 3.07 -6.84
CA VAL C 86 -51.44 3.59 -8.21
C VAL C 86 -50.13 4.32 -8.38
N ILE C 87 -49.82 4.83 -9.57
CA ILE C 87 -48.57 5.48 -9.87
C ILE C 87 -48.63 6.91 -9.40
N GLY C 88 -47.61 7.35 -8.66
CA GLY C 88 -47.39 8.76 -8.43
C GLY C 88 -46.06 9.13 -7.80
N LEU C 89 -45.99 10.38 -7.39
CA LEU C 89 -44.73 10.96 -6.95
C LEU C 89 -44.19 10.37 -5.62
N CYS C 90 -45.06 9.81 -4.79
CA CYS C 90 -44.73 9.31 -3.44
C CYS C 90 -44.39 7.86 -3.44
N SER C 91 -43.83 7.35 -2.33
CA SER C 91 -43.49 5.95 -2.21
C SER C 91 -44.69 5.07 -2.62
N GLY C 92 -45.89 5.49 -2.23
CA GLY C 92 -47.15 4.82 -2.63
C GLY C 92 -48.30 5.78 -2.66
N VAL C 93 -49.28 5.48 -3.51
CA VAL C 93 -50.44 6.34 -3.71
C VAL C 93 -51.65 5.40 -3.76
N THR C 94 -52.68 5.63 -2.93
CA THR C 94 -53.97 4.90 -3.04
C THR C 94 -54.73 5.49 -4.23
N GLY C 95 -55.51 4.66 -4.97
CA GLY C 95 -56.36 5.20 -6.06
C GLY C 95 -57.41 6.16 -5.49
N ALA C 96 -57.74 7.23 -6.22
CA ALA C 96 -58.85 8.14 -5.84
C ALA C 96 -60.24 7.45 -5.88
N VAL C 97 -61.20 7.97 -5.14
CA VAL C 97 -62.59 7.65 -5.45
C VAL C 97 -63.19 8.90 -6.04
N THR C 98 -63.00 9.07 -7.35
CA THR C 98 -63.15 10.42 -7.89
C THR C 98 -64.62 10.95 -7.91
N ARG C 99 -65.59 10.03 -7.96
CA ARG C 99 -67.02 10.36 -7.87
C ARG C 99 -67.41 10.98 -6.54
N LEU C 100 -66.78 10.52 -5.46
CA LEU C 100 -67.16 10.96 -4.10
C LEU C 100 -66.20 11.99 -3.54
N GLY C 101 -65.25 12.44 -4.35
CA GLY C 101 -64.32 13.50 -3.90
C GLY C 101 -63.19 13.04 -2.97
N ILE C 102 -62.86 11.74 -2.97
CA ILE C 102 -61.75 11.25 -2.22
C ILE C 102 -60.53 11.31 -3.13
N PRO C 103 -59.57 12.16 -2.81
CA PRO C 103 -58.38 12.17 -3.62
C PRO C 103 -57.49 10.94 -3.34
N GLU C 104 -56.46 10.79 -4.18
CA GLU C 104 -55.31 9.92 -3.95
C GLU C 104 -54.62 10.29 -2.64
N PHE C 105 -54.27 9.28 -1.85
CA PHE C 105 -53.48 9.46 -0.63
C PHE C 105 -52.03 9.16 -0.93
N CYS C 106 -51.19 10.14 -0.66
CA CYS C 106 -49.74 10.02 -0.59
C CYS C 106 -49.23 9.25 0.66
N LEU C 107 -48.65 8.06 0.48
CA LEU C 107 -47.92 7.39 1.53
C LEU C 107 -46.39 7.59 1.28
N GLN C 108 -45.69 8.06 2.32
CA GLN C 108 -44.32 8.48 2.19
C GLN C 108 -43.49 8.03 3.41
N ASP C 109 -42.35 7.43 3.09
CA ASP C 109 -41.24 7.20 4.01
C ASP C 109 -40.73 8.53 4.52
N GLY C 110 -40.14 8.52 5.69
CA GLY C 110 -39.84 7.32 6.48
C GLY C 110 -39.65 7.71 7.93
N PRO C 111 -39.11 6.79 8.74
CA PRO C 111 -39.04 7.10 10.17
C PRO C 111 -38.10 8.20 10.66
N ILE C 112 -37.40 8.93 9.79
CA ILE C 112 -36.73 10.18 10.23
C ILE C 112 -37.35 11.43 9.59
N GLY C 113 -38.47 11.26 8.93
CA GLY C 113 -39.05 12.37 8.19
C GLY C 113 -39.20 12.09 6.73
N PRO C 114 -39.85 13.01 6.01
CA PRO C 114 -40.13 12.76 4.60
C PRO C 114 -38.85 12.59 3.77
N ARG C 115 -38.71 11.46 3.13
CA ARG C 115 -37.52 11.03 2.38
C ARG C 115 -37.61 11.39 0.90
N GLY C 116 -36.47 11.64 0.26
CA GLY C 116 -36.38 11.94 -1.21
C GLY C 116 -36.86 13.31 -1.60
N VAL C 117 -36.86 14.19 -0.61
CA VAL C 117 -37.52 15.48 -0.67
C VAL C 117 -36.46 16.55 -0.36
N HIS C 118 -36.38 17.64 -1.13
CA HIS C 118 -35.55 18.83 -0.74
C HIS C 118 -36.42 19.75 0.14
N GLY C 119 -35.86 20.80 0.68
CA GLY C 119 -36.58 21.70 1.57
C GLY C 119 -37.02 21.20 2.95
N SER C 120 -36.36 20.17 3.46
CA SER C 120 -36.73 19.59 4.73
C SER C 120 -35.43 19.48 5.55
N SER C 121 -35.57 18.92 6.74
CA SER C 121 -34.48 18.78 7.68
C SER C 121 -34.12 17.29 7.77
N GLN C 122 -32.91 16.96 8.16
CA GLN C 122 -32.57 15.53 8.41
C GLN C 122 -32.51 15.36 9.90
N PHE C 123 -33.58 14.80 10.43
CA PHE C 123 -33.68 14.49 11.85
C PHE C 123 -32.80 13.29 12.22
N PRO C 124 -32.44 13.18 13.51
CA PRO C 124 -31.75 12.00 13.99
C PRO C 124 -32.63 10.76 13.95
N ALA C 125 -31.98 9.60 13.95
CA ALA C 125 -32.65 8.34 13.81
C ALA C 125 -33.23 7.88 15.12
N GLY C 126 -34.08 6.85 15.05
CA GLY C 126 -34.81 6.38 16.24
C GLY C 126 -33.80 5.91 17.30
N LEU C 127 -32.72 5.32 16.84
CA LEU C 127 -31.64 4.89 17.68
C LEU C 127 -31.18 6.03 18.57
N THR C 128 -30.97 7.18 17.94
CA THR C 128 -30.45 8.34 18.56
C THR C 128 -31.37 8.92 19.62
N VAL C 129 -32.68 9.05 19.35
CA VAL C 129 -33.61 9.52 20.39
C VAL C 129 -33.75 8.53 21.52
N ALA C 130 -33.69 7.24 21.24
CA ALA C 130 -33.74 6.25 22.30
C ALA C 130 -32.66 6.55 23.37
N ALA C 131 -31.44 6.72 22.90
CA ALA C 131 -30.29 7.01 23.75
C ALA C 131 -30.44 8.26 24.58
N THR C 132 -31.37 9.16 24.25
CA THR C 132 -31.69 10.28 25.15
C THR C 132 -32.42 9.88 26.38
N TRP C 133 -33.12 8.75 26.33
CA TRP C 133 -33.99 8.31 27.45
C TRP C 133 -34.95 9.43 27.92
N ASP C 134 -35.35 10.29 27.00
CA ASP C 134 -36.01 11.56 27.29
C ASP C 134 -37.35 11.58 26.55
N ARG C 135 -38.41 11.57 27.31
CA ARG C 135 -39.75 11.40 26.75
C ARG C 135 -40.14 12.63 25.95
N THR C 136 -39.76 13.79 26.49
CA THR C 136 -39.99 15.13 25.91
C THR C 136 -39.39 15.26 24.52
N LEU C 137 -38.17 14.75 24.38
CA LEU C 137 -37.47 14.78 23.10
C LEU C 137 -38.05 13.77 22.14
N MET C 138 -38.44 12.60 22.65
CA MET C 138 -39.08 11.61 21.81
C MET C 138 -40.35 12.21 21.16
N TYR C 139 -41.17 12.91 21.95
CA TYR C 139 -42.43 13.46 21.42
C TYR C 139 -42.10 14.60 20.43
N ALA C 140 -41.18 15.50 20.84
CA ALA C 140 -40.91 16.71 20.05
C ALA C 140 -40.34 16.35 18.69
N ARG C 141 -39.39 15.41 18.66
CA ARG C 141 -38.86 14.88 17.43
C ARG C 141 -39.94 14.50 16.44
N ALA C 142 -40.91 13.67 16.88
CA ALA C 142 -41.99 13.20 16.01
C ALA C 142 -42.94 14.27 15.59
N ARG C 143 -43.24 15.19 16.50
CA ARG C 143 -44.04 16.38 16.20
C ARG C 143 -43.40 17.19 15.08
N GLY C 144 -42.09 17.43 15.16
CA GLY C 144 -41.33 18.14 14.12
C GLY C 144 -41.27 17.37 12.79
N MET C 145 -40.97 16.09 12.82
CA MET C 145 -41.11 15.24 11.61
C MET C 145 -42.50 15.35 10.96
N GLY C 146 -43.53 15.30 11.81
CA GLY C 146 -44.91 15.48 11.40
C GLY C 146 -45.29 16.77 10.68
N GLN C 147 -44.89 17.91 11.26
CA GLN C 147 -45.08 19.20 10.59
C GLN C 147 -44.49 19.15 9.20
N GLU C 148 -43.30 18.58 9.06
CA GLU C 148 -42.64 18.52 7.74
C GLU C 148 -43.29 17.52 6.81
N PHE C 149 -43.72 16.34 7.31
CA PHE C 149 -44.57 15.43 6.48
C PHE C 149 -45.80 16.23 5.93
N HIS C 150 -46.51 16.88 6.84
CA HIS C 150 -47.77 17.53 6.49
C HIS C 150 -47.55 18.62 5.46
N ASP C 151 -46.57 19.50 5.71
CA ASP C 151 -46.28 20.61 4.85
C ASP C 151 -45.67 20.18 3.52
N GLN C 152 -45.09 18.99 3.43
CA GLN C 152 -44.70 18.48 2.15
C GLN C 152 -45.84 17.86 1.38
N GLY C 153 -47.05 17.73 1.98
CA GLY C 153 -48.19 17.13 1.33
C GLY C 153 -48.48 15.67 1.61
N VAL C 154 -47.88 15.11 2.64
CA VAL C 154 -48.08 13.70 2.97
C VAL C 154 -49.33 13.44 3.86
N HIS C 155 -50.15 12.48 3.45
CA HIS C 155 -51.35 11.99 4.18
C HIS C 155 -51.02 10.93 5.24
N LEU C 156 -50.24 9.91 4.80
CA LEU C 156 -49.80 8.75 5.57
C LEU C 156 -48.28 8.68 5.58
N ALA C 157 -47.71 8.81 6.79
CA ALA C 157 -46.29 8.58 7.00
C ALA C 157 -45.99 7.09 7.32
N LEU C 158 -45.03 6.54 6.57
CA LEU C 158 -44.56 5.21 6.75
C LEU C 158 -43.55 5.19 7.94
N ALA C 159 -44.10 5.37 9.14
CA ALA C 159 -43.33 5.59 10.38
C ALA C 159 -44.37 5.60 11.43
N PRO C 160 -43.99 5.42 12.66
CA PRO C 160 -42.65 5.02 13.07
C PRO C 160 -42.42 3.51 13.01
N VAL C 161 -41.24 3.13 13.43
CA VAL C 161 -40.88 1.76 13.62
C VAL C 161 -41.05 1.45 15.08
N THR C 162 -41.94 0.50 15.35
CA THR C 162 -42.42 0.24 16.69
C THR C 162 -42.32 -1.21 17.04
N GLY C 163 -41.13 -1.75 16.92
CA GLY C 163 -40.82 -3.08 17.43
C GLY C 163 -40.61 -4.13 16.36
N GLY C 164 -40.50 -3.73 15.09
CA GLY C 164 -40.08 -4.63 14.01
C GLY C 164 -39.15 -3.95 12.99
N PRO C 165 -37.82 -4.08 13.12
CA PRO C 165 -37.11 -4.94 14.08
C PRO C 165 -36.99 -4.38 15.48
N LEU C 166 -36.96 -5.30 16.41
CA LEU C 166 -36.87 -5.02 17.80
C LEU C 166 -35.48 -5.18 18.33
N GLY C 167 -34.73 -6.16 17.87
CA GLY C 167 -33.38 -6.36 18.32
C GLY C 167 -32.85 -7.73 18.69
N ARG C 168 -33.37 -8.78 18.06
CA ARG C 168 -32.97 -10.14 18.29
C ARG C 168 -31.52 -10.32 17.94
N THR C 169 -31.10 -9.68 16.88
CA THR C 169 -29.69 -9.65 16.48
C THR C 169 -29.14 -8.23 16.41
N PRO C 170 -27.97 -8.00 17.00
CA PRO C 170 -27.32 -6.68 16.91
C PRO C 170 -26.69 -6.41 15.54
N LEU C 171 -26.84 -7.31 14.57
CA LEU C 171 -26.35 -7.14 13.21
C LEU C 171 -27.41 -6.69 12.19
N ASN C 172 -28.64 -6.56 12.62
CA ASN C 172 -29.73 -6.14 11.73
C ASN C 172 -29.39 -4.83 10.99
N GLY C 173 -29.41 -4.87 9.67
CA GLY C 173 -29.00 -3.69 8.89
C GLY C 173 -29.88 -2.48 9.08
N ARG C 174 -31.12 -2.72 9.47
CA ARG C 174 -32.02 -1.66 9.74
C ARG C 174 -32.50 -1.52 11.16
N GLY C 175 -31.76 -2.04 12.13
CA GLY C 175 -32.17 -1.91 13.53
C GLY C 175 -32.15 -0.48 14.05
N TRP C 176 -31.23 0.31 13.49
CA TRP C 176 -31.11 1.77 13.73
C TRP C 176 -32.39 2.59 13.48
N GLU C 177 -33.29 2.08 12.65
CA GLU C 177 -34.54 2.74 12.42
C GLU C 177 -35.43 2.72 13.67
N GLY C 178 -35.38 1.63 14.45
CA GLY C 178 -36.20 1.52 15.69
C GLY C 178 -35.56 2.28 16.88
N THR C 179 -35.71 1.76 18.09
CA THR C 179 -35.34 2.51 19.27
C THR C 179 -34.52 1.88 20.37
N PHE C 180 -35.14 1.07 21.22
CA PHE C 180 -34.48 0.28 22.20
C PHE C 180 -34.62 -1.19 21.85
N ALA C 181 -33.68 -2.02 22.29
CA ALA C 181 -33.79 -3.49 22.18
C ALA C 181 -34.47 -4.02 23.44
N ASP C 182 -35.69 -3.56 23.67
CA ASP C 182 -36.39 -3.81 24.92
C ASP C 182 -37.84 -3.45 24.73
N PRO C 183 -38.76 -4.36 25.04
CA PRO C 183 -40.18 -4.11 24.78
C PRO C 183 -40.73 -2.92 25.56
N TYR C 184 -40.36 -2.74 26.81
CA TYR C 184 -40.93 -1.62 27.58
C TYR C 184 -40.55 -0.24 27.02
N ALA C 185 -39.26 -0.06 26.81
CA ALA C 185 -38.74 1.23 26.39
C ALA C 185 -39.10 1.45 24.94
N CYS C 186 -39.02 0.40 24.09
CA CYS C 186 -39.53 0.56 22.70
C CYS C 186 -40.99 0.94 22.70
N GLY C 187 -41.77 0.32 23.54
CA GLY C 187 -43.17 0.64 23.62
C GLY C 187 -43.46 2.06 24.06
N GLU C 188 -42.78 2.56 25.12
CA GLU C 188 -42.89 3.96 25.50
C GLU C 188 -42.49 4.90 24.38
N ALA C 189 -41.42 4.61 23.67
CA ALA C 189 -41.02 5.46 22.54
C ALA C 189 -41.95 5.42 21.34
N SER C 190 -42.57 4.27 21.10
CA SER C 190 -43.55 4.12 20.03
C SER C 190 -44.80 4.91 20.32
N TYR C 191 -45.26 4.84 21.53
CA TYR C 191 -46.43 5.62 21.96
C TYR C 191 -46.25 7.10 21.58
N LEU C 192 -45.14 7.64 22.04
CA LEU C 192 -44.89 9.07 21.92
C LEU C 192 -44.59 9.46 20.49
N SER C 193 -43.94 8.56 19.74
CA SER C 193 -43.71 8.84 18.33
C SER C 193 -45.00 8.85 17.51
N VAL C 194 -45.88 7.89 17.76
CA VAL C 194 -47.18 7.86 17.09
C VAL C 194 -47.96 9.13 17.49
N LYS C 195 -48.04 9.41 18.78
CA LYS C 195 -48.67 10.66 19.26
C LYS C 195 -48.17 11.96 18.58
N GLY C 196 -46.88 12.06 18.35
CA GLY C 196 -46.31 13.29 17.79
C GLY C 196 -46.66 13.48 16.34
N LEU C 197 -46.62 12.37 15.60
CA LEU C 197 -46.90 12.39 14.19
C LEU C 197 -48.35 12.66 13.97
N THR C 198 -49.23 11.95 14.71
CA THR C 198 -50.70 12.18 14.56
C THR C 198 -51.09 13.55 15.07
N ASP C 199 -50.46 14.05 16.14
CA ASP C 199 -50.71 15.46 16.57
C ASP C 199 -50.43 16.54 15.50
N ALA C 200 -49.54 16.22 14.54
CA ALA C 200 -49.20 17.17 13.46
C ALA C 200 -50.10 17.10 12.29
N GLY C 201 -51.01 16.15 12.22
CA GLY C 201 -51.90 16.02 11.07
C GLY C 201 -51.56 14.92 10.06
N VAL C 202 -50.59 14.04 10.35
CA VAL C 202 -50.30 12.96 9.42
C VAL C 202 -50.69 11.61 10.04
N ALA C 203 -51.35 10.79 9.25
CA ALA C 203 -51.71 9.47 9.69
C ALA C 203 -50.43 8.66 9.73
N THR C 204 -50.27 7.81 10.75
CA THR C 204 -49.12 6.93 10.87
C THR C 204 -49.42 5.52 10.37
N VAL C 205 -48.36 4.89 9.84
CA VAL C 205 -48.36 3.51 9.50
C VAL C 205 -47.20 2.92 10.26
N SER C 206 -47.46 2.46 11.48
CA SER C 206 -46.44 1.85 12.33
C SER C 206 -46.04 0.56 11.80
N LYS C 207 -44.74 0.27 11.88
CA LYS C 207 -44.21 -0.92 11.23
C LYS C 207 -43.07 -1.57 12.00
N HIS C 208 -42.71 -2.82 11.76
CA HIS C 208 -43.27 -3.80 10.84
C HIS C 208 -43.86 -4.94 11.64
N TRP C 209 -45.15 -5.19 11.50
CA TRP C 209 -45.76 -6.35 12.16
C TRP C 209 -45.45 -7.65 11.36
N ILE C 210 -44.74 -8.64 11.90
CA ILE C 210 -44.16 -8.75 13.26
C ILE C 210 -43.08 -9.85 13.21
N ALA C 211 -42.17 -9.83 14.17
CA ALA C 211 -41.06 -10.74 14.25
C ALA C 211 -40.10 -10.66 13.06
N TYR C 212 -39.90 -9.41 12.62
CA TYR C 212 -39.13 -9.09 11.43
C TYR C 212 -37.75 -8.77 11.94
N GLU C 213 -37.00 -9.82 12.20
CA GLU C 213 -35.74 -9.74 12.94
C GLU C 213 -34.49 -9.98 12.10
N GLN C 214 -34.64 -10.10 10.80
CA GLN C 214 -33.48 -10.17 9.93
C GLN C 214 -33.81 -9.68 8.50
N GLU C 215 -32.81 -9.03 7.90
CA GLU C 215 -32.90 -8.54 6.55
C GLU C 215 -32.55 -9.59 5.56
N THR C 216 -31.59 -10.44 5.94
CA THR C 216 -31.16 -11.55 5.10
C THR C 216 -32.35 -12.50 4.75
N SER C 217 -32.56 -12.72 3.47
CA SER C 217 -33.65 -13.58 2.98
C SER C 217 -35.01 -13.04 3.37
N ARG C 218 -35.12 -11.72 3.56
CA ARG C 218 -36.43 -11.10 3.72
C ARG C 218 -37.25 -11.35 2.44
N ASN C 219 -36.58 -11.34 1.30
CA ASN C 219 -37.10 -11.79 0.03
C ASN C 219 -38.42 -11.16 -0.38
N LEU C 220 -38.32 -9.91 -0.81
CA LEU C 220 -39.42 -9.22 -1.39
C LEU C 220 -39.97 -10.04 -2.55
N TYR C 221 -41.29 -10.02 -2.75
CA TYR C 221 -41.87 -10.52 -3.97
C TYR C 221 -41.48 -9.60 -5.11
N ILE C 222 -40.75 -10.15 -6.09
CA ILE C 222 -40.48 -9.51 -7.38
C ILE C 222 -40.83 -10.54 -8.47
N ASP C 223 -41.55 -10.10 -9.50
CA ASP C 223 -41.83 -10.88 -10.69
C ASP C 223 -41.65 -9.94 -11.86
N ILE C 224 -40.57 -10.09 -12.59
CA ILE C 224 -40.33 -9.22 -13.76
C ILE C 224 -39.58 -10.06 -14.81
N ASP C 225 -40.08 -9.99 -16.04
CA ASP C 225 -39.71 -10.88 -17.18
C ASP C 225 -40.06 -12.36 -16.93
N GLY C 226 -41.25 -12.63 -16.39
CA GLY C 226 -41.74 -14.00 -16.15
C GLY C 226 -41.07 -14.86 -15.06
N VAL C 227 -40.00 -14.35 -14.44
CA VAL C 227 -39.23 -15.05 -13.39
C VAL C 227 -39.51 -14.39 -12.01
N SER C 228 -40.13 -15.14 -11.11
CA SER C 228 -40.58 -14.62 -9.81
C SER C 228 -39.67 -15.04 -8.64
N GLN C 229 -39.63 -14.22 -7.58
CA GLN C 229 -38.89 -14.59 -6.37
C GLN C 229 -39.41 -15.93 -5.83
N ALA C 230 -40.67 -16.27 -6.07
CA ALA C 230 -41.26 -17.60 -5.67
C ALA C 230 -40.58 -18.86 -6.29
N ASP C 231 -39.89 -18.68 -7.42
CA ASP C 231 -39.10 -19.75 -8.04
C ASP C 231 -37.73 -19.92 -7.41
N ILE C 232 -37.22 -18.85 -6.76
CA ILE C 232 -35.92 -18.89 -6.11
C ILE C 232 -35.98 -19.26 -4.60
N GLN C 233 -36.71 -18.51 -3.78
CA GLN C 233 -36.64 -18.72 -2.31
C GLN C 233 -37.78 -17.99 -1.65
N LEU C 234 -38.39 -18.63 -0.65
CA LEU C 234 -39.44 -17.99 0.13
C LEU C 234 -38.77 -17.11 1.18
N PRO C 235 -39.54 -16.20 1.77
CA PRO C 235 -38.98 -15.42 2.87
C PRO C 235 -38.65 -16.22 4.13
N ILE C 236 -37.62 -15.82 4.85
CA ILE C 236 -37.27 -16.38 6.14
C ILE C 236 -38.55 -16.52 6.98
N SER C 237 -38.64 -17.59 7.78
CA SER C 237 -39.80 -17.84 8.63
C SER C 237 -39.38 -17.74 10.07
N SER C 238 -39.91 -16.71 10.75
CA SER C 238 -39.73 -16.53 12.17
C SER C 238 -40.69 -17.48 12.85
N ASN C 239 -40.19 -18.48 13.57
CA ASN C 239 -41.07 -19.48 14.22
C ASN C 239 -41.08 -19.14 15.68
N VAL C 240 -42.20 -18.54 16.09
CA VAL C 240 -42.30 -17.88 17.38
C VAL C 240 -43.41 -18.53 18.18
N ASP C 241 -43.08 -19.01 19.36
CA ASP C 241 -44.09 -19.50 20.29
C ASP C 241 -44.99 -18.39 20.93
N ASP C 242 -46.09 -18.81 21.55
CA ASP C 242 -47.13 -17.87 21.94
C ASP C 242 -46.69 -16.98 23.09
N LEU C 243 -46.01 -17.52 24.08
CA LEU C 243 -45.49 -16.70 25.18
C LEU C 243 -44.60 -15.52 24.67
N THR C 244 -43.68 -15.86 23.78
CA THR C 244 -42.72 -14.93 23.22
C THR C 244 -43.42 -13.85 22.40
N MET C 245 -44.35 -14.29 21.54
CA MET C 245 -45.17 -13.36 20.79
C MET C 245 -45.79 -12.35 21.75
N HIS C 246 -46.39 -12.83 22.88
CA HIS C 246 -47.11 -11.92 23.76
C HIS C 246 -46.23 -11.04 24.64
N GLU C 247 -45.16 -11.58 25.18
CA GLU C 247 -44.41 -10.85 26.17
C GLU C 247 -43.27 -10.02 25.54
N LEU C 248 -42.90 -10.31 24.30
CA LEU C 248 -41.81 -9.62 23.63
C LEU C 248 -42.29 -8.82 22.42
N TYR C 249 -42.72 -9.47 21.36
CA TYR C 249 -42.91 -8.80 20.09
C TYR C 249 -44.18 -7.92 19.99
N MET C 250 -45.29 -8.39 20.52
CA MET C 250 -46.53 -7.61 20.53
C MET C 250 -46.51 -6.35 21.43
N TRP C 251 -45.66 -6.32 22.45
CA TRP C 251 -45.66 -5.23 23.45
C TRP C 251 -45.62 -3.83 22.84
N SER C 252 -44.66 -3.59 21.96
CA SER C 252 -44.52 -2.26 21.37
C SER C 252 -45.71 -1.95 20.49
N PHE C 253 -46.21 -2.97 19.79
CA PHE C 253 -47.35 -2.78 18.90
C PHE C 253 -48.61 -2.43 19.67
N ALA C 254 -48.84 -3.03 20.83
CA ALA C 254 -50.00 -2.64 21.68
C ALA C 254 -49.89 -1.16 22.09
N GLU C 255 -48.69 -0.68 22.41
CA GLU C 255 -48.51 0.75 22.73
C GLU C 255 -48.83 1.64 21.51
N ALA C 256 -48.42 1.21 20.33
CA ALA C 256 -48.66 1.98 19.13
C ALA C 256 -50.17 2.06 18.84
N VAL C 257 -50.89 0.95 19.06
CA VAL C 257 -52.36 0.89 18.92
C VAL C 257 -53.03 1.79 19.92
N ARG C 258 -52.60 1.73 21.18
CA ARG C 258 -53.15 2.60 22.25
C ARG C 258 -52.84 4.08 22.02
N ALA C 259 -51.73 4.41 21.34
CA ALA C 259 -51.50 5.82 20.99
C ALA C 259 -52.33 6.32 19.79
N GLY C 260 -52.98 5.37 19.09
CA GLY C 260 -53.82 5.70 17.99
C GLY C 260 -53.16 5.62 16.69
N THR C 261 -52.21 4.70 16.50
CA THR C 261 -51.61 4.57 15.17
C THR C 261 -52.68 4.27 14.18
N ASN C 262 -52.72 4.98 13.06
CA ASN C 262 -53.89 4.89 12.18
C ASN C 262 -53.89 3.63 11.35
N HIS C 263 -52.69 3.17 10.99
CA HIS C 263 -52.45 1.96 10.25
C HIS C 263 -51.24 1.28 10.82
N ILE C 264 -51.02 0.09 10.31
CA ILE C 264 -49.88 -0.75 10.67
C ILE C 264 -49.41 -1.44 9.36
N MET C 265 -48.09 -1.52 9.16
CA MET C 265 -47.51 -2.24 7.99
C MET C 265 -47.19 -3.64 8.43
N CYS C 266 -47.58 -4.65 7.64
CA CYS C 266 -47.13 -6.06 7.96
C CYS C 266 -45.67 -6.21 7.54
N SER C 267 -45.08 -7.40 7.62
CA SER C 267 -43.64 -7.53 7.47
C SER C 267 -43.29 -8.46 6.29
N TYR C 268 -42.06 -8.42 5.83
CA TYR C 268 -41.57 -9.38 4.80
C TYR C 268 -41.47 -10.87 5.24
N ASN C 269 -41.04 -11.11 6.45
CA ASN C 269 -40.86 -12.48 6.95
C ASN C 269 -42.19 -13.25 6.97
N ARG C 270 -42.15 -14.57 6.76
CA ARG C 270 -43.26 -15.46 7.10
C ARG C 270 -43.23 -15.64 8.64
N ILE C 271 -44.35 -16.02 9.25
CA ILE C 271 -44.40 -16.44 10.66
C ILE C 271 -45.01 -17.84 10.70
N ASN C 272 -44.31 -18.79 11.33
CA ASN C 272 -44.73 -20.21 11.29
C ASN C 272 -45.06 -20.66 9.87
N ASN C 273 -44.22 -20.21 8.94
CA ASN C 273 -44.34 -20.59 7.52
C ASN C 273 -45.54 -20.03 6.78
N THR C 274 -46.26 -19.10 7.40
CA THR C 274 -47.27 -18.31 6.72
C THR C 274 -46.84 -16.85 6.56
N HIS C 275 -47.00 -16.28 5.38
CA HIS C 275 -46.66 -14.87 5.13
C HIS C 275 -47.37 -13.92 6.08
N SER C 276 -46.64 -12.97 6.64
CA SER C 276 -47.16 -12.02 7.61
C SER C 276 -48.35 -11.27 7.02
N CYS C 277 -48.24 -10.88 5.74
CA CYS C 277 -49.28 -10.07 5.14
C CYS C 277 -50.57 -10.88 4.82
N SER C 278 -50.58 -12.20 5.03
CA SER C 278 -51.78 -12.99 4.95
C SER C 278 -51.81 -14.06 6.01
N ASN C 279 -51.43 -13.71 7.21
CA ASN C 279 -51.41 -14.61 8.34
C ASN C 279 -52.57 -14.30 9.25
N ALA C 280 -53.50 -15.24 9.34
CA ALA C 280 -54.78 -15.02 10.01
C ALA C 280 -54.66 -14.94 11.49
N LYS C 281 -53.84 -15.80 12.06
CA LYS C 281 -53.53 -15.72 13.49
C LYS C 281 -52.86 -14.34 13.79
N GLY C 282 -51.94 -13.90 12.94
CA GLY C 282 -51.24 -12.63 13.11
C GLY C 282 -52.18 -11.44 13.04
N LEU C 283 -52.88 -11.31 11.92
CA LEU C 283 -53.62 -10.10 11.63
C LEU C 283 -55.04 -10.05 12.14
N ASN C 284 -55.79 -11.12 11.90
CA ASN C 284 -57.22 -11.17 12.25
C ASN C 284 -57.44 -11.41 13.73
N GLN C 285 -56.64 -12.29 14.30
CA GLN C 285 -56.77 -12.64 15.69
C GLN C 285 -55.83 -11.78 16.53
N LEU C 286 -54.52 -11.92 16.41
CA LEU C 286 -53.64 -11.21 17.33
C LEU C 286 -53.78 -9.67 17.25
N LEU C 287 -53.82 -9.12 16.04
CA LEU C 287 -53.85 -7.70 15.84
C LEU C 287 -55.27 -7.13 15.87
N LYS C 288 -56.17 -7.62 15.00
CA LYS C 288 -57.56 -7.04 14.92
C LYS C 288 -58.59 -7.39 16.04
N THR C 289 -58.31 -8.44 16.81
CA THR C 289 -59.17 -8.89 17.88
C THR C 289 -58.50 -8.63 19.22
N GLU C 290 -57.41 -9.30 19.54
CA GLU C 290 -56.82 -9.07 20.86
C GLU C 290 -56.23 -7.61 21.11
N LEU C 291 -55.55 -7.02 20.14
CA LEU C 291 -55.18 -5.58 20.27
C LEU C 291 -56.31 -4.71 19.81
N ASN C 292 -57.40 -5.32 19.31
CA ASN C 292 -58.63 -4.56 18.92
C ASN C 292 -58.34 -3.42 17.92
N PHE C 293 -57.37 -3.66 17.04
CA PHE C 293 -56.91 -2.65 16.11
C PHE C 293 -58.04 -2.24 15.16
N GLN C 294 -58.33 -0.97 15.12
CA GLN C 294 -59.41 -0.45 14.34
C GLN C 294 -59.02 0.17 13.06
N GLY C 295 -57.75 0.15 12.76
CA GLY C 295 -57.23 0.84 11.59
C GLY C 295 -56.86 -0.14 10.54
N GLY C 296 -56.17 0.39 9.54
CA GLY C 296 -55.81 -0.45 8.36
C GLY C 296 -54.44 -1.14 8.36
N VAL C 297 -54.38 -2.34 7.77
CA VAL C 297 -53.15 -3.03 7.52
C VAL C 297 -52.63 -2.84 6.10
N VAL C 298 -51.45 -2.26 6.02
CA VAL C 298 -50.82 -1.92 4.74
C VAL C 298 -49.73 -2.97 4.47
N SER C 299 -49.58 -3.39 3.22
CA SER C 299 -48.49 -4.30 2.85
C SER C 299 -47.16 -3.56 2.75
N ASN C 300 -46.07 -4.25 3.06
CA ASN C 300 -44.76 -3.88 2.61
C ASN C 300 -44.75 -3.85 1.10
N TRP C 301 -43.77 -3.14 0.53
CA TRP C 301 -43.61 -3.07 -0.88
C TRP C 301 -42.94 -4.38 -1.26
N GLY C 302 -43.71 -5.26 -1.90
CA GLY C 302 -43.31 -6.65 -2.13
C GLY C 302 -43.67 -7.60 -1.01
N GLY C 303 -44.52 -7.16 -0.08
CA GLY C 303 -44.94 -7.94 1.08
C GLY C 303 -46.10 -8.91 0.79
N GLN C 304 -46.96 -8.52 -0.16
CA GLN C 304 -48.05 -9.35 -0.62
C GLN C 304 -47.62 -10.39 -1.68
N TRP C 305 -47.91 -11.66 -1.38
CA TRP C 305 -47.56 -12.83 -2.23
C TRP C 305 -48.73 -13.54 -2.93
N ASP C 306 -49.96 -13.11 -2.66
CA ASP C 306 -51.19 -13.72 -3.24
C ASP C 306 -52.42 -12.78 -3.17
N SER C 307 -53.45 -13.04 -3.98
CA SER C 307 -54.67 -12.22 -3.94
C SER C 307 -55.67 -12.57 -2.78
N VAL C 308 -55.99 -13.84 -2.63
CA VAL C 308 -57.17 -14.29 -1.88
C VAL C 308 -56.86 -14.45 -0.41
N PRO C 309 -55.80 -15.22 -0.03
CA PRO C 309 -55.53 -15.36 1.41
C PRO C 309 -55.27 -14.01 2.08
N ALA C 310 -54.58 -13.08 1.39
CA ALA C 310 -54.36 -11.74 1.92
C ALA C 310 -55.70 -11.03 2.12
N ALA C 311 -56.60 -11.17 1.15
CA ALA C 311 -57.91 -10.56 1.29
C ALA C 311 -58.69 -11.08 2.49
N GLU C 312 -58.55 -12.36 2.79
CA GLU C 312 -59.32 -13.01 3.82
C GLU C 312 -58.70 -12.89 5.19
N ASN C 313 -57.37 -12.85 5.24
CA ASN C 313 -56.64 -13.01 6.52
C ASN C 313 -56.07 -11.72 7.20
N GLY C 314 -56.47 -10.55 6.71
CA GLY C 314 -56.16 -9.28 7.40
C GLY C 314 -55.61 -8.12 6.61
N LEU C 315 -55.17 -8.34 5.38
CA LEU C 315 -54.60 -7.25 4.63
C LEU C 315 -55.69 -6.30 4.24
N ASP C 316 -55.44 -4.99 4.35
CA ASP C 316 -56.37 -3.92 3.92
C ASP C 316 -55.91 -3.05 2.74
N VAL C 317 -54.59 -2.81 2.59
CA VAL C 317 -54.05 -1.98 1.47
C VAL C 317 -52.90 -2.65 0.74
N ALA C 318 -53.01 -2.80 -0.57
CA ALA C 318 -51.91 -3.43 -1.31
C ALA C 318 -50.99 -2.36 -1.88
N MET C 319 -49.71 -2.49 -1.60
CA MET C 319 -48.72 -1.50 -2.06
C MET C 319 -47.48 -2.17 -2.55
N PRO C 320 -46.92 -1.69 -3.65
CA PRO C 320 -47.32 -0.47 -4.29
C PRO C 320 -48.35 -0.58 -5.45
N GLY C 321 -48.86 -1.78 -5.75
CA GLY C 321 -49.81 -1.91 -6.87
C GLY C 321 -49.19 -1.56 -8.21
N LYS C 322 -49.73 -0.57 -8.90
CA LYS C 322 -49.23 -0.25 -10.24
C LYS C 322 -47.91 0.54 -10.23
N GLY C 323 -47.45 0.99 -9.06
CA GLY C 323 -46.14 1.63 -8.94
C GLY C 323 -45.03 0.63 -9.15
N PHE C 324 -43.83 1.12 -9.46
CA PHE C 324 -42.65 0.26 -9.67
C PHE C 324 -42.88 -0.76 -10.78
N LEU C 325 -43.57 -0.31 -11.85
CA LEU C 325 -43.88 -1.13 -13.04
C LEU C 325 -44.76 -2.39 -12.80
N GLY C 326 -45.34 -2.51 -11.61
CA GLY C 326 -46.01 -3.74 -11.22
C GLY C 326 -45.05 -4.87 -10.89
N ALA C 327 -43.77 -4.55 -10.82
CA ALA C 327 -42.73 -5.53 -10.56
C ALA C 327 -42.81 -6.14 -9.15
N LEU C 328 -43.43 -5.43 -8.19
CA LEU C 328 -43.49 -5.92 -6.81
C LEU C 328 -44.76 -6.71 -6.51
N GLY C 329 -45.47 -7.11 -7.55
CA GLY C 329 -46.76 -7.75 -7.40
C GLY C 329 -47.83 -6.70 -7.50
N ASP C 330 -48.97 -7.16 -8.03
CA ASP C 330 -50.16 -6.38 -8.32
C ASP C 330 -51.33 -7.38 -8.28
N PHE C 331 -51.60 -7.83 -7.08
CA PHE C 331 -52.47 -8.98 -6.79
C PHE C 331 -53.94 -8.63 -6.59
N TRP C 332 -54.23 -7.36 -6.31
CA TRP C 332 -55.58 -6.86 -6.17
C TRP C 332 -55.66 -5.88 -7.35
N GLY C 333 -56.37 -4.78 -7.28
CA GLY C 333 -56.77 -3.93 -8.44
C GLY C 333 -57.89 -4.58 -9.23
N ALA C 334 -57.81 -4.53 -10.55
CA ALA C 334 -58.73 -5.32 -11.42
C ALA C 334 -58.95 -6.79 -10.99
N THR C 335 -57.90 -7.42 -10.46
CA THR C 335 -58.02 -8.80 -10.01
C THR C 335 -59.03 -8.95 -8.86
N LEU C 336 -59.08 -7.94 -7.98
CA LEU C 336 -59.99 -8.00 -6.82
C LEU C 336 -61.38 -7.64 -7.25
N VAL C 337 -61.51 -6.79 -8.25
CA VAL C 337 -62.78 -6.58 -8.90
C VAL C 337 -63.37 -7.95 -9.33
N GLU C 338 -62.58 -8.74 -10.05
CA GLU C 338 -62.98 -10.11 -10.47
C GLU C 338 -63.36 -11.02 -9.31
N LEU C 339 -62.57 -11.06 -8.24
CA LEU C 339 -62.86 -11.93 -7.09
C LEU C 339 -64.16 -11.55 -6.33
N ILE C 340 -64.58 -10.30 -6.41
CA ILE C 340 -65.78 -9.92 -5.73
C ILE C 340 -66.97 -10.30 -6.60
N ASN C 341 -66.93 -9.89 -7.85
CA ASN C 341 -68.00 -10.18 -8.79
C ASN C 341 -68.25 -11.67 -9.08
N ASN C 342 -67.23 -12.52 -8.96
CA ASN C 342 -67.41 -13.96 -9.24
C ASN C 342 -67.57 -14.80 -7.94
N GLY C 343 -67.67 -14.10 -6.81
CA GLY C 343 -68.09 -14.71 -5.55
C GLY C 343 -67.04 -15.25 -4.60
N THR C 344 -65.77 -15.26 -4.97
CA THR C 344 -64.77 -15.91 -4.06
C THR C 344 -64.36 -15.01 -2.86
N VAL C 345 -64.43 -13.69 -3.04
CA VAL C 345 -64.19 -12.75 -1.94
C VAL C 345 -65.44 -11.91 -1.65
N SER C 346 -65.85 -11.89 -0.38
CA SER C 346 -67.01 -11.07 0.11
C SER C 346 -66.87 -9.54 -0.09
N GLU C 347 -67.88 -8.92 -0.67
CA GLU C 347 -67.93 -7.47 -0.79
C GLU C 347 -67.85 -6.76 0.58
N ASP C 348 -68.51 -7.30 1.58
CA ASP C 348 -68.49 -6.72 2.92
C ASP C 348 -67.08 -6.73 3.55
N LEU C 349 -66.34 -7.83 3.39
CA LEU C 349 -64.90 -7.90 3.71
C LEU C 349 -64.13 -6.70 3.15
N VAL C 350 -64.33 -6.42 1.87
CA VAL C 350 -63.60 -5.37 1.21
C VAL C 350 -64.08 -3.98 1.68
N ARG C 351 -65.36 -3.83 2.01
CA ARG C 351 -65.87 -2.59 2.58
C ARG C 351 -65.19 -2.30 3.91
N ASP C 352 -64.99 -3.32 4.75
CA ASP C 352 -64.21 -3.14 5.97
C ASP C 352 -62.79 -2.56 5.71
N LYS C 353 -62.14 -3.03 4.65
CA LYS C 353 -60.81 -2.59 4.35
C LYS C 353 -60.81 -1.10 4.02
N ALA C 354 -61.67 -0.70 3.09
CA ALA C 354 -61.89 0.70 2.80
C ALA C 354 -62.36 1.56 3.99
N VAL C 355 -63.13 1.01 4.92
CA VAL C 355 -63.50 1.78 6.08
C VAL C 355 -62.25 2.02 6.92
N ARG C 356 -61.41 0.98 7.04
CA ARG C 356 -60.21 1.16 7.85
C ARG C 356 -59.29 2.25 7.24
N ILE C 357 -59.23 2.33 5.91
CA ILE C 357 -58.41 3.32 5.26
C ILE C 357 -58.96 4.72 5.46
N LEU C 358 -60.25 4.89 5.23
CA LEU C 358 -60.87 6.21 5.36
C LEU C 358 -61.01 6.74 6.81
N THR C 359 -60.99 5.86 7.80
CA THR C 359 -61.08 6.35 9.18
C THR C 359 -60.04 7.43 9.54
N GLY C 360 -58.82 7.20 9.11
CA GLY C 360 -57.68 8.10 9.38
C GLY C 360 -57.78 9.44 8.70
N TYR C 361 -58.23 9.39 7.44
CA TYR C 361 -58.54 10.54 6.62
C TYR C 361 -59.47 11.49 7.34
N TYR C 362 -60.53 10.96 7.93
CA TYR C 362 -61.54 11.84 8.53
C TYR C 362 -61.15 12.20 9.90
N TYR C 363 -60.61 11.26 10.65
CA TYR C 363 -60.12 11.55 12.01
C TYR C 363 -59.07 12.69 12.04
N LEU C 364 -58.12 12.68 11.11
CA LEU C 364 -57.07 13.71 11.10
C LEU C 364 -57.50 14.93 10.27
N GLY C 365 -58.75 14.92 9.80
CA GLY C 365 -59.37 16.09 9.22
C GLY C 365 -58.74 16.45 7.91
N GLN C 366 -58.34 15.44 7.16
CA GLN C 366 -57.72 15.65 5.86
C GLN C 366 -58.75 15.99 4.74
N ASP C 367 -60.03 15.76 4.98
CA ASP C 367 -61.13 16.26 4.10
C ASP C 367 -61.35 17.81 4.16
N THR C 368 -61.33 18.37 5.35
CA THR C 368 -61.57 19.83 5.59
C THR C 368 -60.25 20.68 5.65
N ASN C 369 -59.13 20.01 5.91
CA ASN C 369 -57.82 20.61 5.86
C ASN C 369 -56.84 19.83 4.97
N PRO C 370 -57.08 19.82 3.65
CA PRO C 370 -56.27 18.91 2.84
C PRO C 370 -54.77 19.22 2.89
N PRO C 371 -53.93 18.19 2.88
CA PRO C 371 -52.52 18.52 2.69
C PRO C 371 -52.32 19.20 1.34
N PRO C 372 -51.34 20.10 1.22
CA PRO C 372 -51.02 20.69 -0.08
C PRO C 372 -50.44 19.66 -1.06
N PRO C 373 -50.34 20.00 -2.36
CA PRO C 373 -49.82 19.00 -3.31
C PRO C 373 -48.38 18.56 -2.97
N PHE C 374 -48.10 17.30 -3.22
CA PHE C 374 -46.81 16.73 -3.05
C PHE C 374 -46.03 16.92 -4.36
N VAL C 375 -44.89 17.63 -4.30
CA VAL C 375 -44.22 18.09 -5.53
C VAL C 375 -42.89 17.45 -5.92
N TYR C 376 -42.38 16.51 -5.14
CA TYR C 376 -41.09 15.91 -5.48
C TYR C 376 -41.26 14.51 -6.06
N ASN C 377 -40.46 14.20 -7.08
CA ASN C 377 -40.35 12.84 -7.56
C ASN C 377 -39.41 12.06 -6.63
N THR C 378 -39.94 11.22 -5.74
CA THR C 378 -39.11 10.43 -4.82
C THR C 378 -38.92 8.99 -5.26
N ILE C 379 -39.45 8.67 -6.44
CA ILE C 379 -39.26 7.34 -7.02
C ILE C 379 -37.95 7.23 -7.79
N GLY C 380 -37.62 8.28 -8.54
CA GLY C 380 -36.48 8.25 -9.47
C GLY C 380 -36.74 7.76 -10.88
N ALA C 381 -36.17 8.46 -11.86
CA ALA C 381 -36.02 7.96 -13.22
C ALA C 381 -35.02 6.82 -13.18
N PRO C 382 -35.14 5.78 -14.02
CA PRO C 382 -36.16 5.63 -15.06
C PRO C 382 -37.51 4.97 -14.60
N THR C 383 -37.63 4.56 -13.35
CA THR C 383 -38.86 3.94 -12.85
C THR C 383 -40.09 4.88 -12.97
N LEU C 384 -39.89 6.16 -12.63
CA LEU C 384 -40.86 7.23 -12.87
C LEU C 384 -40.15 8.46 -13.45
N ASN C 385 -40.56 8.84 -14.66
CA ASN C 385 -40.00 9.99 -15.38
C ASN C 385 -40.96 11.10 -15.14
N ALA C 386 -40.61 11.99 -14.23
CA ALA C 386 -41.44 13.16 -13.90
C ALA C 386 -40.61 14.16 -13.17
N THR C 387 -40.89 15.43 -13.43
CA THR C 387 -40.13 16.54 -12.87
C THR C 387 -40.55 16.79 -11.42
N SER C 388 -39.64 17.36 -10.65
CA SER C 388 -39.90 17.78 -9.29
C SER C 388 -40.09 19.29 -9.27
N GLY C 389 -40.97 19.79 -8.38
CA GLY C 389 -41.02 21.21 -8.04
C GLY C 389 -40.08 21.43 -6.86
N TYR C 390 -40.33 22.48 -6.10
CA TYR C 390 -39.52 22.80 -4.91
C TYR C 390 -40.42 23.44 -3.84
N ARG C 391 -40.30 22.97 -2.61
CA ARG C 391 -40.96 23.60 -1.45
C ARG C 391 -40.04 23.54 -0.24
N ASN C 392 -39.95 24.64 0.51
CA ASN C 392 -39.20 24.73 1.74
C ASN C 392 -40.13 24.78 2.93
N VAL C 393 -39.99 23.81 3.83
CA VAL C 393 -40.83 23.66 5.02
C VAL C 393 -40.06 23.71 6.32
N ARG C 394 -38.77 23.96 6.25
CA ARG C 394 -37.92 24.10 7.41
C ARG C 394 -38.41 25.30 8.20
N LYS C 395 -38.80 25.06 9.43
CA LYS C 395 -39.33 26.06 10.30
C LYS C 395 -38.23 26.41 11.31
N PRO C 396 -38.18 27.70 11.72
CA PRO C 396 -37.23 28.09 12.78
C PRO C 396 -37.56 27.24 14.01
N GLY C 397 -36.54 26.85 14.76
CA GLY C 397 -36.81 25.91 15.86
C GLY C 397 -36.38 24.47 15.53
N THR C 398 -36.45 24.07 14.28
CA THR C 398 -36.24 22.66 13.99
C THR C 398 -34.76 22.28 14.10
N ALA C 399 -33.89 23.16 13.62
CA ALA C 399 -32.43 22.95 13.77
C ALA C 399 -31.99 22.80 15.24
N GLU C 400 -32.47 23.69 16.08
CA GLU C 400 -32.16 23.71 17.51
C GLU C 400 -32.69 22.44 18.15
N LEU C 401 -33.89 22.02 17.78
CA LEU C 401 -34.41 20.72 18.26
C LEU C 401 -33.49 19.55 17.90
N ILE C 402 -33.03 19.50 16.65
CA ILE C 402 -32.19 18.42 16.18
C ILE C 402 -30.84 18.45 16.92
N LYS C 403 -30.30 19.63 17.13
CA LYS C 403 -29.08 19.77 17.89
C LYS C 403 -29.28 19.24 19.31
N GLU C 404 -30.32 19.72 19.98
CA GLU C 404 -30.71 19.31 21.35
C GLU C 404 -30.80 17.78 21.48
N ILE C 405 -31.40 17.11 20.50
CA ILE C 405 -31.47 15.64 20.50
C ILE C 405 -30.07 15.02 20.47
N GLY C 406 -29.22 15.49 19.57
CA GLY C 406 -27.81 15.10 19.55
C GLY C 406 -27.08 15.30 20.89
N SER C 407 -27.24 16.47 21.49
CA SER C 407 -26.52 16.76 22.70
C SER C 407 -26.95 15.89 23.89
N ALA C 408 -28.21 15.50 23.91
CA ALA C 408 -28.78 14.69 24.98
C ALA C 408 -28.60 13.18 24.82
N SER C 409 -28.17 12.74 23.63
CA SER C 409 -28.04 11.29 23.31
C SER C 409 -26.56 10.79 23.33
N VAL C 410 -25.61 11.66 23.00
CA VAL C 410 -24.22 11.25 22.91
C VAL C 410 -23.87 10.57 24.22
N THR C 411 -23.29 9.40 24.11
CA THR C 411 -23.15 8.53 25.25
C THR C 411 -21.67 8.32 25.53
N LEU C 412 -21.28 8.65 26.76
CA LEU C 412 -19.90 8.59 27.19
C LEU C 412 -19.69 7.21 27.77
N LEU C 413 -18.86 6.40 27.11
CA LEU C 413 -18.57 5.02 27.53
C LEU C 413 -17.29 4.82 28.38
N LYS C 414 -16.35 5.76 28.23
CA LYS C 414 -15.08 5.75 28.95
C LYS C 414 -14.54 7.19 29.05
N ASN C 415 -13.97 7.48 30.21
CA ASN C 415 -13.33 8.74 30.46
C ASN C 415 -12.33 8.61 31.63
N THR C 416 -11.03 8.57 31.31
CA THR C 416 -10.00 8.51 32.35
C THR C 416 -9.53 9.87 32.84
N GLY C 417 -10.12 10.95 32.35
CA GLY C 417 -9.79 12.29 32.85
C GLY C 417 -9.66 13.37 31.78
N SER C 418 -9.55 12.97 30.51
CA SER C 418 -9.34 13.92 29.41
C SER C 418 -10.57 14.78 29.07
N LEU C 419 -11.78 14.38 29.47
CA LEU C 419 -13.00 15.16 29.19
C LEU C 419 -13.68 15.58 30.51
N PRO C 420 -14.32 16.78 30.58
CA PRO C 420 -14.36 17.76 29.49
C PRO C 420 -13.01 18.39 29.14
N LEU C 421 -12.89 18.91 27.92
CA LEU C 421 -11.68 19.63 27.54
C LEU C 421 -11.70 20.97 28.19
N LYS C 422 -10.51 21.51 28.41
CA LYS C 422 -10.39 22.84 28.96
C LYS C 422 -10.24 23.93 27.90
N HIS C 423 -9.02 24.10 27.37
CA HIS C 423 -8.67 25.03 26.29
C HIS C 423 -7.41 24.51 25.52
N PRO C 424 -7.48 23.29 24.97
CA PRO C 424 -6.29 22.80 24.29
C PRO C 424 -5.88 23.68 23.12
N GLN C 425 -4.58 23.81 22.97
CA GLN C 425 -3.97 24.75 22.08
C GLN C 425 -3.56 24.08 20.77
N ARG C 426 -3.35 22.76 20.76
CA ARG C 426 -3.03 22.01 19.53
C ARG C 426 -3.88 20.77 19.43
N ILE C 427 -4.67 20.72 18.37
CA ILE C 427 -5.67 19.71 18.26
C ILE C 427 -5.49 18.99 16.96
N ALA C 428 -5.51 17.66 17.02
CA ALA C 428 -5.52 16.84 15.82
C ALA C 428 -6.83 16.10 15.69
N VAL C 429 -7.23 15.86 14.44
CA VAL C 429 -8.48 15.18 14.13
C VAL C 429 -8.21 14.13 13.07
N LEU C 430 -8.73 12.93 13.28
CA LEU C 430 -8.64 11.86 12.29
C LEU C 430 -9.99 11.34 11.82
N GLY C 431 -10.03 11.01 10.52
CA GLY C 431 -11.11 10.25 9.90
C GLY C 431 -12.00 11.08 9.01
N ASN C 432 -12.42 10.51 7.86
CA ASN C 432 -13.34 11.20 6.98
C ASN C 432 -14.70 11.37 7.58
N ASP C 433 -15.02 10.62 8.63
CA ASP C 433 -16.25 10.84 9.42
C ASP C 433 -16.28 12.26 10.08
N ALA C 434 -15.13 12.92 10.17
CA ALA C 434 -15.06 14.26 10.67
C ALA C 434 -15.50 15.31 9.68
N THR C 435 -15.64 15.00 8.37
CA THR C 435 -15.98 16.02 7.38
C THR C 435 -17.06 15.54 6.41
N TYR C 436 -17.17 16.19 5.27
CA TYR C 436 -18.26 15.92 4.27
C TYR C 436 -18.05 14.70 3.46
N ASN C 437 -19.14 14.12 2.99
CA ASN C 437 -19.10 13.17 1.89
C ASN C 437 -18.36 13.92 0.77
N VAL C 438 -17.33 13.35 0.19
CA VAL C 438 -16.56 14.06 -0.85
C VAL C 438 -17.31 14.28 -2.16
N LEU C 439 -18.44 13.60 -2.31
CA LEU C 439 -19.35 13.76 -3.45
C LEU C 439 -20.59 14.61 -3.15
N GLY C 440 -20.73 15.05 -1.90
CA GLY C 440 -21.87 15.87 -1.45
C GLY C 440 -22.78 15.13 -0.48
N PRO C 441 -23.38 15.85 0.47
CA PRO C 441 -24.22 15.16 1.46
C PRO C 441 -25.26 14.18 0.90
N ASN C 442 -25.84 14.48 -0.25
CA ASN C 442 -26.89 13.67 -0.86
C ASN C 442 -26.44 12.83 -2.06
N ALA C 443 -25.12 12.70 -2.25
CA ALA C 443 -24.57 11.99 -3.41
C ALA C 443 -25.00 10.53 -3.47
N CYS C 444 -25.23 9.96 -2.30
CA CYS C 444 -25.73 8.60 -2.20
C CYS C 444 -27.20 8.36 -2.64
N GLY C 445 -27.92 9.42 -3.05
CA GLY C 445 -29.21 9.26 -3.78
C GLY C 445 -30.41 9.25 -2.86
N LEU C 446 -31.55 8.86 -3.39
CA LEU C 446 -32.85 8.99 -2.70
C LEU C 446 -33.04 8.11 -1.45
N ALA C 447 -32.30 7.02 -1.42
CA ALA C 447 -32.26 6.08 -0.31
C ALA C 447 -30.89 5.99 0.44
N ASN C 448 -29.98 6.97 0.25
CA ASN C 448 -28.69 6.95 0.90
C ASN C 448 -27.93 5.58 0.79
N SER C 449 -27.97 4.98 -0.39
CA SER C 449 -27.33 3.68 -0.59
C SER C 449 -26.65 3.45 -1.94
N ALA C 450 -26.54 4.48 -2.77
CA ALA C 450 -26.03 4.29 -4.12
C ALA C 450 -24.59 4.81 -4.34
N CYS C 451 -23.85 5.17 -3.29
CA CYS C 451 -22.40 5.44 -3.47
C CYS C 451 -21.59 4.13 -3.49
N ASP C 452 -20.48 4.14 -4.24
CA ASP C 452 -19.51 3.04 -4.24
C ASP C 452 -19.15 2.53 -2.82
N ILE C 453 -18.97 1.22 -2.68
CA ILE C 453 -18.56 0.57 -1.42
C ILE C 453 -17.38 1.27 -0.72
N ASP C 454 -16.46 1.84 -1.50
CA ASP C 454 -15.30 2.52 -0.92
C ASP C 454 -15.43 4.03 -0.76
N ASN C 455 -16.55 4.66 -1.14
CA ASN C 455 -16.64 6.13 -1.12
C ASN C 455 -16.48 6.68 0.29
N LEU C 456 -15.86 7.86 0.42
CA LEU C 456 -15.74 8.54 1.70
C LEU C 456 -17.03 9.32 1.88
N ASN C 457 -18.01 8.68 2.49
CA ASN C 457 -19.29 9.29 2.79
C ASN C 457 -19.30 10.30 3.91
N GLY C 458 -18.18 10.57 4.57
CA GLY C 458 -18.15 11.64 5.57
C GLY C 458 -19.01 11.26 6.78
N THR C 459 -19.50 12.26 7.53
CA THR C 459 -20.19 12.00 8.77
C THR C 459 -21.40 11.10 8.58
N LEU C 460 -21.48 10.01 9.32
CA LEU C 460 -22.63 9.11 9.24
C LEU C 460 -23.76 9.72 10.06
N THR C 461 -24.62 10.47 9.38
CA THR C 461 -25.67 11.15 10.06
C THR C 461 -27.04 10.43 9.99
N THR C 462 -27.21 9.57 9.00
CA THR C 462 -28.25 8.57 8.98
C THR C 462 -27.79 7.29 8.31
N GLY C 463 -28.59 6.24 8.43
CA GLY C 463 -28.26 4.95 7.79
C GLY C 463 -28.87 4.90 6.43
N GLY C 464 -28.74 3.77 5.75
CA GLY C 464 -29.19 3.67 4.37
C GLY C 464 -30.49 2.94 4.27
N GLY C 465 -31.25 3.25 3.20
CA GLY C 465 -32.48 2.55 2.83
C GLY C 465 -33.68 3.45 2.85
N SER C 466 -34.85 2.84 2.94
CA SER C 466 -36.12 3.58 2.96
C SER C 466 -36.30 4.52 4.18
N GLY C 467 -35.53 4.32 5.23
CA GLY C 467 -35.57 5.17 6.43
C GLY C 467 -34.64 6.37 6.44
N SER C 468 -33.89 6.59 5.36
CA SER C 468 -33.00 7.73 5.31
C SER C 468 -33.79 8.96 4.88
N ALA C 469 -33.08 10.08 4.72
CA ALA C 469 -33.65 11.33 4.20
C ALA C 469 -32.52 12.22 3.78
N LEU C 470 -32.83 13.14 2.88
CA LEU C 470 -31.86 14.12 2.39
C LEU C 470 -31.54 15.18 3.44
N SER C 471 -30.41 15.80 3.27
CA SER C 471 -29.87 16.76 4.20
C SER C 471 -29.71 18.11 3.46
N PRO C 472 -30.10 19.20 4.09
CA PRO C 472 -29.83 20.51 3.51
C PRO C 472 -28.37 20.95 3.60
N TYR C 473 -27.63 20.38 4.54
CA TYR C 473 -26.25 20.68 4.77
C TYR C 473 -25.80 19.71 5.85
N THR C 474 -24.50 19.58 6.10
CA THR C 474 -24.11 18.96 7.33
C THR C 474 -23.10 19.79 8.10
N ILE C 475 -23.38 19.90 9.37
CA ILE C 475 -22.50 20.59 10.24
C ILE C 475 -21.46 19.53 10.65
N THR C 476 -20.27 19.62 10.09
CA THR C 476 -19.29 18.60 10.35
C THR C 476 -18.64 18.70 11.70
N PRO C 477 -18.22 17.56 12.27
CA PRO C 477 -17.44 17.65 13.51
C PRO C 477 -16.24 18.55 13.41
N LEU C 478 -15.56 18.50 12.27
CA LEU C 478 -14.35 19.27 12.10
C LEU C 478 -14.64 20.78 12.11
N GLU C 479 -15.68 21.23 11.43
CA GLU C 479 -16.00 22.66 11.44
C GLU C 479 -16.45 23.16 12.82
N ALA C 480 -17.13 22.36 13.61
CA ALA C 480 -17.53 22.79 14.95
C ALA C 480 -16.34 22.77 15.94
N LEU C 481 -15.41 21.84 15.74
CA LEU C 481 -14.20 21.85 16.56
C LEU C 481 -13.34 23.08 16.22
N GLN C 482 -13.25 23.41 14.95
CA GLN C 482 -12.43 24.51 14.53
C GLN C 482 -12.99 25.79 15.08
N LYS C 483 -14.30 25.94 14.99
CA LYS C 483 -14.95 27.09 15.62
C LYS C 483 -14.49 27.34 17.08
N ARG C 484 -14.51 26.30 17.89
CA ARG C 484 -14.08 26.40 19.25
C ARG C 484 -12.55 26.56 19.42
N ALA C 485 -11.76 25.86 18.63
CA ALA C 485 -10.33 26.12 18.50
C ALA C 485 -10.04 27.62 18.28
N ILE C 486 -10.73 28.25 17.34
CA ILE C 486 -10.46 29.65 17.02
C ILE C 486 -10.78 30.56 18.20
N GLU C 487 -11.84 30.28 18.95
CA GLU C 487 -12.22 31.10 20.08
C GLU C 487 -11.10 31.08 21.14
N ASP C 488 -10.49 29.91 21.34
CA ASP C 488 -9.33 29.71 22.26
C ASP C 488 -7.95 30.04 21.64
N ASN C 489 -7.89 30.70 20.48
CA ASN C 489 -6.58 31.00 19.87
C ASN C 489 -5.69 29.76 19.66
N ALA C 490 -6.30 28.64 19.34
CA ALA C 490 -5.66 27.35 19.17
C ALA C 490 -5.35 27.04 17.69
N GLU C 491 -4.64 25.94 17.47
CA GLU C 491 -4.45 25.38 16.15
C GLU C 491 -5.10 24.00 16.02
N ILE C 492 -5.55 23.74 14.78
CA ILE C 492 -6.24 22.50 14.50
C ILE C 492 -6.03 22.03 13.08
N ALA C 493 -5.92 20.71 12.94
CA ALA C 493 -5.61 20.04 11.72
C ALA C 493 -6.23 18.66 11.71
N ALA C 494 -6.79 18.29 10.55
CA ALA C 494 -7.48 17.04 10.34
C ALA C 494 -6.86 16.21 9.16
N VAL C 495 -6.71 14.91 9.32
CA VAL C 495 -6.41 14.02 8.21
C VAL C 495 -7.69 13.23 7.96
N VAL C 496 -8.30 13.50 6.81
CA VAL C 496 -9.60 13.01 6.49
C VAL C 496 -9.59 12.14 5.26
N ALA C 497 -8.43 11.92 4.65
CA ALA C 497 -8.35 10.97 3.55
C ALA C 497 -8.42 9.51 4.08
N ASN C 498 -8.55 8.59 3.15
CA ASN C 498 -8.49 7.16 3.46
C ASN C 498 -7.04 6.89 3.84
N SER C 499 -6.81 6.46 5.10
CA SER C 499 -5.44 6.26 5.61
C SER C 499 -4.70 5.12 4.97
N ASN C 500 -5.41 4.07 4.57
CA ASN C 500 -4.83 2.90 3.89
C ASN C 500 -4.48 3.21 2.44
N THR C 501 -5.32 3.97 1.72
CA THR C 501 -5.17 4.09 0.25
C THR C 501 -4.68 5.44 -0.29
N THR C 502 -4.35 6.42 0.53
CA THR C 502 -3.92 7.74 -0.02
C THR C 502 -2.43 7.92 0.22
N THR C 503 -1.70 8.31 -0.80
CA THR C 503 -0.28 8.47 -0.64
C THR C 503 -0.01 9.57 0.38
N GLY C 504 0.93 9.31 1.29
CA GLY C 504 1.39 10.31 2.24
C GLY C 504 0.48 10.41 3.45
N ALA C 505 -0.62 9.64 3.51
CA ALA C 505 -1.57 9.80 4.59
C ALA C 505 -1.04 9.25 5.93
N GLU C 506 -0.45 8.07 5.88
CA GLU C 506 0.07 7.48 7.09
C GLU C 506 1.19 8.37 7.67
N ASP C 507 2.02 8.96 6.79
CA ASP C 507 3.09 9.89 7.20
C ASP C 507 2.55 11.16 7.80
N ALA C 508 1.46 11.71 7.27
CA ALA C 508 0.85 12.94 7.82
C ALA C 508 0.32 12.71 9.23
N ILE C 509 -0.25 11.54 9.46
CA ILE C 509 -0.75 11.15 10.79
C ILE C 509 0.38 11.02 11.76
N ALA C 510 1.43 10.35 11.33
CA ALA C 510 2.65 10.23 12.15
C ALA C 510 3.32 11.55 12.52
N ALA C 511 3.30 12.56 11.65
CA ALA C 511 3.95 13.84 11.95
C ALA C 511 3.06 14.81 12.71
N LEU C 512 1.76 14.62 12.60
CA LEU C 512 0.80 15.54 13.22
C LEU C 512 0.52 15.15 14.67
N LEU C 513 0.39 13.87 14.96
CA LEU C 513 -0.12 13.41 16.24
C LEU C 513 0.74 13.63 17.46
N PRO C 514 2.06 13.33 17.42
CA PRO C 514 2.85 13.39 18.67
C PRO C 514 2.84 14.71 19.42
N ASP C 515 2.72 15.82 18.72
CA ASP C 515 2.66 17.16 19.33
C ASP C 515 1.26 17.65 19.74
N ALA C 516 0.18 16.96 19.32
CA ALA C 516 -1.16 17.38 19.66
C ALA C 516 -1.40 17.21 21.14
N ASP C 517 -2.13 18.16 21.70
CA ASP C 517 -2.56 18.06 23.09
C ASP C 517 -3.70 17.04 23.20
N VAL C 518 -4.49 16.94 22.11
CA VAL C 518 -5.64 16.04 22.04
C VAL C 518 -5.83 15.61 20.63
N THR C 519 -6.12 14.32 20.43
CA THR C 519 -6.48 13.85 19.10
C THR C 519 -7.79 13.14 19.13
N PHE C 520 -8.69 13.60 18.26
CA PHE C 520 -10.03 13.06 18.13
C PHE C 520 -10.00 12.09 16.95
N VAL C 521 -10.52 10.89 17.17
CA VAL C 521 -10.70 9.99 16.07
C VAL C 521 -12.19 9.73 15.86
N PHE C 522 -12.68 10.07 14.66
CA PHE C 522 -14.05 9.82 14.26
C PHE C 522 -14.15 8.55 13.43
N LEU C 523 -14.96 7.63 13.90
CA LEU C 523 -15.15 6.35 13.27
C LEU C 523 -16.63 6.23 12.85
N ASN C 524 -16.87 5.39 11.85
CA ASN C 524 -18.24 5.10 11.51
C ASN C 524 -18.46 3.69 11.01
N ARG C 525 -19.75 3.33 10.89
CA ARG C 525 -20.19 2.01 10.46
C ARG C 525 -21.58 2.16 9.89
N TYR C 526 -21.60 2.41 8.60
CA TYR C 526 -22.83 2.47 7.81
C TYR C 526 -23.43 1.08 7.74
N SER C 527 -24.75 0.98 7.81
CA SER C 527 -25.47 -0.21 7.35
C SER C 527 -26.80 0.24 6.73
N GLU C 528 -27.45 -0.68 6.04
CA GLU C 528 -28.67 -0.42 5.32
C GLU C 528 -29.67 -1.57 5.34
N GLU C 529 -30.95 -1.20 5.14
CA GLU C 529 -32.02 -2.09 4.68
C GLU C 529 -31.50 -3.04 3.61
N GLY C 530 -31.96 -4.29 3.64
CA GLY C 530 -31.61 -5.27 2.56
C GLY C 530 -30.41 -6.18 2.84
N ALA C 531 -29.66 -5.90 3.88
CA ALA C 531 -28.52 -6.70 4.26
C ALA C 531 -28.29 -6.52 5.72
N ASP C 532 -27.77 -7.56 6.36
CA ASP C 532 -27.31 -7.50 7.73
C ASP C 532 -25.82 -7.33 7.67
N ALA C 533 -25.26 -6.60 8.63
CA ALA C 533 -23.82 -6.52 8.77
C ALA C 533 -23.23 -7.94 8.97
N PRO C 534 -22.12 -8.28 8.28
CA PRO C 534 -21.46 -9.62 8.41
C PRO C 534 -20.79 -9.86 9.75
N ASP C 535 -20.41 -8.77 10.41
CA ASP C 535 -19.71 -8.82 11.68
C ASP C 535 -19.73 -7.42 12.30
N PHE C 536 -19.06 -7.25 13.42
CA PHE C 536 -19.01 -5.98 14.12
C PHE C 536 -17.89 -5.01 13.67
N SER C 537 -17.21 -5.29 12.59
CA SER C 537 -16.05 -4.46 12.21
C SER C 537 -16.41 -3.03 11.76
N LEU C 538 -15.51 -2.10 12.07
CA LEU C 538 -15.65 -0.70 11.74
C LEU C 538 -15.73 -0.53 10.23
N GLY C 539 -16.49 0.48 9.79
CA GLY C 539 -16.53 0.84 8.39
C GLY C 539 -15.20 1.51 7.93
N GLY C 540 -14.87 1.33 6.67
CA GLY C 540 -13.77 2.07 6.06
C GLY C 540 -12.39 1.70 6.55
N ASP C 541 -11.61 2.74 6.84
CA ASP C 541 -10.27 2.57 7.35
C ASP C 541 -10.21 2.73 8.86
N GLY C 542 -11.35 2.61 9.54
CA GLY C 542 -11.43 2.77 11.00
C GLY C 542 -10.43 1.98 11.81
N ASP C 543 -10.33 0.68 11.58
CA ASP C 543 -9.34 -0.17 12.28
C ASP C 543 -7.92 0.42 12.13
N ASN C 544 -7.55 0.83 10.93
CA ASN C 544 -6.21 1.38 10.69
C ASN C 544 -6.04 2.76 11.34
N LEU C 545 -7.10 3.57 11.35
CA LEU C 545 -7.03 4.87 12.06
C LEU C 545 -6.78 4.70 13.52
N MET C 546 -7.40 3.70 14.13
CA MET C 546 -7.16 3.40 15.57
C MET C 546 -5.76 2.84 15.87
N ASP C 547 -5.22 1.98 15.02
CA ASP C 547 -3.86 1.50 15.21
C ASP C 547 -2.85 2.64 15.21
N LEU C 548 -3.01 3.56 14.28
CA LEU C 548 -2.11 4.67 14.12
C LEU C 548 -2.24 5.63 15.30
N ALA C 549 -3.49 5.89 15.71
CA ALA C 549 -3.78 6.89 16.70
C ALA C 549 -3.20 6.58 18.06
N VAL C 550 -3.33 5.33 18.49
CA VAL C 550 -2.79 4.92 19.78
C VAL C 550 -1.28 4.78 19.75
N THR C 551 -0.73 4.52 18.57
CA THR C 551 0.70 4.50 18.38
C THR C 551 1.38 5.87 18.55
N TYR C 552 0.78 6.94 18.05
CA TYR C 552 1.45 8.24 17.99
C TYR C 552 0.92 9.29 18.97
N SER C 553 -0.20 9.01 19.65
CA SER C 553 -0.74 9.97 20.62
C SER C 553 -1.09 9.29 21.92
N SER C 554 -0.88 10.01 23.02
CA SER C 554 -1.23 9.56 24.39
C SER C 554 -2.60 10.02 24.86
N ASN C 555 -3.28 10.85 24.07
CA ASN C 555 -4.59 11.39 24.46
C ASN C 555 -5.60 11.28 23.31
N VAL C 556 -6.07 10.08 23.04
CA VAL C 556 -7.08 9.83 21.98
C VAL C 556 -8.53 9.82 22.49
N VAL C 557 -9.41 10.62 21.90
CA VAL C 557 -10.85 10.65 22.24
C VAL C 557 -11.56 10.11 21.01
N VAL C 558 -12.33 9.04 21.18
CA VAL C 558 -12.92 8.33 20.07
C VAL C 558 -14.40 8.68 20.05
N VAL C 559 -14.92 9.08 18.88
CA VAL C 559 -16.33 9.38 18.65
C VAL C 559 -16.85 8.49 17.53
N ILE C 560 -17.91 7.75 17.79
CA ILE C 560 -18.38 6.76 16.84
C ILE C 560 -19.76 7.15 16.35
N HIS C 561 -19.93 7.29 15.05
CA HIS C 561 -21.23 7.42 14.49
C HIS C 561 -21.53 6.09 13.86
N THR C 562 -22.69 5.53 14.14
CA THR C 562 -22.93 4.12 13.82
C THR C 562 -24.41 3.76 13.89
N THR C 563 -24.78 2.80 13.08
CA THR C 563 -26.11 2.19 13.14
C THR C 563 -26.30 1.07 14.16
N GLY C 564 -25.25 0.66 14.85
CA GLY C 564 -25.36 -0.34 15.89
C GLY C 564 -24.00 -0.54 16.58
N VAL C 565 -23.90 -1.61 17.35
CA VAL C 565 -22.69 -2.02 18.04
C VAL C 565 -21.58 -2.32 17.04
N VAL C 566 -20.37 -1.96 17.39
CA VAL C 566 -19.15 -2.24 16.62
C VAL C 566 -18.05 -2.83 17.52
N ASP C 567 -17.00 -3.36 16.91
CA ASP C 567 -15.94 -4.06 17.62
C ASP C 567 -14.74 -3.07 17.83
N ILE C 568 -14.51 -2.72 19.09
CA ILE C 568 -13.40 -1.91 19.51
C ILE C 568 -12.52 -2.56 20.59
N GLU C 569 -12.60 -3.89 20.70
CA GLU C 569 -11.86 -4.68 21.67
C GLU C 569 -10.34 -4.49 21.54
N LYS C 570 -9.82 -4.29 20.35
CA LYS C 570 -8.38 -4.04 20.21
C LYS C 570 -7.86 -2.74 20.90
N TRP C 571 -8.73 -1.76 21.12
CA TRP C 571 -8.35 -0.42 21.62
C TRP C 571 -9.07 0.11 22.88
N ALA C 572 -10.24 -0.42 23.21
CA ALA C 572 -11.00 0.11 24.32
C ALA C 572 -10.24 0.11 25.61
N ASP C 573 -9.39 -0.90 25.83
CA ASP C 573 -8.56 -0.98 27.08
C ASP C 573 -7.18 -0.32 27.01
N ASN C 574 -6.84 0.21 25.85
CA ASN C 574 -5.57 0.95 25.68
C ASN C 574 -5.58 2.23 26.47
N PRO C 575 -4.59 2.43 27.34
CA PRO C 575 -4.62 3.67 28.14
C PRO C 575 -4.51 4.98 27.35
N ASN C 576 -3.98 4.89 26.14
CA ASN C 576 -3.95 6.08 25.28
C ASN C 576 -5.28 6.52 24.74
N VAL C 577 -6.25 5.61 24.72
CA VAL C 577 -7.65 5.91 24.46
C VAL C 577 -8.25 6.40 25.78
N THR C 578 -8.23 7.71 25.98
CA THR C 578 -8.68 8.29 27.21
C THR C 578 -10.20 8.50 27.30
N ALA C 579 -10.87 8.60 26.17
CA ALA C 579 -12.32 8.69 26.19
C ALA C 579 -12.89 8.04 24.96
N ILE C 580 -14.10 7.52 25.14
CA ILE C 580 -14.87 6.90 24.07
C ILE C 580 -16.31 7.37 24.25
N LEU C 581 -16.88 7.90 23.16
CA LEU C 581 -18.25 8.39 23.05
C LEU C 581 -18.90 7.77 21.81
N VAL C 582 -20.18 7.46 21.90
CA VAL C 582 -20.91 6.98 20.74
C VAL C 582 -21.99 8.01 20.50
N ALA C 583 -22.14 8.45 19.25
CA ALA C 583 -23.04 9.52 18.87
C ALA C 583 -24.19 9.13 17.99
N TYR C 584 -24.27 7.84 17.66
CA TYR C 584 -25.34 7.25 16.90
C TYR C 584 -25.45 7.94 15.53
N LEU C 585 -26.64 8.45 15.18
CA LEU C 585 -26.84 9.01 13.88
C LEU C 585 -27.51 10.35 14.14
N PRO C 586 -26.73 11.43 14.25
CA PRO C 586 -27.28 12.69 14.75
C PRO C 586 -27.98 13.57 13.73
N GLY C 587 -28.17 13.12 12.49
CA GLY C 587 -28.75 13.99 11.48
C GLY C 587 -27.89 15.24 11.24
N GLN C 588 -28.51 16.29 10.74
CA GLN C 588 -27.79 17.42 10.16
C GLN C 588 -26.95 18.23 11.15
N GLU C 589 -27.27 18.16 12.42
CA GLU C 589 -26.53 18.93 13.40
C GLU C 589 -25.46 18.06 14.07
N ALA C 590 -24.71 17.24 13.32
CA ALA C 590 -23.72 16.35 13.88
C ALA C 590 -22.64 17.02 14.74
N GLY C 591 -21.98 18.02 14.16
CA GLY C 591 -20.90 18.70 14.86
C GLY C 591 -21.26 19.60 16.04
N ASN C 592 -22.24 20.47 15.85
CA ASN C 592 -22.59 21.47 16.87
C ASN C 592 -23.40 20.86 17.99
N SER C 593 -23.93 19.66 17.83
CA SER C 593 -24.47 18.89 18.98
C SER C 593 -23.42 18.22 19.89
N LEU C 594 -22.34 17.76 19.25
CA LEU C 594 -21.21 17.08 19.89
C LEU C 594 -20.23 18.00 20.62
N VAL C 595 -19.73 19.04 19.99
CA VAL C 595 -18.65 19.87 20.59
C VAL C 595 -18.99 20.52 21.94
N PRO C 596 -20.23 20.91 22.19
CA PRO C 596 -20.57 21.38 23.56
C PRO C 596 -20.46 20.31 24.69
N VAL C 597 -20.71 19.03 24.38
CA VAL C 597 -20.50 17.97 25.33
C VAL C 597 -19.01 17.74 25.62
N LEU C 598 -18.21 17.65 24.57
CA LEU C 598 -16.79 17.47 24.71
C LEU C 598 -16.19 18.60 25.47
N TYR C 599 -16.62 19.84 25.20
CA TYR C 599 -16.03 20.94 25.93
C TYR C 599 -16.68 21.21 27.29
N GLY C 600 -17.71 20.49 27.68
CA GLY C 600 -18.22 20.68 29.02
C GLY C 600 -19.25 21.77 29.21
N ASP C 601 -19.78 22.35 28.13
CA ASP C 601 -20.94 23.28 28.26
C ASP C 601 -22.19 22.57 28.75
N VAL C 602 -22.34 21.32 28.33
CA VAL C 602 -23.32 20.36 28.81
C VAL C 602 -22.58 19.07 29.20
N ALA C 603 -22.95 18.46 30.32
CA ALA C 603 -22.46 17.13 30.63
C ALA C 603 -23.22 16.13 29.77
N PRO C 604 -22.56 15.07 29.28
CA PRO C 604 -23.32 14.06 28.55
C PRO C 604 -24.25 13.34 29.47
N SER C 605 -25.38 12.93 28.92
CA SER C 605 -26.41 12.30 29.67
C SER C 605 -27.09 11.16 28.93
N GLY C 606 -26.50 10.68 27.85
CA GLY C 606 -27.09 9.62 27.04
C GLY C 606 -26.66 8.28 27.59
N LYS C 607 -27.45 7.26 27.31
CA LYS C 607 -27.18 5.91 27.79
C LYS C 607 -27.56 4.91 26.70
N LEU C 608 -26.79 3.84 26.60
CA LEU C 608 -27.01 2.83 25.59
C LEU C 608 -28.42 2.25 25.60
N PRO C 609 -29.11 2.27 24.46
CA PRO C 609 -30.39 1.67 24.31
C PRO C 609 -30.33 0.18 23.87
N TRP C 610 -29.13 -0.41 23.87
CA TRP C 610 -28.94 -1.85 23.72
C TRP C 610 -27.66 -2.31 24.43
N THR C 611 -27.36 -3.60 24.36
CA THR C 611 -26.21 -4.14 25.02
C THR C 611 -25.03 -4.10 24.05
N TRP C 612 -23.86 -3.67 24.55
CA TRP C 612 -22.56 -3.74 23.84
C TRP C 612 -21.67 -4.93 24.35
N GLY C 613 -21.83 -6.09 23.69
CA GLY C 613 -21.07 -7.31 24.01
C GLY C 613 -19.63 -7.26 23.53
N LYS C 614 -18.75 -7.96 24.24
CA LYS C 614 -17.35 -8.04 23.82
C LYS C 614 -17.20 -8.72 22.46
N SER C 615 -18.13 -9.62 22.14
CA SER C 615 -18.04 -10.45 20.94
C SER C 615 -19.44 -10.74 20.38
N ILE C 616 -19.55 -10.86 19.07
CA ILE C 616 -20.78 -11.36 18.46
C ILE C 616 -21.22 -12.73 19.04
N ASP C 617 -20.27 -13.56 19.48
CA ASP C 617 -20.59 -14.88 20.03
C ASP C 617 -21.38 -14.84 21.36
N ASP C 618 -21.32 -13.73 22.08
CA ASP C 618 -22.09 -13.52 23.32
C ASP C 618 -23.61 -13.30 23.15
N TYR C 619 -24.11 -13.12 21.94
CA TYR C 619 -25.53 -12.79 21.74
C TYR C 619 -26.33 -14.06 21.49
N VAL C 620 -27.65 -13.88 21.37
CA VAL C 620 -28.63 -14.91 21.01
C VAL C 620 -28.10 -15.62 19.78
N PRO C 621 -27.94 -16.95 19.84
CA PRO C 621 -27.40 -17.68 18.66
C PRO C 621 -28.39 -17.75 17.49
N ASN C 622 -27.86 -17.92 16.29
CA ASN C 622 -28.59 -17.92 15.03
C ASN C 622 -29.33 -16.64 14.80
N GLY C 623 -28.66 -15.55 15.16
CA GLY C 623 -29.20 -14.25 15.08
C GLY C 623 -29.57 -13.93 13.65
N VAL C 624 -28.71 -14.29 12.70
CA VAL C 624 -29.08 -14.20 11.30
C VAL C 624 -28.82 -15.55 10.63
N VAL C 625 -29.88 -16.13 10.04
CA VAL C 625 -29.75 -17.38 9.35
C VAL C 625 -29.44 -17.15 7.90
N TYR C 626 -28.41 -17.85 7.44
CA TYR C 626 -27.92 -17.85 6.05
C TYR C 626 -28.16 -19.25 5.50
N THR C 627 -28.91 -19.36 4.40
CA THR C 627 -29.18 -20.65 3.79
C THR C 627 -29.76 -20.39 2.44
N ASP C 628 -29.57 -21.38 1.56
CA ASP C 628 -30.09 -21.42 0.19
C ASP C 628 -31.31 -22.36 0.08
N ALA C 629 -31.72 -22.95 1.19
CA ALA C 629 -32.90 -23.81 1.19
C ALA C 629 -34.08 -23.01 0.64
N TYR C 630 -35.02 -23.67 -0.02
CA TYR C 630 -36.21 -23.00 -0.54
C TYR C 630 -37.15 -22.31 0.52
N SER C 631 -37.16 -22.87 1.72
CA SER C 631 -37.99 -22.40 2.81
C SER C 631 -37.08 -22.18 4.02
N PRO C 632 -36.38 -21.02 4.06
CA PRO C 632 -35.49 -20.73 5.18
C PRO C 632 -36.27 -20.54 6.53
N GLN C 633 -35.74 -21.10 7.60
CA GLN C 633 -36.40 -21.20 8.88
C GLN C 633 -35.56 -20.45 9.87
N SER C 634 -36.21 -19.71 10.77
CA SER C 634 -35.50 -19.17 11.91
C SER C 634 -36.28 -19.45 13.16
N ASN C 635 -35.70 -20.28 14.03
CA ASN C 635 -36.40 -20.83 15.18
C ASN C 635 -36.08 -19.96 16.36
N PHE C 636 -37.10 -19.31 16.95
CA PHE C 636 -36.85 -18.32 17.99
C PHE C 636 -36.79 -19.03 19.31
N THR C 637 -35.88 -19.98 19.47
CA THR C 637 -35.89 -20.90 20.62
C THR C 637 -35.39 -20.25 21.88
N GLU C 638 -34.68 -19.14 21.77
CA GLU C 638 -34.36 -18.27 22.94
C GLU C 638 -35.56 -17.66 23.68
N GLY C 639 -36.74 -17.58 23.04
CA GLY C 639 -37.91 -17.02 23.72
C GLY C 639 -37.83 -15.52 24.03
N VAL C 640 -38.27 -15.08 25.21
CA VAL C 640 -38.17 -13.65 25.57
C VAL C 640 -36.74 -13.16 25.83
N PHE C 641 -35.71 -14.01 25.67
CA PHE C 641 -34.32 -13.75 26.11
C PHE C 641 -33.45 -13.20 24.97
N ILE C 642 -33.68 -11.95 24.61
CA ILE C 642 -32.89 -11.24 23.61
C ILE C 642 -32.18 -10.08 24.27
N ASP C 643 -31.14 -9.59 23.63
CA ASP C 643 -30.34 -8.46 24.12
C ASP C 643 -29.97 -8.73 25.58
N TYR C 644 -30.20 -7.77 26.51
CA TYR C 644 -29.70 -7.92 27.87
C TYR C 644 -30.34 -9.07 28.61
N ARG C 645 -31.51 -9.57 28.20
CA ARG C 645 -32.02 -10.67 28.98
C ARG C 645 -31.30 -11.95 28.69
N TRP C 646 -30.80 -12.10 27.47
CA TRP C 646 -29.83 -13.15 27.14
C TRP C 646 -28.53 -13.04 27.94
N PHE C 647 -27.94 -11.87 27.98
CA PHE C 647 -26.69 -11.71 28.73
C PHE C 647 -26.83 -12.05 30.21
N ASP C 648 -27.89 -11.53 30.84
CA ASP C 648 -28.15 -11.72 32.26
C ASP C 648 -28.46 -13.20 32.59
N LYS C 649 -29.29 -13.87 31.77
CA LYS C 649 -29.60 -15.29 31.94
C LYS C 649 -28.38 -16.19 31.79
N MET C 650 -27.50 -15.91 30.82
CA MET C 650 -26.29 -16.74 30.58
C MET C 650 -25.09 -16.37 31.48
N GLY C 651 -25.27 -15.37 32.37
CA GLY C 651 -24.16 -14.78 33.16
C GLY C 651 -23.01 -14.34 32.26
N ILE C 652 -23.35 -13.72 31.12
CA ILE C 652 -22.33 -13.10 30.27
C ILE C 652 -22.16 -11.62 30.63
N THR C 653 -20.94 -11.20 30.96
CA THR C 653 -20.62 -9.79 31.26
C THR C 653 -20.39 -8.97 29.97
N PRO C 654 -21.27 -8.03 29.67
CA PRO C 654 -20.97 -7.22 28.50
C PRO C 654 -19.87 -6.21 28.81
N ARG C 655 -19.22 -5.72 27.76
CA ARG C 655 -18.34 -4.57 27.92
C ARG C 655 -19.07 -3.34 28.42
N TYR C 656 -20.14 -2.98 27.71
CA TYR C 656 -21.03 -1.90 28.16
C TYR C 656 -22.45 -2.45 28.12
N GLU C 657 -23.16 -2.32 29.24
CA GLU C 657 -24.50 -2.89 29.39
C GLU C 657 -25.60 -1.93 28.94
N PHE C 658 -26.72 -2.51 28.62
CA PHE C 658 -27.97 -1.78 28.46
C PHE C 658 -28.13 -0.75 29.56
N GLY C 659 -28.47 0.45 29.21
CA GLY C 659 -28.63 1.49 30.20
C GLY C 659 -27.39 2.17 30.73
N PHE C 660 -26.22 1.84 30.17
CA PHE C 660 -24.99 2.40 30.64
C PHE C 660 -24.66 3.68 29.90
N GLY C 661 -24.20 4.66 30.68
CA GLY C 661 -23.65 5.92 30.18
C GLY C 661 -23.07 6.75 31.32
N LEU C 662 -21.88 7.29 31.12
CA LEU C 662 -21.22 8.07 32.15
C LEU C 662 -21.62 9.52 32.01
N SER C 663 -21.37 10.26 33.08
CA SER C 663 -21.53 11.68 33.15
C SER C 663 -20.20 12.33 33.53
N TYR C 664 -20.17 13.64 33.68
CA TYR C 664 -18.99 14.30 34.28
C TYR C 664 -19.11 14.45 35.81
N THR C 665 -20.18 13.97 36.40
CA THR C 665 -20.37 13.96 37.81
C THR C 665 -20.89 12.57 38.14
N THR C 666 -21.09 12.26 39.42
CA THR C 666 -21.61 10.95 39.85
C THR C 666 -22.93 11.14 40.55
N PHE C 667 -23.72 10.09 40.61
CA PHE C 667 -25.03 10.16 41.27
C PHE C 667 -25.15 9.04 42.28
N THR C 668 -25.76 9.34 43.42
CA THR C 668 -25.98 8.39 44.49
C THR C 668 -27.46 8.18 44.76
N TYR C 669 -27.85 6.92 44.77
CA TYR C 669 -29.24 6.50 44.92
C TYR C 669 -29.63 6.23 46.35
N SER C 670 -30.83 6.63 46.73
CA SER C 670 -31.28 6.36 48.10
C SER C 670 -32.80 6.32 48.24
N ASN C 671 -33.22 5.87 49.41
CA ASN C 671 -34.60 5.93 49.86
C ASN C 671 -35.63 5.36 48.87
N LEU C 672 -35.54 4.08 48.57
CA LEU C 672 -36.50 3.44 47.71
C LEU C 672 -37.85 3.25 48.43
N ILE C 673 -38.94 3.76 47.84
CA ILE C 673 -40.28 3.71 48.44
C ILE C 673 -41.22 3.04 47.42
N VAL C 674 -41.96 2.05 47.91
CA VAL C 674 -43.08 1.48 47.16
C VAL C 674 -44.36 1.98 47.78
N ASP C 675 -45.09 2.80 47.00
CA ASP C 675 -46.31 3.45 47.46
C ASP C 675 -47.45 2.71 46.79
N HIS C 676 -48.03 1.78 47.54
CA HIS C 676 -49.18 0.98 47.09
C HIS C 676 -50.46 1.80 47.07
N GLY C 677 -50.45 2.93 47.77
CA GLY C 677 -51.57 3.82 47.74
C GLY C 677 -51.68 4.72 46.51
N ARG C 678 -50.64 4.82 45.68
CA ARG C 678 -50.67 5.74 44.53
C ARG C 678 -50.98 4.94 43.28
N TRP C 679 -52.28 4.76 43.04
CA TRP C 679 -52.80 4.00 41.91
C TRP C 679 -53.72 4.93 41.14
N ALA C 680 -54.14 4.51 39.96
CA ALA C 680 -55.02 5.33 39.08
C ALA C 680 -55.52 4.53 37.91
N LYS C 681 -56.71 4.87 37.46
CA LYS C 681 -57.29 4.27 36.29
C LYS C 681 -56.71 4.92 35.05
N ASP C 682 -56.54 4.12 34.02
CA ASP C 682 -56.17 4.59 32.71
C ASP C 682 -57.37 5.27 31.98
N TYR C 683 -57.36 6.59 31.88
CA TYR C 683 -58.43 7.36 31.19
C TYR C 683 -57.95 7.89 29.81
N SER C 684 -56.64 7.95 29.65
CA SER C 684 -55.98 8.85 28.72
C SER C 684 -55.40 8.22 27.41
N SER C 685 -55.46 6.88 27.23
CA SER C 685 -55.13 6.30 25.89
C SER C 685 -56.09 6.80 24.77
N VAL C 686 -55.53 6.97 23.58
CA VAL C 686 -56.29 7.35 22.38
C VAL C 686 -57.24 6.21 21.97
N MET C 687 -56.77 4.97 22.08
CA MET C 687 -57.56 3.75 21.75
C MET C 687 -57.27 2.69 22.79
N GLU C 688 -58.07 1.62 22.74
CA GLU C 688 -58.11 0.58 23.78
C GLU C 688 -57.83 -0.74 23.13
N THR C 689 -57.03 -1.59 23.81
CA THR C 689 -56.87 -2.97 23.36
C THR C 689 -58.02 -3.81 23.95
N ALA C 690 -58.14 -5.08 23.53
CA ALA C 690 -59.08 -6.06 24.13
C ALA C 690 -58.27 -7.19 24.74
N GLU C 691 -57.13 -6.87 25.37
CA GLU C 691 -56.24 -7.90 25.92
C GLU C 691 -56.86 -8.51 27.17
N PRO C 692 -57.03 -9.84 27.20
CA PRO C 692 -57.71 -10.42 28.34
C PRO C 692 -56.75 -10.60 29.50
N PHE C 693 -57.29 -10.40 30.68
CA PHE C 693 -56.54 -10.55 31.89
C PHE C 693 -57.43 -11.03 33.03
N ALA C 694 -56.83 -11.77 33.96
CA ALA C 694 -57.54 -12.53 35.00
C ALA C 694 -58.32 -11.68 36.01
N GLU C 695 -57.83 -10.46 36.25
CA GLU C 695 -58.38 -9.55 37.26
C GLU C 695 -59.52 -8.68 36.69
N TRP C 696 -59.88 -8.85 35.39
CA TRP C 696 -61.02 -8.09 34.79
C TRP C 696 -62.28 -8.23 35.62
N ASP C 697 -62.84 -7.09 36.03
CA ASP C 697 -64.09 -6.98 36.81
C ASP C 697 -65.17 -6.14 36.09
N GLY C 698 -65.03 -5.89 34.79
CA GLY C 698 -65.92 -4.97 34.07
C GLY C 698 -65.62 -3.46 34.12
N THR C 699 -64.85 -2.99 35.10
CA THR C 699 -64.57 -1.55 35.22
C THR C 699 -63.12 -1.26 35.51
N ASN C 700 -62.23 -1.99 34.86
CA ASN C 700 -60.79 -1.85 35.11
C ASN C 700 -60.02 -2.26 33.87
N SER C 701 -58.70 -2.11 33.93
CA SER C 701 -57.92 -2.21 32.72
C SER C 701 -56.61 -2.84 33.03
N LEU C 702 -56.08 -3.54 32.03
CA LEU C 702 -54.69 -3.97 32.07
C LEU C 702 -53.65 -2.84 32.25
N TYR C 703 -54.01 -1.61 31.91
CA TYR C 703 -53.08 -0.51 31.94
C TYR C 703 -53.36 0.46 33.05
N ASP C 704 -54.20 0.11 34.01
CA ASP C 704 -54.29 0.90 35.23
C ASP C 704 -52.96 0.92 35.93
N VAL C 705 -52.64 2.03 36.60
CA VAL C 705 -51.47 1.99 37.48
C VAL C 705 -51.89 1.48 38.86
N ILE C 706 -51.18 0.46 39.33
CA ILE C 706 -51.60 -0.26 40.51
C ILE C 706 -50.74 0.11 41.69
N PHE C 707 -49.48 0.41 41.48
CA PHE C 707 -48.70 1.16 42.45
C PHE C 707 -47.69 2.09 41.77
N THR C 708 -46.93 2.86 42.55
CA THR C 708 -45.97 3.80 42.01
C THR C 708 -44.68 3.64 42.81
N VAL C 709 -43.52 3.54 42.16
CA VAL C 709 -42.26 3.57 42.95
C VAL C 709 -41.43 4.87 42.85
N PHE C 710 -40.79 5.23 43.98
CA PHE C 710 -40.03 6.43 44.16
C PHE C 710 -38.64 6.12 44.68
N ALA C 711 -37.68 6.95 44.26
CA ALA C 711 -36.34 6.93 44.81
C ALA C 711 -35.74 8.31 44.70
N THR C 712 -34.62 8.51 45.32
CA THR C 712 -34.01 9.84 45.45
C THR C 712 -32.60 9.72 44.86
N ILE C 713 -32.20 10.64 43.98
CA ILE C 713 -30.81 10.73 43.52
C ILE C 713 -30.21 12.01 44.04
N THR C 714 -28.93 11.93 44.38
CA THR C 714 -28.18 13.08 44.84
C THR C 714 -26.94 13.20 43.97
N ASN C 715 -26.65 14.43 43.56
CA ASN C 715 -25.46 14.71 42.77
C ASN C 715 -24.29 14.80 43.71
N THR C 716 -23.40 13.87 43.56
CA THR C 716 -22.44 13.56 44.55
C THR C 716 -21.02 13.86 44.06
N GLY C 717 -20.85 14.33 42.81
CA GLY C 717 -19.56 14.86 42.29
C GLY C 717 -19.45 16.41 42.23
N ASN C 718 -18.69 16.95 41.27
CA ASN C 718 -18.26 18.35 41.26
C ASN C 718 -18.87 19.23 40.17
N LEU C 719 -19.65 18.63 39.29
CA LEU C 719 -20.26 19.38 38.21
C LEU C 719 -21.74 19.13 38.21
N THR C 720 -22.47 20.06 37.61
CA THR C 720 -23.87 19.89 37.29
C THR C 720 -24.02 18.81 36.24
N GLY C 721 -25.09 18.03 36.31
CA GLY C 721 -25.33 16.94 35.34
C GLY C 721 -26.75 16.43 35.38
N SER C 722 -27.20 15.79 34.28
CA SER C 722 -28.48 15.07 34.22
C SER C 722 -28.26 13.58 34.33
N GLU C 723 -29.24 12.87 34.85
CA GLU C 723 -29.13 11.44 35.17
C GLU C 723 -30.36 10.72 34.71
N VAL C 724 -30.20 9.64 33.99
CA VAL C 724 -31.30 8.74 33.67
C VAL C 724 -31.37 7.59 34.68
N ALA C 725 -32.29 7.72 35.63
CA ALA C 725 -32.72 6.66 36.54
C ALA C 725 -33.57 5.53 35.87
N GLN C 726 -33.32 4.27 36.21
CA GLN C 726 -33.96 3.08 35.60
C GLN C 726 -34.57 2.18 36.65
N LEU C 727 -35.70 1.53 36.31
CA LEU C 727 -36.36 0.60 37.21
C LEU C 727 -36.52 -0.71 36.52
N TYR C 728 -36.16 -1.79 37.23
CA TYR C 728 -36.20 -3.16 36.75
C TYR C 728 -36.93 -4.04 37.76
N ILE C 729 -37.71 -4.98 37.26
CA ILE C 729 -38.48 -5.90 38.07
C ILE C 729 -38.14 -7.31 37.69
N SER C 730 -37.90 -8.15 38.68
CA SER C 730 -37.83 -9.60 38.50
C SER C 730 -39.21 -10.14 38.81
N ILE C 731 -39.88 -10.59 37.76
CA ILE C 731 -41.20 -11.19 37.88
C ILE C 731 -41.00 -12.66 38.19
N PRO C 732 -41.65 -13.20 39.22
CA PRO C 732 -41.43 -14.62 39.54
C PRO C 732 -42.21 -15.59 38.65
N GLY C 733 -41.76 -16.85 38.64
CA GLY C 733 -42.30 -17.92 37.79
C GLY C 733 -41.17 -18.70 37.12
N ASP C 734 -41.53 -19.65 36.28
CA ASP C 734 -40.55 -20.53 35.67
C ASP C 734 -39.93 -19.83 34.46
N ASN C 735 -38.60 -19.87 34.35
CA ASN C 735 -37.86 -19.43 33.16
C ASN C 735 -38.11 -17.94 32.81
N GLN C 736 -37.93 -17.10 33.82
CA GLN C 736 -38.22 -15.67 33.73
C GLN C 736 -36.89 -14.91 33.64
N PRO C 737 -36.83 -13.86 32.80
CA PRO C 737 -35.67 -12.97 32.90
C PRO C 737 -35.29 -12.61 34.31
N VAL C 738 -34.00 -12.55 34.57
CA VAL C 738 -33.46 -12.05 35.84
C VAL C 738 -34.11 -10.74 36.22
N ARG C 739 -34.18 -9.84 35.24
CA ARG C 739 -34.88 -8.58 35.38
C ARG C 739 -35.27 -7.96 34.06
N GLN C 740 -36.22 -7.03 34.14
CA GLN C 740 -36.91 -6.44 32.97
C GLN C 740 -37.14 -4.96 33.23
N LEU C 741 -36.77 -4.13 32.28
CA LEU C 741 -36.93 -2.68 32.45
C LEU C 741 -38.41 -2.41 32.54
N ARG C 742 -38.83 -1.61 33.52
CA ARG C 742 -40.21 -1.17 33.65
C ARG C 742 -40.34 0.30 34.08
N GLY C 743 -39.28 1.07 34.00
CA GLY C 743 -39.42 2.49 34.26
C GLY C 743 -38.16 3.22 33.91
N PHE C 744 -38.29 4.50 33.61
CA PHE C 744 -37.15 5.36 33.50
C PHE C 744 -37.62 6.78 33.67
N ASP C 745 -36.69 7.63 34.11
CA ASP C 745 -37.00 8.98 34.49
C ASP C 745 -35.69 9.76 34.40
N LYS C 746 -35.66 10.80 33.58
CA LYS C 746 -34.49 11.64 33.44
C LYS C 746 -34.59 12.95 34.21
N ILE C 747 -33.70 13.13 35.19
CA ILE C 747 -33.56 14.36 35.94
C ILE C 747 -32.57 15.28 35.22
N LYS C 748 -33.01 16.51 34.93
CA LYS C 748 -32.25 17.48 34.13
C LYS C 748 -31.48 18.44 34.99
N ASP C 749 -30.19 18.62 34.73
CA ASP C 749 -29.39 19.69 35.37
C ASP C 749 -29.48 19.77 36.89
N LEU C 750 -29.23 18.64 37.55
CA LEU C 750 -29.26 18.56 38.99
C LEU C 750 -27.95 19.19 39.48
N PRO C 751 -28.02 20.29 40.24
CA PRO C 751 -26.76 20.90 40.71
C PRO C 751 -26.06 20.10 41.78
N VAL C 752 -24.84 20.52 42.10
CA VAL C 752 -23.92 19.82 43.03
C VAL C 752 -24.51 19.85 44.46
N GLY C 753 -24.52 18.71 45.13
CA GLY C 753 -25.16 18.60 46.46
C GLY C 753 -26.69 18.46 46.52
N ASP C 754 -27.39 18.68 45.40
CA ASP C 754 -28.84 18.69 45.33
C ASP C 754 -29.34 17.24 45.11
N SER C 755 -30.57 17.05 45.53
CA SER C 755 -31.30 15.83 45.41
C SER C 755 -32.55 16.05 44.63
N ALA C 756 -33.08 14.97 44.09
CA ALA C 756 -34.37 15.02 43.48
C ALA C 756 -34.95 13.64 43.49
N VAL C 757 -36.28 13.61 43.51
CA VAL C 757 -37.06 12.40 43.48
C VAL C 757 -37.41 12.00 42.05
N VAL C 758 -37.34 10.69 41.87
CA VAL C 758 -37.54 10.05 40.62
C VAL C 758 -38.79 9.22 40.85
N THR C 759 -39.72 9.20 39.88
CA THR C 759 -40.97 8.48 40.08
C THR C 759 -41.29 7.55 38.92
N PHE C 760 -41.84 6.39 39.24
CA PHE C 760 -42.08 5.34 38.28
C PHE C 760 -43.47 4.70 38.49
N PRO C 761 -44.44 5.09 37.68
CA PRO C 761 -45.73 4.48 37.77
C PRO C 761 -45.67 3.06 37.24
N ILE C 762 -46.12 2.12 38.03
CA ILE C 762 -46.18 0.73 37.62
C ILE C 762 -47.59 0.31 37.21
N ARG C 763 -47.75 -0.17 35.98
CA ARG C 763 -49.05 -0.57 35.48
C ARG C 763 -49.27 -2.06 35.71
N ARG C 764 -50.52 -2.52 35.67
CA ARG C 764 -50.82 -3.91 35.90
C ARG C 764 -50.06 -4.84 34.93
N LYS C 765 -50.10 -4.48 33.66
CA LYS C 765 -49.32 -5.17 32.66
C LYS C 765 -47.83 -5.28 32.96
N ASP C 766 -47.25 -4.31 33.66
CA ASP C 766 -45.80 -4.31 33.98
C ASP C 766 -45.33 -5.42 34.94
N VAL C 767 -46.27 -6.05 35.61
CA VAL C 767 -46.03 -7.00 36.66
C VAL C 767 -46.77 -8.34 36.29
N SER C 768 -47.18 -8.46 35.03
CA SER C 768 -47.94 -9.60 34.55
C SER C 768 -47.12 -10.58 33.64
N SER C 769 -47.69 -11.77 33.44
CA SER C 769 -47.14 -12.84 32.60
C SER C 769 -48.28 -13.31 31.70
N TRP C 770 -47.94 -13.90 30.57
CA TRP C 770 -48.95 -14.47 29.68
C TRP C 770 -49.02 -15.93 29.93
N SER C 771 -50.20 -16.36 30.35
CA SER C 771 -50.53 -17.78 30.45
C SER C 771 -50.93 -18.37 29.08
N VAL C 772 -50.15 -19.31 28.57
CA VAL C 772 -50.46 -19.98 27.33
C VAL C 772 -51.68 -20.91 27.47
N VAL C 773 -51.82 -21.55 28.63
CA VAL C 773 -52.93 -22.46 28.88
C VAL C 773 -54.21 -21.64 28.88
N ASP C 774 -54.23 -20.54 29.63
CA ASP C 774 -55.45 -19.80 29.84
C ASP C 774 -55.69 -18.73 28.77
N GLN C 775 -54.64 -18.36 28.02
CA GLN C 775 -54.74 -17.33 26.99
C GLN C 775 -55.14 -15.98 27.60
N LEU C 776 -54.43 -15.60 28.64
CA LEU C 776 -54.70 -14.37 29.28
C LEU C 776 -53.53 -13.85 30.13
N TRP C 777 -53.55 -12.55 30.38
CA TRP C 777 -52.59 -11.94 31.29
C TRP C 777 -53.03 -12.14 32.75
N TYR C 778 -52.07 -12.35 33.65
CA TYR C 778 -52.33 -12.45 35.07
C TYR C 778 -51.10 -12.01 35.82
N VAL C 779 -51.31 -11.56 37.04
CA VAL C 779 -50.23 -11.22 37.97
C VAL C 779 -49.91 -12.47 38.80
N PRO C 780 -48.74 -13.08 38.62
CA PRO C 780 -48.45 -14.27 39.38
C PRO C 780 -48.23 -14.03 40.85
N ASN C 781 -48.34 -15.09 41.64
CA ASN C 781 -47.99 -15.05 43.08
C ASN C 781 -46.49 -15.19 43.23
N GLY C 782 -45.96 -14.59 44.29
CA GLY C 782 -44.55 -14.77 44.70
C GLY C 782 -43.86 -13.44 45.00
N ASP C 783 -42.56 -13.49 45.26
CA ASP C 783 -41.76 -12.31 45.52
C ASP C 783 -41.33 -11.73 44.19
N PHE C 784 -41.66 -10.46 43.97
CA PHE C 784 -41.19 -9.68 42.83
C PHE C 784 -40.07 -8.82 43.36
N LEU C 785 -38.89 -8.83 42.73
CA LEU C 785 -37.81 -7.90 43.14
C LEU C 785 -37.87 -6.61 42.35
N ILE C 786 -37.71 -5.47 43.00
CA ILE C 786 -37.75 -4.16 42.35
C ILE C 786 -36.44 -3.46 42.60
N SER C 787 -35.80 -3.08 41.51
CA SER C 787 -34.43 -2.58 41.49
CA SER C 787 -34.43 -2.58 41.49
C SER C 787 -34.40 -1.25 40.78
N VAL C 788 -33.67 -0.30 41.32
CA VAL C 788 -33.58 1.02 40.76
C VAL C 788 -32.12 1.38 40.75
N GLY C 789 -31.66 1.99 39.66
CA GLY C 789 -30.30 2.53 39.61
C GLY C 789 -29.99 3.15 38.28
N GLY C 790 -28.70 3.31 38.02
CA GLY C 790 -28.18 4.04 36.86
C GLY C 790 -27.93 3.23 35.61
N SER C 791 -28.07 1.91 35.70
CA SER C 791 -27.92 1.05 34.55
C SER C 791 -28.48 -0.31 34.86
N SER C 792 -28.55 -1.17 33.85
CA SER C 792 -29.04 -2.54 34.05
C SER C 792 -28.15 -3.44 34.93
N ARG C 793 -26.94 -3.01 35.26
CA ARG C 793 -26.00 -3.75 36.15
C ARG C 793 -25.46 -2.89 37.29
N ASP C 794 -26.12 -1.81 37.58
CA ASP C 794 -25.66 -0.93 38.63
C ASP C 794 -26.93 -0.50 39.31
N LEU C 795 -27.38 -1.35 40.23
CA LEU C 795 -28.71 -1.26 40.84
C LEU C 795 -28.53 -1.33 42.33
N PRO C 796 -28.24 -0.20 42.97
CA PRO C 796 -27.96 -0.22 44.41
C PRO C 796 -29.19 -0.27 45.34
N LEU C 797 -30.36 0.18 44.91
CA LEU C 797 -31.56 0.05 45.72
C LEU C 797 -32.34 -1.18 45.26
N ASN C 798 -32.81 -1.95 46.23
CA ASN C 798 -33.79 -2.99 45.90
C ASN C 798 -34.82 -3.24 47.03
N THR C 799 -35.93 -3.89 46.67
CA THR C 799 -36.92 -4.24 47.66
C THR C 799 -37.84 -5.28 47.09
N THR C 800 -38.58 -5.91 47.98
CA THR C 800 -39.52 -6.97 47.62
C THR C 800 -40.98 -6.53 47.78
N TRP C 801 -41.75 -6.81 46.73
CA TRP C 801 -43.19 -6.72 46.73
C TRP C 801 -43.76 -8.14 46.58
N THR C 802 -44.70 -8.50 47.45
CA THR C 802 -45.48 -9.78 47.35
C THR C 802 -47.00 -9.47 47.41
N PRO C 803 -47.76 -9.69 46.30
CA PRO C 803 -49.17 -9.22 46.19
C PRO C 803 -50.35 -9.87 46.97
N HIS C 804 -50.27 -11.15 47.36
CA HIS C 804 -51.48 -11.87 47.94
C HIS C 804 -51.21 -12.53 49.30
N TRP D 49 3.12 -27.50 -22.43
CA TRP D 49 3.02 -28.04 -23.84
C TRP D 49 2.98 -26.97 -24.94
N PRO D 50 4.09 -26.84 -25.69
CA PRO D 50 4.24 -25.71 -26.58
C PRO D 50 3.49 -25.80 -27.93
N ALA D 51 3.15 -24.62 -28.44
CA ALA D 51 2.45 -24.43 -29.73
C ALA D 51 3.36 -24.80 -30.92
N PRO D 52 3.16 -25.95 -31.60
CA PRO D 52 3.94 -26.09 -32.84
C PRO D 52 3.46 -25.15 -33.97
N LEU D 53 4.39 -24.72 -34.81
CA LEU D 53 4.10 -23.79 -35.94
C LEU D 53 3.49 -24.54 -37.11
N ALA D 54 2.48 -23.93 -37.73
CA ALA D 54 1.94 -24.49 -38.94
C ALA D 54 3.04 -24.52 -40.00
N ASN D 55 3.03 -25.58 -40.79
CA ASN D 55 3.96 -25.71 -41.95
C ASN D 55 3.21 -26.07 -43.27
N GLY D 56 1.88 -26.18 -43.21
CA GLY D 56 1.06 -26.46 -44.39
C GLY D 56 0.88 -27.92 -44.74
N GLY D 57 1.57 -28.82 -44.05
CA GLY D 57 1.44 -30.27 -44.30
C GLY D 57 1.49 -30.67 -45.77
N LYS D 58 0.65 -31.62 -46.15
CA LYS D 58 0.75 -32.27 -47.44
C LYS D 58 0.08 -31.44 -48.59
N SER D 59 -1.22 -31.25 -48.54
CA SER D 59 -1.95 -30.60 -49.62
C SER D 59 -1.99 -29.08 -49.57
N TRP D 60 -1.72 -28.48 -48.41
CA TRP D 60 -1.83 -27.00 -48.30
C TRP D 60 -0.48 -26.25 -48.40
N ALA D 61 0.51 -26.82 -49.06
CA ALA D 61 1.87 -26.33 -49.00
C ALA D 61 1.90 -24.92 -49.53
N SER D 62 1.38 -24.75 -50.74
CA SER D 62 1.39 -23.47 -51.39
C SER D 62 0.40 -22.51 -50.78
N ALA D 63 -0.73 -22.99 -50.27
CA ALA D 63 -1.67 -22.13 -49.52
C ALA D 63 -1.08 -21.57 -48.23
N PHE D 64 -0.44 -22.43 -47.48
CA PHE D 64 0.29 -21.99 -46.27
C PHE D 64 1.28 -20.84 -46.61
N LYS D 65 1.94 -20.99 -47.74
CA LYS D 65 2.99 -20.09 -48.13
C LYS D 65 2.37 -18.77 -48.66
N LYS D 66 1.25 -18.75 -49.42
CA LYS D 66 0.57 -17.45 -49.72
C LYS D 66 0.12 -16.89 -48.31
N ALA D 67 -0.37 -17.77 -47.44
CA ALA D 67 -0.82 -17.29 -46.11
C ALA D 67 0.33 -16.60 -45.30
N LYS D 68 1.51 -17.21 -45.30
CA LYS D 68 2.66 -16.67 -44.59
C LYS D 68 3.05 -15.34 -45.24
N ALA D 69 2.92 -15.26 -46.55
CA ALA D 69 3.27 -14.05 -47.28
C ALA D 69 2.45 -12.88 -46.78
N THR D 70 1.17 -13.11 -46.60
CA THR D 70 0.29 -12.08 -46.11
C THR D 70 0.49 -11.73 -44.62
N VAL D 71 0.56 -12.72 -43.74
CA VAL D 71 0.72 -12.48 -42.31
C VAL D 71 2.00 -11.68 -42.02
N THR D 72 3.10 -12.02 -42.66
CA THR D 72 4.35 -11.32 -42.49
C THR D 72 4.22 -9.76 -42.63
N GLU D 73 3.35 -9.29 -43.53
CA GLU D 73 3.10 -7.87 -43.75
C GLU D 73 2.15 -7.23 -42.69
N MET D 74 1.62 -8.00 -41.75
CA MET D 74 0.53 -7.52 -40.93
C MET D 74 1.01 -6.76 -39.70
N THR D 75 0.32 -5.67 -39.38
CA THR D 75 0.48 -5.00 -38.07
C THR D 75 -0.21 -5.76 -36.96
N VAL D 76 0.15 -5.40 -35.73
CA VAL D 76 -0.46 -5.96 -34.54
C VAL D 76 -1.99 -5.80 -34.53
N GLU D 77 -2.43 -4.58 -34.85
CA GLU D 77 -3.84 -4.21 -35.01
C GLU D 77 -4.56 -5.18 -35.98
N GLU D 78 -3.93 -5.41 -37.14
CA GLU D 78 -4.48 -6.27 -38.19
C GLU D 78 -4.53 -7.74 -37.78
N LEU D 79 -3.50 -8.20 -37.08
CA LEU D 79 -3.52 -9.55 -36.52
C LEU D 79 -4.66 -9.72 -35.54
N ALA D 80 -4.94 -8.69 -34.74
CA ALA D 80 -5.97 -8.78 -33.75
C ALA D 80 -7.36 -8.67 -34.37
N ASN D 81 -7.42 -8.12 -35.57
CA ASN D 81 -8.64 -7.95 -36.30
C ASN D 81 -9.12 -9.29 -36.94
N ILE D 82 -8.25 -9.94 -37.67
CA ILE D 82 -8.57 -11.22 -38.26
C ILE D 82 -8.83 -12.36 -37.24
N THR D 83 -8.28 -12.28 -36.03
CA THR D 83 -8.39 -13.40 -35.08
C THR D 83 -9.57 -13.25 -34.10
N SER D 84 -10.44 -12.29 -34.30
CA SER D 84 -11.54 -12.06 -33.38
C SER D 84 -12.78 -11.64 -34.18
N GLY D 85 -13.94 -11.99 -33.66
CA GLY D 85 -15.16 -11.75 -34.40
C GLY D 85 -15.63 -10.30 -34.43
N VAL D 86 -16.23 -9.92 -35.54
CA VAL D 86 -16.91 -8.62 -35.67
C VAL D 86 -18.40 -8.83 -35.97
N ILE D 87 -19.12 -7.71 -36.06
CA ILE D 87 -20.56 -7.68 -36.24
C ILE D 87 -20.87 -7.92 -37.69
N GLY D 88 -21.80 -8.85 -37.96
CA GLY D 88 -22.39 -8.94 -39.29
C GLY D 88 -23.56 -9.91 -39.44
N LEU D 89 -23.92 -10.17 -40.69
CA LEU D 89 -25.15 -10.91 -41.01
C LEU D 89 -25.12 -12.42 -40.68
N CYS D 90 -23.92 -12.99 -40.63
CA CYS D 90 -23.66 -14.40 -40.39
C CYS D 90 -23.40 -14.72 -38.93
N SER D 91 -23.43 -15.99 -38.57
CA SER D 91 -23.23 -16.44 -37.20
C SER D 91 -21.99 -15.81 -36.59
N GLY D 92 -20.91 -15.76 -37.36
CA GLY D 92 -19.68 -15.07 -36.98
C GLY D 92 -19.02 -14.48 -38.21
N VAL D 93 -18.21 -13.46 -37.98
CA VAL D 93 -17.53 -12.70 -39.07
C VAL D 93 -16.14 -12.35 -38.54
N THR D 94 -15.07 -12.73 -39.26
CA THR D 94 -13.69 -12.31 -38.93
C THR D 94 -13.52 -10.87 -39.38
N GLY D 95 -12.83 -10.05 -38.58
CA GLY D 95 -12.45 -8.68 -38.98
C GLY D 95 -11.64 -8.70 -40.26
N ALA D 96 -11.94 -7.82 -41.20
CA ALA D 96 -11.16 -7.71 -42.43
C ALA D 96 -9.67 -7.25 -42.17
N VAL D 97 -8.80 -7.48 -43.13
CA VAL D 97 -7.52 -6.76 -43.15
C VAL D 97 -7.56 -5.86 -44.34
N THR D 98 -8.11 -4.68 -44.15
CA THR D 98 -8.54 -3.92 -45.32
C THR D 98 -7.40 -3.39 -46.16
N ARG D 99 -6.24 -3.19 -45.54
CA ARG D 99 -5.04 -2.71 -46.21
C ARG D 99 -4.45 -3.74 -47.18
N LEU D 100 -4.57 -5.03 -46.87
CA LEU D 100 -4.02 -6.08 -47.75
C LEU D 100 -5.09 -6.77 -48.59
N GLY D 101 -6.29 -6.23 -48.63
CA GLY D 101 -7.35 -6.80 -49.49
C GLY D 101 -7.98 -8.09 -48.98
N ILE D 102 -7.91 -8.37 -47.68
CA ILE D 102 -8.52 -9.55 -47.12
C ILE D 102 -9.89 -9.12 -46.64
N PRO D 103 -10.96 -9.69 -47.21
CA PRO D 103 -12.30 -9.37 -46.71
C PRO D 103 -12.59 -10.00 -45.34
N GLU D 104 -13.69 -9.58 -44.73
CA GLU D 104 -14.38 -10.30 -43.64
C GLU D 104 -14.74 -11.71 -44.12
N PHE D 105 -14.51 -12.71 -43.28
CA PHE D 105 -14.98 -14.07 -43.56
C PHE D 105 -16.31 -14.34 -42.84
N CYS D 106 -17.27 -14.83 -43.59
CA CYS D 106 -18.59 -15.24 -43.12
C CYS D 106 -18.47 -16.67 -42.60
N LEU D 107 -18.68 -16.87 -41.29
CA LEU D 107 -18.79 -18.21 -40.73
C LEU D 107 -20.26 -18.45 -40.39
N GLN D 108 -20.77 -19.58 -40.86
CA GLN D 108 -22.17 -19.83 -40.87
C GLN D 108 -22.47 -21.30 -40.55
N ASP D 109 -23.41 -21.48 -39.62
CA ASP D 109 -24.03 -22.79 -39.33
C ASP D 109 -24.80 -23.24 -40.53
N GLY D 110 -25.00 -24.55 -40.68
CA GLY D 110 -24.63 -25.56 -39.69
C GLY D 110 -24.57 -26.93 -40.36
N PRO D 111 -24.47 -27.98 -39.56
CA PRO D 111 -24.31 -29.33 -40.14
C PRO D 111 -25.45 -29.88 -40.99
N ILE D 112 -26.56 -29.16 -41.25
CA ILE D 112 -27.47 -29.61 -42.36
C ILE D 112 -27.49 -28.65 -43.55
N GLY D 113 -26.57 -27.72 -43.62
CA GLY D 113 -26.69 -26.68 -44.66
C GLY D 113 -26.83 -25.32 -44.04
N PRO D 114 -26.79 -24.25 -44.87
CA PRO D 114 -26.78 -22.89 -44.35
C PRO D 114 -28.06 -22.56 -43.59
N ARG D 115 -27.96 -22.19 -42.34
CA ARG D 115 -29.11 -21.96 -41.42
C ARG D 115 -29.55 -20.47 -41.42
N GLY D 116 -30.83 -20.16 -41.20
CA GLY D 116 -31.35 -18.76 -41.10
C GLY D 116 -31.57 -18.06 -42.43
N VAL D 117 -31.65 -18.85 -43.49
CA VAL D 117 -31.46 -18.39 -44.85
C VAL D 117 -32.66 -18.92 -45.63
N HIS D 118 -33.30 -18.07 -46.47
CA HIS D 118 -34.31 -18.53 -47.45
C HIS D 118 -33.60 -18.92 -48.75
N GLY D 119 -34.31 -19.52 -49.69
CA GLY D 119 -33.70 -19.91 -50.97
C GLY D 119 -32.80 -21.14 -50.94
N SER D 120 -32.88 -21.95 -49.89
CA SER D 120 -32.04 -23.12 -49.77
C SER D 120 -32.96 -24.30 -49.57
N SER D 121 -32.37 -25.47 -49.38
CA SER D 121 -33.08 -26.70 -49.17
C SER D 121 -32.84 -27.17 -47.72
N GLN D 122 -33.73 -27.96 -47.15
CA GLN D 122 -33.49 -28.51 -45.78
C GLN D 122 -33.07 -29.94 -45.98
N PHE D 123 -31.78 -30.16 -45.82
CA PHE D 123 -31.21 -31.50 -45.97
C PHE D 123 -31.48 -32.33 -44.72
N PRO D 124 -31.44 -33.66 -44.87
CA PRO D 124 -31.54 -34.51 -43.67
C PRO D 124 -30.33 -34.38 -42.73
N ALA D 125 -30.53 -34.79 -41.49
CA ALA D 125 -29.53 -34.65 -40.46
C ALA D 125 -28.50 -35.74 -40.59
N GLY D 126 -27.36 -35.51 -39.93
CA GLY D 126 -26.29 -36.51 -39.92
C GLY D 126 -26.81 -37.87 -39.46
N LEU D 127 -27.67 -37.85 -38.45
CA LEU D 127 -28.24 -39.08 -37.95
C LEU D 127 -28.79 -39.93 -39.08
N THR D 128 -29.58 -39.27 -39.93
CA THR D 128 -30.23 -39.83 -41.05
C THR D 128 -29.28 -40.37 -42.11
N VAL D 129 -28.21 -39.63 -42.49
CA VAL D 129 -27.28 -40.19 -43.45
C VAL D 129 -26.56 -41.38 -42.90
N ALA D 130 -26.22 -41.35 -41.61
CA ALA D 130 -25.55 -42.49 -41.00
C ALA D 130 -26.35 -43.79 -41.18
N ALA D 131 -27.65 -43.72 -40.90
CA ALA D 131 -28.56 -44.83 -41.07
C ALA D 131 -28.61 -45.38 -42.48
N THR D 132 -28.14 -44.60 -43.47
CA THR D 132 -28.00 -45.16 -44.82
C THR D 132 -26.89 -46.17 -44.96
N TRP D 133 -25.88 -46.07 -44.09
CA TRP D 133 -24.64 -46.87 -44.25
C TRP D 133 -24.06 -46.83 -45.68
N ASP D 134 -24.30 -45.73 -46.38
CA ASP D 134 -24.00 -45.58 -47.77
C ASP D 134 -23.00 -44.43 -47.93
N ARG D 135 -21.78 -44.77 -48.29
CA ARG D 135 -20.69 -43.82 -48.45
C ARG D 135 -20.96 -42.80 -49.55
N THR D 136 -21.56 -43.28 -50.64
CA THR D 136 -21.96 -42.43 -51.80
C THR D 136 -22.89 -41.28 -51.38
N LEU D 137 -23.84 -41.62 -50.55
CA LEU D 137 -24.83 -40.63 -50.07
C LEU D 137 -24.20 -39.73 -49.04
N MET D 138 -23.30 -40.24 -48.19
CA MET D 138 -22.64 -39.42 -47.21
C MET D 138 -21.85 -38.28 -47.92
N TYR D 139 -21.10 -38.67 -48.97
CA TYR D 139 -20.34 -37.71 -49.76
C TYR D 139 -21.29 -36.75 -50.50
N ALA D 140 -22.32 -37.29 -51.16
CA ALA D 140 -23.19 -36.45 -52.00
C ALA D 140 -23.97 -35.43 -51.17
N ARG D 141 -24.50 -35.83 -50.02
CA ARG D 141 -25.14 -34.94 -49.10
C ARG D 141 -24.29 -33.71 -48.83
N ALA D 142 -23.05 -33.93 -48.41
CA ALA D 142 -22.15 -32.87 -47.99
C ALA D 142 -21.72 -31.96 -49.14
N ARG D 143 -21.60 -32.52 -50.31
CA ARG D 143 -21.37 -31.81 -51.58
C ARG D 143 -22.49 -30.89 -51.92
N GLY D 144 -23.73 -31.38 -51.86
CA GLY D 144 -24.92 -30.55 -52.04
C GLY D 144 -25.04 -29.40 -51.01
N MET D 145 -24.86 -29.68 -49.72
CA MET D 145 -24.84 -28.63 -48.68
C MET D 145 -23.80 -27.57 -49.00
N GLY D 146 -22.60 -28.03 -49.36
CA GLY D 146 -21.48 -27.20 -49.82
C GLY D 146 -21.78 -26.25 -50.98
N GLN D 147 -22.38 -26.77 -52.04
CA GLN D 147 -22.82 -25.92 -53.14
C GLN D 147 -23.69 -24.80 -52.59
N GLU D 148 -24.65 -25.13 -51.72
CA GLU D 148 -25.57 -24.13 -51.16
C GLU D 148 -24.91 -23.12 -50.21
N PHE D 149 -24.01 -23.60 -49.30
CA PHE D 149 -23.15 -22.72 -48.47
C PHE D 149 -22.42 -21.68 -49.36
N HIS D 150 -21.74 -22.20 -50.39
CA HIS D 150 -20.91 -21.40 -51.26
C HIS D 150 -21.73 -20.37 -51.99
N ASP D 151 -22.85 -20.77 -52.59
CA ASP D 151 -23.72 -19.86 -53.37
C ASP D 151 -24.47 -18.84 -52.50
N GLN D 152 -24.60 -19.10 -51.20
CA GLN D 152 -25.15 -18.12 -50.29
C GLN D 152 -24.13 -17.14 -49.79
N GLY D 153 -22.85 -17.35 -50.12
CA GLY D 153 -21.80 -16.42 -49.69
C GLY D 153 -20.97 -16.85 -48.49
N VAL D 154 -21.09 -18.09 -48.05
CA VAL D 154 -20.31 -18.57 -46.89
C VAL D 154 -18.87 -19.02 -47.22
N HIS D 155 -17.91 -18.53 -46.42
CA HIS D 155 -16.48 -18.90 -46.50
C HIS D 155 -16.14 -20.16 -45.71
N LEU D 156 -16.64 -20.17 -44.45
CA LEU D 156 -16.39 -21.22 -43.45
C LEU D 156 -17.71 -21.79 -42.96
N ALA D 157 -17.92 -23.09 -43.16
CA ALA D 157 -19.14 -23.73 -42.67
C ALA D 157 -18.88 -24.33 -41.27
N LEU D 158 -19.76 -24.01 -40.30
CA LEU D 158 -19.65 -24.57 -38.96
C LEU D 158 -20.26 -26.01 -39.01
N ALA D 159 -19.53 -26.90 -39.70
CA ALA D 159 -19.93 -28.29 -39.98
C ALA D 159 -18.70 -28.96 -40.50
N PRO D 160 -18.67 -30.27 -40.55
CA PRO D 160 -19.66 -31.15 -39.98
C PRO D 160 -19.40 -31.43 -38.50
N VAL D 161 -20.24 -32.27 -37.92
CA VAL D 161 -20.04 -32.76 -36.57
C VAL D 161 -19.36 -34.11 -36.66
N THR D 162 -18.18 -34.22 -36.04
CA THR D 162 -17.26 -35.30 -36.30
C THR D 162 -16.79 -35.89 -35.00
N GLY D 163 -17.70 -36.44 -34.24
CA GLY D 163 -17.38 -37.12 -32.99
C GLY D 163 -17.45 -36.32 -31.69
N GLY D 164 -18.17 -35.20 -31.70
CA GLY D 164 -18.46 -34.40 -30.48
C GLY D 164 -19.78 -33.64 -30.59
N PRO D 165 -20.91 -34.18 -30.10
CA PRO D 165 -21.04 -35.46 -29.40
C PRO D 165 -20.95 -36.66 -30.29
N LEU D 166 -20.50 -37.75 -29.68
CA LEU D 166 -20.33 -39.02 -30.33
C LEU D 166 -21.43 -39.97 -29.88
N GLY D 167 -21.94 -39.88 -28.64
CA GLY D 167 -23.03 -40.77 -28.15
C GLY D 167 -22.88 -41.56 -26.83
N ARG D 168 -22.16 -40.99 -25.86
CA ARG D 168 -22.01 -41.56 -24.55
C ARG D 168 -23.32 -41.71 -23.83
N THR D 169 -24.23 -40.75 -24.05
CA THR D 169 -25.61 -40.82 -23.55
C THR D 169 -26.61 -40.73 -24.72
N PRO D 170 -27.57 -41.67 -24.79
CA PRO D 170 -28.57 -41.61 -25.83
C PRO D 170 -29.62 -40.50 -25.59
N LEU D 171 -29.47 -39.66 -24.57
CA LEU D 171 -30.36 -38.52 -24.30
C LEU D 171 -29.79 -37.16 -24.75
N ASN D 172 -28.60 -37.17 -25.34
CA ASN D 172 -27.95 -35.93 -25.75
C ASN D 172 -28.87 -35.13 -26.67
N GLY D 173 -29.20 -33.93 -26.25
CA GLY D 173 -30.13 -33.12 -27.03
C GLY D 173 -29.73 -32.80 -28.44
N ARG D 174 -28.44 -32.90 -28.72
CA ARG D 174 -27.94 -32.66 -30.03
C ARG D 174 -27.17 -33.82 -30.66
N GLY D 175 -27.40 -35.05 -30.18
CA GLY D 175 -26.74 -36.25 -30.75
C GLY D 175 -27.02 -36.44 -32.22
N TRP D 176 -28.26 -36.11 -32.58
CA TRP D 176 -28.77 -36.10 -33.97
C TRP D 176 -27.96 -35.29 -34.97
N GLU D 177 -27.22 -34.29 -34.51
CA GLU D 177 -26.37 -33.53 -35.42
C GLU D 177 -25.20 -34.41 -35.94
N GLY D 178 -24.75 -35.39 -35.18
CA GLY D 178 -23.64 -36.26 -35.59
C GLY D 178 -24.18 -37.44 -36.39
N THR D 179 -23.55 -38.60 -36.23
CA THR D 179 -23.80 -39.73 -37.11
C THR D 179 -23.99 -41.08 -36.48
N PHE D 180 -22.92 -41.72 -36.03
CA PHE D 180 -22.97 -43.04 -35.48
C PHE D 180 -22.43 -42.90 -34.05
N ALA D 181 -22.89 -43.77 -33.15
CA ALA D 181 -22.35 -43.86 -31.77
C ALA D 181 -21.23 -44.89 -31.77
N ASP D 182 -20.24 -44.65 -32.62
CA ASP D 182 -19.19 -45.61 -32.89
C ASP D 182 -18.06 -44.91 -33.58
N PRO D 183 -16.84 -44.94 -33.01
CA PRO D 183 -15.75 -44.16 -33.60
C PRO D 183 -15.45 -44.55 -35.03
N TYR D 184 -15.53 -45.83 -35.41
CA TYR D 184 -15.11 -46.22 -36.78
C TYR D 184 -16.02 -45.59 -37.87
N ALA D 185 -17.31 -45.74 -37.64
CA ALA D 185 -18.30 -45.39 -38.61
C ALA D 185 -18.46 -43.91 -38.59
N CYS D 186 -18.44 -43.28 -37.40
CA CYS D 186 -18.42 -41.81 -37.33
C CYS D 186 -17.23 -41.28 -38.05
N GLY D 187 -16.11 -41.94 -37.93
CA GLY D 187 -14.93 -41.51 -38.58
C GLY D 187 -15.00 -41.56 -40.09
N GLU D 188 -15.51 -42.64 -40.66
CA GLU D 188 -15.76 -42.74 -42.08
C GLU D 188 -16.75 -41.70 -42.59
N ALA D 189 -17.83 -41.47 -41.88
CA ALA D 189 -18.75 -40.38 -42.25
C ALA D 189 -18.16 -38.98 -42.11
N SER D 190 -17.27 -38.76 -41.15
CA SER D 190 -16.63 -37.45 -40.98
C SER D 190 -15.69 -37.17 -42.16
N TYR D 191 -14.91 -38.17 -42.53
CA TYR D 191 -13.99 -38.05 -43.67
C TYR D 191 -14.78 -37.51 -44.86
N LEU D 192 -15.85 -38.21 -45.19
CA LEU D 192 -16.56 -38.01 -46.44
C LEU D 192 -17.35 -36.73 -46.39
N SER D 193 -17.82 -36.32 -45.21
CA SER D 193 -18.51 -35.03 -45.10
C SER D 193 -17.57 -33.86 -45.22
N VAL D 194 -16.41 -33.95 -44.58
CA VAL D 194 -15.38 -32.92 -44.76
C VAL D 194 -15.01 -32.82 -46.27
N LYS D 195 -14.77 -33.97 -46.89
CA LYS D 195 -14.39 -34.01 -48.32
C LYS D 195 -15.45 -33.39 -49.23
N GLY D 196 -16.71 -33.57 -48.94
CA GLY D 196 -17.76 -33.05 -49.81
C GLY D 196 -17.92 -31.55 -49.67
N LEU D 197 -17.80 -31.06 -48.46
CA LEU D 197 -17.91 -29.63 -48.19
C LEU D 197 -16.71 -28.93 -48.77
N THR D 198 -15.51 -29.43 -48.50
CA THR D 198 -14.31 -28.75 -49.05
C THR D 198 -14.27 -28.88 -50.57
N ASP D 199 -14.74 -30.01 -51.14
CA ASP D 199 -14.90 -30.14 -52.62
C ASP D 199 -15.81 -29.08 -53.30
N ALA D 200 -16.75 -28.49 -52.54
CA ALA D 200 -17.63 -27.44 -53.04
C ALA D 200 -17.11 -26.08 -52.89
N GLY D 201 -16.02 -25.89 -52.18
CA GLY D 201 -15.42 -24.54 -52.08
C GLY D 201 -15.61 -23.82 -50.75
N VAL D 202 -16.16 -24.50 -49.73
CA VAL D 202 -16.29 -23.89 -48.40
C VAL D 202 -15.35 -24.58 -47.45
N ALA D 203 -14.73 -23.79 -46.61
CA ALA D 203 -13.83 -24.30 -45.64
C ALA D 203 -14.70 -24.89 -44.59
N THR D 204 -14.21 -25.93 -43.93
CA THR D 204 -14.96 -26.60 -42.87
C THR D 204 -14.41 -26.26 -41.50
N VAL D 205 -15.32 -26.25 -40.52
CA VAL D 205 -14.99 -26.16 -39.14
C VAL D 205 -15.62 -27.33 -38.42
N SER D 206 -14.92 -28.47 -38.43
CA SER D 206 -15.37 -29.68 -37.73
C SER D 206 -15.42 -29.50 -36.28
N LYS D 207 -16.48 -30.05 -35.69
CA LYS D 207 -16.78 -29.79 -34.29
C LYS D 207 -17.39 -30.99 -33.57
N HIS D 208 -17.36 -31.08 -32.24
CA HIS D 208 -16.75 -30.16 -31.28
C HIS D 208 -15.64 -30.93 -30.60
N TRP D 209 -14.43 -30.43 -30.66
CA TRP D 209 -13.30 -31.00 -29.93
C TRP D 209 -13.37 -30.58 -28.43
N ILE D 210 -13.53 -31.46 -27.46
CA ILE D 210 -13.68 -32.91 -27.58
C ILE D 210 -14.24 -33.38 -26.23
N ALA D 211 -14.87 -34.56 -26.23
CA ALA D 211 -15.55 -35.11 -25.08
C ALA D 211 -16.75 -34.26 -24.60
N TYR D 212 -17.45 -33.72 -25.59
CA TYR D 212 -18.60 -32.85 -25.40
C TYR D 212 -19.79 -33.80 -25.48
N GLU D 213 -20.06 -34.45 -24.36
CA GLU D 213 -21.04 -35.54 -24.29
C GLU D 213 -22.26 -35.22 -23.48
N GLN D 214 -22.43 -33.98 -23.07
CA GLN D 214 -23.70 -33.56 -22.56
C GLN D 214 -23.97 -32.05 -22.74
N GLU D 215 -25.25 -31.72 -22.83
CA GLU D 215 -25.67 -30.36 -23.01
C GLU D 215 -25.92 -29.68 -21.68
N THR D 216 -26.39 -30.47 -20.71
CA THR D 216 -26.65 -30.00 -19.35
C THR D 216 -25.37 -29.41 -18.73
N SER D 217 -25.44 -28.17 -18.26
CA SER D 217 -24.27 -27.49 -17.64
C SER D 217 -23.10 -27.32 -18.62
N ARG D 218 -23.39 -27.19 -19.93
CA ARG D 218 -22.36 -26.86 -20.87
C ARG D 218 -21.89 -25.42 -20.54
N ASN D 219 -22.83 -24.60 -20.09
CA ASN D 219 -22.56 -23.30 -19.46
C ASN D 219 -21.69 -22.38 -20.31
N LEU D 220 -22.32 -21.79 -21.33
CA LEU D 220 -21.68 -20.85 -22.19
C LEU D 220 -21.23 -19.70 -21.33
N TYR D 221 -20.07 -19.12 -21.66
CA TYR D 221 -19.70 -17.82 -21.09
C TYR D 221 -20.69 -16.75 -21.56
N ILE D 222 -21.49 -16.21 -20.63
CA ILE D 222 -22.33 -15.03 -20.85
C ILE D 222 -21.99 -14.04 -19.73
N ASP D 223 -21.73 -12.78 -20.10
CA ASP D 223 -21.50 -11.71 -19.12
C ASP D 223 -22.24 -10.48 -19.59
N ILE D 224 -23.32 -10.13 -18.93
CA ILE D 224 -24.06 -8.93 -19.29
C ILE D 224 -24.63 -8.28 -18.02
N ASP D 225 -24.38 -6.97 -17.85
CA ASP D 225 -24.61 -6.19 -16.60
C ASP D 225 -23.66 -6.55 -15.41
N GLY D 226 -22.37 -6.78 -15.70
CA GLY D 226 -21.38 -7.19 -14.67
C GLY D 226 -21.63 -8.50 -13.90
N VAL D 227 -22.56 -9.33 -14.40
CA VAL D 227 -22.92 -10.63 -13.77
C VAL D 227 -22.65 -11.81 -14.77
N SER D 228 -21.52 -12.49 -14.58
CA SER D 228 -21.03 -13.48 -15.53
C SER D 228 -21.39 -14.91 -15.10
N GLN D 229 -21.42 -15.80 -16.08
CA GLN D 229 -21.61 -17.23 -15.81
C GLN D 229 -20.54 -17.78 -14.87
N ALA D 230 -19.36 -17.17 -14.83
CA ALA D 230 -18.31 -17.56 -13.83
C ALA D 230 -18.71 -17.42 -12.34
N ASP D 231 -19.70 -16.57 -12.08
CA ASP D 231 -20.27 -16.39 -10.74
C ASP D 231 -21.31 -17.44 -10.39
N ILE D 232 -21.95 -18.05 -11.39
CA ILE D 232 -22.93 -19.13 -11.19
C ILE D 232 -22.32 -20.56 -11.18
N GLN D 233 -21.66 -21.01 -12.25
CA GLN D 233 -21.26 -22.44 -12.36
C GLN D 233 -20.33 -22.59 -13.54
N LEU D 234 -19.27 -23.36 -13.37
CA LEU D 234 -18.35 -23.63 -14.47
C LEU D 234 -18.99 -24.71 -15.35
N PRO D 235 -18.48 -24.88 -16.56
CA PRO D 235 -18.95 -25.95 -17.42
C PRO D 235 -18.65 -27.33 -16.87
N ILE D 236 -19.52 -28.30 -17.15
CA ILE D 236 -19.26 -29.69 -16.86
C ILE D 236 -17.83 -30.02 -17.28
N SER D 237 -17.15 -30.83 -16.46
CA SER D 237 -15.80 -31.29 -16.76
C SER D 237 -15.85 -32.77 -17.15
N SER D 238 -15.45 -33.08 -18.38
CA SER D 238 -15.30 -34.45 -18.81
C SER D 238 -13.95 -34.94 -18.40
N ASN D 239 -13.89 -35.90 -17.51
CA ASN D 239 -12.60 -36.36 -16.99
C ASN D 239 -12.31 -37.70 -17.68
N VAL D 240 -11.40 -37.64 -18.63
CA VAL D 240 -11.14 -38.70 -19.57
C VAL D 240 -9.70 -39.19 -19.43
N ASP D 241 -9.56 -40.49 -19.26
CA ASP D 241 -8.27 -41.14 -19.25
C ASP D 241 -7.61 -41.24 -20.67
N ASP D 242 -6.31 -41.48 -20.73
CA ASP D 242 -5.61 -41.36 -22.00
C ASP D 242 -6.02 -42.43 -23.00
N LEU D 243 -6.21 -43.65 -22.55
CA LEU D 243 -6.62 -44.72 -23.47
C LEU D 243 -7.95 -44.38 -24.20
N THR D 244 -8.94 -43.93 -23.43
CA THR D 244 -10.25 -43.56 -23.93
C THR D 244 -10.20 -42.39 -24.91
N MET D 245 -9.42 -41.38 -24.59
CA MET D 245 -9.21 -40.27 -25.49
C MET D 245 -8.67 -40.73 -26.81
N HIS D 246 -7.68 -41.63 -26.81
CA HIS D 246 -7.13 -42.14 -28.06
C HIS D 246 -7.99 -43.12 -28.84
N GLU D 247 -8.61 -44.05 -28.15
CA GLU D 247 -9.30 -45.13 -28.86
C GLU D 247 -10.77 -44.79 -29.16
N LEU D 248 -11.35 -43.79 -28.49
CA LEU D 248 -12.74 -43.35 -28.68
C LEU D 248 -12.87 -41.91 -29.23
N TYR D 249 -12.62 -40.90 -28.44
CA TYR D 249 -12.95 -39.55 -28.82
C TYR D 249 -12.07 -38.96 -29.92
N MET D 250 -10.78 -39.25 -29.92
CA MET D 250 -9.92 -38.77 -30.99
C MET D 250 -10.14 -39.41 -32.38
N TRP D 251 -10.71 -40.61 -32.44
CA TRP D 251 -10.75 -41.37 -33.71
C TRP D 251 -11.38 -40.61 -34.88
N SER D 252 -12.56 -40.04 -34.64
CA SER D 252 -13.25 -39.33 -35.74
C SER D 252 -12.53 -38.08 -36.10
N PHE D 253 -11.92 -37.43 -35.11
CA PHE D 253 -11.18 -36.19 -35.37
C PHE D 253 -9.96 -36.43 -36.23
N ALA D 254 -9.30 -37.56 -36.03
CA ALA D 254 -8.13 -37.91 -36.86
C ALA D 254 -8.54 -38.04 -38.31
N GLU D 255 -9.66 -38.66 -38.58
CA GLU D 255 -10.23 -38.77 -39.96
C GLU D 255 -10.60 -37.40 -40.54
N ALA D 256 -11.22 -36.56 -39.74
CA ALA D 256 -11.56 -35.21 -40.21
C ALA D 256 -10.28 -34.44 -40.61
N VAL D 257 -9.20 -34.61 -39.84
CA VAL D 257 -7.91 -33.97 -40.17
C VAL D 257 -7.35 -34.51 -41.48
N ARG D 258 -7.36 -35.83 -41.60
CA ARG D 258 -6.87 -36.50 -42.80
C ARG D 258 -7.69 -36.17 -44.03
N ALA D 259 -8.96 -35.82 -43.87
CA ALA D 259 -9.76 -35.40 -45.03
C ALA D 259 -9.50 -33.90 -45.39
N GLY D 260 -8.79 -33.16 -44.53
CA GLY D 260 -8.44 -31.83 -44.79
C GLY D 260 -9.38 -30.83 -44.20
N THR D 261 -9.93 -31.10 -43.01
CA THR D 261 -10.76 -30.08 -42.43
C THR D 261 -9.93 -28.84 -42.20
N ASN D 262 -10.44 -27.71 -42.63
CA ASN D 262 -9.62 -26.51 -42.63
C ASN D 262 -9.49 -25.97 -41.22
N HIS D 263 -10.53 -26.14 -40.42
CA HIS D 263 -10.57 -25.71 -39.02
C HIS D 263 -11.25 -26.76 -38.16
N ILE D 264 -11.13 -26.56 -36.87
CA ILE D 264 -11.77 -27.34 -35.83
C ILE D 264 -12.29 -26.39 -34.76
N MET D 265 -13.51 -26.65 -34.28
CA MET D 265 -14.09 -25.86 -33.18
C MET D 265 -13.86 -26.62 -31.89
N CYS D 266 -13.41 -25.91 -30.87
CA CYS D 266 -13.34 -26.52 -29.50
C CYS D 266 -14.74 -26.57 -28.86
N SER D 267 -14.85 -27.07 -27.65
CA SER D 267 -16.13 -27.43 -27.08
C SER D 267 -16.43 -26.65 -25.81
N TYR D 268 -17.69 -26.59 -25.43
CA TYR D 268 -18.08 -25.95 -24.15
C TYR D 268 -17.56 -26.63 -22.87
N ASN D 269 -17.50 -27.93 -22.86
CA ASN D 269 -17.02 -28.66 -21.67
C ASN D 269 -15.58 -28.34 -21.32
N ARG D 270 -15.27 -28.46 -20.03
CA ARG D 270 -13.89 -28.53 -19.56
C ARG D 270 -13.44 -30.00 -19.76
N ILE D 271 -12.12 -30.21 -19.87
CA ILE D 271 -11.54 -31.56 -19.86
C ILE D 271 -10.51 -31.63 -18.73
N ASN D 272 -10.67 -32.57 -17.80
CA ASN D 272 -9.86 -32.60 -16.57
C ASN D 272 -9.82 -31.23 -15.89
N ASN D 273 -10.97 -30.58 -15.84
CA ASN D 273 -11.11 -29.28 -15.17
C ASN D 273 -10.39 -28.13 -15.82
N THR D 274 -9.87 -28.30 -17.03
CA THR D 274 -9.46 -27.19 -17.88
C THR D 274 -10.38 -26.95 -19.09
N HIS D 275 -10.74 -25.69 -19.35
CA HIS D 275 -11.57 -25.36 -20.55
C HIS D 275 -10.96 -25.88 -21.83
N SER D 276 -11.79 -26.54 -22.65
CA SER D 276 -11.37 -27.07 -23.94
C SER D 276 -10.67 -25.98 -24.81
N CYS D 277 -11.23 -24.78 -24.84
CA CYS D 277 -10.72 -23.73 -25.72
C CYS D 277 -9.38 -23.13 -25.24
N SER D 278 -8.90 -23.53 -24.05
CA SER D 278 -7.56 -23.22 -23.61
C SER D 278 -6.94 -24.41 -22.90
N ASN D 279 -7.18 -25.60 -23.42
CA ASN D 279 -6.56 -26.77 -22.88
C ASN D 279 -5.31 -27.12 -23.69
N ALA D 280 -4.15 -27.05 -23.05
CA ALA D 280 -2.87 -27.24 -23.77
C ALA D 280 -2.60 -28.67 -24.24
N LYS D 281 -2.83 -29.61 -23.35
CA LYS D 281 -2.75 -31.02 -23.67
C LYS D 281 -3.73 -31.31 -24.84
N GLY D 282 -4.89 -30.68 -24.81
CA GLY D 282 -5.91 -30.89 -25.81
C GLY D 282 -5.55 -30.30 -27.15
N LEU D 283 -5.24 -29.01 -27.17
CA LEU D 283 -5.09 -28.32 -28.44
C LEU D 283 -3.68 -28.34 -28.99
N ASN D 284 -2.70 -28.04 -28.15
CA ASN D 284 -1.30 -27.95 -28.62
C ASN D 284 -0.63 -29.31 -28.82
N GLN D 285 -0.91 -30.24 -27.91
CA GLN D 285 -0.28 -31.54 -27.95
C GLN D 285 -1.16 -32.52 -28.71
N LEU D 286 -2.33 -32.87 -28.19
CA LEU D 286 -3.13 -33.92 -28.82
C LEU D 286 -3.53 -33.55 -30.28
N LEU D 287 -4.00 -32.32 -30.50
CA LEU D 287 -4.51 -31.92 -31.81
C LEU D 287 -3.42 -31.38 -32.74
N LYS D 288 -2.70 -30.34 -32.30
CA LYS D 288 -1.66 -29.70 -33.17
C LYS D 288 -0.33 -30.47 -33.36
N THR D 289 -0.03 -31.42 -32.48
CA THR D 289 1.20 -32.22 -32.55
C THR D 289 0.87 -33.64 -32.94
N GLU D 290 0.22 -34.40 -32.09
CA GLU D 290 -0.08 -35.81 -32.46
C GLU D 290 -0.93 -35.98 -33.77
N LEU D 291 -2.04 -35.27 -33.89
CA LEU D 291 -2.82 -35.26 -35.15
C LEU D 291 -2.23 -34.34 -36.21
N ASN D 292 -1.23 -33.53 -35.81
CA ASN D 292 -0.48 -32.68 -36.76
C ASN D 292 -1.37 -31.69 -37.54
N PHE D 293 -2.41 -31.24 -36.85
CA PHE D 293 -3.42 -30.35 -37.42
C PHE D 293 -2.78 -29.02 -37.87
N GLN D 294 -2.95 -28.68 -39.13
CA GLN D 294 -2.36 -27.51 -39.72
C GLN D 294 -3.25 -26.33 -39.82
N GLY D 295 -4.46 -26.47 -39.34
CA GLY D 295 -5.46 -25.42 -39.52
C GLY D 295 -5.76 -24.69 -38.27
N GLY D 296 -6.82 -23.90 -38.33
CA GLY D 296 -7.25 -23.09 -37.16
C GLY D 296 -8.22 -23.71 -36.14
N VAL D 297 -8.02 -23.36 -34.88
CA VAL D 297 -8.96 -23.64 -33.82
C VAL D 297 -9.86 -22.46 -33.51
N VAL D 298 -11.16 -22.66 -33.71
CA VAL D 298 -12.18 -21.63 -33.57
C VAL D 298 -12.93 -21.91 -32.26
N SER D 299 -13.25 -20.87 -31.51
CA SER D 299 -14.02 -21.05 -30.28
C SER D 299 -15.48 -21.29 -30.58
N ASN D 300 -16.13 -22.02 -29.67
CA ASN D 300 -17.59 -22.05 -29.60
C ASN D 300 -17.99 -20.64 -29.25
N TRP D 301 -19.24 -20.29 -29.55
CA TRP D 301 -19.75 -18.99 -29.23
C TRP D 301 -20.02 -19.05 -27.72
N GLY D 302 -19.17 -18.34 -26.97
CA GLY D 302 -19.10 -18.43 -25.51
C GLY D 302 -18.27 -19.58 -24.98
N GLY D 303 -17.45 -20.19 -25.85
CA GLY D 303 -16.51 -21.22 -25.46
C GLY D 303 -15.23 -20.67 -24.81
N GLN D 304 -14.90 -19.42 -25.15
CA GLN D 304 -13.72 -18.76 -24.59
C GLN D 304 -14.03 -18.03 -23.25
N TRP D 305 -13.21 -18.37 -22.23
CA TRP D 305 -13.35 -17.88 -20.83
C TRP D 305 -12.22 -16.94 -20.33
N ASP D 306 -11.20 -16.73 -21.15
CA ASP D 306 -10.00 -15.95 -20.75
C ASP D 306 -9.25 -15.40 -21.99
N SER D 307 -8.45 -14.34 -21.83
CA SER D 307 -7.60 -13.83 -22.91
C SER D 307 -6.29 -14.64 -23.14
N VAL D 308 -5.55 -14.90 -22.06
CA VAL D 308 -4.13 -15.28 -22.11
C VAL D 308 -3.93 -16.78 -22.23
N PRO D 309 -4.53 -17.59 -21.31
CA PRO D 309 -4.29 -19.04 -21.48
C PRO D 309 -4.74 -19.50 -22.85
N ALA D 310 -5.86 -18.92 -23.35
CA ALA D 310 -6.39 -19.23 -24.68
C ALA D 310 -5.39 -18.94 -25.77
N ALA D 311 -4.80 -17.76 -25.69
CA ALA D 311 -3.81 -17.37 -26.66
C ALA D 311 -2.56 -18.24 -26.66
N GLU D 312 -2.22 -18.86 -25.53
CA GLU D 312 -1.04 -19.68 -25.39
C GLU D 312 -1.28 -21.16 -25.59
N ASN D 313 -2.50 -21.62 -25.33
CA ASN D 313 -2.74 -23.06 -25.28
C ASN D 313 -3.48 -23.65 -26.51
N GLY D 314 -3.62 -22.85 -27.57
CA GLY D 314 -4.07 -23.34 -28.86
C GLY D 314 -5.22 -22.67 -29.58
N LEU D 315 -5.90 -21.70 -28.97
CA LEU D 315 -7.05 -21.07 -29.64
C LEU D 315 -6.50 -20.21 -30.71
N ASP D 316 -7.13 -20.22 -31.88
CA ASP D 316 -6.74 -19.36 -33.01
C ASP D 316 -7.75 -18.29 -33.40
N VAL D 317 -9.06 -18.51 -33.13
CA VAL D 317 -10.10 -17.57 -33.54
C VAL D 317 -11.17 -17.38 -32.45
N ALA D 318 -11.32 -16.15 -32.01
CA ALA D 318 -12.30 -15.86 -30.97
C ALA D 318 -13.61 -15.46 -31.63
N MET D 319 -14.67 -16.15 -31.28
CA MET D 319 -16.01 -15.89 -31.82
C MET D 319 -17.03 -15.91 -30.71
N PRO D 320 -18.04 -15.07 -30.77
CA PRO D 320 -18.28 -14.15 -31.85
C PRO D 320 -17.63 -12.74 -31.71
N GLY D 321 -16.88 -12.48 -30.63
CA GLY D 321 -16.22 -11.18 -30.48
C GLY D 321 -17.21 -10.06 -30.26
N LYS D 322 -17.25 -9.08 -31.16
CA LYS D 322 -18.16 -7.94 -31.00
C LYS D 322 -19.61 -8.26 -31.34
N GLY D 323 -19.87 -9.44 -31.91
CA GLY D 323 -21.22 -9.86 -32.24
C GLY D 323 -21.96 -10.25 -30.97
N PHE D 324 -23.29 -10.34 -31.08
CA PHE D 324 -24.16 -10.61 -29.92
C PHE D 324 -23.94 -9.63 -28.75
N LEU D 325 -23.70 -8.33 -29.08
CA LEU D 325 -23.51 -7.26 -28.09
C LEU D 325 -22.31 -7.43 -27.11
N GLY D 326 -21.37 -8.30 -27.47
CA GLY D 326 -20.23 -8.60 -26.61
C GLY D 326 -20.59 -9.44 -25.41
N ALA D 327 -21.80 -9.97 -25.43
CA ALA D 327 -22.35 -10.69 -24.31
C ALA D 327 -21.72 -12.06 -24.10
N LEU D 328 -21.06 -12.62 -25.12
CA LEU D 328 -20.51 -13.99 -25.01
C LEU D 328 -19.03 -13.97 -24.70
N GLY D 329 -18.57 -12.84 -24.20
CA GLY D 329 -17.16 -12.59 -24.02
C GLY D 329 -16.59 -11.97 -25.28
N ASP D 330 -15.53 -11.22 -25.06
CA ASP D 330 -14.82 -10.47 -26.07
C ASP D 330 -13.43 -10.21 -25.46
N PHE D 331 -12.64 -11.27 -25.45
CA PHE D 331 -11.42 -11.38 -24.64
C PHE D 331 -10.15 -11.00 -25.40
N TRP D 332 -10.23 -10.98 -26.72
CA TRP D 332 -9.10 -10.58 -27.56
C TRP D 332 -9.70 -9.33 -28.23
N GLY D 333 -9.40 -9.03 -29.47
CA GLY D 333 -9.55 -7.70 -30.10
C GLY D 333 -8.53 -6.70 -29.56
N ALA D 334 -8.99 -5.50 -29.24
CA ALA D 334 -8.13 -4.49 -28.57
C ALA D 334 -7.37 -5.01 -27.33
N THR D 335 -7.94 -5.97 -26.63
CA THR D 335 -7.28 -6.56 -25.48
C THR D 335 -6.04 -7.36 -25.88
N LEU D 336 -6.09 -8.01 -27.04
CA LEU D 336 -4.95 -8.77 -27.54
C LEU D 336 -3.89 -7.87 -28.14
N VAL D 337 -4.31 -6.77 -28.76
CA VAL D 337 -3.39 -5.72 -29.17
C VAL D 337 -2.52 -5.34 -27.96
N GLU D 338 -3.16 -4.95 -26.85
CA GLU D 338 -2.45 -4.60 -25.60
C GLU D 338 -1.53 -5.69 -25.07
N LEU D 339 -1.97 -6.93 -25.12
CA LEU D 339 -1.17 -8.05 -24.64
C LEU D 339 0.11 -8.27 -25.49
N ILE D 340 0.07 -7.89 -26.76
CA ILE D 340 1.21 -8.12 -27.64
C ILE D 340 2.17 -6.98 -27.41
N ASN D 341 1.66 -5.76 -27.53
CA ASN D 341 2.44 -4.55 -27.32
C ASN D 341 3.17 -4.45 -25.99
N ASN D 342 2.53 -4.89 -24.91
CA ASN D 342 3.11 -4.84 -23.56
C ASN D 342 3.86 -6.12 -23.15
N GLY D 343 4.08 -7.03 -24.10
CA GLY D 343 5.02 -8.17 -23.95
C GLY D 343 4.47 -9.50 -23.43
N THR D 344 3.21 -9.54 -22.99
CA THR D 344 2.64 -10.74 -22.32
C THR D 344 2.35 -11.92 -23.26
N VAL D 345 1.87 -11.63 -24.47
CA VAL D 345 1.71 -12.64 -25.51
C VAL D 345 2.68 -12.37 -26.66
N SER D 346 3.32 -13.42 -27.19
CA SER D 346 4.27 -13.26 -28.32
C SER D 346 3.56 -12.90 -29.65
N GLU D 347 4.07 -11.88 -30.33
CA GLU D 347 3.66 -11.58 -31.69
C GLU D 347 3.78 -12.79 -32.64
N ASP D 348 4.85 -13.57 -32.53
CA ASP D 348 4.97 -14.75 -33.41
C ASP D 348 3.86 -15.80 -33.15
N LEU D 349 3.46 -15.97 -31.89
CA LEU D 349 2.38 -16.89 -31.53
C LEU D 349 1.08 -16.46 -32.25
N VAL D 350 0.83 -15.16 -32.28
CA VAL D 350 -0.36 -14.63 -32.92
C VAL D 350 -0.30 -14.70 -34.46
N ARG D 351 0.89 -14.54 -35.04
CA ARG D 351 1.08 -14.70 -36.48
C ARG D 351 0.74 -16.12 -36.90
N ASP D 352 1.11 -17.12 -36.12
CA ASP D 352 0.66 -18.49 -36.40
C ASP D 352 -0.86 -18.66 -36.45
N LYS D 353 -1.58 -17.95 -35.59
CA LYS D 353 -3.05 -18.06 -35.56
C LYS D 353 -3.64 -17.56 -36.89
N ALA D 354 -3.24 -16.37 -37.28
CA ALA D 354 -3.59 -15.79 -38.57
C ALA D 354 -3.14 -16.62 -39.76
N VAL D 355 -2.01 -17.32 -39.69
CA VAL D 355 -1.57 -18.13 -40.80
C VAL D 355 -2.53 -19.31 -40.88
N ARG D 356 -2.93 -19.82 -39.73
CA ARG D 356 -3.85 -20.93 -39.72
C ARG D 356 -5.20 -20.52 -40.34
N ILE D 357 -5.64 -19.28 -40.14
CA ILE D 357 -6.91 -18.82 -40.69
C ILE D 357 -6.85 -18.60 -42.20
N LEU D 358 -5.80 -17.97 -42.64
CA LEU D 358 -5.61 -17.67 -44.02
C LEU D 358 -5.24 -18.88 -44.88
N THR D 359 -4.65 -19.92 -44.31
CA THR D 359 -4.38 -21.11 -45.13
C THR D 359 -5.62 -21.63 -45.92
N GLY D 360 -6.78 -21.66 -45.28
CA GLY D 360 -8.00 -22.18 -45.90
C GLY D 360 -8.59 -21.30 -47.01
N TYR D 361 -8.55 -20.00 -46.77
CA TYR D 361 -8.89 -18.98 -47.70
C TYR D 361 -8.13 -19.18 -48.97
N TYR D 362 -6.82 -19.43 -48.90
CA TYR D 362 -6.09 -19.53 -50.15
C TYR D 362 -6.22 -20.91 -50.72
N TYR D 363 -6.18 -21.93 -49.88
CA TYR D 363 -6.28 -23.31 -50.37
C TYR D 363 -7.56 -23.48 -51.22
N LEU D 364 -8.67 -22.98 -50.71
CA LEU D 364 -9.96 -23.14 -51.42
C LEU D 364 -10.22 -22.06 -52.47
N GLY D 365 -9.20 -21.25 -52.77
CA GLY D 365 -9.27 -20.27 -53.85
C GLY D 365 -10.33 -19.23 -53.68
N GLN D 366 -10.54 -18.81 -52.45
CA GLN D 366 -11.48 -17.74 -52.14
C GLN D 366 -10.94 -16.33 -52.42
N ASP D 367 -9.63 -16.20 -52.61
CA ASP D 367 -9.03 -14.91 -53.11
C ASP D 367 -9.34 -14.68 -54.61
N THR D 368 -9.27 -15.74 -55.41
CA THR D 368 -9.46 -15.64 -56.88
C THR D 368 -10.89 -15.95 -57.34
N ASN D 369 -11.64 -16.67 -56.47
CA ASN D 369 -13.03 -17.00 -56.69
C ASN D 369 -13.88 -16.61 -55.47
N PRO D 370 -13.99 -15.30 -55.21
CA PRO D 370 -14.66 -14.94 -53.94
C PRO D 370 -16.08 -15.44 -53.84
N PRO D 371 -16.52 -15.88 -52.66
CA PRO D 371 -17.93 -16.17 -52.58
C PRO D 371 -18.73 -14.89 -52.79
N PRO D 372 -19.94 -15.00 -53.35
CA PRO D 372 -20.86 -13.86 -53.50
C PRO D 372 -21.21 -13.19 -52.15
N PRO D 373 -21.79 -11.96 -52.16
CA PRO D 373 -22.20 -11.34 -50.86
C PRO D 373 -23.25 -12.18 -50.12
N PHE D 374 -23.16 -12.22 -48.79
CA PHE D 374 -24.11 -12.90 -47.94
C PHE D 374 -25.21 -11.92 -47.56
N VAL D 375 -26.47 -12.26 -47.86
CA VAL D 375 -27.56 -11.25 -47.81
C VAL D 375 -28.65 -11.41 -46.73
N TYR D 376 -28.61 -12.49 -45.95
CA TYR D 376 -29.63 -12.69 -44.92
C TYR D 376 -29.12 -12.30 -43.53
N ASN D 377 -29.99 -11.64 -42.77
CA ASN D 377 -29.75 -11.43 -41.39
C ASN D 377 -30.14 -12.70 -40.67
N THR D 378 -29.18 -13.53 -40.32
CA THR D 378 -29.46 -14.76 -39.59
C THR D 378 -29.22 -14.63 -38.11
N ILE D 379 -28.91 -13.43 -37.66
CA ILE D 379 -28.85 -13.17 -36.20
C ILE D 379 -30.22 -12.88 -35.58
N GLY D 380 -31.11 -12.20 -36.31
CA GLY D 380 -32.41 -11.72 -35.79
C GLY D 380 -32.39 -10.42 -34.97
N ALA D 381 -33.39 -9.56 -35.18
CA ALA D 381 -33.69 -8.42 -34.29
C ALA D 381 -34.17 -8.93 -32.93
N PRO D 382 -33.96 -8.17 -31.83
CA PRO D 382 -33.24 -6.88 -31.76
C PRO D 382 -31.67 -6.92 -31.67
N THR D 383 -31.08 -8.11 -31.61
CA THR D 383 -29.62 -8.27 -31.51
C THR D 383 -28.81 -7.64 -32.67
N LEU D 384 -29.31 -7.85 -33.89
CA LEU D 384 -28.84 -7.16 -35.10
C LEU D 384 -30.05 -6.64 -35.89
N ASN D 385 -30.10 -5.32 -36.09
CA ASN D 385 -31.21 -4.69 -36.77
C ASN D 385 -30.67 -4.46 -38.15
N ALA D 386 -31.10 -5.29 -39.08
CA ALA D 386 -30.62 -5.18 -40.46
C ALA D 386 -31.56 -5.99 -41.32
N THR D 387 -31.83 -5.44 -42.50
CA THR D 387 -32.75 -6.04 -43.47
C THR D 387 -32.06 -7.17 -44.24
N SER D 388 -32.84 -8.11 -44.71
CA SER D 388 -32.35 -9.21 -45.53
C SER D 388 -32.66 -8.92 -47.00
N GLY D 389 -31.83 -9.47 -47.90
CA GLY D 389 -32.15 -9.55 -49.31
C GLY D 389 -32.73 -10.95 -49.54
N TYR D 390 -32.67 -11.42 -50.78
CA TYR D 390 -33.18 -12.76 -51.17
C TYR D 390 -32.25 -13.34 -52.24
N ARG D 391 -31.78 -14.55 -52.06
CA ARG D 391 -31.14 -15.32 -53.15
C ARG D 391 -31.69 -16.75 -53.15
N ASN D 392 -31.93 -17.32 -54.34
CA ASN D 392 -32.35 -18.70 -54.52
C ASN D 392 -31.21 -19.51 -55.09
N VAL D 393 -30.70 -20.45 -54.31
CA VAL D 393 -29.59 -21.34 -54.71
C VAL D 393 -29.98 -22.81 -54.87
N ARG D 394 -31.27 -23.15 -54.74
CA ARG D 394 -31.74 -24.52 -54.98
C ARG D 394 -31.53 -24.90 -56.45
N LYS D 395 -30.71 -25.91 -56.66
CA LYS D 395 -30.38 -26.41 -57.94
C LYS D 395 -31.22 -27.66 -58.20
N PRO D 396 -31.55 -27.92 -59.47
CA PRO D 396 -32.25 -29.20 -59.76
C PRO D 396 -31.31 -30.35 -59.39
N GLY D 397 -31.87 -31.46 -58.98
CA GLY D 397 -31.02 -32.55 -58.46
C GLY D 397 -31.07 -32.66 -56.92
N THR D 398 -31.22 -31.52 -56.26
CA THR D 398 -31.02 -31.44 -54.84
C THR D 398 -32.22 -32.05 -54.07
N ALA D 399 -33.43 -31.74 -54.51
CA ALA D 399 -34.62 -32.41 -53.93
C ALA D 399 -34.57 -33.96 -54.09
N GLU D 400 -34.07 -34.44 -55.23
CA GLU D 400 -34.06 -35.88 -55.51
C GLU D 400 -32.98 -36.50 -54.63
N LEU D 401 -31.86 -35.81 -54.42
CA LEU D 401 -30.83 -36.30 -53.50
C LEU D 401 -31.36 -36.48 -52.08
N ILE D 402 -32.06 -35.45 -51.56
CA ILE D 402 -32.68 -35.48 -50.24
C ILE D 402 -33.69 -36.63 -50.13
N LYS D 403 -34.51 -36.80 -51.13
CA LYS D 403 -35.45 -37.91 -51.14
C LYS D 403 -34.72 -39.24 -51.08
N GLU D 404 -33.70 -39.41 -51.93
CA GLU D 404 -32.86 -40.63 -52.00
C GLU D 404 -32.23 -40.98 -50.60
N ILE D 405 -31.80 -39.98 -49.87
CA ILE D 405 -31.27 -40.22 -48.53
C ILE D 405 -32.37 -40.71 -47.56
N GLY D 406 -33.58 -40.12 -47.63
CA GLY D 406 -34.70 -40.65 -46.82
C GLY D 406 -35.04 -42.10 -47.17
N SER D 407 -35.11 -42.42 -48.44
CA SER D 407 -35.53 -43.73 -48.83
C SER D 407 -34.52 -44.79 -48.45
N ALA D 408 -33.25 -44.42 -48.41
CA ALA D 408 -32.16 -45.31 -48.08
C ALA D 408 -31.86 -45.42 -46.58
N SER D 409 -32.43 -44.55 -45.77
CA SER D 409 -32.17 -44.52 -44.33
C SER D 409 -33.34 -45.10 -43.49
N VAL D 410 -34.56 -44.96 -43.97
CA VAL D 410 -35.71 -45.51 -43.22
C VAL D 410 -35.45 -46.94 -42.79
N THR D 411 -35.60 -47.20 -41.52
CA THR D 411 -35.13 -48.44 -40.96
C THR D 411 -36.33 -49.24 -40.44
N LEU D 412 -36.50 -50.45 -40.96
CA LEU D 412 -37.63 -51.32 -40.63
C LEU D 412 -37.22 -52.14 -39.42
N LEU D 413 -37.88 -51.93 -38.27
CA LEU D 413 -37.52 -52.63 -37.00
C LEU D 413 -38.36 -53.92 -36.68
N LYS D 414 -39.57 -53.97 -37.25
CA LYS D 414 -40.51 -55.06 -37.02
C LYS D 414 -41.45 -55.10 -38.22
N ASN D 415 -41.69 -56.29 -38.70
CA ASN D 415 -42.64 -56.51 -39.75
C ASN D 415 -43.20 -57.93 -39.68
N THR D 416 -44.48 -58.07 -39.27
CA THR D 416 -45.12 -59.38 -39.19
C THR D 416 -45.83 -59.84 -40.43
N GLY D 417 -45.83 -59.07 -41.50
CA GLY D 417 -46.59 -59.42 -42.72
C GLY D 417 -47.25 -58.25 -43.40
N SER D 418 -47.45 -57.16 -42.67
CA SER D 418 -48.22 -56.01 -43.20
C SER D 418 -47.50 -55.19 -44.28
N LEU D 419 -46.17 -55.29 -44.35
CA LEU D 419 -45.39 -54.54 -45.34
C LEU D 419 -44.59 -55.49 -46.25
N PRO D 420 -44.41 -55.16 -47.54
CA PRO D 420 -44.99 -53.96 -48.20
C PRO D 420 -46.52 -53.98 -48.37
N LEU D 421 -47.14 -52.82 -48.50
CA LEU D 421 -48.57 -52.75 -48.73
C LEU D 421 -48.85 -53.15 -50.17
N LYS D 422 -50.06 -53.59 -50.41
CA LYS D 422 -50.46 -53.89 -51.74
C LYS D 422 -51.29 -52.80 -52.38
N HIS D 423 -52.56 -52.74 -52.07
CA HIS D 423 -53.45 -51.72 -52.63
C HIS D 423 -54.60 -51.51 -51.60
N PRO D 424 -54.27 -51.18 -50.35
CA PRO D 424 -55.37 -50.99 -49.40
C PRO D 424 -56.33 -49.90 -49.83
N GLN D 425 -57.59 -50.17 -49.59
CA GLN D 425 -58.71 -49.37 -50.05
C GLN D 425 -59.19 -48.34 -48.98
N ARG D 426 -58.88 -48.60 -47.71
CA ARG D 426 -59.31 -47.73 -46.60
C ARG D 426 -58.15 -47.54 -45.66
N ILE D 427 -57.67 -46.29 -45.61
CA ILE D 427 -56.45 -45.98 -44.92
C ILE D 427 -56.73 -44.94 -43.85
N ALA D 428 -56.25 -45.21 -42.63
CA ALA D 428 -56.35 -44.23 -41.55
C ALA D 428 -54.97 -43.80 -41.19
N VAL D 429 -54.84 -42.55 -40.78
CA VAL D 429 -53.55 -41.94 -40.40
C VAL D 429 -53.74 -41.19 -39.09
N LEU D 430 -52.86 -41.42 -38.12
CA LEU D 430 -52.89 -40.71 -36.85
C LEU D 430 -51.62 -39.91 -36.65
N GLY D 431 -51.82 -38.74 -36.02
CA GLY D 431 -50.75 -37.91 -35.45
C GLY D 431 -50.45 -36.64 -36.24
N ASN D 432 -50.12 -35.55 -35.54
CA ASN D 432 -49.74 -34.31 -36.20
C ASN D 432 -48.42 -34.41 -36.91
N ASP D 433 -47.61 -35.39 -36.58
CA ASP D 433 -46.37 -35.66 -37.33
C ASP D 433 -46.62 -36.05 -38.82
N ALA D 434 -47.85 -36.39 -39.14
CA ALA D 434 -48.23 -36.69 -40.49
C ALA D 434 -48.45 -35.42 -41.31
N THR D 435 -48.60 -34.23 -40.73
CA THR D 435 -48.86 -33.02 -41.54
C THR D 435 -47.98 -31.81 -41.12
N TYR D 436 -48.41 -30.61 -41.51
CA TYR D 436 -47.63 -29.38 -41.30
C TYR D 436 -47.65 -28.91 -39.88
N ASN D 437 -46.64 -28.15 -39.51
CA ASN D 437 -46.67 -27.28 -38.36
C ASN D 437 -47.89 -26.39 -38.61
N VAL D 438 -48.76 -26.25 -37.64
CA VAL D 438 -49.96 -25.41 -37.83
C VAL D 438 -49.65 -23.89 -37.87
N LEU D 439 -48.43 -23.51 -37.48
CA LEU D 439 -47.98 -22.14 -37.61
C LEU D 439 -47.09 -21.92 -38.83
N GLY D 440 -46.81 -22.99 -39.55
CA GLY D 440 -45.99 -22.93 -40.78
C GLY D 440 -44.59 -23.52 -40.57
N PRO D 441 -44.01 -24.08 -41.63
CA PRO D 441 -42.77 -24.87 -41.44
C PRO D 441 -41.64 -24.18 -40.69
N ASN D 442 -41.47 -22.89 -40.91
CA ASN D 442 -40.43 -22.10 -40.26
C ASN D 442 -40.91 -21.27 -39.10
N ALA D 443 -42.12 -21.54 -38.60
CA ALA D 443 -42.71 -20.74 -37.52
C ALA D 443 -41.85 -20.75 -36.27
N CYS D 444 -41.16 -21.86 -36.08
CA CYS D 444 -40.24 -22.02 -34.96
C CYS D 444 -38.96 -21.18 -35.04
N GLY D 445 -38.77 -20.41 -36.11
CA GLY D 445 -37.76 -19.34 -36.11
C GLY D 445 -36.40 -19.78 -36.64
N LEU D 446 -35.42 -18.91 -36.48
CA LEU D 446 -34.12 -19.13 -37.10
C LEU D 446 -33.31 -20.32 -36.51
N ALA D 447 -33.61 -20.74 -35.28
CA ALA D 447 -32.98 -21.93 -34.74
C ALA D 447 -33.98 -23.09 -34.47
N ASN D 448 -35.16 -23.10 -35.12
CA ASN D 448 -36.14 -24.20 -34.94
C ASN D 448 -36.39 -24.51 -33.43
N SER D 449 -36.51 -23.48 -32.60
CA SER D 449 -36.67 -23.72 -31.18
C SER D 449 -37.53 -22.69 -30.43
N ALA D 450 -38.21 -21.81 -31.15
CA ALA D 450 -39.00 -20.76 -30.49
C ALA D 450 -40.53 -20.96 -30.50
N CYS D 451 -41.06 -22.11 -30.93
CA CYS D 451 -42.51 -22.34 -30.76
C CYS D 451 -42.81 -22.81 -29.33
N ASP D 452 -43.99 -22.50 -28.84
CA ASP D 452 -44.49 -23.02 -27.54
C ASP D 452 -44.31 -24.55 -27.33
N ILE D 453 -43.99 -24.94 -26.10
CA ILE D 453 -43.84 -26.35 -25.64
C ILE D 453 -44.95 -27.26 -26.17
N ASP D 454 -46.17 -26.73 -26.26
CA ASP D 454 -47.32 -27.54 -26.74
C ASP D 454 -47.69 -27.39 -28.23
N ASN D 455 -47.00 -26.57 -29.02
CA ASN D 455 -47.33 -26.40 -30.44
C ASN D 455 -47.27 -27.70 -31.25
N LEU D 456 -48.19 -27.82 -32.20
CA LEU D 456 -48.19 -28.93 -33.13
C LEU D 456 -47.19 -28.52 -34.21
N ASN D 457 -45.95 -28.97 -34.05
CA ASN D 457 -44.90 -28.71 -35.02
C ASN D 457 -44.91 -29.57 -36.29
N GLY D 458 -45.84 -30.52 -36.45
CA GLY D 458 -45.97 -31.28 -37.68
C GLY D 458 -44.78 -32.21 -37.82
N THR D 459 -44.50 -32.64 -39.06
CA THR D 459 -43.45 -33.62 -39.32
C THR D 459 -42.10 -33.13 -38.77
N LEU D 460 -41.45 -33.91 -37.90
CA LEU D 460 -40.14 -33.58 -37.40
C LEU D 460 -39.08 -33.91 -38.46
N THR D 461 -38.69 -32.89 -39.19
CA THR D 461 -37.81 -33.07 -40.29
C THR D 461 -36.39 -32.64 -39.99
N THR D 462 -36.23 -31.80 -38.99
CA THR D 462 -34.97 -31.60 -38.35
C THR D 462 -35.15 -31.30 -36.85
N GLY D 463 -34.04 -31.36 -36.14
CA GLY D 463 -34.02 -31.11 -34.70
C GLY D 463 -33.81 -29.63 -34.44
N GLY D 464 -33.71 -29.24 -33.18
CA GLY D 464 -33.65 -27.82 -32.85
C GLY D 464 -32.25 -27.36 -32.50
N GLY D 465 -31.99 -26.08 -32.75
CA GLY D 465 -30.76 -25.41 -32.35
C GLY D 465 -29.97 -24.84 -33.50
N SER D 466 -28.69 -24.66 -33.27
CA SER D 466 -27.79 -24.11 -34.27
C SER D 466 -27.57 -25.05 -35.46
N GLY D 467 -27.96 -26.31 -35.33
CA GLY D 467 -27.84 -27.26 -36.41
C GLY D 467 -29.04 -27.42 -37.29
N SER D 468 -30.08 -26.64 -37.08
CA SER D 468 -31.28 -26.73 -37.91
C SER D 468 -31.13 -25.86 -39.14
N ALA D 469 -32.20 -25.75 -39.93
CA ALA D 469 -32.26 -24.90 -41.12
C ALA D 469 -33.68 -24.75 -41.57
N LEU D 470 -33.91 -23.73 -42.38
CA LEU D 470 -35.24 -23.44 -42.89
C LEU D 470 -35.61 -24.36 -44.02
N SER D 471 -36.90 -24.47 -44.21
CA SER D 471 -37.49 -25.33 -45.20
C SER D 471 -38.27 -24.50 -46.26
N PRO D 472 -38.12 -24.83 -47.54
CA PRO D 472 -38.94 -24.14 -48.52
C PRO D 472 -40.37 -24.67 -48.54
N TYR D 473 -40.56 -25.86 -47.99
CA TYR D 473 -41.84 -26.50 -47.96
C TYR D 473 -41.62 -27.79 -47.19
N THR D 474 -42.69 -28.47 -46.79
CA THR D 474 -42.54 -29.82 -46.31
C THR D 474 -43.53 -30.73 -47.03
N ILE D 475 -43.00 -31.80 -47.59
CA ILE D 475 -43.82 -32.82 -48.20
C ILE D 475 -44.23 -33.73 -47.09
N THR D 476 -45.46 -33.60 -46.67
CA THR D 476 -45.92 -34.29 -45.50
C THR D 476 -46.24 -35.76 -45.78
N PRO D 477 -46.14 -36.62 -44.75
CA PRO D 477 -46.50 -38.01 -44.97
C PRO D 477 -47.90 -38.20 -45.48
N LEU D 478 -48.82 -37.43 -44.96
CA LEU D 478 -50.19 -37.51 -45.37
C LEU D 478 -50.41 -37.15 -46.85
N GLU D 479 -49.79 -36.10 -47.33
CA GLU D 479 -49.80 -35.73 -48.76
C GLU D 479 -49.40 -36.92 -49.65
N ALA D 480 -48.27 -37.54 -49.34
CA ALA D 480 -47.69 -38.56 -50.19
C ALA D 480 -48.49 -39.88 -50.11
N LEU D 481 -49.07 -40.19 -48.95
CA LEU D 481 -49.94 -41.34 -48.81
C LEU D 481 -51.22 -41.09 -49.57
N GLN D 482 -51.70 -39.86 -49.52
CA GLN D 482 -52.91 -39.52 -50.23
C GLN D 482 -52.67 -39.67 -51.68
N LYS D 483 -51.58 -39.10 -52.18
CA LYS D 483 -51.23 -39.34 -53.57
C LYS D 483 -51.34 -40.83 -54.04
N ARG D 484 -50.79 -41.73 -53.27
CA ARG D 484 -50.85 -43.15 -53.58
C ARG D 484 -52.26 -43.79 -53.39
N ALA D 485 -52.98 -43.40 -52.35
CA ALA D 485 -54.39 -43.72 -52.19
C ALA D 485 -55.24 -43.36 -53.41
N ILE D 486 -55.05 -42.17 -53.96
CA ILE D 486 -55.83 -41.78 -55.14
C ILE D 486 -55.49 -42.60 -56.36
N GLU D 487 -54.21 -42.99 -56.55
CA GLU D 487 -53.85 -43.84 -57.70
C GLU D 487 -54.60 -45.20 -57.59
N ASP D 488 -54.72 -45.76 -56.39
CA ASP D 488 -55.45 -47.03 -56.13
C ASP D 488 -56.98 -46.88 -55.91
N ASN D 489 -57.57 -45.73 -56.20
CA ASN D 489 -59.04 -45.55 -55.96
C ASN D 489 -59.47 -45.82 -54.48
N ALA D 490 -58.56 -45.59 -53.56
CA ALA D 490 -58.75 -45.80 -52.14
C ALA D 490 -59.33 -44.54 -51.46
N GLU D 491 -59.72 -44.69 -50.21
CA GLU D 491 -60.06 -43.61 -49.37
C GLU D 491 -59.06 -43.53 -48.24
N ILE D 492 -58.88 -42.30 -47.75
CA ILE D 492 -57.91 -41.99 -46.73
C ILE D 492 -58.35 -40.80 -45.88
N ALA D 493 -58.06 -40.89 -44.59
CA ALA D 493 -58.42 -39.95 -43.58
C ALA D 493 -57.40 -39.94 -42.42
N ALA D 494 -57.11 -38.73 -41.95
CA ALA D 494 -56.11 -38.45 -40.96
C ALA D 494 -56.75 -37.69 -39.75
N VAL D 495 -56.43 -38.11 -38.53
CA VAL D 495 -56.70 -37.32 -37.35
C VAL D 495 -55.35 -36.77 -36.90
N VAL D 496 -55.20 -35.44 -36.99
CA VAL D 496 -53.94 -34.77 -36.81
C VAL D 496 -53.94 -33.73 -35.72
N ALA D 497 -55.05 -33.57 -35.02
CA ALA D 497 -55.08 -32.79 -33.81
C ALA D 497 -54.41 -33.52 -32.62
N ASN D 498 -54.19 -32.75 -31.56
CA ASN D 498 -53.73 -33.27 -30.28
C ASN D 498 -54.87 -34.12 -29.72
N SER D 499 -54.63 -35.43 -29.59
CA SER D 499 -55.70 -36.37 -29.19
C SER D 499 -56.16 -36.18 -27.75
N ASN D 500 -55.26 -35.71 -26.88
CA ASN D 500 -55.56 -35.42 -25.44
C ASN D 500 -56.42 -34.14 -25.26
N THR D 501 -56.11 -33.06 -25.97
CA THR D 501 -56.68 -31.74 -25.67
C THR D 501 -57.66 -31.20 -26.70
N THR D 502 -58.00 -31.92 -27.76
CA THR D 502 -58.98 -31.38 -28.76
C THR D 502 -60.34 -32.06 -28.59
N THR D 503 -61.38 -31.29 -28.47
CA THR D 503 -62.70 -31.88 -28.28
C THR D 503 -63.05 -32.77 -29.49
N GLY D 504 -63.57 -33.94 -29.21
CA GLY D 504 -63.96 -34.90 -30.23
C GLY D 504 -62.84 -35.69 -30.89
N ALA D 505 -61.58 -35.45 -30.55
CA ALA D 505 -60.51 -36.18 -31.27
C ALA D 505 -60.49 -37.69 -30.89
N GLU D 506 -60.64 -38.01 -29.64
CA GLU D 506 -60.69 -39.42 -29.28
C GLU D 506 -61.88 -40.18 -29.92
N ASP D 507 -63.03 -39.54 -30.05
CA ASP D 507 -64.22 -40.14 -30.71
C ASP D 507 -64.00 -40.35 -32.19
N ALA D 508 -63.37 -39.40 -32.87
CA ALA D 508 -63.05 -39.56 -34.30
C ALA D 508 -62.07 -40.71 -34.55
N ILE D 509 -61.13 -40.91 -33.63
CA ILE D 509 -60.14 -42.02 -33.76
C ILE D 509 -60.86 -43.31 -33.58
N ALA D 510 -61.73 -43.36 -32.57
CA ALA D 510 -62.56 -44.58 -32.30
C ALA D 510 -63.54 -44.97 -33.38
N ALA D 511 -64.06 -43.99 -34.14
CA ALA D 511 -65.00 -44.30 -35.24
C ALA D 511 -64.32 -44.56 -36.56
N LEU D 512 -63.15 -43.98 -36.75
CA LEU D 512 -62.38 -44.12 -37.99
C LEU D 512 -61.56 -45.41 -38.07
N LEU D 513 -60.88 -45.78 -36.98
CA LEU D 513 -59.96 -46.90 -37.01
C LEU D 513 -60.54 -48.29 -37.31
N PRO D 514 -61.61 -48.72 -36.63
CA PRO D 514 -62.04 -50.14 -36.78
C PRO D 514 -62.20 -50.66 -38.19
N ASP D 515 -62.73 -49.84 -39.11
CA ASP D 515 -62.94 -50.19 -40.53
C ASP D 515 -61.74 -50.05 -41.48
N ALA D 516 -60.67 -49.39 -41.06
CA ALA D 516 -59.48 -49.23 -41.91
C ALA D 516 -58.81 -50.55 -42.14
N ASP D 517 -58.18 -50.65 -43.29
CA ASP D 517 -57.41 -51.83 -43.66
C ASP D 517 -56.02 -51.72 -43.05
N VAL D 518 -55.55 -50.47 -42.89
CA VAL D 518 -54.22 -50.16 -42.35
C VAL D 518 -54.33 -48.82 -41.66
N THR D 519 -53.76 -48.72 -40.45
CA THR D 519 -53.63 -47.44 -39.79
C THR D 519 -52.17 -47.12 -39.51
N PHE D 520 -51.75 -45.98 -40.02
CA PHE D 520 -50.39 -45.46 -39.83
C PHE D 520 -50.43 -44.49 -38.62
N VAL D 521 -49.51 -44.68 -37.69
CA VAL D 521 -49.38 -43.75 -36.61
C VAL D 521 -47.98 -43.13 -36.72
N PHE D 522 -47.97 -41.81 -36.86
CA PHE D 522 -46.74 -41.01 -36.96
C PHE D 522 -46.41 -40.40 -35.61
N LEU D 523 -45.26 -40.75 -35.09
CA LEU D 523 -44.82 -40.28 -33.80
C LEU D 523 -43.57 -39.39 -33.93
N ASN D 524 -43.38 -38.46 -33.00
CA ASN D 524 -42.11 -37.75 -32.94
C ASN D 524 -41.59 -37.44 -31.55
N ARG D 525 -40.33 -36.99 -31.53
CA ARG D 525 -39.58 -36.64 -30.36
C ARG D 525 -38.53 -35.62 -30.79
N TYR D 526 -38.94 -34.37 -30.75
CA TYR D 526 -38.03 -33.20 -30.82
C TYR D 526 -37.08 -33.19 -29.67
N SER D 527 -35.85 -32.80 -29.94
CA SER D 527 -34.92 -32.33 -28.89
C SER D 527 -34.08 -31.22 -29.56
N GLU D 528 -33.23 -30.59 -28.77
CA GLU D 528 -32.46 -29.45 -29.22
C GLU D 528 -31.20 -29.28 -28.41
N GLU D 529 -30.26 -28.57 -29.01
CA GLU D 529 -29.16 -27.90 -28.33
C GLU D 529 -29.58 -27.21 -27.00
N GLY D 530 -28.74 -27.33 -25.97
CA GLY D 530 -28.91 -26.60 -24.71
C GLY D 530 -29.70 -27.33 -23.64
N ALA D 531 -30.23 -28.52 -23.96
CA ALA D 531 -30.88 -29.40 -23.01
C ALA D 531 -30.73 -30.82 -23.46
N ASP D 532 -30.70 -31.72 -22.50
CA ASP D 532 -30.77 -33.14 -22.77
C ASP D 532 -32.19 -33.56 -22.51
N ALA D 533 -32.63 -34.58 -23.21
CA ALA D 533 -33.94 -35.14 -23.00
C ALA D 533 -33.96 -35.72 -21.58
N PRO D 534 -35.03 -35.49 -20.81
CA PRO D 534 -35.18 -36.08 -19.44
C PRO D 534 -35.32 -37.59 -19.39
N ASP D 535 -35.85 -38.16 -20.47
CA ASP D 535 -36.10 -39.58 -20.55
C ASP D 535 -36.40 -39.92 -21.99
N PHE D 536 -36.71 -41.18 -22.23
CA PHE D 536 -37.06 -41.65 -23.54
C PHE D 536 -38.51 -41.41 -24.00
N SER D 537 -39.31 -40.64 -23.27
CA SER D 537 -40.75 -40.59 -23.63
C SER D 537 -41.03 -39.89 -25.00
N LEU D 538 -42.06 -40.35 -25.70
CA LEU D 538 -42.46 -39.76 -26.98
C LEU D 538 -42.87 -38.33 -26.77
N GLY D 539 -42.65 -37.49 -27.80
CA GLY D 539 -43.14 -36.12 -27.79
C GLY D 539 -44.67 -36.03 -27.91
N GLY D 540 -45.25 -34.95 -27.40
CA GLY D 540 -46.66 -34.66 -27.57
C GLY D 540 -47.61 -35.67 -26.94
N ASP D 541 -48.63 -36.00 -27.73
CA ASP D 541 -49.60 -37.00 -27.36
C ASP D 541 -49.24 -38.35 -27.93
N GLY D 542 -47.97 -38.56 -28.34
CA GLY D 542 -47.52 -39.84 -28.88
C GLY D 542 -48.00 -41.08 -28.11
N ASP D 543 -47.85 -41.09 -26.80
CA ASP D 543 -48.26 -42.23 -25.96
C ASP D 543 -49.78 -42.53 -26.10
N ASN D 544 -50.60 -41.49 -26.04
CA ASN D 544 -52.06 -41.63 -26.11
C ASN D 544 -52.49 -42.10 -27.47
N LEU D 545 -51.85 -41.58 -28.51
CA LEU D 545 -52.09 -42.10 -29.89
C LEU D 545 -51.82 -43.58 -30.05
N MET D 546 -50.75 -44.07 -29.43
CA MET D 546 -50.44 -45.50 -29.44
C MET D 546 -51.45 -46.33 -28.64
N ASP D 547 -51.88 -45.84 -27.48
CA ASP D 547 -52.90 -46.55 -26.69
C ASP D 547 -54.19 -46.72 -27.49
N LEU D 548 -54.60 -45.65 -28.13
CA LEU D 548 -55.82 -45.65 -28.91
C LEU D 548 -55.71 -46.56 -30.13
N ALA D 549 -54.56 -46.50 -30.83
CA ALA D 549 -54.41 -47.17 -32.10
C ALA D 549 -54.49 -48.68 -32.00
N VAL D 550 -53.86 -49.22 -30.96
CA VAL D 550 -53.84 -50.64 -30.75
C VAL D 550 -55.17 -51.11 -30.16
N THR D 551 -55.88 -50.22 -29.46
CA THR D 551 -57.21 -50.51 -28.94
C THR D 551 -58.24 -50.74 -30.07
N TYR D 552 -58.17 -49.94 -31.13
CA TYR D 552 -59.20 -49.93 -32.19
C TYR D 552 -58.79 -50.48 -33.57
N SER D 553 -57.51 -50.73 -33.81
CA SER D 553 -57.10 -51.35 -35.07
C SER D 553 -56.22 -52.54 -34.85
N SER D 554 -56.34 -53.50 -35.76
CA SER D 554 -55.49 -54.70 -35.77
C SER D 554 -54.28 -54.59 -36.68
N ASN D 555 -54.16 -53.53 -37.45
CA ASN D 555 -53.07 -53.42 -38.41
C ASN D 555 -52.42 -52.03 -38.33
N VAL D 556 -51.67 -51.84 -37.26
CA VAL D 556 -51.03 -50.54 -36.98
C VAL D 556 -49.58 -50.55 -37.49
N VAL D 557 -49.24 -49.61 -38.35
CA VAL D 557 -47.84 -49.40 -38.86
C VAL D 557 -47.31 -48.10 -38.24
N VAL D 558 -46.26 -48.21 -37.46
CA VAL D 558 -45.75 -47.10 -36.71
C VAL D 558 -44.54 -46.53 -37.44
N VAL D 559 -44.51 -45.20 -37.58
CA VAL D 559 -43.41 -44.46 -38.20
C VAL D 559 -42.93 -43.37 -37.24
N ILE D 560 -41.66 -43.42 -36.89
CA ILE D 560 -41.12 -42.52 -35.90
C ILE D 560 -40.12 -41.52 -36.51
N HIS D 561 -40.35 -40.25 -36.32
CA HIS D 561 -39.38 -39.23 -36.75
C HIS D 561 -38.83 -38.77 -35.44
N THR D 562 -37.53 -38.87 -35.28
CA THR D 562 -36.96 -38.61 -33.95
C THR D 562 -35.50 -38.16 -34.05
N THR D 563 -35.05 -37.46 -33.02
CA THR D 563 -33.63 -37.15 -32.85
C THR D 563 -32.79 -38.22 -32.11
N GLY D 564 -33.45 -39.25 -31.59
CA GLY D 564 -32.79 -40.30 -30.86
C GLY D 564 -33.74 -41.47 -30.52
N VAL D 565 -33.28 -42.33 -29.63
CA VAL D 565 -34.04 -43.48 -29.14
C VAL D 565 -35.21 -43.00 -28.31
N VAL D 566 -36.33 -43.71 -28.44
CA VAL D 566 -37.54 -43.44 -27.69
C VAL D 566 -38.14 -44.71 -27.07
N ASP D 567 -39.06 -44.53 -26.12
CA ASP D 567 -39.61 -45.62 -25.35
C ASP D 567 -40.92 -46.09 -26.03
N ILE D 568 -40.87 -47.29 -26.62
CA ILE D 568 -42.04 -47.92 -27.21
C ILE D 568 -42.35 -49.29 -26.60
N GLU D 569 -41.83 -49.53 -25.39
CA GLU D 569 -41.95 -50.80 -24.67
C GLU D 569 -43.40 -51.18 -24.41
N LYS D 570 -44.29 -50.23 -24.22
CA LYS D 570 -45.69 -50.56 -23.98
C LYS D 570 -46.38 -51.17 -25.21
N TRP D 571 -45.87 -50.93 -26.42
CA TRP D 571 -46.55 -51.33 -27.69
C TRP D 571 -45.74 -52.17 -28.70
N ALA D 572 -44.42 -52.17 -28.58
CA ALA D 572 -43.62 -52.83 -29.59
C ALA D 572 -43.92 -54.33 -29.68
N ASP D 573 -44.29 -54.98 -28.57
CA ASP D 573 -44.71 -56.42 -28.61
C ASP D 573 -46.20 -56.70 -28.80
N ASN D 574 -46.98 -55.66 -28.95
CA ASN D 574 -48.38 -55.81 -29.22
C ASN D 574 -48.58 -56.32 -30.61
N PRO D 575 -49.31 -57.44 -30.75
CA PRO D 575 -49.50 -57.97 -32.10
C PRO D 575 -50.32 -57.09 -33.07
N ASN D 576 -51.09 -56.12 -32.58
CA ASN D 576 -51.78 -55.17 -33.45
C ASN D 576 -50.79 -54.20 -34.11
N VAL D 577 -49.61 -54.03 -33.52
CA VAL D 577 -48.51 -53.28 -34.13
C VAL D 577 -47.74 -54.24 -35.07
N THR D 578 -48.14 -54.24 -36.32
CA THR D 578 -47.58 -55.14 -37.27
C THR D 578 -46.26 -54.65 -37.88
N ALA D 579 -45.99 -53.34 -37.86
CA ALA D 579 -44.70 -52.87 -38.26
C ALA D 579 -44.32 -51.57 -37.60
N ILE D 580 -43.02 -51.37 -37.53
CA ILE D 580 -42.40 -50.24 -36.89
C ILE D 580 -41.19 -49.85 -37.76
N LEU D 581 -41.17 -48.58 -38.20
CA LEU D 581 -40.09 -47.97 -38.95
C LEU D 581 -39.65 -46.71 -38.20
N VAL D 582 -38.34 -46.45 -38.21
CA VAL D 582 -37.82 -45.19 -37.66
C VAL D 582 -37.25 -44.48 -38.90
N ALA D 583 -37.58 -43.20 -39.05
CA ALA D 583 -37.25 -42.40 -40.23
C ALA D 583 -36.34 -41.23 -39.94
N TYR D 584 -35.95 -41.08 -38.66
CA TYR D 584 -34.97 -40.08 -38.21
C TYR D 584 -35.44 -38.65 -38.55
N LEU D 585 -34.61 -37.88 -39.25
CA LEU D 585 -34.90 -36.48 -39.51
C LEU D 585 -34.71 -36.26 -41.00
N PRO D 586 -35.78 -36.49 -41.80
CA PRO D 586 -35.61 -36.61 -43.24
C PRO D 586 -35.54 -35.32 -44.01
N GLY D 587 -35.57 -34.16 -43.39
CA GLY D 587 -35.61 -32.91 -44.15
C GLY D 587 -36.89 -32.75 -44.99
N GLN D 588 -36.81 -31.90 -46.00
CA GLN D 588 -37.99 -31.44 -46.72
C GLN D 588 -38.75 -32.53 -47.49
N GLU D 589 -38.09 -33.61 -47.84
CA GLU D 589 -38.74 -34.66 -48.58
C GLU D 589 -39.25 -35.76 -47.63
N ALA D 590 -39.94 -35.42 -46.55
CA ALA D 590 -40.34 -36.40 -45.56
C ALA D 590 -41.26 -37.51 -46.09
N GLY D 591 -42.42 -37.14 -46.59
CA GLY D 591 -43.38 -38.10 -47.13
C GLY D 591 -42.99 -38.90 -48.38
N ASN D 592 -42.42 -38.23 -49.38
CA ASN D 592 -42.11 -38.85 -50.66
C ASN D 592 -40.87 -39.73 -50.60
N SER D 593 -40.04 -39.60 -49.60
CA SER D 593 -39.02 -40.64 -49.33
C SER D 593 -39.53 -41.92 -48.64
N LEU D 594 -40.56 -41.75 -47.79
CA LEU D 594 -41.17 -42.79 -46.98
C LEU D 594 -42.15 -43.71 -47.75
N VAL D 595 -43.09 -43.11 -48.48
CA VAL D 595 -44.18 -43.87 -49.11
C VAL D 595 -43.73 -44.95 -50.12
N PRO D 596 -42.69 -44.71 -50.91
CA PRO D 596 -42.19 -45.77 -51.81
C PRO D 596 -41.66 -47.06 -51.09
N VAL D 597 -41.10 -46.88 -49.88
CA VAL D 597 -40.65 -47.98 -49.05
C VAL D 597 -41.86 -48.79 -48.49
N LEU D 598 -42.81 -48.07 -47.91
CA LEU D 598 -44.00 -48.68 -47.41
C LEU D 598 -44.73 -49.48 -48.47
N TYR D 599 -44.84 -48.94 -49.69
CA TYR D 599 -45.57 -49.62 -50.78
C TYR D 599 -44.70 -50.60 -51.57
N GLY D 600 -43.42 -50.71 -51.27
CA GLY D 600 -42.64 -51.74 -51.90
C GLY D 600 -41.98 -51.40 -53.20
N ASP D 601 -42.02 -50.14 -53.64
CA ASP D 601 -41.20 -49.69 -54.82
C ASP D 601 -39.70 -49.89 -54.61
N VAL D 602 -39.26 -49.63 -53.40
CA VAL D 602 -37.91 -49.86 -52.93
C VAL D 602 -38.05 -50.64 -51.61
N ALA D 603 -37.22 -51.64 -51.40
CA ALA D 603 -37.19 -52.29 -50.12
C ALA D 603 -36.31 -51.44 -49.20
N PRO D 604 -36.63 -51.39 -47.90
CA PRO D 604 -35.86 -50.61 -46.97
C PRO D 604 -34.52 -51.27 -46.73
N SER D 605 -33.53 -50.43 -46.54
CA SER D 605 -32.17 -50.86 -46.44
C SER D 605 -31.40 -50.16 -45.32
N GLY D 606 -32.07 -49.37 -44.47
CA GLY D 606 -31.38 -48.60 -43.46
C GLY D 606 -31.18 -49.46 -42.24
N LYS D 607 -30.24 -49.10 -41.40
CA LYS D 607 -29.91 -49.85 -40.18
C LYS D 607 -29.54 -48.85 -39.11
N LEU D 608 -29.89 -49.17 -37.88
CA LEU D 608 -29.64 -48.27 -36.76
C LEU D 608 -28.17 -47.90 -36.62
N PRO D 609 -27.86 -46.63 -36.40
CA PRO D 609 -26.53 -46.15 -36.14
C PRO D 609 -26.23 -46.01 -34.64
N TRP D 610 -27.15 -46.48 -33.81
CA TRP D 610 -26.88 -46.67 -32.41
C TRP D 610 -27.69 -47.83 -31.84
N THR D 611 -27.49 -48.11 -30.58
CA THR D 611 -28.18 -49.15 -29.91
C THR D 611 -29.50 -48.60 -29.41
N TRP D 612 -30.58 -49.39 -29.55
CA TRP D 612 -31.92 -49.11 -28.99
C TRP D 612 -32.20 -50.06 -27.77
N GLY D 613 -31.85 -49.59 -26.58
CA GLY D 613 -32.01 -50.38 -25.35
C GLY D 613 -33.46 -50.38 -24.88
N LYS D 614 -33.83 -51.41 -24.12
CA LYS D 614 -35.21 -51.51 -23.60
C LYS D 614 -35.55 -50.43 -22.58
N SER D 615 -34.53 -49.93 -21.89
CA SER D 615 -34.70 -48.95 -20.79
C SER D 615 -33.48 -48.03 -20.78
N ILE D 616 -33.67 -46.78 -20.38
CA ILE D 616 -32.54 -45.87 -20.13
C ILE D 616 -31.52 -46.49 -19.15
N ASP D 617 -31.97 -47.28 -18.19
CA ASP D 617 -31.07 -47.96 -17.23
C ASP D 617 -30.10 -49.00 -17.84
N ASP D 618 -30.30 -49.45 -19.07
CA ASP D 618 -29.34 -50.34 -19.73
C ASP D 618 -28.05 -49.66 -20.27
N TYR D 619 -27.98 -48.34 -20.30
CA TYR D 619 -26.85 -47.62 -20.93
C TYR D 619 -25.78 -47.27 -19.90
N VAL D 620 -24.69 -46.68 -20.36
CA VAL D 620 -23.58 -46.17 -19.53
C VAL D 620 -24.14 -45.31 -18.40
N PRO D 621 -23.79 -45.64 -17.14
CA PRO D 621 -24.36 -44.87 -16.01
C PRO D 621 -23.79 -43.45 -15.93
N ASN D 622 -24.58 -42.53 -15.40
CA ASN D 622 -24.25 -41.11 -15.30
C ASN D 622 -24.03 -40.48 -16.65
N GLY D 623 -24.85 -40.92 -17.62
CA GLY D 623 -24.84 -40.40 -18.96
C GLY D 623 -25.00 -38.89 -18.95
N VAL D 624 -25.84 -38.40 -18.04
CA VAL D 624 -25.94 -36.97 -17.85
C VAL D 624 -25.98 -36.61 -16.39
N VAL D 625 -25.09 -35.70 -15.97
CA VAL D 625 -25.00 -35.35 -14.59
C VAL D 625 -25.65 -34.01 -14.37
N TYR D 626 -26.44 -33.98 -13.29
CA TYR D 626 -27.28 -32.86 -12.90
C TYR D 626 -26.76 -32.47 -11.52
N THR D 627 -26.25 -31.26 -11.37
CA THR D 627 -25.76 -30.81 -10.06
C THR D 627 -25.72 -29.34 -10.12
N ASP D 628 -25.80 -28.71 -8.95
CA ASP D 628 -25.65 -27.24 -8.80
C ASP D 628 -24.27 -26.88 -8.25
N ALA D 629 -23.42 -27.87 -8.02
CA ALA D 629 -22.06 -27.61 -7.58
C ALA D 629 -21.38 -26.65 -8.53
N TYR D 630 -20.63 -25.71 -7.98
CA TYR D 630 -19.84 -24.77 -8.77
C TYR D 630 -18.92 -25.37 -9.88
N SER D 631 -18.41 -26.58 -9.65
CA SER D 631 -17.54 -27.27 -10.60
C SER D 631 -18.07 -28.67 -10.85
N PRO D 632 -19.08 -28.80 -11.76
CA PRO D 632 -19.62 -30.10 -12.13
C PRO D 632 -18.61 -31.04 -12.82
N GLN D 633 -18.68 -32.31 -12.48
CA GLN D 633 -17.72 -33.32 -12.84
C GLN D 633 -18.47 -34.43 -13.54
N SER D 634 -17.91 -34.91 -14.64
CA SER D 634 -18.39 -36.13 -15.27
C SER D 634 -17.21 -37.04 -15.51
N ASN D 635 -17.16 -38.12 -14.75
CA ASN D 635 -16.07 -39.07 -14.80
C ASN D 635 -16.38 -40.19 -15.81
N PHE D 636 -15.53 -40.31 -16.83
CA PHE D 636 -15.80 -41.24 -17.92
C PHE D 636 -15.23 -42.59 -17.57
N THR D 637 -15.72 -43.17 -16.48
CA THR D 637 -15.13 -44.40 -15.93
C THR D 637 -15.49 -45.65 -16.71
N GLU D 638 -16.55 -45.60 -17.51
CA GLU D 638 -16.82 -46.68 -18.48
C GLU D 638 -15.67 -46.91 -19.52
N GLY D 639 -14.86 -45.89 -19.78
CA GLY D 639 -13.76 -46.03 -20.75
C GLY D 639 -14.23 -46.03 -22.21
N VAL D 640 -13.70 -46.95 -23.01
CA VAL D 640 -14.18 -47.08 -24.38
C VAL D 640 -15.53 -47.77 -24.53
N PHE D 641 -16.24 -48.05 -23.43
CA PHE D 641 -17.44 -48.92 -23.44
C PHE D 641 -18.69 -48.03 -23.42
N ILE D 642 -18.95 -47.39 -24.56
CA ILE D 642 -20.21 -46.65 -24.79
C ILE D 642 -21.05 -47.37 -25.82
N ASP D 643 -22.33 -47.05 -25.83
CA ASP D 643 -23.32 -47.62 -26.76
C ASP D 643 -23.16 -49.14 -26.79
N TYR D 644 -23.04 -49.76 -27.98
CA TYR D 644 -23.06 -51.24 -28.07
C TYR D 644 -21.90 -51.91 -27.35
N ARG D 645 -20.77 -51.22 -27.12
CA ARG D 645 -19.74 -51.94 -26.42
C ARG D 645 -20.06 -52.08 -24.96
N TRP D 646 -20.84 -51.15 -24.41
CA TRP D 646 -21.40 -51.28 -23.08
C TRP D 646 -22.39 -52.41 -23.02
N PHE D 647 -23.32 -52.48 -23.96
CA PHE D 647 -24.30 -53.61 -23.95
C PHE D 647 -23.61 -54.96 -24.03
N ASP D 648 -22.70 -55.12 -24.98
CA ASP D 648 -22.01 -56.40 -25.19
C ASP D 648 -21.16 -56.83 -23.96
N LYS D 649 -20.42 -55.87 -23.34
CA LYS D 649 -19.61 -56.12 -22.15
C LYS D 649 -20.42 -56.62 -20.97
N MET D 650 -21.54 -55.93 -20.68
CA MET D 650 -22.45 -56.23 -19.55
C MET D 650 -23.47 -57.35 -19.81
N GLY D 651 -23.40 -58.00 -20.98
CA GLY D 651 -24.38 -59.03 -21.36
C GLY D 651 -25.84 -58.55 -21.36
N ILE D 652 -26.07 -57.29 -21.73
CA ILE D 652 -27.43 -56.75 -21.80
C ILE D 652 -27.97 -56.90 -23.22
N THR D 653 -29.17 -57.45 -23.38
CA THR D 653 -29.81 -57.64 -24.67
C THR D 653 -30.64 -56.40 -25.06
N PRO D 654 -30.22 -55.64 -26.06
CA PRO D 654 -31.11 -54.57 -26.49
C PRO D 654 -32.31 -55.10 -27.24
N ARG D 655 -33.31 -54.25 -27.32
CA ARG D 655 -34.46 -54.47 -28.19
C ARG D 655 -34.04 -54.52 -29.64
N TYR D 656 -33.39 -53.45 -30.07
CA TYR D 656 -32.81 -53.39 -31.42
C TYR D 656 -31.37 -52.99 -31.28
N GLU D 657 -30.50 -53.82 -31.85
CA GLU D 657 -29.06 -53.62 -31.71
C GLU D 657 -28.50 -52.66 -32.76
N PHE D 658 -27.35 -52.11 -32.44
CA PHE D 658 -26.53 -51.37 -33.39
C PHE D 658 -26.39 -52.19 -34.68
N GLY D 659 -26.66 -51.57 -35.80
CA GLY D 659 -26.53 -52.23 -37.09
C GLY D 659 -27.69 -53.10 -37.53
N PHE D 660 -28.80 -53.09 -36.76
CA PHE D 660 -30.03 -53.81 -37.10
C PHE D 660 -30.96 -52.98 -37.99
N GLY D 661 -31.49 -53.68 -39.01
CA GLY D 661 -32.55 -53.19 -39.89
C GLY D 661 -33.04 -54.38 -40.74
N LEU D 662 -34.35 -54.53 -40.87
CA LEU D 662 -34.93 -55.56 -41.73
C LEU D 662 -35.05 -55.04 -43.14
N SER D 663 -35.21 -56.00 -44.05
CA SER D 663 -35.56 -55.84 -45.42
C SER D 663 -36.86 -56.60 -45.70
N TYR D 664 -37.34 -56.51 -46.94
CA TYR D 664 -38.46 -57.31 -47.40
C TYR D 664 -37.99 -58.68 -47.94
N THR D 665 -36.68 -58.92 -47.97
CA THR D 665 -36.11 -60.19 -48.28
C THR D 665 -35.11 -60.55 -47.17
N THR D 666 -34.44 -61.69 -47.28
CA THR D 666 -33.42 -62.10 -46.30
C THR D 666 -32.12 -62.34 -47.01
N PHE D 667 -31.04 -62.33 -46.26
CA PHE D 667 -29.70 -62.52 -46.86
C PHE D 667 -28.95 -63.61 -46.09
N THR D 668 -28.22 -64.41 -46.85
CA THR D 668 -27.38 -65.46 -46.34
C THR D 668 -25.89 -65.18 -46.63
N TYR D 669 -25.11 -65.27 -45.57
CA TYR D 669 -23.69 -65.01 -45.58
C TYR D 669 -22.90 -66.28 -45.80
N SER D 670 -21.85 -66.19 -46.59
CA SER D 670 -20.98 -67.37 -46.77
C SER D 670 -19.56 -66.99 -47.14
N ASN D 671 -18.69 -68.00 -47.15
CA ASN D 671 -17.35 -67.90 -47.72
C ASN D 671 -16.49 -66.69 -47.22
N LEU D 672 -16.27 -66.64 -45.90
CA LEU D 672 -15.37 -65.66 -45.29
C LEU D 672 -13.94 -65.95 -45.69
N ILE D 673 -13.23 -64.94 -46.18
CA ILE D 673 -11.86 -65.05 -46.70
C ILE D 673 -11.04 -63.90 -46.11
N VAL D 674 -9.90 -64.24 -45.49
CA VAL D 674 -8.93 -63.24 -45.05
C VAL D 674 -7.75 -63.27 -45.98
N ASP D 675 -7.70 -62.27 -46.89
CA ASP D 675 -6.63 -62.19 -47.88
C ASP D 675 -5.49 -61.34 -47.35
N HIS D 676 -4.46 -61.99 -46.84
CA HIS D 676 -3.28 -61.31 -46.27
C HIS D 676 -2.37 -60.69 -47.34
N GLY D 677 -2.48 -61.16 -48.58
CA GLY D 677 -1.80 -60.55 -49.72
C GLY D 677 -2.40 -59.25 -50.30
N ARG D 678 -3.62 -58.87 -49.92
CA ARG D 678 -4.22 -57.66 -50.49
C ARG D 678 -4.00 -56.52 -49.52
N TRP D 679 -2.81 -55.90 -49.66
CA TRP D 679 -2.35 -54.79 -48.84
C TRP D 679 -2.04 -53.64 -49.77
N ALA D 680 -1.87 -52.44 -49.20
CA ALA D 680 -1.56 -51.22 -49.97
C ALA D 680 -1.14 -50.05 -49.10
N LYS D 681 -0.26 -49.21 -49.61
CA LYS D 681 0.17 -48.02 -48.87
C LYS D 681 -0.89 -46.93 -48.98
N ASP D 682 -1.02 -46.16 -47.91
CA ASP D 682 -1.89 -45.00 -47.93
C ASP D 682 -1.25 -43.81 -48.69
N TYR D 683 -1.77 -43.50 -49.87
CA TYR D 683 -1.27 -42.41 -50.77
C TYR D 683 -2.25 -41.24 -50.83
N SER D 684 -3.51 -41.52 -50.54
CA SER D 684 -4.63 -40.71 -50.96
C SER D 684 -5.33 -39.79 -49.89
N SER D 685 -4.86 -39.76 -48.63
CA SER D 685 -5.37 -38.77 -47.67
C SER D 685 -4.94 -37.31 -48.04
N VAL D 686 -5.79 -36.34 -47.70
CA VAL D 686 -5.54 -34.97 -48.01
C VAL D 686 -4.46 -34.41 -47.11
N MET D 687 -4.42 -34.83 -45.84
CA MET D 687 -3.41 -34.39 -44.88
C MET D 687 -2.97 -35.59 -44.09
N GLU D 688 -1.90 -35.43 -43.35
CA GLU D 688 -1.28 -36.53 -42.61
C GLU D 688 -1.22 -36.22 -41.17
N THR D 689 -1.49 -37.24 -40.32
CA THR D 689 -1.29 -37.14 -38.86
C THR D 689 0.15 -37.47 -38.51
N ALA D 690 0.55 -37.25 -37.26
CA ALA D 690 1.89 -37.68 -36.73
C ALA D 690 1.69 -38.63 -35.56
N GLU D 691 0.76 -39.57 -35.75
CA GLU D 691 0.42 -40.51 -34.72
C GLU D 691 1.54 -41.55 -34.63
N PRO D 692 2.13 -41.72 -33.44
CA PRO D 692 3.23 -42.67 -33.30
C PRO D 692 2.69 -44.06 -33.20
N PHE D 693 3.41 -44.96 -33.87
CA PHE D 693 3.12 -46.35 -33.85
C PHE D 693 4.41 -47.17 -33.93
N ALA D 694 4.36 -48.33 -33.28
CA ALA D 694 5.53 -49.19 -33.04
C ALA D 694 6.19 -49.74 -34.30
N GLU D 695 5.39 -49.98 -35.34
CA GLU D 695 5.83 -50.66 -36.56
C GLU D 695 6.43 -49.65 -37.60
N TRP D 696 6.54 -48.36 -37.23
CA TRP D 696 7.16 -47.33 -38.11
C TRP D 696 8.57 -47.67 -38.54
N ASP D 697 8.85 -47.64 -39.84
CA ASP D 697 10.17 -47.92 -40.43
C ASP D 697 10.69 -46.76 -41.32
N GLY D 698 10.12 -45.56 -41.16
CA GLY D 698 10.36 -44.47 -42.11
C GLY D 698 9.54 -44.45 -43.41
N THR D 699 9.08 -45.61 -43.90
CA THR D 699 8.41 -45.70 -45.22
C THR D 699 6.88 -45.90 -45.15
N ASN D 700 6.38 -46.19 -43.96
CA ASN D 700 5.03 -46.74 -43.81
C ASN D 700 4.10 -45.85 -42.95
N SER D 701 2.87 -46.31 -42.75
CA SER D 701 1.86 -45.50 -42.12
C SER D 701 0.92 -46.35 -41.28
N LEU D 702 0.41 -45.72 -40.24
CA LEU D 702 -0.73 -46.26 -39.46
C LEU D 702 -1.97 -46.58 -40.31
N TYR D 703 -2.14 -45.90 -41.44
CA TYR D 703 -3.32 -46.03 -42.25
C TYR D 703 -3.12 -46.88 -43.49
N ASP D 704 -1.98 -47.56 -43.60
CA ASP D 704 -1.78 -48.56 -44.66
C ASP D 704 -2.85 -49.64 -44.53
N VAL D 705 -3.35 -50.16 -45.66
CA VAL D 705 -4.17 -51.38 -45.56
C VAL D 705 -3.22 -52.56 -45.49
N ILE D 706 -3.31 -53.32 -44.40
CA ILE D 706 -2.38 -54.44 -44.14
C ILE D 706 -3.02 -55.77 -44.56
N PHE D 707 -4.34 -55.93 -44.49
CA PHE D 707 -5.02 -57.01 -45.21
C PHE D 707 -6.46 -56.64 -45.61
N THR D 708 -7.13 -57.49 -46.38
CA THR D 708 -8.49 -57.20 -46.84
C THR D 708 -9.36 -58.42 -46.59
N VAL D 709 -10.59 -58.23 -46.06
CA VAL D 709 -11.49 -59.37 -45.90
C VAL D 709 -12.71 -59.36 -46.82
N PHE D 710 -13.09 -60.56 -47.26
CA PHE D 710 -14.11 -60.83 -48.22
C PHE D 710 -15.15 -61.79 -47.68
N ALA D 711 -16.39 -61.64 -48.16
CA ALA D 711 -17.44 -62.53 -47.83
C ALA D 711 -18.48 -62.40 -48.92
N THR D 712 -19.38 -63.36 -48.99
CA THR D 712 -20.36 -63.46 -50.07
C THR D 712 -21.75 -63.36 -49.40
N ILE D 713 -22.68 -62.58 -49.97
CA ILE D 713 -24.08 -62.60 -49.51
C ILE D 713 -24.89 -63.08 -50.67
N THR D 714 -25.95 -63.79 -50.34
CA THR D 714 -26.88 -64.28 -51.34
C THR D 714 -28.27 -63.84 -50.90
N ASN D 715 -29.02 -63.31 -51.86
CA ASN D 715 -30.41 -62.97 -51.65
C ASN D 715 -31.20 -64.28 -51.64
N THR D 716 -31.72 -64.60 -50.48
CA THR D 716 -32.22 -65.88 -50.19
C THR D 716 -33.74 -65.87 -49.94
N GLY D 717 -34.40 -64.69 -50.01
CA GLY D 717 -35.88 -64.54 -50.04
C GLY D 717 -36.50 -64.29 -51.43
N ASN D 718 -37.62 -63.54 -51.50
CA ASN D 718 -38.50 -63.46 -52.69
C ASN D 718 -38.59 -62.11 -53.37
N LEU D 719 -37.88 -61.13 -52.82
CA LEU D 719 -37.86 -59.79 -53.39
C LEU D 719 -36.43 -59.32 -53.54
N THR D 720 -36.22 -58.47 -54.54
CA THR D 720 -35.00 -57.68 -54.69
C THR D 720 -34.77 -56.79 -53.45
N GLY D 721 -33.52 -56.61 -53.05
CA GLY D 721 -33.20 -55.87 -51.82
C GLY D 721 -31.75 -55.47 -51.74
N SER D 722 -31.45 -54.44 -50.95
CA SER D 722 -30.08 -54.03 -50.64
C SER D 722 -29.75 -54.44 -49.23
N GLU D 723 -28.47 -54.74 -48.99
CA GLU D 723 -27.98 -55.27 -47.72
C GLU D 723 -26.77 -54.51 -47.29
N VAL D 724 -26.76 -54.06 -46.06
CA VAL D 724 -25.58 -53.53 -45.39
C VAL D 724 -24.87 -54.64 -44.58
N ALA D 725 -23.80 -55.17 -45.18
CA ALA D 725 -22.81 -56.02 -44.53
C ALA D 725 -21.85 -55.27 -43.58
N GLN D 726 -21.55 -55.88 -42.43
CA GLN D 726 -20.74 -55.27 -41.37
C GLN D 726 -19.63 -56.19 -40.92
N LEU D 727 -18.50 -55.59 -40.51
CA LEU D 727 -17.36 -56.33 -40.07
C LEU D 727 -16.97 -55.82 -38.72
N TYR D 728 -16.79 -56.78 -37.79
CA TYR D 728 -16.43 -56.57 -36.38
C TYR D 728 -15.23 -57.42 -36.02
N ILE D 729 -14.34 -56.83 -35.24
CA ILE D 729 -13.13 -57.47 -34.81
C ILE D 729 -13.09 -57.44 -33.32
N SER D 730 -12.70 -58.56 -32.72
CA SER D 730 -12.34 -58.60 -31.33
C SER D 730 -10.84 -58.49 -31.26
N ILE D 731 -10.35 -57.38 -30.77
CA ILE D 731 -8.91 -57.17 -30.56
C ILE D 731 -8.50 -57.81 -29.20
N PRO D 732 -7.44 -58.63 -29.15
CA PRO D 732 -7.05 -59.23 -27.86
C PRO D 732 -6.34 -58.27 -26.91
N GLY D 733 -6.37 -58.63 -25.62
CA GLY D 733 -5.72 -57.88 -24.54
C GLY D 733 -6.64 -57.65 -23.35
N ASP D 734 -6.20 -56.80 -22.43
CA ASP D 734 -6.94 -56.58 -21.21
C ASP D 734 -8.11 -55.62 -21.41
N ASN D 735 -9.31 -56.08 -21.03
CA ASN D 735 -10.48 -55.22 -20.88
C ASN D 735 -10.90 -54.54 -22.20
N GLN D 736 -11.15 -55.36 -23.19
CA GLN D 736 -11.30 -54.90 -24.57
C GLN D 736 -12.75 -55.20 -24.95
N PRO D 737 -13.37 -54.27 -25.69
CA PRO D 737 -14.66 -54.59 -26.25
C PRO D 737 -14.70 -55.99 -26.86
N VAL D 738 -15.76 -56.69 -26.58
CA VAL D 738 -16.07 -57.99 -27.18
C VAL D 738 -15.87 -57.95 -28.68
N ARG D 739 -16.44 -56.93 -29.30
CA ARG D 739 -16.14 -56.59 -30.70
C ARG D 739 -16.31 -55.12 -31.03
N GLN D 740 -15.66 -54.70 -32.11
CA GLN D 740 -15.63 -53.29 -32.60
C GLN D 740 -15.85 -53.26 -34.09
N LEU D 741 -16.72 -52.36 -34.55
CA LEU D 741 -16.97 -52.22 -35.97
C LEU D 741 -15.70 -51.76 -36.65
N ARG D 742 -15.33 -52.42 -37.74
CA ARG D 742 -14.21 -52.05 -38.55
C ARG D 742 -14.48 -52.15 -40.05
N GLY D 743 -15.71 -52.34 -40.49
CA GLY D 743 -16.01 -52.14 -41.89
C GLY D 743 -17.48 -52.26 -42.15
N PHE D 744 -17.88 -51.79 -43.33
CA PHE D 744 -19.24 -51.90 -43.79
C PHE D 744 -19.26 -51.64 -45.28
N ASP D 745 -20.25 -52.25 -45.94
CA ASP D 745 -20.27 -52.30 -47.36
C ASP D 745 -21.72 -52.56 -47.71
N LYS D 746 -22.31 -51.64 -48.45
CA LYS D 746 -23.69 -51.78 -48.85
C LYS D 746 -23.86 -52.27 -50.28
N ILE D 747 -24.48 -53.45 -50.44
CA ILE D 747 -24.82 -54.00 -51.75
C ILE D 747 -26.18 -53.48 -52.22
N LYS D 748 -26.27 -52.93 -53.43
CA LYS D 748 -27.51 -52.29 -53.89
C LYS D 748 -28.28 -53.24 -54.77
N ASP D 749 -29.58 -53.39 -54.53
CA ASP D 749 -30.49 -54.08 -55.49
C ASP D 749 -30.04 -55.47 -55.91
N LEU D 750 -29.73 -56.32 -54.94
CA LEU D 750 -29.32 -57.68 -55.21
C LEU D 750 -30.60 -58.44 -55.60
N PRO D 751 -30.66 -58.98 -56.84
CA PRO D 751 -31.87 -59.74 -57.20
C PRO D 751 -31.95 -61.09 -56.49
N VAL D 752 -33.11 -61.72 -56.63
CA VAL D 752 -33.43 -63.01 -56.03
C VAL D 752 -32.50 -64.12 -56.59
N GLY D 753 -31.93 -64.91 -55.68
CA GLY D 753 -30.97 -65.95 -56.07
C GLY D 753 -29.53 -65.55 -56.39
N ASP D 754 -29.24 -64.25 -56.48
CA ASP D 754 -27.94 -63.71 -56.88
C ASP D 754 -27.07 -63.53 -55.66
N SER D 755 -25.78 -63.47 -55.97
CA SER D 755 -24.76 -63.34 -54.98
C SER D 755 -23.90 -62.18 -55.31
N ALA D 756 -23.26 -61.67 -54.28
CA ALA D 756 -22.28 -60.64 -54.48
C ALA D 756 -21.25 -60.72 -53.38
N VAL D 757 -20.05 -60.29 -53.75
CA VAL D 757 -18.93 -60.21 -52.85
C VAL D 757 -18.88 -58.83 -52.18
N VAL D 758 -18.60 -58.89 -50.90
CA VAL D 758 -18.57 -57.74 -50.07
C VAL D 758 -17.10 -57.68 -49.70
N THR D 759 -16.54 -56.49 -49.59
CA THR D 759 -15.13 -56.34 -49.37
C THR D 759 -14.77 -55.27 -48.32
N PHE D 760 -13.82 -55.61 -47.45
CA PHE D 760 -13.52 -54.83 -46.28
C PHE D 760 -12.01 -54.61 -46.12
N PRO D 761 -11.51 -53.46 -46.55
CA PRO D 761 -10.08 -53.20 -46.32
C PRO D 761 -9.79 -52.93 -44.84
N ILE D 762 -8.78 -53.60 -44.30
CA ILE D 762 -8.37 -53.45 -42.90
C ILE D 762 -7.08 -52.66 -42.80
N ARG D 763 -7.15 -51.52 -42.12
CA ARG D 763 -5.99 -50.68 -41.92
C ARG D 763 -5.23 -51.12 -40.69
N ARG D 764 -3.95 -50.77 -40.64
CA ARG D 764 -3.17 -51.07 -39.47
C ARG D 764 -3.85 -50.54 -38.19
N LYS D 765 -4.29 -49.29 -38.22
CA LYS D 765 -4.93 -48.71 -37.04
C LYS D 765 -6.17 -49.48 -36.61
N ASP D 766 -6.91 -50.08 -37.55
CA ASP D 766 -8.11 -50.90 -37.24
C ASP D 766 -7.90 -52.10 -36.34
N VAL D 767 -6.65 -52.50 -36.20
CA VAL D 767 -6.26 -53.70 -35.49
C VAL D 767 -5.23 -53.35 -34.37
N SER D 768 -5.13 -52.06 -34.04
CA SER D 768 -4.18 -51.55 -33.05
C SER D 768 -4.81 -51.15 -31.67
N SER D 769 -3.95 -51.01 -30.67
CA SER D 769 -4.33 -50.53 -29.32
C SER D 769 -3.42 -49.38 -28.98
N TRP D 770 -3.84 -48.52 -28.07
CA TRP D 770 -2.99 -47.43 -27.60
C TRP D 770 -2.35 -47.87 -26.32
N SER D 771 -1.03 -47.97 -26.32
CA SER D 771 -0.22 -48.18 -25.12
C SER D 771 -0.07 -46.85 -24.34
N VAL D 772 -0.68 -46.78 -23.16
CA VAL D 772 -0.56 -45.62 -22.29
C VAL D 772 0.86 -45.45 -21.79
N VAL D 773 1.55 -46.58 -21.53
CA VAL D 773 2.92 -46.58 -21.05
C VAL D 773 3.87 -46.02 -22.12
N ASP D 774 3.80 -46.61 -23.31
CA ASP D 774 4.73 -46.26 -24.37
C ASP D 774 4.26 -45.05 -25.18
N GLN D 775 3.00 -44.60 -25.01
CA GLN D 775 2.44 -43.46 -25.75
C GLN D 775 2.54 -43.68 -27.27
N LEU D 776 2.00 -44.81 -27.69
CA LEU D 776 2.04 -45.21 -29.06
C LEU D 776 1.01 -46.32 -29.42
N TRP D 777 0.69 -46.37 -30.71
CA TRP D 777 -0.17 -47.39 -31.30
C TRP D 777 0.66 -48.64 -31.60
N TYR D 778 0.09 -49.82 -31.40
CA TYR D 778 0.75 -51.07 -31.69
C TYR D 778 -0.30 -52.14 -31.96
N VAL D 779 0.07 -53.11 -32.79
CA VAL D 779 -0.74 -54.29 -33.08
C VAL D 779 -0.39 -55.37 -32.06
N PRO D 780 -1.32 -55.69 -31.16
CA PRO D 780 -0.98 -56.64 -30.11
C PRO D 780 -0.86 -58.05 -30.60
N ASN D 781 -0.14 -58.87 -29.83
CA ASN D 781 -0.08 -60.33 -30.08
C ASN D 781 -1.34 -60.98 -29.56
N GLY D 782 -1.77 -62.05 -30.25
CA GLY D 782 -2.90 -62.88 -29.80
C GLY D 782 -3.86 -63.24 -30.94
N ASP D 783 -4.92 -63.94 -30.59
CA ASP D 783 -5.95 -64.29 -31.54
C ASP D 783 -6.86 -63.07 -31.69
N PHE D 784 -7.05 -62.61 -32.92
CA PHE D 784 -8.06 -61.60 -33.26
C PHE D 784 -9.21 -62.36 -33.88
N LEU D 785 -10.43 -62.23 -33.36
CA LEU D 785 -11.64 -62.75 -34.05
C LEU D 785 -12.24 -61.74 -35.07
N ILE D 786 -12.53 -62.20 -36.28
CA ILE D 786 -13.14 -61.37 -37.32
C ILE D 786 -14.51 -61.93 -37.61
N SER D 787 -15.51 -61.10 -37.43
CA SER D 787 -16.90 -61.47 -37.56
CA SER D 787 -16.90 -61.48 -37.56
C SER D 787 -17.57 -60.62 -38.64
N VAL D 788 -18.36 -61.28 -39.50
CA VAL D 788 -19.06 -60.61 -40.58
C VAL D 788 -20.52 -61.02 -40.56
N GLY D 789 -21.40 -60.05 -40.79
CA GLY D 789 -22.82 -60.29 -40.92
C GLY D 789 -23.62 -59.03 -41.00
N GLY D 790 -24.92 -59.21 -40.74
CA GLY D 790 -25.95 -58.20 -40.96
C GLY D 790 -26.26 -57.23 -39.84
N SER D 791 -25.71 -57.48 -38.66
CA SER D 791 -25.90 -56.60 -37.54
C SER D 791 -24.87 -56.95 -36.49
N SER D 792 -24.78 -56.11 -35.46
CA SER D 792 -23.84 -56.34 -34.37
C SER D 792 -24.11 -57.60 -33.53
N ARG D 793 -25.31 -58.18 -33.61
CA ARG D 793 -25.68 -59.45 -32.88
C ARG D 793 -26.09 -60.62 -33.83
N ASP D 794 -25.84 -60.45 -35.11
CA ASP D 794 -26.17 -61.46 -36.09
C ASP D 794 -24.93 -61.59 -37.03
N LEU D 795 -24.02 -62.47 -36.63
CA LEU D 795 -22.69 -62.57 -37.22
C LEU D 795 -22.38 -64.03 -37.44
N PRO D 796 -22.86 -64.59 -38.54
CA PRO D 796 -22.74 -66.01 -38.80
C PRO D 796 -21.40 -66.51 -39.38
N LEU D 797 -20.55 -65.61 -39.85
CA LEU D 797 -19.23 -65.99 -40.32
C LEU D 797 -18.23 -65.48 -39.33
N ASN D 798 -17.31 -66.34 -38.94
CA ASN D 798 -16.16 -65.88 -38.15
C ASN D 798 -14.85 -66.66 -38.48
N THR D 799 -13.72 -66.06 -38.13
CA THR D 799 -12.44 -66.69 -38.34
C THR D 799 -11.41 -66.02 -37.45
N THR D 800 -10.25 -66.65 -37.35
CA THR D 800 -9.19 -66.18 -36.45
C THR D 800 -7.92 -65.80 -37.23
N TRP D 801 -7.47 -64.56 -36.97
CA TRP D 801 -6.21 -64.05 -37.43
C TRP D 801 -5.29 -63.92 -36.22
N THR D 802 -4.14 -64.58 -36.27
CA THR D 802 -3.03 -64.39 -35.29
C THR D 802 -1.75 -63.86 -36.02
N PRO D 803 -1.33 -62.58 -35.79
CA PRO D 803 -0.23 -61.94 -36.57
C PRO D 803 1.22 -62.48 -36.51
N HIS D 804 1.62 -63.22 -35.48
CA HIS D 804 3.03 -63.70 -35.40
C HIS D 804 3.11 -65.18 -35.02
N GLN E 48 -16.85 40.74 -50.61
CA GLN E 48 -16.31 42.13 -50.42
C GLN E 48 -15.31 42.58 -51.53
N TRP E 49 -14.66 41.62 -52.18
CA TRP E 49 -13.69 41.90 -53.25
C TRP E 49 -14.04 41.00 -54.44
N PRO E 50 -14.45 41.61 -55.56
CA PRO E 50 -14.95 40.83 -56.72
C PRO E 50 -13.84 40.18 -57.59
N ALA E 51 -14.20 39.06 -58.18
CA ALA E 51 -13.28 38.22 -58.90
C ALA E 51 -13.06 38.84 -60.29
N PRO E 52 -11.87 39.37 -60.63
CA PRO E 52 -11.67 39.86 -62.01
C PRO E 52 -11.64 38.69 -62.99
N LEU E 53 -12.16 38.86 -64.20
CA LEU E 53 -12.16 37.76 -65.16
C LEU E 53 -10.76 37.64 -65.75
N ALA E 54 -10.39 36.41 -66.09
CA ALA E 54 -9.15 36.17 -66.79
C ALA E 54 -9.18 36.70 -68.23
N ASN E 55 -8.05 37.24 -68.68
CA ASN E 55 -7.89 37.75 -70.04
C ASN E 55 -6.60 37.26 -70.75
N GLY E 56 -5.80 36.43 -70.09
CA GLY E 56 -4.55 35.90 -70.68
C GLY E 56 -3.24 36.65 -70.51
N GLY E 57 -3.32 37.87 -69.97
CA GLY E 57 -2.16 38.76 -69.79
C GLY E 57 -1.22 38.84 -70.98
N LYS E 58 0.05 38.97 -70.68
CA LYS E 58 1.08 39.12 -71.70
C LYS E 58 1.31 37.85 -72.59
N SER E 59 1.88 36.79 -72.06
CA SER E 59 2.31 35.69 -72.89
C SER E 59 1.21 34.67 -73.22
N TRP E 60 0.10 34.60 -72.46
CA TRP E 60 -0.89 33.53 -72.72
C TRP E 60 -2.09 34.01 -73.58
N ALA E 61 -1.93 35.07 -74.36
CA ALA E 61 -3.10 35.64 -75.09
C ALA E 61 -3.82 34.61 -75.95
N SER E 62 -3.12 33.90 -76.81
CA SER E 62 -3.78 32.93 -77.69
C SER E 62 -4.26 31.68 -76.98
N ALA E 63 -3.54 31.26 -75.96
CA ALA E 63 -3.96 30.15 -75.16
C ALA E 63 -5.30 30.46 -74.44
N PHE E 64 -5.40 31.64 -73.87
CA PHE E 64 -6.67 32.10 -73.27
C PHE E 64 -7.76 32.09 -74.29
N LYS E 65 -7.48 32.55 -75.51
CA LYS E 65 -8.57 32.60 -76.47
C LYS E 65 -9.08 31.17 -76.82
N LYS E 66 -8.20 30.19 -76.94
CA LYS E 66 -8.64 28.81 -77.13
C LYS E 66 -9.36 28.35 -75.87
N ALA E 67 -8.81 28.68 -74.69
CA ALA E 67 -9.50 28.29 -73.44
C ALA E 67 -10.94 28.86 -73.44
N LYS E 68 -11.09 30.17 -73.71
CA LYS E 68 -12.43 30.79 -73.75
C LYS E 68 -13.35 30.07 -74.73
N ALA E 69 -12.90 29.76 -75.93
CA ALA E 69 -13.80 29.17 -76.93
C ALA E 69 -14.25 27.77 -76.48
N THR E 70 -13.33 26.97 -75.92
CA THR E 70 -13.65 25.63 -75.40
C THR E 70 -14.62 25.67 -74.24
N VAL E 71 -14.37 26.54 -73.27
CA VAL E 71 -15.28 26.66 -72.09
C VAL E 71 -16.67 27.10 -72.55
N THR E 72 -16.73 28.08 -73.45
CA THR E 72 -18.00 28.58 -73.99
C THR E 72 -18.92 27.46 -74.58
N GLU E 73 -18.37 26.35 -75.02
CA GLU E 73 -19.20 25.24 -75.49
C GLU E 73 -19.51 24.16 -74.41
N MET E 74 -19.20 24.42 -73.13
CA MET E 74 -19.38 23.42 -72.07
C MET E 74 -20.75 23.47 -71.38
N THR E 75 -21.27 22.28 -71.00
CA THR E 75 -22.44 22.16 -70.14
C THR E 75 -22.06 22.46 -68.68
N VAL E 76 -23.07 22.66 -67.85
CA VAL E 76 -22.89 22.80 -66.44
C VAL E 76 -22.20 21.56 -65.90
N GLU E 77 -22.66 20.37 -66.28
CA GLU E 77 -22.10 19.09 -65.83
C GLU E 77 -20.59 18.95 -66.29
N GLU E 78 -20.22 19.57 -67.39
CA GLU E 78 -18.84 19.57 -67.83
C GLU E 78 -17.96 20.55 -67.07
N LEU E 79 -18.52 21.68 -66.65
CA LEU E 79 -17.75 22.70 -65.93
C LEU E 79 -17.39 22.19 -64.54
N ALA E 80 -18.32 21.49 -63.92
CA ALA E 80 -18.10 20.85 -62.64
C ALA E 80 -17.13 19.64 -62.67
N ASN E 81 -17.05 18.97 -63.80
CA ASN E 81 -16.11 17.90 -64.02
C ASN E 81 -14.65 18.38 -63.99
N ILE E 82 -14.35 19.42 -64.75
CA ILE E 82 -12.97 19.93 -64.86
C ILE E 82 -12.51 20.72 -63.60
N THR E 83 -13.43 21.25 -62.81
CA THR E 83 -13.08 22.01 -61.64
C THR E 83 -12.97 21.21 -60.35
N SER E 84 -13.11 19.89 -60.38
CA SER E 84 -13.03 19.06 -59.17
C SER E 84 -12.30 17.76 -59.48
N GLY E 85 -11.60 17.20 -58.50
CA GLY E 85 -10.75 16.05 -58.75
C GLY E 85 -11.52 14.73 -58.87
N VAL E 86 -10.95 13.77 -59.59
CA VAL E 86 -11.54 12.41 -59.76
C VAL E 86 -10.50 11.38 -59.38
N ILE E 87 -10.91 10.11 -59.36
CA ILE E 87 -10.04 9.00 -58.94
C ILE E 87 -9.04 8.73 -60.04
N GLY E 88 -7.72 8.64 -59.69
CA GLY E 88 -6.66 8.23 -60.65
C GLY E 88 -5.32 7.90 -59.97
N LEU E 89 -4.30 7.65 -60.78
CA LEU E 89 -3.02 7.14 -60.31
C LEU E 89 -2.13 8.24 -59.65
N CYS E 90 -2.28 9.47 -60.13
CA CYS E 90 -1.58 10.63 -59.65
C CYS E 90 -2.17 11.19 -58.38
N SER E 91 -1.39 12.10 -57.74
CA SER E 91 -1.76 12.79 -56.48
C SER E 91 -3.18 13.32 -56.64
N GLY E 92 -3.46 13.85 -57.82
CA GLY E 92 -4.76 14.37 -58.14
C GLY E 92 -4.97 14.40 -59.63
N VAL E 93 -6.25 14.45 -60.01
CA VAL E 93 -6.63 14.30 -61.41
C VAL E 93 -7.87 15.14 -61.64
N THR E 94 -7.84 16.03 -62.64
CA THR E 94 -9.06 16.75 -63.05
C THR E 94 -9.95 15.82 -63.86
N GLY E 95 -11.26 16.04 -63.81
CA GLY E 95 -12.20 15.30 -64.65
C GLY E 95 -12.02 15.72 -66.09
N ALA E 96 -12.22 14.76 -66.98
CA ALA E 96 -12.21 14.99 -68.42
C ALA E 96 -13.45 15.78 -68.85
N VAL E 97 -13.41 16.35 -70.07
CA VAL E 97 -14.59 16.82 -70.80
C VAL E 97 -14.56 15.99 -72.07
N THR E 98 -15.15 14.81 -71.98
CA THR E 98 -14.87 13.78 -72.96
C THR E 98 -15.53 14.09 -74.31
N ARG E 99 -16.70 14.70 -74.28
CA ARG E 99 -17.35 15.15 -75.50
C ARG E 99 -16.49 16.10 -76.30
N LEU E 100 -15.62 16.90 -75.67
CA LEU E 100 -14.76 17.85 -76.44
C LEU E 100 -13.29 17.43 -76.62
N GLY E 101 -12.95 16.20 -76.28
CA GLY E 101 -11.55 15.71 -76.34
C GLY E 101 -10.57 16.38 -75.37
N ILE E 102 -11.07 16.88 -74.24
CA ILE E 102 -10.22 17.37 -73.16
C ILE E 102 -10.01 16.20 -72.17
N PRO E 103 -8.77 15.73 -72.02
CA PRO E 103 -8.62 14.64 -71.09
C PRO E 103 -8.45 15.12 -69.66
N GLU E 104 -8.49 14.12 -68.79
CA GLU E 104 -8.01 14.15 -67.40
C GLU E 104 -6.60 14.72 -67.37
N PHE E 105 -6.37 15.77 -66.57
CA PHE E 105 -5.02 16.26 -66.22
C PHE E 105 -4.51 15.61 -64.93
N CYS E 106 -3.27 15.15 -65.00
CA CYS E 106 -2.56 14.50 -63.90
C CYS E 106 -1.75 15.60 -63.11
N LEU E 107 -2.10 15.74 -61.83
CA LEU E 107 -1.42 16.64 -60.95
C LEU E 107 -0.54 15.81 -60.06
N GLN E 108 0.71 16.23 -59.94
CA GLN E 108 1.69 15.38 -59.26
C GLN E 108 2.72 16.13 -58.47
N ASP E 109 2.87 15.68 -57.22
CA ASP E 109 4.00 16.12 -56.40
C ASP E 109 5.33 15.65 -57.04
N GLY E 110 6.43 16.36 -56.80
CA GLY E 110 6.47 17.57 -55.93
C GLY E 110 7.76 18.36 -56.12
N PRO E 111 8.11 19.23 -55.15
CA PRO E 111 9.23 20.14 -55.40
C PRO E 111 10.69 19.63 -55.55
N ILE E 112 10.97 18.34 -55.43
CA ILE E 112 12.26 17.75 -55.90
C ILE E 112 12.06 16.80 -57.10
N GLY E 113 10.87 16.75 -57.66
CA GLY E 113 10.67 15.89 -58.83
C GLY E 113 9.48 14.99 -58.60
N PRO E 114 9.10 14.21 -59.59
CA PRO E 114 7.92 13.40 -59.39
C PRO E 114 8.07 12.38 -58.26
N ARG E 115 7.13 12.45 -57.33
CA ARG E 115 7.09 11.58 -56.15
C ARG E 115 6.28 10.29 -56.44
N GLY E 116 6.76 9.18 -55.96
CA GLY E 116 6.00 7.95 -55.94
C GLY E 116 6.33 7.07 -57.09
N VAL E 117 7.38 7.43 -57.76
CA VAL E 117 7.57 6.98 -59.09
C VAL E 117 8.92 6.30 -59.10
N HIS E 118 8.99 5.19 -59.82
CA HIS E 118 10.26 4.60 -60.11
C HIS E 118 10.76 5.14 -61.45
N GLY E 119 12.00 4.80 -61.75
CA GLY E 119 12.57 5.18 -63.00
C GLY E 119 13.04 6.61 -63.13
N SER E 120 13.17 7.30 -61.98
CA SER E 120 13.46 8.74 -61.93
C SER E 120 14.68 8.97 -61.08
N SER E 121 15.02 10.23 -60.88
CA SER E 121 16.18 10.61 -60.09
C SER E 121 15.76 11.31 -58.82
N GLN E 122 16.57 11.20 -57.77
CA GLN E 122 16.32 11.95 -56.57
C GLN E 122 17.19 13.23 -56.61
N PHE E 123 16.57 14.38 -56.86
CA PHE E 123 17.26 15.67 -56.93
C PHE E 123 17.50 16.23 -55.57
N PRO E 124 18.49 17.15 -55.43
CA PRO E 124 18.64 17.88 -54.17
C PRO E 124 17.43 18.77 -53.94
N ALA E 125 17.12 19.00 -52.70
CA ALA E 125 16.04 19.87 -52.31
C ALA E 125 16.32 21.35 -52.65
N GLY E 126 15.30 22.14 -52.46
CA GLY E 126 15.35 23.58 -52.63
C GLY E 126 16.34 24.25 -51.69
N LEU E 127 16.40 23.79 -50.46
CA LEU E 127 17.38 24.23 -49.49
C LEU E 127 18.77 24.14 -50.08
N THR E 128 19.07 22.99 -50.64
CA THR E 128 20.37 22.65 -51.16
C THR E 128 20.66 23.50 -52.36
N VAL E 129 19.75 23.66 -53.34
CA VAL E 129 20.05 24.60 -54.43
C VAL E 129 20.21 26.01 -53.93
N ALA E 130 19.42 26.43 -52.95
CA ALA E 130 19.58 27.77 -52.42
C ALA E 130 21.03 28.05 -52.00
N ALA E 131 21.63 27.13 -51.25
CA ALA E 131 22.98 27.30 -50.74
C ALA E 131 24.06 27.32 -51.83
N THR E 132 23.74 26.95 -53.06
CA THR E 132 24.69 27.19 -54.12
C THR E 132 24.83 28.67 -54.42
N TRP E 133 23.78 29.44 -54.16
CA TRP E 133 23.69 30.82 -54.63
C TRP E 133 24.02 30.96 -56.11
N ASP E 134 23.69 29.94 -56.91
CA ASP E 134 24.02 29.87 -58.31
C ASP E 134 22.75 29.78 -59.17
N ARG E 135 22.45 30.89 -59.83
CA ARG E 135 21.31 31.00 -60.77
C ARG E 135 21.22 29.97 -61.89
N THR E 136 22.36 29.66 -62.52
CA THR E 136 22.49 28.61 -63.54
C THR E 136 22.05 27.22 -63.01
N LEU E 137 22.49 26.85 -61.80
CA LEU E 137 22.08 25.58 -61.18
C LEU E 137 20.59 25.55 -60.76
N MET E 138 20.07 26.69 -60.23
CA MET E 138 18.67 26.78 -59.85
C MET E 138 17.78 26.51 -61.07
N TYR E 139 18.11 27.15 -62.19
CA TYR E 139 17.42 26.89 -63.43
C TYR E 139 17.61 25.44 -63.92
N ALA E 140 18.86 25.01 -64.07
CA ALA E 140 19.13 23.68 -64.62
C ALA E 140 18.45 22.53 -63.81
N ARG E 141 18.42 22.64 -62.51
CA ARG E 141 17.69 21.65 -61.67
C ARG E 141 16.20 21.56 -61.99
N ALA E 142 15.58 22.73 -62.17
CA ALA E 142 14.17 22.78 -62.46
C ALA E 142 13.87 22.30 -63.88
N ARG E 143 14.78 22.52 -64.80
CA ARG E 143 14.62 22.09 -66.16
C ARG E 143 14.71 20.57 -66.17
N GLY E 144 15.61 20.01 -65.35
CA GLY E 144 15.81 18.56 -65.26
C GLY E 144 14.64 17.86 -64.60
N MET E 145 14.15 18.43 -63.50
CA MET E 145 12.91 17.95 -62.86
C MET E 145 11.75 17.98 -63.86
N GLY E 146 11.68 19.05 -64.66
CA GLY E 146 10.61 19.23 -65.60
C GLY E 146 10.66 18.15 -66.63
N GLN E 147 11.85 17.87 -67.15
CA GLN E 147 11.99 16.80 -68.10
C GLN E 147 11.41 15.51 -67.53
N GLU E 148 11.74 15.14 -66.29
CA GLU E 148 11.28 13.90 -65.73
C GLU E 148 9.76 13.89 -65.44
N PHE E 149 9.22 15.02 -64.99
CA PHE E 149 7.79 15.19 -64.85
C PHE E 149 7.12 14.98 -66.22
N HIS E 150 7.65 15.65 -67.25
CA HIS E 150 7.01 15.52 -68.53
C HIS E 150 6.99 14.05 -68.96
N ASP E 151 8.15 13.41 -68.91
CA ASP E 151 8.31 12.09 -69.46
C ASP E 151 7.54 11.03 -68.63
N GLN E 152 7.22 11.30 -67.37
CA GLN E 152 6.35 10.37 -66.60
C GLN E 152 4.90 10.65 -66.87
N GLY E 153 4.61 11.71 -67.60
CA GLY E 153 3.23 11.98 -68.01
C GLY E 153 2.47 12.90 -67.10
N VAL E 154 3.17 13.82 -66.46
CA VAL E 154 2.54 14.75 -65.54
C VAL E 154 2.20 15.99 -66.36
N HIS E 155 0.97 16.50 -66.18
CA HIS E 155 0.51 17.75 -66.81
C HIS E 155 0.81 18.93 -65.93
N LEU E 156 0.59 18.78 -64.62
CA LEU E 156 0.78 19.80 -63.64
C LEU E 156 1.64 19.32 -62.48
N ALA E 157 2.80 19.95 -62.31
CA ALA E 157 3.72 19.66 -61.18
C ALA E 157 3.31 20.47 -59.98
N LEU E 158 3.19 19.85 -58.81
CA LEU E 158 2.86 20.59 -57.59
C LEU E 158 4.18 21.04 -57.04
N ALA E 159 4.67 22.08 -57.69
CA ALA E 159 6.04 22.60 -57.49
C ALA E 159 6.13 23.87 -58.27
N PRO E 160 7.03 24.78 -57.90
CA PRO E 160 7.91 24.70 -56.74
C PRO E 160 7.29 25.41 -55.55
N VAL E 161 7.96 25.31 -54.42
CA VAL E 161 7.66 26.07 -53.25
C VAL E 161 8.27 27.46 -53.44
N THR E 162 7.42 28.48 -53.45
CA THR E 162 7.87 29.83 -53.80
C THR E 162 7.51 30.82 -52.77
N GLY E 163 7.86 30.51 -51.55
CA GLY E 163 7.69 31.45 -50.43
C GLY E 163 6.55 31.16 -49.46
N GLY E 164 6.06 29.93 -49.46
CA GLY E 164 5.24 29.45 -48.37
C GLY E 164 5.45 27.98 -48.09
N PRO E 165 6.26 27.63 -47.08
CA PRO E 165 6.85 28.53 -46.05
C PRO E 165 8.07 29.29 -46.50
N LEU E 166 8.14 30.58 -46.17
CA LEU E 166 9.31 31.44 -46.43
C LEU E 166 10.44 31.20 -45.39
N GLY E 167 10.11 31.05 -44.11
CA GLY E 167 11.16 30.90 -43.05
C GLY E 167 11.00 31.70 -41.73
N ARG E 168 9.79 32.02 -41.34
CA ARG E 168 9.52 32.72 -40.08
C ARG E 168 10.04 31.94 -38.86
N THR E 169 9.91 30.61 -38.92
CA THR E 169 10.48 29.73 -37.93
C THR E 169 11.47 28.77 -38.54
N PRO E 170 12.67 28.67 -37.94
CA PRO E 170 13.65 27.71 -38.44
C PRO E 170 13.30 26.28 -37.97
N LEU E 171 12.18 26.08 -37.27
CA LEU E 171 11.72 24.73 -36.89
C LEU E 171 10.72 24.11 -37.82
N ASN E 172 10.33 24.87 -38.84
CA ASN E 172 9.29 24.43 -39.74
C ASN E 172 9.63 23.05 -40.36
N GLY E 173 8.78 22.07 -40.11
CA GLY E 173 9.02 20.75 -40.69
C GLY E 173 9.28 20.60 -42.19
N ARG E 174 8.70 21.47 -42.98
CA ARG E 174 8.94 21.49 -44.42
C ARG E 174 9.58 22.77 -44.99
N GLY E 175 10.25 23.58 -44.16
CA GLY E 175 11.10 24.69 -44.65
C GLY E 175 12.10 24.30 -45.73
N TRP E 176 12.66 23.09 -45.63
CA TRP E 176 13.62 22.55 -46.60
C TRP E 176 13.13 22.47 -48.06
N GLU E 177 11.81 22.43 -48.26
CA GLU E 177 11.23 22.27 -49.57
C GLU E 177 11.37 23.58 -50.37
N GLY E 178 11.48 24.71 -49.66
CA GLY E 178 11.59 26.05 -50.25
C GLY E 178 13.05 26.32 -50.44
N THR E 179 13.46 27.57 -50.38
CA THR E 179 14.84 27.92 -50.59
C THR E 179 15.56 28.83 -49.61
N PHE E 180 15.39 30.14 -49.73
CA PHE E 180 16.01 31.04 -48.79
C PHE E 180 14.99 31.60 -47.77
N ALA E 181 15.41 31.89 -46.55
CA ALA E 181 14.63 32.69 -45.59
C ALA E 181 14.86 34.19 -45.86
N ASP E 182 14.49 34.59 -47.06
CA ASP E 182 14.73 35.89 -47.54
C ASP E 182 13.86 36.13 -48.74
N PRO E 183 12.97 37.13 -48.69
CA PRO E 183 12.13 37.35 -49.89
C PRO E 183 12.86 37.58 -51.17
N TYR E 184 13.97 38.30 -51.16
CA TYR E 184 14.61 38.64 -52.45
C TYR E 184 15.20 37.40 -53.11
N ALA E 185 16.01 36.66 -52.36
CA ALA E 185 16.64 35.45 -52.91
C ALA E 185 15.63 34.33 -53.17
N CYS E 186 14.69 34.13 -52.24
CA CYS E 186 13.56 33.19 -52.52
C CYS E 186 12.83 33.58 -53.81
N GLY E 187 12.73 34.89 -54.04
CA GLY E 187 12.17 35.42 -55.24
C GLY E 187 12.92 35.14 -56.51
N GLU E 188 14.23 35.25 -56.54
CA GLU E 188 14.95 34.88 -57.77
C GLU E 188 14.92 33.38 -57.96
N ALA E 189 15.09 32.61 -56.87
CA ALA E 189 15.02 31.16 -56.95
C ALA E 189 13.70 30.66 -57.45
N SER E 190 12.61 31.25 -56.95
CA SER E 190 11.27 30.94 -57.47
C SER E 190 11.13 31.31 -58.97
N TYR E 191 11.61 32.48 -59.38
CA TYR E 191 11.53 32.86 -60.79
C TYR E 191 12.17 31.73 -61.65
N LEU E 192 13.37 31.29 -61.29
CA LEU E 192 14.16 30.39 -62.14
C LEU E 192 13.61 28.97 -62.08
N SER E 193 13.06 28.60 -60.93
CA SER E 193 12.44 27.30 -60.75
C SER E 193 11.19 27.13 -61.57
N VAL E 194 10.34 28.19 -61.65
CA VAL E 194 9.16 28.16 -62.50
C VAL E 194 9.55 28.19 -63.99
N LYS E 195 10.50 29.01 -64.31
CA LYS E 195 11.00 29.03 -65.71
C LYS E 195 11.49 27.63 -66.21
N GLY E 196 12.25 26.94 -65.40
CA GLY E 196 12.82 25.66 -65.75
C GLY E 196 11.79 24.57 -65.91
N LEU E 197 10.83 24.52 -64.98
CA LEU E 197 9.70 23.62 -65.12
C LEU E 197 8.83 23.95 -66.35
N THR E 198 8.49 25.23 -66.56
CA THR E 198 7.56 25.54 -67.70
C THR E 198 8.20 25.30 -69.00
N ASP E 199 9.50 25.61 -69.08
CA ASP E 199 10.30 25.37 -70.30
C ASP E 199 10.44 23.87 -70.68
N ALA E 200 10.25 22.95 -69.74
CA ALA E 200 10.24 21.50 -70.03
C ALA E 200 8.88 21.00 -70.47
N GLY E 201 7.90 21.89 -70.58
CA GLY E 201 6.55 21.51 -70.90
C GLY E 201 5.62 21.06 -69.79
N VAL E 202 5.95 21.31 -68.52
CA VAL E 202 4.99 21.02 -67.48
C VAL E 202 4.47 22.31 -66.87
N ALA E 203 3.18 22.32 -66.58
CA ALA E 203 2.55 23.43 -65.92
C ALA E 203 2.91 23.39 -64.47
N THR E 204 3.24 24.55 -63.94
CA THR E 204 3.52 24.72 -62.54
C THR E 204 2.33 25.12 -61.69
N VAL E 205 2.38 24.64 -60.45
CA VAL E 205 1.51 25.03 -59.35
C VAL E 205 2.37 25.52 -58.20
N SER E 206 2.70 26.81 -58.19
CA SER E 206 3.52 27.39 -57.18
C SER E 206 2.76 27.41 -55.86
N LYS E 207 3.48 27.16 -54.76
CA LYS E 207 2.84 26.97 -53.48
C LYS E 207 3.68 27.40 -52.32
N HIS E 208 3.10 27.57 -51.13
CA HIS E 208 1.67 27.62 -50.81
C HIS E 208 1.29 29.06 -50.44
N TRP E 209 0.27 29.59 -51.10
CA TRP E 209 -0.24 30.94 -50.86
C TRP E 209 -1.22 30.90 -49.69
N ILE E 210 -1.01 31.55 -48.54
CA ILE E 210 0.15 32.34 -48.20
C ILE E 210 0.26 32.47 -46.65
N ALA E 211 1.43 32.81 -46.17
CA ALA E 211 1.74 32.93 -44.75
C ALA E 211 1.57 31.59 -44.06
N TYR E 212 1.90 30.53 -44.81
CA TYR E 212 1.86 29.17 -44.30
C TYR E 212 3.21 28.92 -43.63
N GLU E 213 3.32 29.30 -42.37
CA GLU E 213 4.61 29.30 -41.69
C GLU E 213 4.73 28.35 -40.51
N GLN E 214 3.78 27.48 -40.27
CA GLN E 214 4.07 26.43 -39.35
C GLN E 214 3.27 25.24 -39.77
N GLU E 215 3.73 24.07 -39.40
CA GLU E 215 3.01 22.83 -39.73
C GLU E 215 2.01 22.49 -38.68
N THR E 216 2.38 22.69 -37.44
CA THR E 216 1.52 22.46 -36.32
C THR E 216 0.19 23.18 -36.42
N SER E 217 -0.90 22.40 -36.24
CA SER E 217 -2.27 22.87 -36.28
C SER E 217 -2.67 23.43 -37.63
N ARG E 218 -2.00 22.94 -38.68
CA ARG E 218 -2.37 23.32 -40.06
C ARG E 218 -3.76 22.73 -40.41
N ASN E 219 -4.04 21.55 -39.84
CA ASN E 219 -5.37 20.94 -39.75
C ASN E 219 -6.13 20.77 -41.04
N LEU E 220 -5.68 19.84 -41.86
CA LEU E 220 -6.32 19.52 -43.14
C LEU E 220 -7.77 19.20 -42.81
N TYR E 221 -8.69 19.57 -43.71
CA TYR E 221 -10.08 19.15 -43.64
C TYR E 221 -10.16 17.61 -43.84
N ILE E 222 -10.61 16.88 -42.84
CA ILE E 222 -10.81 15.45 -42.91
C ILE E 222 -12.20 15.13 -42.35
N ASP E 223 -12.98 14.32 -43.06
CA ASP E 223 -14.33 13.87 -42.61
C ASP E 223 -14.51 12.38 -42.89
N ILE E 224 -14.19 11.56 -41.88
CA ILE E 224 -14.42 10.10 -41.91
C ILE E 224 -15.45 9.76 -40.81
N ASP E 225 -16.41 8.90 -41.16
CA ASP E 225 -17.48 8.45 -40.23
C ASP E 225 -18.46 9.56 -39.85
N GLY E 226 -18.62 10.61 -40.65
CA GLY E 226 -19.43 11.77 -40.23
C GLY E 226 -18.86 12.71 -39.13
N VAL E 227 -17.70 12.40 -38.53
CA VAL E 227 -16.97 13.33 -37.61
C VAL E 227 -15.79 14.06 -38.34
N SER E 228 -15.89 15.38 -38.42
CA SER E 228 -15.01 16.16 -39.26
C SER E 228 -14.01 16.95 -38.43
N GLN E 229 -12.98 17.48 -39.10
CA GLN E 229 -11.94 18.25 -38.44
C GLN E 229 -12.57 19.53 -37.89
N ALA E 230 -13.62 20.00 -38.56
CA ALA E 230 -14.40 21.15 -38.10
C ALA E 230 -15.04 21.03 -36.70
N ASP E 231 -15.26 19.80 -36.23
CA ASP E 231 -15.73 19.52 -34.86
C ASP E 231 -14.61 19.48 -33.79
N ILE E 232 -13.34 19.49 -34.21
CA ILE E 232 -12.19 19.38 -33.32
C ILE E 232 -11.40 20.73 -33.14
N GLN E 233 -10.92 21.34 -34.22
CA GLN E 233 -10.03 22.52 -34.17
C GLN E 233 -9.92 23.14 -35.56
N LEU E 234 -10.07 24.45 -35.66
CA LEU E 234 -9.89 25.13 -36.96
C LEU E 234 -8.39 25.20 -37.27
N PRO E 235 -8.03 25.56 -38.53
CA PRO E 235 -6.63 25.74 -38.81
C PRO E 235 -5.98 26.96 -38.11
N ILE E 236 -4.70 26.84 -37.80
CA ILE E 236 -3.89 27.99 -37.34
C ILE E 236 -4.13 29.22 -38.26
N SER E 237 -4.29 30.42 -37.70
CA SER E 237 -4.59 31.67 -38.46
C SER E 237 -3.44 32.61 -38.35
N SER E 238 -2.83 32.89 -39.50
CA SER E 238 -1.79 33.85 -39.56
C SER E 238 -2.46 35.22 -39.63
N ASN E 239 -2.24 36.06 -38.61
CA ASN E 239 -2.74 37.43 -38.58
C ASN E 239 -1.58 38.34 -38.97
N VAL E 240 -1.69 38.89 -40.17
CA VAL E 240 -0.58 39.48 -40.87
C VAL E 240 -1.00 40.87 -41.25
N ASP E 241 -0.25 41.88 -40.84
CA ASP E 241 -0.60 43.26 -41.22
C ASP E 241 -0.25 43.46 -42.70
N ASP E 242 -0.73 44.55 -43.30
CA ASP E 242 -0.71 44.72 -44.77
C ASP E 242 0.69 45.04 -45.27
N LEU E 243 1.44 45.81 -44.48
CA LEU E 243 2.82 46.07 -44.85
C LEU E 243 3.65 44.77 -44.95
N THR E 244 3.53 43.95 -43.93
CA THR E 244 4.19 42.67 -43.87
C THR E 244 3.82 41.73 -45.02
N MET E 245 2.55 41.67 -45.37
CA MET E 245 2.10 40.91 -46.54
C MET E 245 2.74 41.38 -47.84
N HIS E 246 2.86 42.70 -48.01
CA HIS E 246 3.45 43.26 -49.25
C HIS E 246 4.96 43.11 -49.35
N GLU E 247 5.67 43.39 -48.26
CA GLU E 247 7.13 43.47 -48.30
C GLU E 247 7.88 42.16 -47.98
N LEU E 248 7.16 41.17 -47.46
CA LEU E 248 7.80 39.90 -47.16
C LEU E 248 7.09 38.77 -47.93
N TYR E 249 5.87 38.47 -47.58
CA TYR E 249 5.26 37.22 -48.03
C TYR E 249 4.82 37.24 -49.48
N MET E 250 4.35 38.38 -50.01
CA MET E 250 3.91 38.43 -51.42
C MET E 250 5.08 38.49 -52.41
N TRP E 251 6.28 38.83 -51.94
CA TRP E 251 7.37 39.18 -52.87
C TRP E 251 7.75 38.00 -53.81
N SER E 252 7.88 36.83 -53.23
CA SER E 252 8.28 35.66 -53.97
C SER E 252 7.18 35.22 -54.86
N PHE E 253 5.92 35.37 -54.45
CA PHE E 253 4.82 35.00 -55.33
C PHE E 253 4.69 35.93 -56.55
N ALA E 254 5.04 37.20 -56.38
CA ALA E 254 5.05 38.12 -57.51
C ALA E 254 6.04 37.62 -58.54
N GLU E 255 7.19 37.15 -58.06
CA GLU E 255 8.17 36.63 -58.98
C GLU E 255 7.63 35.35 -59.62
N ALA E 256 6.91 34.51 -58.91
CA ALA E 256 6.43 33.27 -59.54
C ALA E 256 5.49 33.60 -60.65
N VAL E 257 4.65 34.62 -60.41
CA VAL E 257 3.63 35.07 -61.38
C VAL E 257 4.32 35.65 -62.58
N ARG E 258 5.31 36.52 -62.37
CA ARG E 258 6.07 37.13 -63.50
C ARG E 258 6.79 36.09 -64.36
N ALA E 259 7.26 35.03 -63.73
CA ALA E 259 7.89 33.97 -64.46
C ALA E 259 6.89 33.10 -65.23
N GLY E 260 5.60 33.31 -65.07
CA GLY E 260 4.60 32.55 -65.82
C GLY E 260 4.08 31.30 -65.13
N THR E 261 4.13 31.25 -63.80
CA THR E 261 3.44 30.14 -63.11
C THR E 261 1.99 30.02 -63.57
N ASN E 262 1.62 28.79 -63.94
CA ASN E 262 0.31 28.52 -64.56
C ASN E 262 -0.80 28.49 -63.51
N HIS E 263 -0.46 28.04 -62.29
CA HIS E 263 -1.38 27.92 -61.23
C HIS E 263 -0.66 28.24 -59.93
N ILE E 264 -1.44 28.48 -58.89
CA ILE E 264 -0.94 28.74 -57.57
C ILE E 264 -1.82 27.92 -56.65
N MET E 265 -1.19 27.31 -55.62
CA MET E 265 -1.89 26.50 -54.60
C MET E 265 -2.19 27.36 -53.41
N CYS E 266 -3.41 27.34 -52.87
CA CYS E 266 -3.69 28.12 -51.65
C CYS E 266 -3.12 27.31 -50.47
N SER E 267 -3.26 27.75 -49.23
CA SER E 267 -2.61 27.06 -48.10
C SER E 267 -3.61 26.49 -47.12
N TYR E 268 -3.11 25.73 -46.13
CA TYR E 268 -3.90 25.15 -45.06
C TYR E 268 -4.32 26.13 -43.98
N ASN E 269 -3.45 27.04 -43.67
CA ASN E 269 -3.75 28.06 -42.67
C ASN E 269 -4.85 29.00 -43.10
N ARG E 270 -5.50 29.59 -42.10
CA ARG E 270 -6.35 30.74 -42.27
C ARG E 270 -5.46 31.95 -42.21
N ILE E 271 -6.00 33.06 -42.69
CA ILE E 271 -5.39 34.35 -42.57
C ILE E 271 -6.45 35.28 -42.04
N ASN E 272 -6.13 36.02 -40.97
CA ASN E 272 -7.09 36.85 -40.27
C ASN E 272 -8.44 36.08 -40.08
N ASN E 273 -8.32 34.83 -39.65
CA ASN E 273 -9.47 33.96 -39.34
C ASN E 273 -10.35 33.63 -40.52
N THR E 274 -9.81 33.75 -41.72
CA THR E 274 -10.46 33.28 -42.94
C THR E 274 -9.57 32.30 -43.72
N HIS E 275 -10.14 31.13 -44.05
CA HIS E 275 -9.42 30.06 -44.73
C HIS E 275 -8.76 30.64 -45.98
N SER E 276 -7.50 30.27 -46.24
CA SER E 276 -6.80 30.71 -47.42
C SER E 276 -7.52 30.36 -48.70
N CYS E 277 -8.01 29.15 -48.79
CA CYS E 277 -8.68 28.68 -50.00
C CYS E 277 -10.03 29.38 -50.31
N SER E 278 -10.58 30.12 -49.36
CA SER E 278 -11.75 30.93 -49.62
C SER E 278 -11.60 32.36 -49.04
N ASN E 279 -10.40 32.94 -49.13
CA ASN E 279 -10.13 34.31 -48.59
C ASN E 279 -10.18 35.35 -49.71
N ALA E 280 -11.21 36.16 -49.73
CA ALA E 280 -11.42 37.02 -50.88
C ALA E 280 -10.33 38.07 -51.00
N LYS E 281 -9.93 38.64 -49.89
CA LYS E 281 -8.83 39.61 -49.90
C LYS E 281 -7.54 38.96 -50.47
N GLY E 282 -7.28 37.73 -50.08
CA GLY E 282 -6.09 36.98 -50.55
C GLY E 282 -6.09 36.71 -52.03
N LEU E 283 -7.13 36.01 -52.48
CA LEU E 283 -7.15 35.46 -53.83
C LEU E 283 -7.70 36.43 -54.84
N ASN E 284 -8.87 37.00 -54.59
CA ASN E 284 -9.48 37.90 -55.59
C ASN E 284 -8.81 39.25 -55.67
N GLN E 285 -8.37 39.78 -54.54
CA GLN E 285 -7.78 41.11 -54.53
C GLN E 285 -6.24 41.07 -54.60
N LEU E 286 -5.58 40.54 -53.61
CA LEU E 286 -4.14 40.57 -53.63
C LEU E 286 -3.51 39.81 -54.83
N LEU E 287 -3.99 38.58 -55.06
CA LEU E 287 -3.39 37.70 -56.06
C LEU E 287 -3.88 38.04 -57.45
N LYS E 288 -5.20 38.04 -57.62
CA LYS E 288 -5.83 38.17 -58.95
C LYS E 288 -6.07 39.60 -59.45
N THR E 289 -6.09 40.57 -58.56
CA THR E 289 -6.16 41.96 -58.96
C THR E 289 -4.74 42.53 -58.95
N GLU E 290 -4.12 42.62 -57.76
CA GLU E 290 -2.83 43.34 -57.61
C GLU E 290 -1.64 42.63 -58.33
N LEU E 291 -1.52 41.31 -58.11
CA LEU E 291 -0.57 40.51 -58.86
C LEU E 291 -1.04 40.16 -60.26
N ASN E 292 -2.25 40.58 -60.61
CA ASN E 292 -2.80 40.34 -61.94
C ASN E 292 -2.73 38.85 -62.42
N PHE E 293 -2.81 37.92 -61.48
CA PHE E 293 -2.65 36.51 -61.82
C PHE E 293 -3.71 36.00 -62.79
N GLN E 294 -3.28 35.40 -63.88
CA GLN E 294 -4.14 34.90 -64.92
C GLN E 294 -4.40 33.44 -64.90
N GLY E 295 -3.86 32.72 -63.94
CA GLY E 295 -4.02 31.27 -63.84
C GLY E 295 -5.05 30.80 -62.84
N GLY E 296 -5.03 29.51 -62.52
CA GLY E 296 -5.94 28.94 -61.49
C GLY E 296 -5.35 28.88 -60.08
N VAL E 297 -6.25 28.99 -59.08
CA VAL E 297 -5.93 28.61 -57.71
C VAL E 297 -6.36 27.15 -57.43
N VAL E 298 -5.42 26.32 -57.03
CA VAL E 298 -5.69 24.91 -56.76
C VAL E 298 -5.77 24.82 -55.24
N SER E 299 -6.72 24.05 -54.71
CA SER E 299 -6.78 23.84 -53.26
C SER E 299 -5.65 22.91 -52.83
N ASN E 300 -5.14 23.09 -51.62
CA ASN E 300 -4.39 22.04 -50.95
C ASN E 300 -5.29 20.84 -50.80
N TRP E 301 -4.69 19.67 -50.59
CA TRP E 301 -5.45 18.46 -50.37
C TRP E 301 -6.06 18.52 -48.97
N GLY E 302 -7.36 18.75 -48.87
CA GLY E 302 -8.00 19.10 -47.59
C GLY E 302 -7.85 20.57 -47.21
N GLY E 303 -7.55 21.41 -48.18
CA GLY E 303 -7.48 22.86 -47.97
C GLY E 303 -8.83 23.56 -48.10
N GLN E 304 -9.82 22.92 -48.74
CA GLN E 304 -11.15 23.53 -48.95
C GLN E 304 -12.12 23.02 -47.89
N TRP E 305 -12.78 23.97 -47.25
CA TRP E 305 -13.64 23.74 -46.08
C TRP E 305 -15.15 24.07 -46.35
N ASP E 306 -15.51 24.48 -47.56
CA ASP E 306 -16.88 24.93 -47.87
C ASP E 306 -17.10 25.01 -49.38
N SER E 307 -18.35 25.16 -49.75
CA SER E 307 -18.73 25.09 -51.14
C SER E 307 -18.84 26.49 -51.72
N VAL E 308 -19.73 27.31 -51.15
CA VAL E 308 -20.09 28.61 -51.74
C VAL E 308 -18.97 29.68 -51.60
N PRO E 309 -18.45 29.91 -50.37
CA PRO E 309 -17.42 30.98 -50.25
C PRO E 309 -16.16 30.71 -51.12
N ALA E 310 -15.77 29.45 -51.23
CA ALA E 310 -14.60 29.04 -52.02
C ALA E 310 -14.82 29.42 -53.47
N ALA E 311 -16.04 29.17 -54.00
CA ALA E 311 -16.45 29.60 -55.34
C ALA E 311 -16.50 31.11 -55.58
N GLU E 312 -17.07 31.84 -54.62
CA GLU E 312 -17.24 33.29 -54.71
C GLU E 312 -15.91 34.00 -54.55
N ASN E 313 -15.00 33.38 -53.77
CA ASN E 313 -13.79 34.05 -53.27
C ASN E 313 -12.42 33.71 -53.91
N GLY E 314 -12.41 32.97 -55.01
CA GLY E 314 -11.17 32.92 -55.82
C GLY E 314 -10.59 31.53 -56.07
N LEU E 315 -11.15 30.49 -55.45
CA LEU E 315 -10.70 29.10 -55.69
C LEU E 315 -11.12 28.67 -57.08
N ASP E 316 -10.22 27.98 -57.81
CA ASP E 316 -10.53 27.46 -59.18
C ASP E 316 -10.68 25.92 -59.31
N VAL E 317 -9.94 25.17 -58.49
CA VAL E 317 -9.90 23.72 -58.60
C VAL E 317 -9.99 23.15 -57.22
N ALA E 318 -10.88 22.19 -57.05
CA ALA E 318 -11.04 21.49 -55.78
C ALA E 318 -10.29 20.16 -55.87
N MET E 319 -9.37 19.91 -54.92
CA MET E 319 -8.58 18.69 -54.88
C MET E 319 -8.50 18.21 -53.46
N PRO E 320 -8.48 16.88 -53.24
CA PRO E 320 -8.46 15.87 -54.31
C PRO E 320 -9.85 15.46 -54.94
N GLY E 321 -10.94 16.11 -54.52
CA GLY E 321 -12.28 15.81 -55.02
C GLY E 321 -12.72 14.44 -54.57
N LYS E 322 -13.00 13.54 -55.52
CA LYS E 322 -13.36 12.17 -55.21
C LYS E 322 -12.17 11.29 -54.92
N GLY E 323 -10.94 11.78 -55.06
CA GLY E 323 -9.80 11.00 -54.61
C GLY E 323 -9.78 10.88 -53.10
N PHE E 324 -9.07 9.86 -52.63
CA PHE E 324 -8.87 9.64 -51.19
C PHE E 324 -10.22 9.39 -50.53
N LEU E 325 -11.06 8.61 -51.23
CA LEU E 325 -12.41 8.23 -50.80
C LEU E 325 -13.35 9.39 -50.48
N GLY E 326 -13.04 10.61 -50.92
CA GLY E 326 -13.78 11.78 -50.48
C GLY E 326 -13.51 12.27 -49.08
N ALA E 327 -12.63 11.61 -48.33
CA ALA E 327 -12.35 11.95 -46.90
C ALA E 327 -11.71 13.34 -46.65
N LEU E 328 -11.11 13.96 -47.67
CA LEU E 328 -10.50 15.27 -47.56
C LEU E 328 -11.45 16.37 -48.00
N GLY E 329 -12.75 16.00 -48.03
CA GLY E 329 -13.83 16.88 -48.41
C GLY E 329 -14.01 16.71 -49.91
N ASP E 330 -15.25 16.87 -50.35
CA ASP E 330 -15.64 16.81 -51.75
C ASP E 330 -16.81 17.81 -51.88
N PHE E 331 -16.44 19.09 -51.85
CA PHE E 331 -17.38 20.17 -51.64
C PHE E 331 -17.98 20.71 -52.96
N TRP E 332 -17.40 20.37 -54.11
CA TRP E 332 -17.92 20.83 -55.42
C TRP E 332 -18.24 19.51 -56.17
N GLY E 333 -18.04 19.40 -57.47
CA GLY E 333 -18.52 18.21 -58.23
C GLY E 333 -20.04 18.36 -58.40
N ALA E 334 -20.78 17.34 -57.99
CA ALA E 334 -22.26 17.40 -58.07
C ALA E 334 -22.90 18.51 -57.22
N THR E 335 -22.32 18.79 -56.06
CA THR E 335 -22.80 19.89 -55.22
C THR E 335 -22.70 21.25 -55.98
N LEU E 336 -21.70 21.40 -56.83
CA LEU E 336 -21.55 22.62 -57.59
C LEU E 336 -22.55 22.69 -58.74
N VAL E 337 -22.88 21.56 -59.34
CA VAL E 337 -23.92 21.48 -60.34
C VAL E 337 -25.22 22.04 -59.73
N GLU E 338 -25.62 21.47 -58.60
CA GLU E 338 -26.80 21.91 -57.83
C GLU E 338 -26.77 23.41 -57.53
N LEU E 339 -25.63 23.89 -57.02
CA LEU E 339 -25.45 25.32 -56.73
C LEU E 339 -25.55 26.22 -57.95
N ILE E 340 -25.14 25.79 -59.12
CA ILE E 340 -25.33 26.59 -60.34
C ILE E 340 -26.82 26.60 -60.79
N ASN E 341 -27.42 25.41 -60.88
CA ASN E 341 -28.80 25.21 -61.37
C ASN E 341 -29.85 25.75 -60.41
N ASN E 342 -29.58 25.70 -59.11
CA ASN E 342 -30.47 26.29 -58.12
C ASN E 342 -30.15 27.80 -57.89
N GLY E 343 -29.21 28.37 -58.64
CA GLY E 343 -29.08 29.82 -58.78
C GLY E 343 -28.12 30.54 -57.85
N THR E 344 -27.53 29.87 -56.87
CA THR E 344 -26.75 30.56 -55.83
C THR E 344 -25.28 30.83 -56.20
N VAL E 345 -24.71 30.01 -57.08
CA VAL E 345 -23.42 30.27 -57.70
C VAL E 345 -23.62 30.46 -59.20
N SER E 346 -23.10 31.55 -59.75
CA SER E 346 -23.29 31.90 -61.14
C SER E 346 -22.42 31.05 -62.11
N GLU E 347 -23.00 30.72 -63.25
CA GLU E 347 -22.28 30.04 -64.28
C GLU E 347 -21.14 30.89 -64.86
N ASP E 348 -21.25 32.21 -64.90
CA ASP E 348 -20.12 33.02 -65.38
C ASP E 348 -18.87 32.88 -64.50
N LEU E 349 -19.09 32.76 -63.20
CA LEU E 349 -18.01 32.65 -62.24
C LEU E 349 -17.28 31.32 -62.44
N VAL E 350 -18.05 30.25 -62.64
CA VAL E 350 -17.47 28.91 -62.81
C VAL E 350 -16.77 28.71 -64.17
N ARG E 351 -17.26 29.43 -65.17
CA ARG E 351 -16.60 29.42 -66.46
C ARG E 351 -15.23 30.03 -66.36
N ASP E 352 -15.08 31.11 -65.58
CA ASP E 352 -13.78 31.73 -65.41
C ASP E 352 -12.78 30.76 -64.75
N LYS E 353 -13.25 29.94 -63.82
CA LYS E 353 -12.39 28.90 -63.27
C LYS E 353 -11.92 27.93 -64.35
N ALA E 354 -12.85 27.44 -65.16
CA ALA E 354 -12.45 26.50 -66.26
C ALA E 354 -11.52 27.07 -67.33
N VAL E 355 -11.68 28.33 -67.63
CA VAL E 355 -10.77 29.06 -68.49
C VAL E 355 -9.38 29.17 -67.87
N ARG E 356 -9.31 29.38 -66.56
CA ARG E 356 -8.02 29.44 -65.91
C ARG E 356 -7.35 28.08 -65.95
N ILE E 357 -8.12 27.01 -65.86
CA ILE E 357 -7.53 25.67 -65.93
C ILE E 357 -7.01 25.34 -67.33
N LEU E 358 -7.82 25.69 -68.33
CA LEU E 358 -7.51 25.37 -69.72
C LEU E 358 -6.44 26.24 -70.34
N THR E 359 -6.17 27.42 -69.77
CA THR E 359 -5.16 28.29 -70.31
C THR E 359 -3.80 27.63 -70.33
N GLY E 360 -3.45 26.96 -69.24
CA GLY E 360 -2.18 26.23 -69.15
C GLY E 360 -2.07 25.08 -70.16
N TYR E 361 -3.17 24.32 -70.25
CA TYR E 361 -3.28 23.21 -71.16
C TYR E 361 -2.92 23.60 -72.55
N TYR E 362 -3.49 24.72 -73.03
CA TYR E 362 -3.21 25.19 -74.39
C TYR E 362 -1.88 25.94 -74.54
N TYR E 363 -1.46 26.70 -73.54
CA TYR E 363 -0.17 27.42 -73.66
C TYR E 363 1.07 26.48 -73.65
N LEU E 364 1.03 25.43 -72.87
CA LEU E 364 2.10 24.46 -72.92
C LEU E 364 1.95 23.45 -74.09
N GLY E 365 0.92 23.55 -74.91
CA GLY E 365 0.80 22.68 -76.05
C GLY E 365 0.51 21.25 -75.67
N GLN E 366 -0.26 21.06 -74.61
CA GLN E 366 -0.60 19.69 -74.22
C GLN E 366 -1.68 19.08 -75.10
N ASP E 367 -2.42 19.89 -75.85
CA ASP E 367 -3.40 19.36 -76.79
C ASP E 367 -2.70 18.71 -78.02
N THR E 368 -1.68 19.38 -78.54
CA THR E 368 -1.00 18.96 -79.77
C THR E 368 0.20 18.13 -79.48
N ASN E 369 0.67 18.11 -78.24
CA ASN E 369 1.73 17.21 -77.81
C ASN E 369 1.41 16.66 -76.40
N PRO E 370 0.42 15.76 -76.29
CA PRO E 370 -0.01 15.34 -74.96
C PRO E 370 1.09 14.57 -74.23
N PRO E 371 1.16 14.72 -72.90
CA PRO E 371 2.12 13.89 -72.21
C PRO E 371 1.84 12.41 -72.43
N PRO E 372 2.89 11.57 -72.39
CA PRO E 372 2.66 10.12 -72.36
C PRO E 372 1.74 9.72 -71.19
N PRO E 373 1.21 8.49 -71.18
CA PRO E 373 0.43 8.02 -70.02
C PRO E 373 1.27 7.82 -68.74
N PHE E 374 0.61 8.09 -67.60
CA PHE E 374 1.18 8.01 -66.27
C PHE E 374 0.88 6.63 -65.70
N VAL E 375 1.91 5.88 -65.28
CA VAL E 375 1.74 4.44 -65.07
C VAL E 375 1.90 3.89 -63.64
N TYR E 376 2.25 4.73 -62.67
CA TYR E 376 2.50 4.31 -61.28
C TYR E 376 1.30 4.65 -60.44
N ASN E 377 0.90 3.73 -59.57
CA ASN E 377 0.01 4.00 -58.47
C ASN E 377 0.77 4.75 -57.34
N THR E 378 0.66 6.09 -57.32
CA THR E 378 1.29 6.89 -56.26
C THR E 378 0.39 7.17 -55.09
N ILE E 379 -0.79 6.58 -55.10
CA ILE E 379 -1.75 6.73 -54.01
C ILE E 379 -1.59 5.64 -52.97
N GLY E 380 -1.61 4.38 -53.42
CA GLY E 380 -1.41 3.18 -52.62
C GLY E 380 -2.69 2.53 -52.12
N ALA E 381 -2.66 1.20 -52.01
CA ALA E 381 -3.79 0.40 -51.54
C ALA E 381 -3.81 0.50 -50.04
N PRO E 382 -4.97 0.52 -49.38
CA PRO E 382 -6.32 0.24 -49.93
C PRO E 382 -7.10 1.41 -50.64
N THR E 383 -6.57 2.65 -50.53
CA THR E 383 -7.21 3.83 -51.09
C THR E 383 -7.46 3.70 -52.58
N LEU E 384 -6.42 3.33 -53.34
CA LEU E 384 -6.53 2.94 -54.77
C LEU E 384 -5.90 1.57 -55.03
N ASN E 385 -6.70 0.68 -55.62
CA ASN E 385 -6.33 -0.67 -55.97
C ASN E 385 -6.06 -0.62 -57.46
N ALA E 386 -4.79 -0.76 -57.84
CA ALA E 386 -4.36 -0.51 -59.23
C ALA E 386 -2.91 -0.85 -59.30
N THR E 387 -2.55 -1.72 -60.23
CA THR E 387 -1.18 -2.14 -60.41
C THR E 387 -0.39 -0.97 -61.04
N SER E 388 0.92 -1.04 -60.92
CA SER E 388 1.81 -0.03 -61.50
C SER E 388 2.48 -0.58 -62.73
N GLY E 389 2.68 0.27 -63.74
CA GLY E 389 3.59 -0.04 -64.85
C GLY E 389 5.05 0.20 -64.47
N TYR E 390 5.88 0.29 -65.51
CA TYR E 390 7.27 0.73 -65.34
C TYR E 390 7.75 1.68 -66.50
N ARG E 391 8.42 2.77 -66.15
CA ARG E 391 9.03 3.62 -67.12
C ARG E 391 10.33 4.20 -66.53
N ASN E 392 11.43 4.10 -67.29
CA ASN E 392 12.69 4.77 -66.99
C ASN E 392 12.92 6.09 -67.77
N VAL E 393 13.07 7.19 -67.03
CA VAL E 393 13.18 8.50 -67.64
C VAL E 393 14.47 9.23 -67.26
N ARG E 394 15.38 8.52 -66.61
CA ARG E 394 16.66 9.08 -66.25
C ARG E 394 17.47 9.25 -67.51
N LYS E 395 17.79 10.49 -67.84
CA LYS E 395 18.59 10.84 -69.01
C LYS E 395 20.05 10.99 -68.62
N PRO E 396 20.97 10.72 -69.57
CA PRO E 396 22.37 11.03 -69.32
C PRO E 396 22.55 12.53 -69.02
N GLY E 397 23.43 12.84 -68.08
CA GLY E 397 23.60 14.24 -67.67
C GLY E 397 22.86 14.56 -66.36
N THR E 398 21.78 13.86 -66.07
CA THR E 398 21.08 14.22 -64.89
C THR E 398 21.91 13.97 -63.57
N ALA E 399 22.53 12.79 -63.47
CA ALA E 399 23.34 12.45 -62.30
C ALA E 399 24.46 13.45 -62.04
N GLU E 400 25.11 13.93 -63.09
CA GLU E 400 26.25 14.82 -62.98
C GLU E 400 25.75 16.20 -62.56
N LEU E 401 24.65 16.64 -63.12
CA LEU E 401 23.99 17.80 -62.62
C LEU E 401 23.70 17.70 -61.09
N ILE E 402 23.18 16.56 -60.64
CA ILE E 402 22.81 16.40 -59.21
C ILE E 402 24.09 16.48 -58.36
N LYS E 403 25.17 15.85 -58.82
CA LYS E 403 26.46 15.97 -58.17
C LYS E 403 27.02 17.38 -58.15
N GLU E 404 26.88 18.16 -59.24
CA GLU E 404 27.40 19.53 -59.23
C GLU E 404 26.63 20.43 -58.25
N ILE E 405 25.35 20.21 -58.07
CA ILE E 405 24.60 21.02 -57.12
C ILE E 405 25.08 20.72 -55.69
N GLY E 406 25.41 19.45 -55.41
CA GLY E 406 25.94 19.05 -54.11
C GLY E 406 27.30 19.65 -53.88
N SER E 407 28.18 19.59 -54.88
CA SER E 407 29.52 20.13 -54.72
C SER E 407 29.55 21.67 -54.62
N ALA E 408 28.67 22.35 -55.33
CA ALA E 408 28.45 23.79 -55.24
C ALA E 408 27.75 24.28 -53.95
N SER E 409 27.01 23.42 -53.25
CA SER E 409 26.26 23.87 -52.06
C SER E 409 26.94 23.53 -50.72
N VAL E 410 27.86 22.56 -50.66
CA VAL E 410 28.42 22.15 -49.40
C VAL E 410 29.05 23.41 -48.83
N THR E 411 28.68 23.72 -47.59
CA THR E 411 29.02 25.00 -46.95
C THR E 411 30.01 24.78 -45.80
N LEU E 412 31.21 25.33 -45.95
CA LEU E 412 32.24 25.21 -44.91
C LEU E 412 31.98 26.23 -43.82
N LEU E 413 31.80 25.78 -42.59
CA LEU E 413 31.49 26.68 -41.46
C LEU E 413 32.66 26.93 -40.52
N LYS E 414 33.45 25.91 -40.29
CA LYS E 414 34.63 26.03 -39.50
C LYS E 414 35.82 25.24 -40.17
N ASN E 415 37.02 25.79 -40.06
CA ASN E 415 38.22 25.13 -40.57
C ASN E 415 39.41 25.72 -39.92
N THR E 416 39.91 25.06 -38.87
CA THR E 416 41.15 25.44 -38.25
C THR E 416 42.40 24.93 -38.99
N GLY E 417 42.26 24.32 -40.17
CA GLY E 417 43.41 23.91 -41.01
C GLY E 417 43.47 22.42 -41.38
N SER E 418 42.47 21.65 -40.95
CA SER E 418 42.42 20.22 -41.31
C SER E 418 41.99 19.99 -42.77
N LEU E 419 41.31 20.97 -43.39
CA LEU E 419 40.85 20.82 -44.79
C LEU E 419 41.55 21.85 -45.66
N PRO E 420 41.83 21.54 -46.93
CA PRO E 420 41.53 20.23 -47.50
C PRO E 420 42.50 19.14 -47.03
N LEU E 421 42.01 17.90 -47.09
CA LEU E 421 42.81 16.71 -46.83
C LEU E 421 43.89 16.61 -47.90
N LYS E 422 44.96 15.97 -47.51
CA LYS E 422 46.04 15.66 -48.39
C LYS E 422 45.96 14.23 -48.88
N HIS E 423 46.46 13.28 -48.14
CA HIS E 423 46.44 11.84 -48.58
C HIS E 423 46.55 11.00 -47.30
N PRO E 424 45.67 11.25 -46.31
CA PRO E 424 45.75 10.59 -45.02
C PRO E 424 45.67 9.09 -45.13
N GLN E 425 46.36 8.42 -44.23
CA GLN E 425 46.58 7.00 -44.38
C GLN E 425 45.60 6.15 -43.58
N ARG E 426 45.03 6.72 -42.52
CA ARG E 426 44.20 5.95 -41.60
C ARG E 426 42.96 6.81 -41.29
N ILE E 427 41.82 6.40 -41.79
CA ILE E 427 40.63 7.20 -41.71
C ILE E 427 39.56 6.47 -40.92
N ALA E 428 38.94 7.21 -40.02
CA ALA E 428 37.82 6.71 -39.22
C ALA E 428 36.56 7.50 -39.61
N VAL E 429 35.42 6.80 -39.67
CA VAL E 429 34.15 7.35 -40.05
C VAL E 429 33.12 6.96 -39.00
N LEU E 430 32.34 7.92 -38.52
CA LEU E 430 31.27 7.68 -37.55
C LEU E 430 29.89 8.07 -38.08
N GLY E 431 28.88 7.23 -37.81
CA GLY E 431 27.46 7.63 -37.88
C GLY E 431 26.75 6.85 -38.95
N ASN E 432 25.52 6.46 -38.71
CA ASN E 432 24.75 5.79 -39.74
C ASN E 432 24.48 6.71 -40.93
N ASP E 433 24.54 8.02 -40.75
CA ASP E 433 24.42 8.96 -41.86
C ASP E 433 25.49 8.81 -42.97
N ALA E 434 26.56 8.07 -42.67
CA ALA E 434 27.63 7.78 -43.65
C ALA E 434 27.28 6.65 -44.60
N THR E 435 26.23 5.86 -44.32
CA THR E 435 25.91 4.71 -45.16
C THR E 435 24.37 4.63 -45.45
N TYR E 436 23.95 3.50 -45.99
CA TYR E 436 22.56 3.27 -46.44
C TYR E 436 21.58 3.20 -45.27
N ASN E 437 20.37 3.63 -45.50
CA ASN E 437 19.22 3.16 -44.71
C ASN E 437 19.32 1.62 -44.63
N VAL E 438 19.27 1.10 -43.42
CA VAL E 438 19.45 -0.33 -43.23
C VAL E 438 18.26 -1.16 -43.81
N LEU E 439 17.16 -0.52 -44.19
CA LEU E 439 15.99 -1.21 -44.73
C LEU E 439 15.84 -0.93 -46.21
N GLY E 440 16.77 -0.13 -46.78
CA GLY E 440 16.70 0.26 -48.21
C GLY E 440 16.43 1.75 -48.39
N PRO E 441 17.02 2.36 -49.44
CA PRO E 441 16.81 3.80 -49.68
C PRO E 441 15.32 4.25 -49.68
N ASN E 442 14.44 3.42 -50.19
CA ASN E 442 13.02 3.76 -50.29
C ASN E 442 12.17 3.04 -49.27
N ALA E 443 12.75 2.57 -48.16
CA ALA E 443 11.99 1.76 -47.21
C ALA E 443 10.90 2.57 -46.44
N CYS E 444 11.11 3.89 -46.34
CA CYS E 444 10.23 4.79 -45.65
C CYS E 444 8.98 5.10 -46.51
N GLY E 445 8.87 4.50 -47.70
CA GLY E 445 7.59 4.44 -48.43
C GLY E 445 7.42 5.63 -49.35
N LEU E 446 6.21 5.81 -49.89
CA LEU E 446 6.03 6.82 -50.97
C LEU E 446 6.17 8.28 -50.54
N ALA E 447 6.07 8.57 -49.25
CA ALA E 447 6.29 9.95 -48.76
C ALA E 447 7.54 10.10 -47.88
N ASN E 448 8.42 9.10 -47.86
CA ASN E 448 9.63 9.12 -47.00
C ASN E 448 9.29 9.49 -45.52
N SER E 449 8.25 8.86 -44.98
CA SER E 449 7.88 9.10 -43.59
C SER E 449 7.28 7.89 -42.85
N ALA E 450 7.33 6.68 -43.41
CA ALA E 450 6.73 5.55 -42.71
C ALA E 450 7.72 4.66 -41.97
N CYS E 451 9.02 4.98 -41.89
CA CYS E 451 9.92 4.14 -41.10
C CYS E 451 9.72 4.49 -39.64
N ASP E 452 10.03 3.54 -38.79
CA ASP E 452 10.02 3.71 -37.36
C ASP E 452 10.89 4.94 -36.86
N ILE E 453 10.41 5.57 -35.78
CA ILE E 453 11.09 6.63 -35.01
C ILE E 453 12.59 6.36 -34.73
N ASP E 454 12.96 5.11 -34.45
CA ASP E 454 14.38 4.78 -34.17
C ASP E 454 15.17 4.17 -35.33
N ASN E 455 14.57 4.01 -36.49
CA ASN E 455 15.28 3.42 -37.62
C ASN E 455 16.54 4.25 -38.08
N LEU E 456 17.57 3.53 -38.48
CA LEU E 456 18.78 4.14 -39.03
C LEU E 456 18.51 4.35 -40.47
N ASN E 457 18.06 5.56 -40.79
CA ASN E 457 17.60 5.86 -42.15
C ASN E 457 18.76 6.09 -43.13
N GLY E 458 20.00 5.98 -42.64
CA GLY E 458 21.13 6.29 -43.46
C GLY E 458 21.27 7.75 -43.83
N THR E 459 21.94 7.96 -44.94
CA THR E 459 22.28 9.30 -45.36
C THR E 459 21.02 10.13 -45.58
N LEU E 460 20.98 11.37 -45.10
CA LEU E 460 19.73 12.13 -45.25
C LEU E 460 19.84 12.87 -46.56
N THR E 461 19.19 12.37 -47.59
CA THR E 461 19.28 12.92 -48.92
C THR E 461 18.03 13.75 -49.32
N THR E 462 16.95 13.60 -48.53
CA THR E 462 15.72 14.35 -48.68
C THR E 462 14.90 14.33 -47.40
N GLY E 463 13.95 15.23 -47.26
CA GLY E 463 13.05 15.22 -46.10
C GLY E 463 11.80 14.36 -46.31
N GLY E 464 10.90 14.42 -45.35
CA GLY E 464 9.67 13.64 -45.40
C GLY E 464 8.44 14.42 -45.81
N GLY E 465 7.55 13.76 -46.54
CA GLY E 465 6.21 14.27 -46.90
C GLY E 465 6.02 14.31 -48.41
N SER E 466 5.11 15.16 -48.85
CA SER E 466 4.72 15.27 -50.24
C SER E 466 5.83 15.74 -51.18
N GLY E 467 6.88 16.35 -50.63
CA GLY E 467 8.01 16.86 -51.44
C GLY E 467 9.24 15.98 -51.48
N SER E 468 9.14 14.76 -50.97
CA SER E 468 10.20 13.77 -51.11
C SER E 468 10.09 13.12 -52.46
N ALA E 469 11.01 12.18 -52.75
CA ALA E 469 10.90 11.32 -53.92
C ALA E 469 11.76 10.09 -53.69
N LEU E 470 11.50 9.07 -54.48
CA LEU E 470 12.31 7.88 -54.49
C LEU E 470 13.70 8.12 -55.09
N SER E 471 14.59 7.25 -54.73
CA SER E 471 15.97 7.30 -55.08
C SER E 471 16.24 5.97 -55.81
N PRO E 472 16.92 6.02 -56.94
CA PRO E 472 17.35 4.78 -57.61
C PRO E 472 18.53 4.07 -56.92
N TYR E 473 19.30 4.82 -56.15
CA TYR E 473 20.36 4.30 -55.37
C TYR E 473 20.79 5.44 -54.45
N THR E 474 21.61 5.15 -53.45
CA THR E 474 22.31 6.23 -52.77
C THR E 474 23.83 6.03 -52.83
N ILE E 475 24.54 7.06 -53.27
CA ILE E 475 26.00 7.08 -53.21
C ILE E 475 26.38 7.56 -51.82
N THR E 476 26.83 6.65 -51.01
CA THR E 476 27.08 6.96 -49.63
C THR E 476 28.39 7.70 -49.41
N PRO E 477 28.45 8.60 -48.43
CA PRO E 477 29.72 9.18 -48.07
C PRO E 477 30.77 8.12 -47.79
N LEU E 478 30.39 6.98 -47.18
CA LEU E 478 31.40 5.97 -46.82
C LEU E 478 32.03 5.37 -48.07
N GLU E 479 31.22 5.09 -49.08
CA GLU E 479 31.74 4.48 -50.28
C GLU E 479 32.52 5.47 -51.13
N ALA E 480 32.14 6.74 -51.19
CA ALA E 480 32.97 7.78 -51.83
C ALA E 480 34.28 7.98 -51.09
N LEU E 481 34.24 8.06 -49.76
CA LEU E 481 35.47 8.08 -48.97
C LEU E 481 36.37 6.84 -49.14
N GLN E 482 35.81 5.64 -49.15
CA GLN E 482 36.61 4.43 -49.35
C GLN E 482 37.29 4.42 -50.73
N LYS E 483 36.56 4.79 -51.78
CA LYS E 483 37.13 4.90 -53.10
C LYS E 483 38.40 5.81 -53.16
N ARG E 484 38.29 6.99 -52.59
CA ARG E 484 39.44 7.85 -52.45
C ARG E 484 40.56 7.25 -51.53
N ALA E 485 40.20 6.57 -50.45
CA ALA E 485 41.19 5.90 -49.59
C ALA E 485 42.03 4.83 -50.32
N ILE E 486 41.38 3.98 -51.08
CA ILE E 486 42.03 2.95 -51.93
C ILE E 486 43.06 3.55 -52.92
N GLU E 487 42.74 4.68 -53.55
CA GLU E 487 43.65 5.38 -54.45
C GLU E 487 44.92 5.86 -53.77
N ASP E 488 44.81 6.28 -52.52
CA ASP E 488 45.96 6.66 -51.67
C ASP E 488 46.60 5.49 -50.92
N ASN E 489 46.17 4.27 -51.20
CA ASN E 489 46.69 3.10 -50.47
C ASN E 489 46.46 3.17 -48.98
N ALA E 490 45.35 3.79 -48.56
CA ALA E 490 45.08 4.07 -47.11
C ALA E 490 44.17 2.99 -46.57
N GLU E 491 43.92 3.05 -45.27
CA GLU E 491 42.88 2.25 -44.66
C GLU E 491 41.75 3.10 -44.05
N ILE E 492 40.59 2.44 -43.90
CA ILE E 492 39.34 3.13 -43.55
C ILE E 492 38.33 2.17 -42.94
N ALA E 493 37.74 2.63 -41.85
CA ALA E 493 36.85 1.84 -41.04
C ALA E 493 35.76 2.78 -40.58
N ALA E 494 34.51 2.31 -40.58
CA ALA E 494 33.34 3.07 -40.17
C ALA E 494 32.56 2.36 -39.10
N VAL E 495 32.21 3.06 -38.02
CA VAL E 495 31.23 2.53 -37.11
C VAL E 495 29.88 3.19 -37.48
N VAL E 496 28.91 2.39 -37.90
CA VAL E 496 27.65 2.90 -38.41
C VAL E 496 26.38 2.51 -37.67
N ALA E 497 26.52 1.82 -36.56
CA ALA E 497 25.39 1.42 -35.78
C ALA E 497 24.94 2.57 -34.86
N ASN E 498 23.86 2.39 -34.13
CA ASN E 498 23.53 3.31 -33.08
C ASN E 498 24.56 3.13 -31.95
N SER E 499 25.29 4.20 -31.61
CA SER E 499 26.31 4.19 -30.59
C SER E 499 25.78 4.03 -29.15
N ASN E 500 24.49 4.29 -28.91
CA ASN E 500 23.92 4.17 -27.58
C ASN E 500 23.33 2.76 -27.33
N THR E 501 22.80 2.09 -28.36
CA THR E 501 21.99 0.89 -28.14
C THR E 501 22.56 -0.42 -28.68
N THR E 502 23.60 -0.38 -29.52
CA THR E 502 24.22 -1.57 -30.10
C THR E 502 25.36 -2.04 -29.19
N THR E 503 25.28 -3.29 -28.76
CA THR E 503 26.26 -3.85 -27.86
C THR E 503 27.64 -3.71 -28.49
N GLY E 504 28.58 -3.17 -27.73
CA GLY E 504 29.96 -3.06 -28.19
C GLY E 504 30.35 -1.81 -28.98
N ALA E 505 29.39 -0.94 -29.29
CA ALA E 505 29.67 0.19 -30.21
C ALA E 505 30.57 1.23 -29.62
N GLU E 506 30.35 1.56 -28.38
CA GLU E 506 31.17 2.52 -27.65
C GLU E 506 32.65 2.04 -27.56
N ASP E 507 32.89 0.77 -27.23
CA ASP E 507 34.24 0.20 -27.23
C ASP E 507 34.92 0.22 -28.61
N ALA E 508 34.18 -0.16 -29.65
CA ALA E 508 34.75 -0.14 -30.99
C ALA E 508 35.19 1.31 -31.35
N ILE E 509 34.39 2.31 -30.97
CA ILE E 509 34.72 3.71 -31.30
C ILE E 509 36.02 4.09 -30.56
N ALA E 510 36.11 3.75 -29.28
CA ALA E 510 37.27 4.05 -28.46
C ALA E 510 38.53 3.36 -28.93
N ALA E 511 38.45 2.17 -29.49
CA ALA E 511 39.65 1.45 -30.03
C ALA E 511 40.13 1.95 -31.39
N LEU E 512 39.18 2.33 -32.23
CA LEU E 512 39.44 2.85 -33.60
C LEU E 512 39.94 4.30 -33.69
N LEU E 513 39.34 5.21 -32.96
CA LEU E 513 39.64 6.64 -33.14
C LEU E 513 41.06 7.14 -32.82
N PRO E 514 41.69 6.69 -31.71
CA PRO E 514 42.97 7.35 -31.37
C PRO E 514 44.08 7.20 -32.38
N ASP E 515 44.07 6.19 -33.25
CA ASP E 515 45.18 6.06 -34.21
C ASP E 515 44.84 6.57 -35.59
N ALA E 516 43.67 7.17 -35.77
CA ALA E 516 43.29 7.69 -37.08
C ALA E 516 43.88 9.07 -37.24
N ASP E 517 44.26 9.35 -38.46
CA ASP E 517 44.78 10.67 -38.86
C ASP E 517 43.65 11.69 -38.94
N VAL E 518 42.44 11.23 -39.23
CA VAL E 518 41.29 12.06 -39.33
C VAL E 518 40.09 11.19 -39.08
N THR E 519 39.14 11.74 -38.32
CA THR E 519 37.86 11.09 -38.09
C THR E 519 36.71 11.95 -38.55
N PHE E 520 35.90 11.35 -39.42
CA PHE E 520 34.72 11.99 -39.97
C PHE E 520 33.53 11.63 -39.16
N VAL E 521 32.76 12.62 -38.73
CA VAL E 521 31.49 12.38 -38.11
C VAL E 521 30.34 12.97 -38.95
N PHE E 522 29.44 12.07 -39.33
CA PHE E 522 28.33 12.34 -40.17
C PHE E 522 27.08 12.40 -39.30
N LEU E 523 26.40 13.53 -39.35
CA LEU E 523 25.23 13.80 -38.53
C LEU E 523 24.05 14.20 -39.40
N ASN E 524 22.86 13.83 -38.93
CA ASN E 524 21.67 14.18 -39.62
C ASN E 524 20.52 14.62 -38.71
N ARG E 525 19.52 15.23 -39.33
CA ARG E 525 18.32 15.75 -38.63
C ARG E 525 17.16 15.70 -39.62
N TYR E 526 16.49 14.54 -39.66
CA TYR E 526 15.25 14.36 -40.36
C TYR E 526 14.10 15.31 -39.79
N SER E 527 13.36 15.94 -40.70
CA SER E 527 12.07 16.52 -40.39
C SER E 527 11.11 16.27 -41.60
N GLU E 528 9.82 16.52 -41.38
CA GLU E 528 8.77 16.24 -42.38
C GLU E 528 7.59 17.17 -42.30
N GLU E 529 6.83 17.23 -43.39
CA GLU E 529 5.53 17.90 -43.39
C GLU E 529 4.65 17.25 -42.31
N GLY E 530 3.76 18.05 -41.72
CA GLY E 530 2.80 17.57 -40.71
C GLY E 530 3.21 17.88 -39.28
N ALA E 531 4.50 18.08 -39.04
CA ALA E 531 4.98 18.41 -37.71
C ALA E 531 6.13 19.40 -37.83
N ASP E 532 6.35 20.19 -36.80
CA ASP E 532 7.56 20.98 -36.71
C ASP E 532 8.58 20.25 -35.76
N ALA E 533 9.84 20.60 -35.93
CA ALA E 533 10.90 20.10 -35.10
C ALA E 533 10.61 20.72 -33.76
N PRO E 534 10.71 19.95 -32.67
CA PRO E 534 10.47 20.45 -31.31
C PRO E 534 11.57 21.39 -30.83
N ASP E 535 12.78 21.22 -31.39
CA ASP E 535 13.92 22.05 -31.05
C ASP E 535 15.03 21.81 -32.07
N PHE E 536 16.22 22.35 -31.83
CA PHE E 536 17.36 22.14 -32.67
C PHE E 536 18.17 20.82 -32.44
N SER E 537 17.72 19.91 -31.58
CA SER E 537 18.56 18.72 -31.24
C SER E 537 18.85 17.86 -32.46
N LEU E 538 20.06 17.28 -32.50
CA LEU E 538 20.46 16.35 -33.59
C LEU E 538 19.61 15.12 -33.59
N GLY E 539 19.43 14.55 -34.77
CA GLY E 539 18.68 13.27 -34.89
C GLY E 539 19.46 12.06 -34.36
N GLY E 540 18.73 10.99 -34.06
CA GLY E 540 19.34 9.71 -33.65
C GLY E 540 20.31 9.87 -32.49
N ASP E 541 21.48 9.25 -32.64
CA ASP E 541 22.51 9.22 -31.59
C ASP E 541 23.59 10.30 -31.86
N GLY E 542 23.32 11.28 -32.71
CA GLY E 542 24.28 12.31 -32.96
C GLY E 542 24.99 12.94 -31.75
N ASP E 543 24.26 13.37 -30.74
CA ASP E 543 24.88 13.96 -29.53
C ASP E 543 25.97 13.07 -28.96
N ASN E 544 25.61 11.80 -28.78
CA ASN E 544 26.51 10.81 -28.27
C ASN E 544 27.68 10.60 -29.22
N LEU E 545 27.47 10.53 -30.54
CA LEU E 545 28.63 10.35 -31.48
C LEU E 545 29.62 11.47 -31.32
N MET E 546 29.12 12.68 -31.10
CA MET E 546 30.01 13.81 -30.87
C MET E 546 30.79 13.77 -29.59
N ASP E 547 30.11 13.43 -28.49
CA ASP E 547 30.76 13.34 -27.18
C ASP E 547 31.91 12.33 -27.26
N LEU E 548 31.72 11.20 -27.96
CA LEU E 548 32.77 10.18 -28.13
C LEU E 548 33.89 10.63 -29.06
N ALA E 549 33.51 11.23 -30.19
CA ALA E 549 34.50 11.69 -31.18
C ALA E 549 35.55 12.65 -30.61
N VAL E 550 35.10 13.66 -29.88
CA VAL E 550 36.05 14.63 -29.30
C VAL E 550 36.84 14.07 -28.14
N THR E 551 36.37 12.99 -27.54
CA THR E 551 37.09 12.34 -26.43
C THR E 551 38.34 11.57 -26.93
N TYR E 552 38.24 11.03 -28.13
CA TYR E 552 39.20 10.06 -28.63
C TYR E 552 40.00 10.51 -29.83
N SER E 553 39.65 11.66 -30.40
CA SER E 553 40.36 12.14 -31.57
C SER E 553 40.50 13.61 -31.57
N SER E 554 41.66 14.03 -32.09
CA SER E 554 42.06 15.43 -32.18
C SER E 554 41.85 16.05 -33.57
N ASN E 555 41.35 15.25 -34.50
CA ASN E 555 41.16 15.75 -35.84
C ASN E 555 39.79 15.30 -36.32
N VAL E 556 38.75 15.93 -35.78
CA VAL E 556 37.38 15.60 -36.09
C VAL E 556 36.80 16.60 -37.06
N VAL E 557 36.28 16.08 -38.15
CA VAL E 557 35.66 16.85 -39.23
C VAL E 557 34.21 16.43 -39.26
N VAL E 558 33.29 17.35 -39.07
CA VAL E 558 31.91 17.07 -38.91
C VAL E 558 31.20 17.39 -40.20
N VAL E 559 30.29 16.53 -40.66
CA VAL E 559 29.52 16.77 -41.86
C VAL E 559 28.04 16.57 -41.54
N ILE E 560 27.18 17.52 -41.96
CA ILE E 560 25.83 17.59 -41.48
C ILE E 560 24.87 17.58 -42.61
N HIS E 561 24.00 16.54 -42.60
CA HIS E 561 22.94 16.44 -43.54
C HIS E 561 21.73 16.82 -42.76
N THR E 562 20.96 17.78 -43.27
CA THR E 562 19.88 18.33 -42.48
C THR E 562 18.84 19.10 -43.27
N THR E 563 17.62 19.14 -42.67
CA THR E 563 16.53 19.98 -43.15
C THR E 563 16.59 21.39 -42.62
N GLY E 564 17.44 21.68 -41.66
CA GLY E 564 17.53 23.03 -41.08
C GLY E 564 18.60 23.15 -40.00
N VAL E 565 18.66 24.32 -39.38
CA VAL E 565 19.61 24.61 -38.34
C VAL E 565 19.56 23.56 -37.24
N VAL E 566 20.72 23.17 -36.73
CA VAL E 566 20.82 22.26 -35.60
C VAL E 566 21.73 22.83 -34.54
N ASP E 567 21.71 22.23 -33.37
CA ASP E 567 22.43 22.69 -32.22
C ASP E 567 23.70 21.89 -32.06
N ILE E 568 24.84 22.55 -32.28
CA ILE E 568 26.17 21.97 -32.12
C ILE E 568 27.09 22.78 -31.14
N GLU E 569 26.45 23.61 -30.30
CA GLU E 569 27.11 24.48 -29.29
C GLU E 569 28.07 23.78 -28.36
N LYS E 570 27.73 22.57 -27.97
CA LYS E 570 28.60 21.79 -27.10
C LYS E 570 29.98 21.46 -27.75
N TRP E 571 30.08 21.47 -29.07
CA TRP E 571 31.26 20.94 -29.81
C TRP E 571 31.88 21.95 -30.77
N ALA E 572 31.14 22.97 -31.23
CA ALA E 572 31.65 23.87 -32.27
C ALA E 572 32.91 24.66 -31.86
N ASP E 573 33.06 24.95 -30.58
CA ASP E 573 34.30 25.56 -30.06
C ASP E 573 35.31 24.61 -29.41
N ASN E 574 35.02 23.32 -29.32
CA ASN E 574 36.03 22.32 -28.99
C ASN E 574 37.19 22.29 -30.04
N PRO E 575 38.44 22.50 -29.62
CA PRO E 575 39.53 22.49 -30.63
C PRO E 575 39.76 21.12 -31.30
N ASN E 576 39.22 20.05 -30.72
CA ASN E 576 39.29 18.77 -31.41
C ASN E 576 38.39 18.69 -32.64
N VAL E 577 37.40 19.57 -32.75
CA VAL E 577 36.63 19.65 -33.97
C VAL E 577 37.35 20.64 -34.85
N THR E 578 38.09 20.18 -35.81
CA THR E 578 38.87 21.04 -36.64
C THR E 578 38.14 21.51 -37.88
N ALA E 579 37.04 20.86 -38.23
CA ALA E 579 36.20 21.40 -39.29
C ALA E 579 34.77 20.99 -39.21
N ILE E 580 33.94 21.80 -39.82
CA ILE E 580 32.48 21.64 -39.81
C ILE E 580 31.87 22.08 -41.16
N LEU E 581 31.06 21.19 -41.77
CA LEU E 581 30.42 21.39 -43.10
C LEU E 581 28.97 20.98 -42.99
N VAL E 582 28.09 21.68 -43.70
CA VAL E 582 26.69 21.36 -43.74
C VAL E 582 26.43 21.12 -45.22
N ALA E 583 25.88 19.93 -45.56
CA ALA E 583 25.59 19.49 -46.92
C ALA E 583 24.10 19.44 -47.27
N TYR E 584 23.27 19.77 -46.30
CA TYR E 584 21.86 19.97 -46.52
C TYR E 584 21.28 18.67 -46.97
N LEU E 585 20.56 18.65 -48.10
CA LEU E 585 19.84 17.46 -48.59
C LEU E 585 20.25 17.26 -50.04
N PRO E 586 21.33 16.56 -50.21
CA PRO E 586 21.95 16.49 -51.55
C PRO E 586 21.32 15.49 -52.58
N GLY E 587 20.23 14.80 -52.28
CA GLY E 587 19.76 13.79 -53.19
C GLY E 587 20.67 12.57 -53.39
N GLN E 588 20.55 11.96 -54.55
CA GLN E 588 21.19 10.62 -54.79
C GLN E 588 22.71 10.64 -54.86
N GLU E 589 23.32 11.79 -55.15
CA GLU E 589 24.76 11.91 -55.25
C GLU E 589 25.41 12.43 -53.94
N ALA E 590 25.01 11.88 -52.81
CA ALA E 590 25.48 12.36 -51.50
C ALA E 590 27.00 12.29 -51.32
N GLY E 591 27.58 11.12 -51.52
CA GLY E 591 29.01 10.94 -51.22
C GLY E 591 29.96 11.54 -52.23
N ASN E 592 29.62 11.33 -53.50
CA ASN E 592 30.49 11.73 -54.60
C ASN E 592 30.44 13.24 -54.87
N SER E 593 29.45 13.95 -54.35
CA SER E 593 29.45 15.44 -54.37
C SER E 593 30.29 16.06 -53.27
N LEU E 594 30.34 15.39 -52.12
CA LEU E 594 31.04 15.86 -50.93
C LEU E 594 32.52 15.60 -50.93
N VAL E 595 32.90 14.37 -51.20
CA VAL E 595 34.32 13.95 -51.11
C VAL E 595 35.33 14.80 -51.93
N PRO E 596 34.99 15.19 -53.16
CA PRO E 596 35.87 16.09 -53.86
C PRO E 596 36.13 17.44 -53.18
N VAL E 597 35.16 17.96 -52.42
CA VAL E 597 35.34 19.17 -51.65
C VAL E 597 36.25 18.90 -50.48
N LEU E 598 36.04 17.79 -49.79
CA LEU E 598 36.88 17.45 -48.66
C LEU E 598 38.36 17.28 -49.06
N TYR E 599 38.63 16.70 -50.22
CA TYR E 599 40.02 16.48 -50.69
C TYR E 599 40.61 17.67 -51.48
N GLY E 600 39.82 18.71 -51.69
CA GLY E 600 40.34 19.96 -52.24
C GLY E 600 40.43 19.94 -53.73
N ASP E 601 39.82 18.96 -54.36
CA ASP E 601 39.69 19.01 -55.83
C ASP E 601 38.87 20.21 -56.36
N VAL E 602 37.93 20.68 -55.54
CA VAL E 602 37.05 21.81 -55.79
C VAL E 602 36.99 22.46 -54.43
N ALA E 603 37.29 23.75 -54.31
CA ALA E 603 37.11 24.49 -53.09
C ALA E 603 35.58 24.64 -52.78
N PRO E 604 35.14 24.55 -51.49
CA PRO E 604 33.76 24.84 -51.17
C PRO E 604 33.39 26.28 -51.43
N SER E 605 32.16 26.45 -51.91
CA SER E 605 31.61 27.75 -52.26
C SER E 605 30.15 27.96 -51.88
N GLY E 606 29.57 27.04 -51.11
CA GLY E 606 28.22 27.20 -50.60
C GLY E 606 28.20 28.26 -49.51
N LYS E 607 27.10 29.00 -49.40
CA LYS E 607 26.84 29.79 -48.24
C LYS E 607 25.44 29.55 -47.66
N LEU E 608 25.32 29.80 -46.35
CA LEU E 608 24.08 29.60 -45.62
C LEU E 608 22.96 30.44 -46.18
N PRO E 609 21.82 29.80 -46.49
CA PRO E 609 20.67 30.47 -47.03
C PRO E 609 19.64 30.85 -45.94
N TRP E 610 19.94 30.53 -44.69
CA TRP E 610 19.29 31.14 -43.54
C TRP E 610 20.34 31.48 -42.43
N THR E 611 19.88 32.00 -41.31
CA THR E 611 20.75 32.29 -40.16
C THR E 611 20.87 31.08 -39.24
N TRP E 612 22.10 30.86 -38.75
CA TRP E 612 22.45 29.84 -37.76
C TRP E 612 22.70 30.45 -36.39
N GLY E 613 21.63 30.63 -35.61
CA GLY E 613 21.72 31.16 -34.26
C GLY E 613 22.24 30.16 -33.25
N LYS E 614 22.79 30.65 -32.15
CA LYS E 614 23.30 29.78 -31.07
C LYS E 614 22.22 29.06 -30.28
N SER E 615 21.02 29.64 -30.27
CA SER E 615 19.89 29.13 -29.54
C SER E 615 18.58 29.43 -30.32
N ILE E 616 17.64 28.48 -30.25
CA ILE E 616 16.27 28.66 -30.74
C ILE E 616 15.65 29.95 -30.18
N ASP E 617 16.02 30.31 -28.95
CA ASP E 617 15.64 31.61 -28.32
C ASP E 617 16.02 32.90 -29.07
N ASP E 618 16.93 32.83 -30.04
CA ASP E 618 17.39 34.03 -30.72
C ASP E 618 16.56 34.43 -31.93
N TYR E 619 15.58 33.60 -32.30
CA TYR E 619 14.77 33.82 -33.51
C TYR E 619 13.48 34.55 -33.19
N VAL E 620 12.69 34.84 -34.21
CA VAL E 620 11.37 35.43 -34.08
C VAL E 620 10.58 34.72 -32.97
N PRO E 621 10.05 35.45 -31.97
CA PRO E 621 9.17 34.83 -30.93
C PRO E 621 7.94 34.11 -31.47
N ASN E 622 7.62 33.02 -30.83
CA ASN E 622 6.40 32.30 -31.14
C ASN E 622 6.40 31.75 -32.57
N GLY E 623 7.55 31.24 -32.98
CA GLY E 623 7.73 30.65 -34.25
C GLY E 623 6.76 29.52 -34.51
N VAL E 624 6.46 28.74 -33.47
CA VAL E 624 5.37 27.79 -33.57
C VAL E 624 4.45 27.86 -32.35
N VAL E 625 3.17 28.09 -32.59
CA VAL E 625 2.19 28.16 -31.55
C VAL E 625 1.53 26.79 -31.39
N TYR E 626 1.51 26.36 -30.13
CA TYR E 626 0.97 25.09 -29.66
C TYR E 626 -0.25 25.44 -28.79
N THR E 627 -1.45 25.03 -29.18
CA THR E 627 -2.64 25.33 -28.39
C THR E 627 -3.73 24.31 -28.68
N ASP E 628 -4.65 24.11 -27.73
CA ASP E 628 -5.85 23.29 -28.00
C ASP E 628 -7.08 24.13 -28.16
N ALA E 629 -6.94 25.45 -28.16
CA ALA E 629 -8.09 26.32 -28.48
C ALA E 629 -8.77 25.90 -29.80
N TYR E 630 -10.07 26.05 -29.89
CA TYR E 630 -10.78 25.76 -31.10
C TYR E 630 -10.33 26.67 -32.25
N SER E 631 -9.98 27.92 -31.97
CA SER E 631 -9.53 28.81 -32.97
C SER E 631 -8.09 29.27 -32.69
N PRO E 632 -7.08 28.47 -33.12
CA PRO E 632 -5.65 28.80 -32.88
C PRO E 632 -5.17 29.96 -33.69
N GLN E 633 -4.41 30.84 -33.03
CA GLN E 633 -3.97 32.14 -33.57
C GLN E 633 -2.43 32.25 -33.62
N SER E 634 -1.90 32.72 -34.72
CA SER E 634 -0.52 33.14 -34.79
C SER E 634 -0.39 34.59 -35.29
N ASN E 635 -0.01 35.46 -34.37
CA ASN E 635 0.08 36.88 -34.63
C ASN E 635 1.50 37.19 -35.11
N PHE E 636 1.62 37.76 -36.31
CA PHE E 636 2.93 38.06 -36.87
C PHE E 636 3.36 39.48 -36.40
N THR E 637 3.49 39.67 -35.10
CA THR E 637 3.72 41.03 -34.57
C THR E 637 5.14 41.53 -34.92
N GLU E 638 6.10 40.64 -35.13
CA GLU E 638 7.42 40.99 -35.66
C GLU E 638 7.46 41.77 -37.01
N GLY E 639 6.38 41.70 -37.79
CA GLY E 639 6.31 42.38 -39.07
C GLY E 639 7.27 41.74 -40.06
N VAL E 640 8.08 42.57 -40.72
CA VAL E 640 9.03 42.15 -41.74
C VAL E 640 10.33 41.57 -41.23
N PHE E 641 10.52 41.59 -39.92
CA PHE E 641 11.72 41.16 -39.28
C PHE E 641 11.71 39.64 -39.06
N ILE E 642 12.07 38.85 -40.05
CA ILE E 642 12.19 37.42 -39.83
C ILE E 642 13.59 37.09 -40.18
N ASP E 643 14.07 35.96 -39.73
CA ASP E 643 15.45 35.48 -39.96
C ASP E 643 16.51 36.53 -39.63
N TYR E 644 17.42 36.81 -40.54
CA TYR E 644 18.47 37.76 -40.28
C TYR E 644 17.97 39.14 -39.95
N ARG E 645 16.87 39.56 -40.49
CA ARG E 645 16.49 40.90 -40.13
C ARG E 645 15.98 41.01 -38.71
N TRP E 646 15.53 39.92 -38.12
CA TRP E 646 15.29 39.89 -36.69
C TRP E 646 16.62 39.94 -35.86
N PHE E 647 17.65 39.19 -36.26
CA PHE E 647 18.92 39.19 -35.59
C PHE E 647 19.56 40.59 -35.59
N ASP E 648 19.57 41.20 -36.76
CA ASP E 648 20.19 42.54 -37.04
C ASP E 648 19.52 43.64 -36.23
N LYS E 649 18.19 43.66 -36.17
CA LYS E 649 17.45 44.69 -35.43
C LYS E 649 17.58 44.53 -33.95
N MET E 650 17.57 43.31 -33.44
CA MET E 650 17.74 43.09 -32.01
C MET E 650 19.21 43.11 -31.51
N GLY E 651 20.21 43.28 -32.39
CA GLY E 651 21.62 43.19 -31.99
C GLY E 651 22.02 41.82 -31.44
N ILE E 652 21.45 40.74 -31.99
CA ILE E 652 21.82 39.39 -31.63
C ILE E 652 22.87 38.92 -32.65
N THR E 653 23.96 38.35 -32.15
CA THR E 653 25.05 37.81 -32.96
C THR E 653 24.85 36.28 -33.23
N PRO E 654 24.64 35.87 -34.51
CA PRO E 654 24.52 34.40 -34.72
C PRO E 654 25.89 33.72 -34.62
N ARG E 655 25.91 32.39 -34.54
CA ARG E 655 27.15 31.64 -34.67
C ARG E 655 27.61 31.74 -36.10
N TYR E 656 26.70 31.50 -37.06
CA TYR E 656 27.03 31.70 -38.49
C TYR E 656 25.91 32.48 -39.15
N GLU E 657 26.23 33.56 -39.85
CA GLU E 657 25.19 34.46 -40.28
C GLU E 657 24.66 34.08 -41.63
N PHE E 658 23.50 34.61 -41.99
CA PHE E 658 22.95 34.50 -43.36
C PHE E 658 24.00 34.93 -44.36
N GLY E 659 24.20 34.09 -45.37
CA GLY E 659 25.22 34.34 -46.39
C GLY E 659 26.63 34.00 -46.01
N PHE E 660 26.87 33.26 -44.93
CA PHE E 660 28.20 32.87 -44.53
C PHE E 660 28.61 31.49 -45.12
N GLY E 661 29.77 31.46 -45.71
CA GLY E 661 30.47 30.23 -45.95
C GLY E 661 31.93 30.52 -46.20
N LEU E 662 32.79 29.69 -45.61
CA LEU E 662 34.24 29.78 -45.85
C LEU E 662 34.61 29.10 -47.17
N SER E 663 35.80 29.43 -47.66
CA SER E 663 36.47 28.79 -48.80
C SER E 663 37.85 28.30 -48.31
N TYR E 664 38.65 27.73 -49.21
CA TYR E 664 40.05 27.41 -48.96
C TYR E 664 41.01 28.54 -49.35
N THR E 665 40.45 29.69 -49.73
CA THR E 665 41.18 30.89 -50.06
C THR E 665 40.37 32.02 -49.49
N THR E 666 40.87 33.23 -49.65
CA THR E 666 40.23 34.43 -49.12
C THR E 666 40.07 35.38 -50.26
N PHE E 667 39.16 36.34 -50.10
CA PHE E 667 38.82 37.31 -51.15
C PHE E 667 38.81 38.67 -50.54
N THR E 668 39.37 39.65 -51.22
CA THR E 668 39.35 41.02 -50.79
C THR E 668 38.47 41.84 -51.74
N TYR E 669 37.59 42.66 -51.15
CA TYR E 669 36.63 43.49 -51.87
C TYR E 669 37.21 44.91 -52.06
N SER E 670 36.90 45.49 -53.22
CA SER E 670 37.39 46.81 -53.59
C SER E 670 36.54 47.43 -54.71
N ASN E 671 36.76 48.75 -54.88
CA ASN E 671 36.21 49.56 -55.95
C ASN E 671 34.71 49.44 -56.20
N LEU E 672 33.94 49.79 -55.18
CA LEU E 672 32.49 49.90 -55.24
C LEU E 672 32.07 51.09 -56.09
N ILE E 673 31.23 50.83 -57.11
CA ILE E 673 30.78 51.81 -58.09
C ILE E 673 29.27 51.77 -58.14
N VAL E 674 28.62 52.90 -57.99
CA VAL E 674 27.21 52.93 -58.20
C VAL E 674 26.94 53.65 -59.54
N ASP E 675 26.51 52.90 -60.58
CA ASP E 675 26.37 53.45 -61.91
C ASP E 675 24.91 53.77 -62.24
N HIS E 676 24.60 55.05 -62.09
CA HIS E 676 23.27 55.58 -62.40
C HIS E 676 22.96 55.69 -63.88
N GLY E 677 23.99 55.57 -64.70
CA GLY E 677 23.85 55.48 -66.14
C GLY E 677 23.36 54.15 -66.74
N ARG E 678 23.25 53.11 -65.93
CA ARG E 678 23.00 51.77 -66.44
C ARG E 678 21.67 51.34 -65.96
N TRP E 679 20.68 51.73 -66.74
CA TRP E 679 19.31 51.52 -66.44
C TRP E 679 18.71 50.78 -67.62
N ALA E 680 17.63 50.06 -67.38
CA ALA E 680 16.91 49.48 -68.51
C ALA E 680 15.46 49.12 -68.18
N LYS E 681 14.61 49.27 -69.18
CA LYS E 681 13.23 48.82 -69.13
C LYS E 681 13.19 47.30 -68.91
N ASP E 682 12.22 46.85 -68.13
CA ASP E 682 11.88 45.44 -67.99
C ASP E 682 11.10 45.00 -69.25
N TYR E 683 11.72 44.25 -70.15
CA TYR E 683 11.02 43.63 -71.32
C TYR E 683 10.81 42.15 -71.16
N SER E 684 11.61 41.52 -70.27
CA SER E 684 11.90 40.10 -70.37
C SER E 684 10.89 39.14 -69.68
N SER E 685 10.03 39.66 -68.79
CA SER E 685 9.11 38.81 -68.02
C SER E 685 8.06 38.08 -68.88
N VAL E 686 7.60 36.96 -68.40
CA VAL E 686 6.62 36.16 -69.15
C VAL E 686 5.22 36.70 -68.93
N MET E 687 4.93 37.05 -67.67
CA MET E 687 3.66 37.68 -67.28
C MET E 687 3.93 38.94 -66.46
N GLU E 688 2.89 39.74 -66.27
CA GLU E 688 3.03 41.05 -65.70
C GLU E 688 2.11 41.23 -64.53
N THR E 689 2.63 41.83 -63.45
CA THR E 689 1.78 42.19 -62.34
C THR E 689 1.09 43.54 -62.62
N ALA E 690 0.14 43.93 -61.77
CA ALA E 690 -0.53 45.27 -61.80
C ALA E 690 -0.28 45.94 -60.43
N GLU E 691 0.96 45.83 -59.97
CA GLU E 691 1.34 46.32 -58.67
C GLU E 691 1.42 47.81 -58.77
N PRO E 692 0.59 48.53 -57.99
CA PRO E 692 0.59 49.98 -58.12
C PRO E 692 1.85 50.61 -57.52
N PHE E 693 2.32 51.65 -58.19
CA PHE E 693 3.47 52.41 -57.71
C PHE E 693 3.44 53.89 -58.11
N ALA E 694 4.01 54.72 -57.26
CA ALA E 694 3.94 56.18 -57.39
C ALA E 694 4.49 56.78 -58.65
N GLU E 695 5.55 56.17 -59.19
CA GLU E 695 6.22 56.66 -60.37
C GLU E 695 5.60 56.07 -61.67
N TRP E 696 4.48 55.35 -61.58
CA TRP E 696 3.78 54.91 -62.81
C TRP E 696 3.47 56.08 -63.74
N ASP E 697 3.80 55.89 -65.01
CA ASP E 697 3.67 56.88 -66.09
C ASP E 697 2.95 56.32 -67.32
N GLY E 698 2.47 55.08 -67.27
CA GLY E 698 1.73 54.45 -68.35
C GLY E 698 2.52 53.43 -69.15
N THR E 699 3.85 53.51 -69.11
CA THR E 699 4.71 52.56 -69.83
C THR E 699 5.69 51.76 -68.93
N ASN E 700 6.41 52.48 -68.06
CA ASN E 700 7.41 51.96 -67.10
C ASN E 700 6.90 50.86 -66.15
N SER E 701 7.73 50.42 -65.21
CA SER E 701 7.46 49.24 -64.41
C SER E 701 8.17 49.26 -63.05
N LEU E 702 7.55 48.66 -62.07
CA LEU E 702 8.16 48.49 -60.77
C LEU E 702 9.43 47.69 -60.93
N TYR E 703 9.52 46.89 -61.99
CA TYR E 703 10.64 46.00 -62.24
C TYR E 703 11.70 46.50 -63.24
N ASP E 704 11.64 47.78 -63.64
CA ASP E 704 12.68 48.37 -64.47
C ASP E 704 13.97 48.42 -63.65
N VAL E 705 15.14 48.30 -64.31
CA VAL E 705 16.38 48.57 -63.59
C VAL E 705 16.69 50.05 -63.61
N ILE E 706 16.83 50.60 -62.41
CA ILE E 706 17.00 52.03 -62.28
C ILE E 706 18.43 52.43 -62.10
N PHE E 707 19.28 51.52 -61.59
CA PHE E 707 20.71 51.67 -61.67
C PHE E 707 21.43 50.32 -61.47
N THR E 708 22.73 50.29 -61.73
CA THR E 708 23.53 49.11 -61.50
C THR E 708 24.70 49.33 -60.57
N VAL E 709 24.93 48.43 -59.61
CA VAL E 709 26.12 48.52 -58.75
C VAL E 709 27.22 47.50 -59.06
N PHE E 710 28.48 47.98 -59.15
CA PHE E 710 29.64 47.15 -59.43
C PHE E 710 30.62 47.14 -58.28
N ALA E 711 31.34 46.04 -58.15
CA ALA E 711 32.47 45.94 -57.26
C ALA E 711 33.50 44.93 -57.85
N THR E 712 34.67 44.88 -57.25
CA THR E 712 35.76 44.05 -57.66
C THR E 712 36.14 43.17 -56.50
N ILE E 713 36.41 41.90 -56.83
CA ILE E 713 36.97 40.98 -55.88
C ILE E 713 38.30 40.48 -56.38
N THR E 714 39.17 40.18 -55.44
CA THR E 714 40.50 39.69 -55.74
C THR E 714 40.78 38.48 -54.86
N ASN E 715 41.24 37.40 -55.49
CA ASN E 715 41.64 36.19 -54.76
C ASN E 715 43.01 36.48 -54.15
N THR E 716 43.02 36.51 -52.84
CA THR E 716 44.11 37.06 -52.06
C THR E 716 44.71 35.95 -51.17
N GLY E 717 44.33 34.66 -51.37
CA GLY E 717 44.91 33.53 -50.65
C GLY E 717 45.81 32.70 -51.58
N ASN E 718 45.87 31.39 -51.35
CA ASN E 718 46.88 30.53 -51.96
C ASN E 718 46.29 29.45 -52.84
N LEU E 719 44.96 29.40 -52.98
CA LEU E 719 44.31 28.47 -53.89
C LEU E 719 43.22 29.17 -54.72
N THR E 720 42.88 28.52 -55.81
CA THR E 720 41.74 28.86 -56.62
C THR E 720 40.43 28.63 -55.85
N GLY E 721 39.46 29.50 -56.12
CA GLY E 721 38.19 29.43 -55.42
C GLY E 721 37.12 30.27 -56.05
N SER E 722 35.87 29.88 -55.78
CA SER E 722 34.69 30.64 -56.13
C SER E 722 34.17 31.44 -54.92
N GLU E 723 33.40 32.46 -55.22
CA GLU E 723 32.98 33.45 -54.25
C GLU E 723 31.60 33.97 -54.60
N VAL E 724 30.69 33.89 -53.64
CA VAL E 724 29.39 34.49 -53.71
C VAL E 724 29.44 35.89 -53.15
N ALA E 725 29.46 36.91 -54.02
CA ALA E 725 29.33 38.30 -53.59
C ALA E 725 27.87 38.67 -53.34
N GLN E 726 27.59 39.48 -52.33
CA GLN E 726 26.22 39.82 -51.93
C GLN E 726 26.11 41.32 -51.76
N LEU E 727 24.94 41.89 -52.11
CA LEU E 727 24.66 43.31 -52.00
C LEU E 727 23.46 43.50 -51.06
N TYR E 728 23.60 44.40 -50.08
CA TYR E 728 22.56 44.65 -49.06
C TYR E 728 22.23 46.15 -49.13
N ILE E 729 20.96 46.47 -48.95
CA ILE E 729 20.47 47.84 -49.03
C ILE E 729 19.75 48.13 -47.73
N SER E 730 20.06 49.29 -47.15
CA SER E 730 19.30 49.86 -45.99
C SER E 730 18.41 50.91 -46.57
N ILE E 731 17.12 50.63 -46.60
CA ILE E 731 16.12 51.55 -47.10
C ILE E 731 15.77 52.46 -45.93
N PRO E 732 15.69 53.78 -46.14
CA PRO E 732 15.32 54.69 -45.04
C PRO E 732 13.83 54.71 -44.80
N GLY E 733 13.46 55.25 -43.66
CA GLY E 733 12.10 55.17 -43.14
C GLY E 733 12.18 54.73 -41.69
N ASP E 734 11.01 54.67 -41.07
CA ASP E 734 10.87 54.26 -39.68
C ASP E 734 10.68 52.76 -39.59
N ASN E 735 11.31 52.16 -38.59
CA ASN E 735 11.15 50.75 -38.33
C ASN E 735 11.55 49.89 -39.54
N GLN E 736 12.69 50.24 -40.14
CA GLN E 736 13.19 49.57 -41.33
C GLN E 736 14.24 48.57 -40.96
N PRO E 737 14.24 47.42 -41.63
CA PRO E 737 15.41 46.55 -41.45
C PRO E 737 16.74 47.31 -41.59
N VAL E 738 17.67 46.98 -40.72
CA VAL E 738 19.03 47.49 -40.80
C VAL E 738 19.56 47.27 -42.24
N ARG E 739 19.37 46.08 -42.81
CA ARG E 739 19.82 45.80 -44.17
C ARG E 739 19.03 44.64 -44.80
N GLN E 740 18.85 44.71 -46.11
CA GLN E 740 18.03 43.76 -46.89
C GLN E 740 18.81 43.31 -48.11
N LEU E 741 18.86 42.01 -48.33
CA LEU E 741 19.60 41.52 -49.47
C LEU E 741 18.93 42.00 -50.74
N ARG E 742 19.71 42.47 -51.71
CA ARG E 742 19.19 42.91 -53.01
C ARG E 742 20.03 42.51 -54.21
N GLY E 743 21.03 41.66 -53.98
CA GLY E 743 21.83 41.17 -55.09
C GLY E 743 22.79 40.09 -54.64
N PHE E 744 23.10 39.22 -55.59
CA PHE E 744 24.18 38.28 -55.40
C PHE E 744 24.75 37.90 -56.72
N ASP E 745 25.99 37.46 -56.71
CA ASP E 745 26.69 37.17 -57.94
C ASP E 745 27.81 36.25 -57.58
N LYS E 746 27.83 35.06 -58.18
CA LYS E 746 28.80 34.06 -57.83
C LYS E 746 29.92 34.00 -58.88
N ILE E 747 31.12 34.38 -58.51
CA ILE E 747 32.27 34.30 -59.40
C ILE E 747 32.89 32.88 -59.36
N LYS E 748 33.06 32.28 -60.53
CA LYS E 748 33.55 30.91 -60.64
C LYS E 748 35.06 30.80 -60.81
N ASP E 749 35.72 30.07 -59.89
CA ASP E 749 37.10 29.60 -60.06
C ASP E 749 38.07 30.72 -60.40
N LEU E 750 38.12 31.70 -59.51
CA LEU E 750 39.02 32.86 -59.60
C LEU E 750 40.40 32.39 -59.18
N PRO E 751 41.38 32.44 -60.10
CA PRO E 751 42.73 32.01 -59.69
C PRO E 751 43.42 32.97 -58.72
N VAL E 752 44.42 32.46 -58.03
CA VAL E 752 45.23 33.21 -57.07
C VAL E 752 45.78 34.49 -57.70
N GLY E 753 45.57 35.61 -57.01
CA GLY E 753 45.94 36.93 -57.51
C GLY E 753 45.12 37.61 -58.63
N ASP E 754 44.18 36.90 -59.23
CA ASP E 754 43.34 37.47 -60.26
C ASP E 754 42.15 38.17 -59.56
N SER E 755 41.49 39.00 -60.37
CA SER E 755 40.41 39.92 -60.00
C SER E 755 39.24 39.74 -60.95
N ALA E 756 38.06 40.00 -60.46
CA ALA E 756 36.87 39.87 -61.26
C ALA E 756 35.87 40.93 -60.79
N VAL E 757 35.10 41.44 -61.74
CA VAL E 757 34.08 42.38 -61.47
C VAL E 757 32.73 41.69 -61.27
N VAL E 758 32.00 42.19 -60.30
CA VAL E 758 30.79 41.59 -59.79
C VAL E 758 29.76 42.66 -60.08
N THR E 759 28.58 42.24 -60.50
CA THR E 759 27.56 43.20 -60.95
C THR E 759 26.15 42.87 -60.44
N PHE E 760 25.45 43.93 -60.04
CA PHE E 760 24.21 43.83 -59.29
C PHE E 760 23.16 44.82 -59.86
N PRO E 761 22.26 44.40 -60.77
CA PRO E 761 21.27 45.35 -61.26
C PRO E 761 20.20 45.62 -60.19
N ILE E 762 19.84 46.89 -59.93
CA ILE E 762 18.87 47.26 -58.89
C ILE E 762 17.60 47.72 -59.57
N ARG E 763 16.49 47.03 -59.34
CA ARG E 763 15.20 47.46 -59.85
C ARG E 763 14.50 48.51 -58.97
N ARG E 764 13.51 49.22 -59.52
CA ARG E 764 12.70 50.14 -58.75
C ARG E 764 12.19 49.47 -57.44
N LYS E 765 11.63 48.25 -57.52
CA LYS E 765 11.03 47.59 -56.37
C LYS E 765 12.03 47.29 -55.29
N ASP E 766 13.27 47.03 -55.72
CA ASP E 766 14.40 46.74 -54.79
C ASP E 766 14.71 47.87 -53.82
N VAL E 767 14.19 49.05 -54.09
CA VAL E 767 14.56 50.26 -53.39
C VAL E 767 13.26 50.98 -52.93
N SER E 768 12.15 50.27 -52.97
CA SER E 768 10.89 50.83 -52.60
C SER E 768 10.39 50.29 -51.28
N SER E 769 9.33 50.94 -50.80
CA SER E 769 8.60 50.59 -49.60
C SER E 769 7.17 50.62 -50.01
N TRP E 770 6.32 49.88 -49.30
CA TRP E 770 4.88 49.86 -49.52
C TRP E 770 4.26 50.81 -48.55
N SER E 771 3.36 51.64 -49.03
CA SER E 771 2.63 52.66 -48.20
C SER E 771 1.24 52.11 -47.89
N VAL E 772 1.01 51.71 -46.66
CA VAL E 772 -0.28 51.21 -46.27
C VAL E 772 -1.37 52.25 -46.55
N VAL E 773 -1.08 53.52 -46.26
CA VAL E 773 -2.04 54.61 -46.43
C VAL E 773 -2.38 54.82 -47.92
N ASP E 774 -1.37 54.89 -48.78
CA ASP E 774 -1.61 55.12 -50.22
C ASP E 774 -1.93 53.86 -51.00
N GLN E 775 -1.67 52.70 -50.39
CA GLN E 775 -1.83 51.41 -51.11
C GLN E 775 -1.00 51.36 -52.41
N LEU E 776 0.29 51.70 -52.29
CA LEU E 776 1.21 51.66 -53.43
C LEU E 776 2.68 51.61 -53.00
N TRP E 777 3.52 51.15 -53.93
CA TRP E 777 4.95 51.12 -53.77
C TRP E 777 5.46 52.50 -54.15
N TYR E 778 6.40 53.00 -53.35
CA TYR E 778 7.10 54.28 -53.63
C TYR E 778 8.57 54.14 -53.22
N VAL E 779 9.43 54.93 -53.85
CA VAL E 779 10.85 55.03 -53.43
C VAL E 779 10.94 56.15 -52.45
N PRO E 780 11.38 55.89 -51.19
CA PRO E 780 11.48 57.05 -50.29
C PRO E 780 12.67 58.02 -50.58
N ASN E 781 12.47 59.28 -50.23
CA ASN E 781 13.58 60.22 -50.12
C ASN E 781 14.24 59.96 -48.78
N GLY E 782 15.55 60.15 -48.74
CA GLY E 782 16.31 59.71 -47.59
C GLY E 782 17.60 59.09 -48.07
N ASP E 783 18.46 58.86 -47.09
CA ASP E 783 19.72 58.14 -47.25
C ASP E 783 19.51 56.61 -47.30
N PHE E 784 19.84 56.01 -48.45
CA PHE E 784 20.01 54.59 -48.57
C PHE E 784 21.47 54.28 -48.35
N LEU E 785 21.76 53.30 -47.49
CA LEU E 785 23.11 52.75 -47.47
C LEU E 785 23.14 51.48 -48.35
N ILE E 786 24.17 51.36 -49.21
CA ILE E 786 24.39 50.17 -50.06
C ILE E 786 25.66 49.50 -49.60
N SER E 787 25.65 48.19 -49.29
CA SER E 787 26.87 47.47 -48.81
CA SER E 787 26.87 47.47 -48.81
C SER E 787 27.11 46.21 -49.61
N VAL E 788 28.37 45.95 -49.90
CA VAL E 788 28.75 44.82 -50.65
C VAL E 788 29.83 44.02 -49.87
N GLY E 789 29.64 42.69 -49.89
CA GLY E 789 30.62 41.77 -49.33
C GLY E 789 30.20 40.31 -49.42
N GLY E 790 30.84 39.55 -48.53
CA GLY E 790 30.91 38.08 -48.61
C GLY E 790 29.92 37.38 -47.69
N SER E 791 29.29 38.10 -46.77
CA SER E 791 28.18 37.62 -45.95
C SER E 791 27.33 38.79 -45.44
N SER E 792 26.25 38.51 -44.75
CA SER E 792 25.37 39.58 -44.28
C SER E 792 25.99 40.43 -43.14
N ARG E 793 27.07 39.95 -42.50
CA ARG E 793 27.80 40.67 -41.46
C ARG E 793 29.23 40.95 -41.80
N ASP E 794 29.64 40.63 -43.02
CA ASP E 794 31.00 40.91 -43.46
C ASP E 794 30.96 41.74 -44.78
N LEU E 795 30.89 43.05 -44.63
CA LEU E 795 30.52 43.97 -45.70
C LEU E 795 31.51 45.13 -45.69
N PRO E 796 32.67 44.94 -46.29
CA PRO E 796 33.69 46.01 -46.21
C PRO E 796 33.45 47.23 -47.14
N LEU E 797 32.64 47.07 -48.19
CA LEU E 797 32.33 48.15 -49.14
C LEU E 797 31.00 48.73 -48.79
N ASN E 798 30.93 50.05 -48.68
CA ASN E 798 29.67 50.71 -48.43
C ASN E 798 29.67 52.12 -49.02
N THR E 799 28.49 52.59 -49.41
CA THR E 799 28.32 53.94 -49.89
C THR E 799 26.86 54.34 -49.65
N THR E 800 26.62 55.62 -49.78
CA THR E 800 25.33 56.20 -49.50
C THR E 800 24.74 56.75 -50.83
N TRP E 801 23.49 56.42 -51.14
CA TRP E 801 22.78 56.95 -52.29
C TRP E 801 21.60 57.74 -51.73
N THR E 802 21.50 59.01 -52.10
CA THR E 802 20.29 59.82 -51.89
C THR E 802 19.68 60.14 -53.26
N PRO E 803 18.44 59.70 -53.54
CA PRO E 803 17.81 59.82 -54.84
C PRO E 803 18.11 61.03 -55.74
N HIS E 804 18.01 62.28 -55.35
CA HIS E 804 18.33 63.30 -56.43
C HIS E 804 19.20 64.48 -55.97
N GLN F 48 38.41 46.02 -9.86
CA GLN F 48 37.93 47.10 -10.80
C GLN F 48 36.99 48.13 -10.16
N TRP F 49 36.12 47.68 -9.25
CA TRP F 49 35.19 48.57 -8.59
C TRP F 49 35.36 48.46 -7.08
N PRO F 50 35.94 49.50 -6.45
CA PRO F 50 36.41 49.42 -5.06
C PRO F 50 35.29 49.61 -4.03
N ALA F 51 35.46 48.97 -2.89
CA ALA F 51 34.38 48.82 -1.90
C ALA F 51 34.38 50.05 -0.96
N PRO F 52 33.42 51.01 -1.08
CA PRO F 52 33.42 52.15 -0.16
C PRO F 52 33.08 51.69 1.27
N LEU F 53 33.66 52.31 2.30
CA LEU F 53 33.41 51.87 3.66
C LEU F 53 32.05 52.37 4.14
N ALA F 54 31.45 51.62 5.05
CA ALA F 54 30.24 52.07 5.71
C ALA F 54 30.50 53.28 6.62
N ASN F 55 29.55 54.20 6.65
CA ASN F 55 29.60 55.38 7.55
C ASN F 55 28.29 55.59 8.34
N GLY F 56 27.32 54.69 8.17
CA GLY F 56 26.02 54.83 8.82
C GLY F 56 24.95 55.70 8.18
N GLY F 57 25.29 56.41 7.11
CA GLY F 57 24.35 57.32 6.45
C GLY F 57 23.56 58.24 7.35
N LYS F 58 22.32 58.47 6.97
CA LYS F 58 21.44 59.43 7.66
C LYS F 58 20.94 58.96 9.06
N SER F 59 20.19 57.86 9.14
CA SER F 59 19.51 57.48 10.36
C SER F 59 20.31 56.57 11.30
N TRP F 60 21.29 55.82 10.77
CA TRP F 60 22.02 54.86 11.57
C TRP F 60 23.33 55.45 12.15
N ALA F 61 23.47 56.77 12.18
CA ALA F 61 24.78 57.38 12.60
C ALA F 61 25.27 56.82 13.97
N SER F 62 24.48 56.86 15.00
CA SER F 62 24.94 56.37 16.30
C SER F 62 25.13 54.85 16.36
N ALA F 63 24.29 54.11 15.64
CA ALA F 63 24.46 52.67 15.60
C ALA F 63 25.76 52.29 14.89
N PHE F 64 26.05 52.94 13.78
CA PHE F 64 27.35 52.73 13.11
C PHE F 64 28.49 52.95 14.06
N LYS F 65 28.40 54.00 14.85
CA LYS F 65 29.53 54.32 15.72
C LYS F 65 29.79 53.21 16.78
N LYS F 66 28.75 52.67 17.38
CA LYS F 66 28.91 51.54 18.30
C LYS F 66 29.40 50.35 17.53
N ALA F 67 28.86 50.13 16.33
CA ALA F 67 29.31 49.00 15.50
C ALA F 67 30.83 49.10 15.30
N LYS F 68 31.30 50.28 14.86
CA LYS F 68 32.72 50.54 14.62
C LYS F 68 33.54 50.27 15.90
N ALA F 69 33.12 50.76 17.05
CA ALA F 69 33.92 50.56 18.27
C ALA F 69 34.05 49.08 18.63
N THR F 70 32.95 48.32 18.51
CA THR F 70 32.94 46.87 18.80
C THR F 70 33.79 46.11 17.81
N VAL F 71 33.66 46.41 16.52
CA VAL F 71 34.45 45.71 15.49
C VAL F 71 35.94 45.92 15.75
N THR F 72 36.29 47.18 16.00
CA THR F 72 37.64 47.59 16.37
C THR F 72 38.29 46.73 17.52
N GLU F 73 37.53 46.20 18.45
CA GLU F 73 38.15 45.30 19.43
C GLU F 73 38.13 43.79 19.10
N MET F 74 37.80 43.42 17.86
CA MET F 74 37.64 42.01 17.51
C MET F 74 38.95 41.36 16.97
N THR F 75 39.20 40.09 17.34
CA THR F 75 40.29 39.29 16.74
C THR F 75 39.91 38.87 15.31
N VAL F 76 40.88 38.38 14.56
CA VAL F 76 40.64 37.83 13.24
C VAL F 76 39.64 36.68 13.32
N GLU F 77 39.80 35.80 14.30
CA GLU F 77 38.95 34.61 14.47
C GLU F 77 37.48 35.02 14.78
N GLU F 78 37.29 36.17 15.42
CA GLU F 78 35.95 36.65 15.76
C GLU F 78 35.25 37.32 14.60
N LEU F 79 35.99 37.94 13.72
CA LEU F 79 35.43 38.56 12.53
C LEU F 79 34.95 37.50 11.56
N ALA F 80 35.66 36.39 11.51
CA ALA F 80 35.26 35.26 10.72
C ALA F 80 34.06 34.53 11.33
N ASN F 81 33.90 34.64 12.62
CA ASN F 81 32.79 34.03 13.32
C ASN F 81 31.47 34.69 12.96
N ILE F 82 31.46 36.03 12.97
CA ILE F 82 30.25 36.81 12.70
C ILE F 82 29.87 36.94 11.18
N THR F 83 30.84 36.78 10.28
CA THR F 83 30.59 36.85 8.87
C THR F 83 30.22 35.52 8.23
N SER F 84 30.02 34.43 8.98
CA SER F 84 29.69 33.13 8.38
C SER F 84 28.67 32.39 9.19
N GLY F 85 27.79 31.63 8.57
CA GLY F 85 26.70 30.94 9.33
C GLY F 85 27.17 29.78 10.19
N VAL F 86 26.47 29.54 11.28
CA VAL F 86 26.77 28.37 12.18
C VAL F 86 25.51 27.56 12.39
N ILE F 87 25.62 26.42 13.11
CA ILE F 87 24.50 25.48 13.23
C ILE F 87 23.49 26.00 14.25
N GLY F 88 22.19 25.98 13.92
CA GLY F 88 21.13 26.36 14.89
C GLY F 88 19.73 26.09 14.37
N LEU F 89 18.73 26.52 15.14
CA LEU F 89 17.34 26.16 14.89
C LEU F 89 16.68 26.96 13.70
N CYS F 90 17.14 28.18 13.49
CA CYS F 90 16.71 29.05 12.41
C CYS F 90 17.32 28.67 11.06
N SER F 91 16.71 29.18 9.98
CA SER F 91 17.20 29.04 8.60
C SER F 91 18.70 29.31 8.54
N GLY F 92 19.14 30.36 9.21
CA GLY F 92 20.56 30.69 9.33
C GLY F 92 20.87 31.40 10.62
N VAL F 93 22.13 31.27 11.07
CA VAL F 93 22.53 31.79 12.38
C VAL F 93 23.93 32.36 12.19
N THR F 94 24.17 33.62 12.61
CA THR F 94 25.54 34.14 12.59
C THR F 94 26.25 33.60 13.81
N GLY F 95 27.57 33.42 13.71
CA GLY F 95 28.42 33.07 14.88
C GLY F 95 28.40 34.19 15.91
N ALA F 96 28.50 33.82 17.18
CA ALA F 96 28.63 34.79 18.25
C ALA F 96 30.03 35.38 18.30
N VAL F 97 30.16 36.49 19.04
CA VAL F 97 31.44 37.00 19.48
C VAL F 97 31.31 37.00 20.99
N THR F 98 31.57 35.83 21.57
CA THR F 98 31.13 35.56 22.94
C THR F 98 31.92 36.39 23.95
N ARG F 99 33.17 36.65 23.64
CA ARG F 99 34.03 37.44 24.47
C ARG F 99 33.49 38.84 24.66
N LEU F 100 32.82 39.40 23.65
CA LEU F 100 32.27 40.78 23.73
C LEU F 100 30.79 40.85 24.05
N GLY F 101 30.17 39.71 24.34
CA GLY F 101 28.73 39.66 24.63
C GLY F 101 27.83 39.91 23.42
N ILE F 102 28.34 39.67 22.20
CA ILE F 102 27.51 39.71 21.00
C ILE F 102 26.93 38.29 20.73
N PRO F 103 25.61 38.10 20.85
CA PRO F 103 25.07 36.76 20.62
C PRO F 103 24.97 36.39 19.16
N GLU F 104 24.69 35.09 18.95
CA GLU F 104 24.27 34.53 17.65
C GLU F 104 23.03 35.26 17.20
N PHE F 105 22.98 35.74 15.96
CA PHE F 105 21.77 36.31 15.37
C PHE F 105 21.03 35.24 14.57
N CYS F 106 19.71 35.20 14.76
CA CYS F 106 18.84 34.22 14.14
C CYS F 106 18.26 34.87 12.83
N LEU F 107 18.50 34.23 11.70
CA LEU F 107 17.98 34.68 10.41
C LEU F 107 16.88 33.73 10.03
N GLN F 108 15.74 34.30 9.63
CA GLN F 108 14.57 33.45 9.44
C GLN F 108 13.68 33.86 8.30
N ASP F 109 13.40 32.90 7.42
CA ASP F 109 12.34 33.04 6.43
C ASP F 109 11.03 33.33 7.14
N GLY F 110 10.12 34.10 6.55
CA GLY F 110 10.22 34.59 5.16
C GLY F 110 9.18 35.65 4.85
N PRO F 111 8.90 35.91 3.56
CA PRO F 111 8.03 37.05 3.20
C PRO F 111 6.53 37.09 3.47
N ILE F 112 5.92 36.05 4.03
CA ILE F 112 4.57 36.10 4.67
C ILE F 112 4.61 35.88 6.18
N GLY F 113 5.79 35.84 6.77
CA GLY F 113 5.89 35.71 8.24
C GLY F 113 6.81 34.60 8.58
N PRO F 114 7.09 34.41 9.86
CA PRO F 114 8.04 33.33 10.18
C PRO F 114 7.58 31.89 9.73
N ARG F 115 8.47 31.22 8.98
CA ARG F 115 8.22 29.90 8.43
C ARG F 115 8.72 28.78 9.35
N GLY F 116 8.01 27.68 9.41
CA GLY F 116 8.44 26.51 10.15
C GLY F 116 8.05 26.51 11.60
N VAL F 117 7.19 27.41 11.93
CA VAL F 117 6.99 27.77 13.31
C VAL F 117 5.53 27.52 13.57
N HIS F 118 5.24 26.98 14.74
CA HIS F 118 3.89 26.97 15.21
C HIS F 118 3.58 28.23 16.04
N GLY F 119 2.32 28.37 16.37
CA GLY F 119 1.88 29.49 17.18
C GLY F 119 1.86 30.85 16.50
N SER F 120 1.85 30.85 15.17
CA SER F 120 1.88 32.08 14.38
C SER F 120 0.65 32.09 13.49
N SER F 121 0.52 33.13 12.67
CA SER F 121 -0.57 33.24 11.71
C SER F 121 -0.07 33.06 10.29
N GLN F 122 -0.96 32.69 9.38
CA GLN F 122 -0.58 32.59 7.95
C GLN F 122 -1.13 33.81 7.22
N PHE F 123 -0.26 34.79 6.97
CA PHE F 123 -0.61 36.01 6.30
C PHE F 123 -0.81 35.78 4.82
N PRO F 124 -1.55 36.69 4.15
CA PRO F 124 -1.60 36.64 2.69
C PRO F 124 -0.25 36.99 2.09
N ALA F 125 0.03 36.43 0.92
CA ALA F 125 1.24 36.71 0.18
C ALA F 125 1.31 38.16 -0.31
N GLY F 126 2.51 38.52 -0.72
CA GLY F 126 2.77 39.79 -1.40
C GLY F 126 1.87 40.04 -2.60
N LEU F 127 1.63 39.03 -3.39
CA LEU F 127 0.73 39.10 -4.51
C LEU F 127 -0.62 39.67 -4.05
N THR F 128 -1.14 39.07 -3.00
CA THR F 128 -2.47 39.37 -2.50
C THR F 128 -2.51 40.76 -1.94
N VAL F 129 -1.50 41.17 -1.18
CA VAL F 129 -1.53 42.53 -0.63
C VAL F 129 -1.38 43.56 -1.74
N ALA F 130 -0.60 43.24 -2.76
CA ALA F 130 -0.56 44.08 -3.94
C ALA F 130 -1.91 44.36 -4.64
N ALA F 131 -2.75 43.36 -4.73
CA ALA F 131 -4.04 43.51 -5.36
C ALA F 131 -4.97 44.40 -4.52
N THR F 132 -4.63 44.70 -3.29
CA THR F 132 -5.40 45.70 -2.57
C THR F 132 -5.19 47.10 -3.08
N TRP F 133 -4.03 47.38 -3.70
CA TRP F 133 -3.62 48.76 -4.04
C TRP F 133 -3.81 49.69 -2.89
N ASP F 134 -3.54 49.20 -1.67
CA ASP F 134 -3.85 49.89 -0.46
C ASP F 134 -2.64 50.01 0.46
N ARG F 135 -2.09 51.22 0.54
CA ARG F 135 -0.86 51.51 1.31
C ARG F 135 -0.93 51.22 2.80
N THR F 136 -2.05 51.57 3.41
CA THR F 136 -2.36 51.25 4.83
C THR F 136 -2.28 49.73 5.13
N LEU F 137 -2.81 48.93 4.24
CA LEU F 137 -2.81 47.49 4.41
C LEU F 137 -1.41 46.91 4.15
N MET F 138 -0.63 47.45 3.19
CA MET F 138 0.73 46.91 2.93
C MET F 138 1.58 47.13 4.17
N TYR F 139 1.47 48.32 4.76
CA TYR F 139 2.16 48.62 6.00
C TYR F 139 1.70 47.75 7.19
N ALA F 140 0.39 47.76 7.44
CA ALA F 140 -0.15 46.98 8.55
C ALA F 140 0.16 45.50 8.44
N ARG F 141 0.13 44.95 7.26
CA ARG F 141 0.55 43.54 7.08
C ARG F 141 1.98 43.29 7.50
N ALA F 142 2.86 44.19 7.06
CA ALA F 142 4.27 44.04 7.40
C ALA F 142 4.59 44.30 8.88
N ARG F 143 3.83 45.16 9.53
CA ARG F 143 3.96 45.44 10.95
C ARG F 143 3.45 44.24 11.74
N GLY F 144 2.36 43.63 11.26
CA GLY F 144 1.86 42.37 11.84
C GLY F 144 2.88 41.23 11.79
N MET F 145 3.42 40.97 10.60
CA MET F 145 4.48 39.98 10.41
C MET F 145 5.67 40.28 11.30
N GLY F 146 6.05 41.55 11.39
CA GLY F 146 7.22 41.96 12.19
C GLY F 146 7.01 41.58 13.63
N GLN F 147 5.83 41.87 14.16
CA GLN F 147 5.50 41.51 15.52
C GLN F 147 5.66 40.00 15.77
N GLU F 148 5.26 39.15 14.84
CA GLU F 148 5.37 37.75 15.07
C GLU F 148 6.81 37.26 14.90
N PHE F 149 7.56 37.88 14.00
CA PHE F 149 8.96 37.64 13.87
C PHE F 149 9.64 37.98 15.20
N HIS F 150 9.39 39.20 15.71
CA HIS F 150 10.04 39.62 16.94
C HIS F 150 9.75 38.69 18.07
N ASP F 151 8.47 38.41 18.28
CA ASP F 151 8.03 37.61 19.38
C ASP F 151 8.45 36.16 19.30
N GLN F 152 8.76 35.64 18.11
CA GLN F 152 9.35 34.31 17.99
C GLN F 152 10.88 34.34 18.15
N GLY F 153 11.47 35.51 18.24
CA GLY F 153 12.91 35.60 18.50
C GLY F 153 13.80 35.68 17.31
N VAL F 154 13.29 36.28 16.24
CA VAL F 154 14.04 36.42 15.02
C VAL F 154 14.71 37.78 15.08
N HIS F 155 16.00 37.82 14.74
CA HIS F 155 16.76 39.09 14.64
C HIS F 155 16.69 39.65 13.25
N LEU F 156 16.78 38.77 12.24
CA LEU F 156 16.80 39.17 10.84
C LEU F 156 15.79 38.36 10.07
N ALA F 157 14.79 39.07 9.55
CA ALA F 157 13.73 38.47 8.72
C ALA F 157 14.21 38.44 7.31
N LEU F 158 14.13 37.27 6.68
CA LEU F 158 14.49 37.16 5.26
C LEU F 158 13.29 37.57 4.44
N ALA F 159 13.13 38.89 4.36
CA ALA F 159 11.92 39.49 3.85
C ALA F 159 12.13 40.99 3.84
N PRO F 160 11.42 41.74 3.01
CA PRO F 160 10.46 41.23 2.04
C PRO F 160 11.15 41.05 0.73
N VAL F 161 10.40 40.58 -0.25
CA VAL F 161 10.80 40.50 -1.65
C VAL F 161 10.56 41.88 -2.29
N THR F 162 11.63 42.54 -2.74
CA THR F 162 11.53 43.92 -3.19
C THR F 162 12.02 44.10 -4.59
N GLY F 163 11.48 43.32 -5.48
CA GLY F 163 11.81 43.42 -6.86
C GLY F 163 12.68 42.37 -7.44
N GLY F 164 12.76 41.22 -6.81
CA GLY F 164 13.52 40.13 -7.35
C GLY F 164 12.85 38.92 -6.79
N PRO F 165 12.07 38.09 -7.59
CA PRO F 165 11.67 38.63 -8.90
C PRO F 165 10.66 39.72 -9.00
N LEU F 166 10.76 40.44 -10.10
CA LEU F 166 9.84 41.57 -10.39
C LEU F 166 8.66 41.12 -11.27
N GLY F 167 8.88 40.24 -12.23
CA GLY F 167 7.79 39.82 -13.12
C GLY F 167 8.05 39.84 -14.62
N ARG F 168 9.31 39.65 -15.05
CA ARG F 168 9.63 39.47 -16.47
C ARG F 168 8.88 38.28 -17.08
N THR F 169 8.70 37.20 -16.33
CA THR F 169 7.86 36.09 -16.82
C THR F 169 6.72 35.86 -15.85
N PRO F 170 5.49 35.77 -16.38
CA PRO F 170 4.36 35.41 -15.51
C PRO F 170 4.38 33.90 -15.14
N LEU F 171 5.36 33.11 -15.60
CA LEU F 171 5.49 31.70 -15.19
C LEU F 171 6.38 31.47 -13.99
N ASN F 172 6.92 32.55 -13.44
CA ASN F 172 7.93 32.45 -12.41
C ASN F 172 7.35 31.72 -11.19
N GLY F 173 7.95 30.62 -10.82
CA GLY F 173 7.46 29.84 -9.67
C GLY F 173 7.31 30.52 -8.31
N ARG F 174 8.04 31.60 -8.09
CA ARG F 174 7.93 32.33 -6.87
C ARG F 174 7.66 33.82 -7.08
N GLY F 175 7.13 34.18 -8.25
CA GLY F 175 6.62 35.55 -8.45
C GLY F 175 5.61 36.02 -7.40
N TRP F 176 4.77 35.11 -6.93
CA TRP F 176 3.77 35.38 -5.89
C TRP F 176 4.33 35.96 -4.58
N GLU F 177 5.62 35.73 -4.33
CA GLU F 177 6.22 36.17 -3.08
C GLU F 177 6.46 37.72 -3.11
N GLY F 178 6.54 38.26 -4.32
CA GLY F 178 6.73 39.68 -4.55
C GLY F 178 5.39 40.35 -4.60
N THR F 179 5.30 41.47 -5.29
CA THR F 179 4.08 42.22 -5.38
C THR F 179 3.43 42.62 -6.70
N PHE F 180 3.92 43.69 -7.30
CA PHE F 180 3.42 44.12 -8.60
C PHE F 180 4.46 43.81 -9.70
N ALA F 181 4.05 43.48 -10.91
CA ALA F 181 5.00 43.46 -12.08
C ALA F 181 5.12 44.88 -12.61
N ASP F 182 5.72 45.73 -11.80
CA ASP F 182 5.81 47.14 -12.10
C ASP F 182 6.76 47.78 -11.12
N PRO F 183 7.85 48.41 -11.60
CA PRO F 183 8.78 49.04 -10.66
C PRO F 183 8.18 50.07 -9.73
N TYR F 184 7.27 50.89 -10.20
CA TYR F 184 6.76 51.98 -9.35
C TYR F 184 5.99 51.41 -8.15
N ALA F 185 5.02 50.55 -8.44
CA ALA F 185 4.16 50.02 -7.39
C ALA F 185 4.91 49.03 -6.53
N CYS F 186 5.73 48.21 -7.18
CA CYS F 186 6.60 47.31 -6.42
C CYS F 186 7.46 48.12 -5.44
N GLY F 187 7.90 49.29 -5.89
CA GLY F 187 8.66 50.24 -5.12
C GLY F 187 7.93 50.80 -3.96
N GLU F 188 6.69 51.23 -4.12
CA GLU F 188 5.93 51.74 -2.95
C GLU F 188 5.68 50.64 -1.98
N ALA F 189 5.30 49.45 -2.45
CA ALA F 189 5.01 48.32 -1.57
C ALA F 189 6.22 47.87 -0.84
N SER F 190 7.36 47.82 -1.52
CA SER F 190 8.66 47.55 -0.83
C SER F 190 9.00 48.62 0.26
N TYR F 191 8.78 49.90 0.00
CA TYR F 191 9.02 50.88 1.02
C TYR F 191 8.20 50.53 2.30
N LEU F 192 6.92 50.29 2.11
CA LEU F 192 6.00 50.12 3.22
C LEU F 192 6.23 48.83 3.94
N SER F 193 6.59 47.75 3.21
CA SER F 193 6.87 46.46 3.86
C SER F 193 8.16 46.46 4.70
N VAL F 194 9.23 47.12 4.23
CA VAL F 194 10.45 47.37 5.02
C VAL F 194 10.16 48.27 6.23
N LYS F 195 9.37 49.31 6.03
CA LYS F 195 9.01 50.20 7.19
C LYS F 195 8.31 49.41 8.33
N GLY F 196 7.32 48.61 7.95
CA GLY F 196 6.53 47.81 8.87
C GLY F 196 7.32 46.81 9.66
N LEU F 197 8.19 46.09 8.95
CA LEU F 197 9.09 45.14 9.61
C LEU F 197 10.06 45.83 10.58
N THR F 198 10.77 46.86 10.13
CA THR F 198 11.79 47.52 11.00
C THR F 198 11.13 48.19 12.18
N ASP F 199 9.96 48.76 11.95
CA ASP F 199 9.19 49.35 13.05
C ASP F 199 8.75 48.35 14.11
N ALA F 200 8.61 47.07 13.78
CA ALA F 200 8.35 46.02 14.80
C ALA F 200 9.60 45.55 15.55
N GLY F 201 10.74 46.12 15.23
CA GLY F 201 12.00 45.74 15.80
C GLY F 201 12.73 44.58 15.17
N VAL F 202 12.37 44.17 13.94
CA VAL F 202 13.16 43.15 13.27
C VAL F 202 13.95 43.77 12.15
N ALA F 203 15.18 43.32 12.00
CA ALA F 203 16.00 43.72 10.88
C ALA F 203 15.55 43.01 9.61
N THR F 204 15.55 43.74 8.51
CA THR F 204 15.14 43.25 7.21
C THR F 204 16.33 42.85 6.33
N VAL F 205 16.11 41.80 5.56
CA VAL F 205 17.00 41.39 4.47
C VAL F 205 16.18 41.40 3.16
N SER F 206 16.11 42.56 2.49
CA SER F 206 15.33 42.67 1.28
C SER F 206 15.98 41.83 0.22
N LYS F 207 15.17 41.24 -0.66
CA LYS F 207 15.68 40.25 -1.57
C LYS F 207 14.90 40.18 -2.85
N HIS F 208 15.42 39.61 -3.93
CA HIS F 208 16.83 39.13 -4.12
C HIS F 208 17.52 40.05 -5.15
N TRP F 209 18.68 40.57 -4.80
CA TRP F 209 19.43 41.46 -5.70
C TRP F 209 20.29 40.56 -6.61
N ILE F 210 20.12 40.54 -7.93
CA ILE F 210 19.16 41.29 -8.69
C ILE F 210 18.99 40.62 -10.10
N ALA F 211 17.97 41.00 -10.82
CA ALA F 211 17.62 40.37 -12.09
C ALA F 211 17.38 38.88 -11.97
N TYR F 212 16.82 38.48 -10.83
CA TYR F 212 16.56 37.05 -10.53
C TYR F 212 15.16 36.78 -11.03
N GLU F 213 15.08 36.52 -12.31
CA GLU F 213 13.80 36.45 -12.98
C GLU F 213 13.39 35.09 -13.50
N GLN F 214 14.03 34.01 -13.08
CA GLN F 214 13.50 32.70 -13.35
C GLN F 214 14.09 31.69 -12.37
N GLU F 215 13.32 30.65 -12.12
CA GLU F 215 13.71 29.61 -11.15
C GLU F 215 14.52 28.53 -11.80
N THR F 216 14.16 28.20 -13.01
CA THR F 216 14.87 27.21 -13.78
C THR F 216 16.35 27.61 -14.00
N SER F 217 17.21 26.65 -13.65
CA SER F 217 18.66 26.74 -13.73
C SER F 217 19.21 27.87 -12.87
N ARG F 218 18.48 28.18 -11.79
CA ARG F 218 18.99 29.07 -10.76
C ARG F 218 20.25 28.45 -10.12
N ASN F 219 20.25 27.11 -9.98
CA ASN F 219 21.44 26.29 -9.71
C ASN F 219 22.22 26.65 -8.47
N LEU F 220 21.65 26.35 -7.31
CA LEU F 220 22.32 26.65 -6.03
C LEU F 220 23.62 25.89 -6.00
N TYR F 221 24.62 26.43 -5.29
CA TYR F 221 25.89 25.73 -5.08
C TYR F 221 25.65 24.57 -4.10
N ILE F 222 25.91 23.37 -4.56
CA ILE F 222 25.76 22.18 -3.76
C ILE F 222 26.99 21.33 -4.03
N ASP F 223 27.72 20.96 -2.98
CA ASP F 223 28.85 20.02 -3.05
C ASP F 223 28.63 18.99 -1.97
N ILE F 224 28.20 17.80 -2.41
CA ILE F 224 28.01 16.64 -1.55
C ILE F 224 28.64 15.39 -2.23
N ASP F 225 29.66 14.82 -1.56
CA ASP F 225 30.50 13.69 -2.02
C ASP F 225 31.60 14.12 -2.99
N GLY F 226 32.22 15.27 -2.76
CA GLY F 226 33.19 15.85 -3.71
C GLY F 226 32.68 16.21 -5.12
N VAL F 227 31.40 15.89 -5.45
CA VAL F 227 30.78 16.20 -6.75
C VAL F 227 29.83 17.40 -6.62
N SER F 228 30.25 18.54 -7.17
CA SER F 228 29.56 19.79 -6.96
C SER F 228 28.73 20.23 -8.19
N GLN F 229 27.92 21.27 -7.96
CA GLN F 229 27.09 21.89 -9.00
C GLN F 229 28.00 22.52 -10.04
N ALA F 230 29.19 22.97 -9.62
CA ALA F 230 30.15 23.56 -10.56
C ALA F 230 30.65 22.61 -11.65
N ASP F 231 30.56 21.30 -11.40
CA ASP F 231 30.91 20.24 -12.38
C ASP F 231 29.72 19.89 -13.32
N ILE F 232 28.52 20.42 -13.09
CA ILE F 232 27.33 20.14 -13.88
C ILE F 232 26.85 21.34 -14.78
N GLN F 233 26.44 22.47 -14.18
CA GLN F 233 25.91 23.63 -14.91
C GLN F 233 26.08 24.91 -14.08
N LEU F 234 26.57 25.98 -14.66
CA LEU F 234 26.62 27.26 -13.93
C LEU F 234 25.18 27.81 -13.83
N PRO F 235 24.97 28.84 -12.98
CA PRO F 235 23.68 29.49 -12.92
C PRO F 235 23.26 30.25 -14.18
N ILE F 236 21.97 30.35 -14.39
CA ILE F 236 21.43 31.18 -15.47
C ILE F 236 21.99 32.61 -15.38
N SER F 237 22.43 33.19 -16.49
CA SER F 237 23.03 34.56 -16.50
C SER F 237 22.05 35.52 -17.11
N SER F 238 21.60 36.45 -16.26
CA SER F 238 20.82 37.55 -16.68
C SER F 238 21.81 38.57 -17.27
N ASN F 239 21.72 38.84 -18.57
CA ASN F 239 22.53 39.80 -19.29
C ASN F 239 21.65 40.99 -19.52
N VAL F 240 21.95 42.06 -18.78
CA VAL F 240 21.04 43.18 -18.61
C VAL F 240 21.78 44.45 -18.97
N ASP F 241 21.25 45.24 -19.91
CA ASP F 241 21.92 46.50 -20.22
C ASP F 241 21.77 47.53 -19.08
N ASP F 242 22.56 48.61 -19.12
CA ASP F 242 22.64 49.57 -17.99
C ASP F 242 21.36 50.36 -17.81
N LEU F 243 20.71 50.73 -18.91
CA LEU F 243 19.44 51.46 -18.85
C LEU F 243 18.33 50.62 -18.16
N THR F 244 18.18 49.40 -18.61
CA THR F 244 17.23 48.47 -18.05
C THR F 244 17.46 48.23 -16.57
N MET F 245 18.71 48.09 -16.17
CA MET F 245 19.07 47.94 -14.76
C MET F 245 18.68 49.13 -13.90
N HIS F 246 18.88 50.36 -14.42
CA HIS F 246 18.51 51.59 -13.68
C HIS F 246 17.00 51.85 -13.64
N GLU F 247 16.33 51.68 -14.77
CA GLU F 247 14.94 52.09 -14.91
C GLU F 247 13.92 51.00 -14.51
N LEU F 248 14.37 49.76 -14.43
CA LEU F 248 13.45 48.67 -14.12
C LEU F 248 13.89 47.98 -12.85
N TYR F 249 15.01 47.31 -12.87
CA TYR F 249 15.34 46.40 -11.80
C TYR F 249 15.84 47.08 -10.55
N MET F 250 16.55 48.20 -10.65
CA MET F 250 17.07 48.82 -9.43
C MET F 250 16.02 49.64 -8.66
N TRP F 251 14.93 50.02 -9.33
CA TRP F 251 13.98 51.02 -8.81
C TRP F 251 13.42 50.61 -7.43
N SER F 252 13.00 49.36 -7.30
CA SER F 252 12.44 48.88 -6.06
C SER F 252 13.49 48.72 -4.99
N PHE F 253 14.72 48.35 -5.35
CA PHE F 253 15.76 48.25 -4.35
C PHE F 253 16.12 49.62 -3.83
N ALA F 254 16.03 50.66 -4.66
CA ALA F 254 16.34 52.01 -4.17
C ALA F 254 15.32 52.37 -3.10
N GLU F 255 14.05 51.98 -3.31
CA GLU F 255 13.05 52.28 -2.33
C GLU F 255 13.34 51.51 -1.04
N ALA F 256 13.84 50.28 -1.13
CA ALA F 256 14.07 49.48 0.09
C ALA F 256 15.18 50.06 0.89
N VAL F 257 16.19 50.57 0.20
CA VAL F 257 17.32 51.25 0.83
C VAL F 257 16.87 52.50 1.54
N ARG F 258 16.07 53.33 0.87
CA ARG F 258 15.50 54.57 1.46
C ARG F 258 14.55 54.32 2.64
N ALA F 259 13.83 53.20 2.64
CA ALA F 259 13.01 52.84 3.78
C ALA F 259 13.79 52.35 4.98
N GLY F 260 15.06 52.04 4.82
CA GLY F 260 15.89 51.63 5.97
C GLY F 260 16.22 50.16 6.02
N THR F 261 16.12 49.45 4.90
CA THR F 261 16.44 48.02 4.91
C THR F 261 17.83 47.84 5.44
N ASN F 262 17.98 46.95 6.43
CA ASN F 262 19.23 46.78 7.15
C ASN F 262 20.25 45.95 6.36
N HIS F 263 19.75 45.07 5.48
CA HIS F 263 20.54 44.14 4.75
C HIS F 263 19.85 43.86 3.44
N ILE F 264 20.59 43.36 2.47
CA ILE F 264 20.05 42.98 1.19
C ILE F 264 20.63 41.62 0.87
N MET F 265 19.82 40.73 0.30
CA MET F 265 20.25 39.37 -0.09
C MET F 265 20.62 39.37 -1.56
N CYS F 266 21.76 38.81 -1.93
CA CYS F 266 22.08 38.69 -3.34
C CYS F 266 21.40 37.41 -3.94
N SER F 267 21.33 37.30 -5.25
CA SER F 267 20.54 36.29 -5.94
C SER F 267 21.37 35.10 -6.40
N TYR F 268 20.71 34.06 -6.91
CA TYR F 268 21.35 32.85 -7.42
C TYR F 268 21.88 32.97 -8.84
N ASN F 269 21.22 33.79 -9.63
CA ASN F 269 21.63 34.03 -10.98
C ASN F 269 22.99 34.77 -11.07
N ARG F 270 23.67 34.58 -12.20
CA ARG F 270 24.73 35.46 -12.59
C ARG F 270 24.10 36.60 -13.32
N ILE F 271 24.92 37.62 -13.50
CA ILE F 271 24.61 38.79 -14.28
C ILE F 271 25.81 39.04 -15.17
N ASN F 272 25.63 39.11 -16.49
CA ASN F 272 26.75 39.22 -17.44
C ASN F 272 27.84 38.17 -17.10
N ASN F 273 27.40 36.94 -16.87
CA ASN F 273 28.32 35.84 -16.57
C ASN F 273 29.19 35.95 -15.30
N THR F 274 28.81 36.83 -14.40
CA THR F 274 29.43 36.92 -13.09
C THR F 274 28.39 36.72 -11.97
N HIS F 275 28.70 35.82 -11.03
CA HIS F 275 27.80 35.47 -9.92
C HIS F 275 27.35 36.75 -9.22
N SER F 276 26.06 36.83 -8.88
CA SER F 276 25.51 37.98 -8.19
C SER F 276 26.22 38.21 -6.86
N CYS F 277 26.46 37.15 -6.12
CA CYS F 277 27.01 37.27 -4.77
C CYS F 277 28.48 37.70 -4.78
N SER F 278 29.13 37.74 -5.95
CA SER F 278 30.47 38.25 -6.05
C SER F 278 30.68 39.18 -7.25
N ASN F 279 29.67 39.98 -7.57
CA ASN F 279 29.68 40.86 -8.72
C ASN F 279 30.06 42.29 -8.32
N ALA F 280 31.25 42.72 -8.67
CA ALA F 280 31.75 44.01 -8.18
C ALA F 280 30.91 45.16 -8.70
N LYS F 281 30.50 45.12 -9.95
CA LYS F 281 29.70 46.20 -10.53
C LYS F 281 28.30 46.31 -9.81
N GLY F 282 27.62 45.18 -9.71
CA GLY F 282 26.40 45.05 -8.89
C GLY F 282 26.48 45.51 -7.45
N LEU F 283 27.34 44.88 -6.67
CA LEU F 283 27.39 45.13 -5.21
C LEU F 283 28.20 46.33 -4.76
N ASN F 284 29.44 46.45 -5.20
CA ASN F 284 30.31 47.58 -4.76
C ASN F 284 29.95 48.92 -5.41
N GLN F 285 29.61 48.91 -6.70
CA GLN F 285 29.32 50.13 -7.42
C GLN F 285 27.82 50.40 -7.38
N LEU F 286 26.99 49.52 -7.93
CA LEU F 286 25.61 49.89 -8.07
C LEU F 286 24.88 50.06 -6.72
N LEU F 287 25.03 49.06 -5.89
CA LEU F 287 24.33 49.01 -4.61
C LEU F 287 25.03 49.86 -3.57
N LYS F 288 26.32 49.64 -3.35
CA LYS F 288 27.02 50.33 -2.25
C LYS F 288 27.60 51.74 -2.55
N THR F 289 27.72 52.09 -3.81
CA THR F 289 28.14 53.44 -4.15
C THR F 289 26.89 54.25 -4.55
N GLU F 290 26.20 53.82 -5.60
CA GLU F 290 25.13 54.65 -6.18
C GLU F 290 23.83 54.71 -5.30
N LEU F 291 23.39 53.53 -4.82
CA LEU F 291 22.34 53.47 -3.83
C LEU F 291 22.88 53.75 -2.42
N ASN F 292 24.20 53.91 -2.27
CA ASN F 292 24.80 54.33 -1.03
C ASN F 292 24.40 53.42 0.13
N PHE F 293 24.23 52.12 -0.15
CA PHE F 293 23.74 51.22 0.83
C PHE F 293 24.75 51.05 1.96
N GLN F 294 24.27 51.20 3.18
CA GLN F 294 25.11 51.13 4.34
C GLN F 294 25.05 49.88 5.12
N GLY F 295 24.18 48.96 4.76
CA GLY F 295 23.96 47.71 5.46
C GLY F 295 24.77 46.57 4.89
N GLY F 296 24.38 45.34 5.26
CA GLY F 296 25.10 44.12 4.79
C GLY F 296 24.50 43.40 3.57
N VAL F 297 25.35 42.82 2.73
CA VAL F 297 24.91 41.86 1.74
C VAL F 297 24.98 40.39 2.27
N VAL F 298 23.85 39.73 2.31
CA VAL F 298 23.75 38.34 2.82
C VAL F 298 23.67 37.50 1.59
N SER F 299 24.42 36.41 1.52
CA SER F 299 24.27 35.46 0.39
C SER F 299 22.94 34.66 0.45
N ASN F 300 22.45 34.21 -0.69
CA ASN F 300 21.38 33.21 -0.75
C ASN F 300 21.97 31.96 -0.20
N TRP F 301 21.11 31.04 0.17
CA TRP F 301 21.55 29.75 0.66
C TRP F 301 22.07 28.95 -0.51
N GLY F 302 23.39 28.79 -0.62
CA GLY F 302 24.01 28.31 -1.84
C GLY F 302 24.22 29.35 -2.94
N GLY F 303 24.22 30.62 -2.58
CA GLY F 303 24.48 31.72 -3.53
C GLY F 303 25.96 32.01 -3.69
N GLN F 304 26.79 31.62 -2.72
CA GLN F 304 28.25 31.85 -2.77
C GLN F 304 28.94 30.65 -3.39
N TRP F 305 29.79 30.93 -4.37
CA TRP F 305 30.50 29.94 -5.19
C TRP F 305 32.06 30.01 -5.02
N ASP F 306 32.55 30.89 -4.17
CA ASP F 306 34.00 31.17 -4.08
C ASP F 306 34.30 31.97 -2.82
N SER F 307 35.58 32.01 -2.50
CA SER F 307 36.05 32.65 -1.30
C SER F 307 36.52 34.09 -1.49
N VAL F 308 37.52 34.28 -2.35
CA VAL F 308 38.22 35.55 -2.48
C VAL F 308 37.37 36.61 -3.25
N PRO F 309 36.84 36.27 -4.45
CA PRO F 309 36.01 37.29 -5.15
C PRO F 309 34.80 37.77 -4.33
N ALA F 310 34.11 36.85 -3.64
CA ALA F 310 32.98 37.22 -2.79
C ALA F 310 33.43 38.26 -1.76
N ALA F 311 34.59 38.03 -1.13
CA ALA F 311 35.17 38.97 -0.17
C ALA F 311 35.58 40.33 -0.75
N GLU F 312 36.16 40.34 -1.93
CA GLU F 312 36.67 41.58 -2.53
C GLU F 312 35.55 42.39 -3.15
N ASN F 313 34.51 41.68 -3.59
CA ASN F 313 33.46 42.23 -4.42
C ASN F 313 32.10 42.61 -3.77
N GLY F 314 32.00 42.61 -2.44
CA GLY F 314 30.84 43.25 -1.78
C GLY F 314 29.96 42.35 -0.94
N LEU F 315 30.27 41.05 -0.87
CA LEU F 315 29.49 40.14 -0.03
C LEU F 315 29.86 40.40 1.42
N ASP F 316 28.87 40.44 2.33
CA ASP F 316 29.17 40.62 3.79
C ASP F 316 29.01 39.37 4.73
N VAL F 317 28.09 38.48 4.40
CA VAL F 317 27.70 37.38 5.24
C VAL F 317 27.57 36.13 4.38
N ALA F 318 28.25 35.07 4.76
CA ALA F 318 28.14 33.77 4.10
C ALA F 318 27.06 32.95 4.79
N MET F 319 26.05 32.50 4.05
CA MET F 319 25.01 31.65 4.62
C MET F 319 24.75 30.48 3.73
N PRO F 320 24.45 29.29 4.26
CA PRO F 320 24.22 29.07 5.70
C PRO F 320 25.49 28.66 6.50
N GLY F 321 26.67 28.72 5.87
CA GLY F 321 27.97 28.46 6.53
C GLY F 321 28.06 27.00 6.91
N LYS F 322 28.19 26.71 8.20
CA LYS F 322 28.18 25.33 8.68
C LYS F 322 26.77 24.72 8.75
N GLY F 323 25.71 25.49 8.48
CA GLY F 323 24.38 24.92 8.43
C GLY F 323 24.29 24.01 7.24
N PHE F 324 23.33 23.09 7.32
CA PHE F 324 23.02 22.16 6.22
C PHE F 324 24.23 21.28 5.87
N LEU F 325 24.93 20.84 6.93
CA LEU F 325 26.14 20.00 6.86
C LEU F 325 27.27 20.59 5.99
N GLY F 326 27.27 21.89 5.73
CA GLY F 326 28.21 22.43 4.76
C GLY F 326 27.94 22.11 3.29
N ALA F 327 26.88 21.39 2.96
CA ALA F 327 26.56 21.02 1.56
C ALA F 327 26.33 22.20 0.58
N LEU F 328 25.92 23.36 1.10
CA LEU F 328 25.64 24.52 0.27
C LEU F 328 26.84 25.44 0.18
N GLY F 329 28.02 24.86 0.50
CA GLY F 329 29.29 25.57 0.44
C GLY F 329 29.57 26.21 1.77
N ASP F 330 30.84 26.29 2.10
CA ASP F 330 31.30 26.84 3.35
C ASP F 330 32.64 27.50 3.02
N PHE F 331 32.54 28.59 2.27
CA PHE F 331 33.69 29.19 1.64
C PHE F 331 34.45 30.13 2.58
N TRP F 332 33.87 30.57 3.69
CA TRP F 332 34.57 31.51 4.58
C TRP F 332 34.74 30.76 5.89
N GLY F 333 34.65 31.40 7.05
CA GLY F 333 34.82 30.70 8.35
C GLY F 333 36.31 30.53 8.55
N ALA F 334 36.75 29.30 8.78
CA ALA F 334 38.20 29.03 8.93
C ALA F 334 39.03 29.41 7.66
N THR F 335 38.47 29.15 6.48
CA THR F 335 39.10 29.54 5.21
C THR F 335 39.32 31.09 5.14
N LEU F 336 38.44 31.87 5.73
CA LEU F 336 38.61 33.32 5.74
C LEU F 336 39.70 33.77 6.71
N VAL F 337 39.81 33.10 7.85
CA VAL F 337 40.95 33.28 8.76
C VAL F 337 42.28 33.07 8.06
N GLU F 338 42.39 31.96 7.34
CA GLU F 338 43.61 31.61 6.60
C GLU F 338 43.91 32.69 5.57
N LEU F 339 42.90 33.11 4.81
CA LEU F 339 43.08 34.18 3.80
C LEU F 339 43.45 35.54 4.36
N ILE F 340 43.02 35.89 5.55
CA ILE F 340 43.45 37.17 6.17
C ILE F 340 44.89 37.10 6.66
N ASN F 341 45.20 36.03 7.40
CA ASN F 341 46.54 35.77 7.98
C ASN F 341 47.60 35.53 6.91
N ASN F 342 47.28 34.81 5.82
CA ASN F 342 48.26 34.69 4.72
C ASN F 342 48.27 35.90 3.78
N GLY F 343 47.55 36.99 4.11
CA GLY F 343 47.65 38.27 3.38
C GLY F 343 46.77 38.48 2.13
N THR F 344 46.03 37.46 1.71
CA THR F 344 45.29 37.52 0.46
C THR F 344 44.04 38.44 0.55
N VAL F 345 43.32 38.37 1.66
CA VAL F 345 42.19 39.25 1.94
C VAL F 345 42.52 40.20 3.10
N SER F 346 42.46 41.50 2.83
CA SER F 346 42.66 42.56 3.80
C SER F 346 41.72 42.50 5.04
N GLU F 347 42.30 42.70 6.21
CA GLU F 347 41.51 42.82 7.42
C GLU F 347 40.61 44.08 7.46
N ASP F 348 41.00 45.21 6.89
CA ASP F 348 40.09 46.35 6.80
C ASP F 348 38.77 46.01 6.07
N LEU F 349 38.92 45.26 4.99
CA LEU F 349 37.81 44.83 4.15
C LEU F 349 36.81 44.06 4.98
N VAL F 350 37.29 43.08 5.74
CA VAL F 350 36.42 42.22 6.56
C VAL F 350 35.85 42.91 7.81
N ARG F 351 36.59 43.89 8.31
CA ARG F 351 36.04 44.73 9.37
C ARG F 351 34.82 45.47 8.89
N ASP F 352 34.86 45.97 7.65
CA ASP F 352 33.71 46.66 7.09
C ASP F 352 32.47 45.73 6.98
N LYS F 353 32.68 44.46 6.68
CA LYS F 353 31.58 43.52 6.71
C LYS F 353 31.00 43.39 8.11
N ALA F 354 31.84 43.22 9.12
CA ALA F 354 31.31 43.06 10.50
C ALA F 354 30.54 44.28 11.03
N VAL F 355 31.03 45.46 10.71
CA VAL F 355 30.36 46.74 10.95
C VAL F 355 29.03 46.82 10.24
N ARG F 356 28.98 46.37 8.99
CA ARG F 356 27.69 46.38 8.31
C ARG F 356 26.71 45.50 9.05
N ILE F 357 27.20 44.40 9.64
CA ILE F 357 26.28 43.47 10.28
C ILE F 357 25.80 44.02 11.60
N LEU F 358 26.75 44.59 12.34
CA LEU F 358 26.46 45.09 13.66
C LEU F 358 25.71 46.41 13.69
N THR F 359 25.66 47.13 12.57
CA THR F 359 24.90 48.36 12.55
C THR F 359 23.41 48.13 12.77
N GLY F 360 22.92 47.05 12.19
CA GLY F 360 21.52 46.62 12.34
C GLY F 360 21.18 46.31 13.78
N TYR F 361 22.04 45.48 14.37
CA TYR F 361 21.98 45.07 15.75
C TYR F 361 21.75 46.21 16.71
N TYR F 362 22.54 47.25 16.54
CA TYR F 362 22.49 48.40 17.46
C TYR F 362 21.41 49.36 17.09
N TYR F 363 21.14 49.59 15.80
CA TYR F 363 20.01 50.51 15.41
C TYR F 363 18.65 50.01 15.90
N LEU F 364 18.38 48.71 15.74
CA LEU F 364 17.11 48.18 16.23
C LEU F 364 17.07 47.94 17.76
N GLY F 365 18.16 48.18 18.48
CA GLY F 365 18.13 48.06 19.91
C GLY F 365 18.09 46.63 20.37
N GLN F 366 18.75 45.72 19.66
CA GLN F 366 18.75 44.32 20.05
C GLN F 366 19.75 44.03 21.18
N ASP F 367 20.69 44.94 21.45
CA ASP F 367 21.57 44.77 22.60
C ASP F 367 20.80 45.06 23.93
N THR F 368 19.95 46.07 23.92
CA THR F 368 19.26 46.51 25.14
C THR F 368 17.87 45.95 25.24
N ASN F 369 17.33 45.47 24.13
CA ASN F 369 16.13 44.69 24.17
C ASN F 369 16.25 43.42 23.31
N PRO F 370 17.00 42.41 23.80
CA PRO F 370 17.25 41.26 22.94
C PRO F 370 15.94 40.55 22.61
N PRO F 371 15.84 39.97 21.40
CA PRO F 371 14.67 39.13 21.18
C PRO F 371 14.64 37.94 22.14
N PRO F 372 13.44 37.40 22.41
CA PRO F 372 13.39 36.14 23.19
C PRO F 372 14.10 35.01 22.45
N PRO F 373 14.30 33.87 23.12
CA PRO F 373 14.92 32.73 22.42
C PRO F 373 13.98 32.09 21.41
N PHE F 374 14.56 31.56 20.34
CA PHE F 374 13.88 30.95 19.21
C PHE F 374 13.81 29.45 19.47
N VAL F 375 12.61 28.86 19.47
CA VAL F 375 12.46 27.50 20.04
C VAL F 375 12.07 26.35 19.09
N TYR F 376 11.91 26.63 17.80
CA TYR F 376 11.40 25.64 16.85
C TYR F 376 12.58 25.17 16.04
N ASN F 377 12.61 23.88 15.73
CA ASN F 377 13.50 23.31 14.70
C ASN F 377 12.88 23.48 13.32
N THR F 378 13.31 24.52 12.59
CA THR F 378 12.80 24.81 11.24
C THR F 378 13.66 24.24 10.09
N ILE F 379 14.70 23.48 10.47
CA ILE F 379 15.57 22.79 9.54
C ILE F 379 15.10 21.37 9.26
N GLY F 380 14.75 20.62 10.32
CA GLY F 380 14.31 19.22 10.24
C GLY F 380 15.40 18.18 10.34
N ALA F 381 15.04 17.01 10.88
CA ALA F 381 15.95 15.85 10.98
C ALA F 381 15.90 15.15 9.64
N PRO F 382 17.00 14.57 9.15
CA PRO F 382 18.29 14.33 9.85
C PRO F 382 19.34 15.49 9.88
N THR F 383 19.10 16.53 9.07
CA THR F 383 20.02 17.66 8.93
C THR F 383 20.32 18.30 10.26
N LEU F 384 19.29 18.67 11.02
CA LEU F 384 19.41 19.09 12.43
C LEU F 384 18.51 18.25 13.30
N ASN F 385 19.10 17.78 14.40
CA ASN F 385 18.49 16.88 15.35
C ASN F 385 18.38 17.70 16.63
N ALA F 386 17.15 18.11 16.94
CA ALA F 386 16.90 19.02 18.06
C ALA F 386 15.41 19.04 18.17
N THR F 387 14.91 19.06 19.39
CA THR F 387 13.51 19.05 19.64
C THR F 387 13.02 20.53 19.56
N SER F 388 11.70 20.71 19.45
CA SER F 388 11.11 22.02 19.41
C SER F 388 10.39 22.35 20.70
N GLY F 389 10.37 23.64 21.03
CA GLY F 389 9.59 24.14 22.12
C GLY F 389 8.24 24.46 21.56
N TYR F 390 7.49 25.25 22.30
CA TYR F 390 6.24 25.81 21.82
C TYR F 390 6.07 27.27 22.29
N ARG F 391 5.63 28.15 21.41
CA ARG F 391 5.26 29.50 21.76
C ARG F 391 4.14 30.02 20.84
N ASN F 392 3.09 30.59 21.45
CA ASN F 392 1.99 31.25 20.76
C ASN F 392 2.11 32.80 20.74
N VAL F 393 2.19 33.38 19.54
CA VAL F 393 2.42 34.80 19.38
C VAL F 393 1.30 35.52 18.61
N ARG F 394 0.19 34.81 18.38
CA ARG F 394 -0.94 35.33 17.65
C ARG F 394 -1.64 36.27 18.56
N LYS F 395 -1.55 37.54 18.24
CA LYS F 395 -2.21 38.59 18.98
C LYS F 395 -3.62 38.75 18.48
N PRO F 396 -4.51 39.30 19.32
CA PRO F 396 -5.84 39.65 18.84
C PRO F 396 -5.77 40.80 17.84
N GLY F 397 -6.67 40.84 16.87
CA GLY F 397 -6.53 41.82 15.78
C GLY F 397 -5.82 41.27 14.53
N THR F 398 -4.94 40.29 14.70
CA THR F 398 -4.21 39.78 13.56
C THR F 398 -5.17 39.04 12.56
N ALA F 399 -6.08 38.21 13.06
CA ALA F 399 -6.98 37.49 12.15
C ALA F 399 -7.87 38.43 11.32
N GLU F 400 -8.32 39.51 11.96
CA GLU F 400 -9.16 40.53 11.35
C GLU F 400 -8.35 41.25 10.27
N LEU F 401 -7.14 41.67 10.59
CA LEU F 401 -6.30 42.22 9.58
C LEU F 401 -6.18 41.26 8.35
N ILE F 402 -5.93 39.97 8.58
CA ILE F 402 -5.75 39.00 7.48
C ILE F 402 -7.04 38.88 6.67
N LYS F 403 -8.18 38.92 7.34
CA LYS F 403 -9.43 38.95 6.66
C LYS F 403 -9.67 40.21 5.79
N GLU F 404 -9.34 41.40 6.31
CA GLU F 404 -9.48 42.67 5.57
C GLU F 404 -8.61 42.72 4.31
N ILE F 405 -7.44 42.12 4.36
CA ILE F 405 -6.58 42.07 3.20
C ILE F 405 -7.20 41.21 2.09
N GLY F 406 -7.82 40.10 2.49
CA GLY F 406 -8.54 39.22 1.55
C GLY F 406 -9.75 39.93 0.93
N SER F 407 -10.54 40.60 1.77
CA SER F 407 -11.72 41.31 1.26
C SER F 407 -11.39 42.51 0.38
N ALA F 408 -10.28 43.18 0.61
CA ALA F 408 -9.85 44.31 -0.21
C ALA F 408 -9.09 43.86 -1.49
N SER F 409 -8.65 42.62 -1.57
CA SER F 409 -7.86 42.15 -2.70
C SER F 409 -8.66 41.30 -3.70
N VAL F 410 -9.71 40.63 -3.28
CA VAL F 410 -10.42 39.79 -4.20
C VAL F 410 -10.85 40.69 -5.39
N THR F 411 -10.58 40.20 -6.60
CA THR F 411 -10.66 40.99 -7.80
C THR F 411 -11.75 40.45 -8.76
N LEU F 412 -12.76 41.28 -9.00
CA LEU F 412 -13.86 40.89 -9.88
C LEU F 412 -13.43 41.08 -11.33
N LEU F 413 -13.38 40.02 -12.11
CA LEU F 413 -12.99 40.14 -13.52
C LEU F 413 -14.15 40.13 -14.52
N LYS F 414 -15.18 39.37 -14.19
CA LYS F 414 -16.35 39.26 -15.01
C LYS F 414 -17.60 39.20 -14.11
N ASN F 415 -18.66 39.86 -14.56
CA ASN F 415 -19.92 39.88 -13.88
C ASN F 415 -21.01 40.31 -14.86
N THR F 416 -21.77 39.36 -15.37
CA THR F 416 -22.92 39.64 -16.18
C THR F 416 -24.20 39.92 -15.34
N GLY F 417 -24.11 40.01 -14.02
CA GLY F 417 -25.24 40.40 -13.13
C GLY F 417 -25.64 39.34 -12.08
N SER F 418 -24.92 38.22 -12.03
CA SER F 418 -25.16 37.22 -11.01
C SER F 418 -24.62 37.66 -9.61
N LEU F 419 -23.71 38.65 -9.53
CA LEU F 419 -23.23 39.12 -8.21
C LEU F 419 -23.62 40.58 -8.05
N PRO F 420 -23.81 41.08 -6.83
CA PRO F 420 -23.79 40.29 -5.62
C PRO F 420 -24.97 39.31 -5.54
N LEU F 421 -24.75 38.23 -4.78
CA LEU F 421 -25.85 37.30 -4.44
C LEU F 421 -26.85 37.98 -3.53
N LYS F 422 -28.04 37.46 -3.59
CA LYS F 422 -29.12 37.87 -2.78
C LYS F 422 -29.46 37.01 -1.60
N HIS F 423 -30.18 35.92 -1.79
CA HIS F 423 -30.48 34.96 -0.67
C HIS F 423 -30.81 33.64 -1.33
N PRO F 424 -29.93 33.13 -2.20
CA PRO F 424 -30.34 31.96 -2.97
C PRO F 424 -30.54 30.76 -2.09
N GLN F 425 -31.42 29.90 -2.53
CA GLN F 425 -31.98 28.88 -1.69
C GLN F 425 -31.26 27.51 -1.91
N ARG F 426 -30.63 27.32 -3.06
CA ARG F 426 -30.01 26.01 -3.37
C ARG F 426 -28.67 26.29 -4.02
N ILE F 427 -27.60 25.91 -3.34
CA ILE F 427 -26.26 26.28 -3.73
C ILE F 427 -25.44 25.03 -3.95
N ALA F 428 -24.74 25.00 -5.07
CA ALA F 428 -23.76 23.96 -5.37
C ALA F 428 -22.35 24.56 -5.38
N VAL F 429 -21.40 23.74 -4.93
CA VAL F 429 -20.01 24.09 -4.86
C VAL F 429 -19.18 22.97 -5.50
N LEU F 430 -18.30 23.33 -6.42
CA LEU F 430 -17.37 22.37 -7.02
C LEU F 430 -15.89 22.66 -6.67
N GLY F 431 -15.15 21.60 -6.34
CA GLY F 431 -13.66 21.60 -6.40
C GLY F 431 -13.03 21.45 -5.04
N ASN F 432 -11.90 20.77 -4.96
CA ASN F 432 -11.26 20.53 -3.69
C ASN F 432 -10.71 21.83 -3.09
N ASP F 433 -10.51 22.86 -3.91
CA ASP F 433 -10.11 24.20 -3.46
C ASP F 433 -11.15 24.86 -2.55
N ALA F 434 -12.36 24.31 -2.46
CA ALA F 434 -13.36 24.84 -1.55
C ALA F 434 -13.21 24.31 -0.14
N THR F 435 -12.39 23.29 0.09
CA THR F 435 -12.28 22.70 1.43
C THR F 435 -10.83 22.43 1.82
N TYR F 436 -10.61 21.68 2.89
CA TYR F 436 -9.27 21.47 3.46
C TYR F 436 -8.38 20.59 2.58
N ASN F 437 -7.08 20.76 2.70
CA ASN F 437 -6.14 19.72 2.28
C ASN F 437 -6.57 18.44 2.99
N VAL F 438 -6.71 17.35 2.26
CA VAL F 438 -7.26 16.14 2.80
C VAL F 438 -6.29 15.46 3.83
N LEU F 439 -5.05 15.96 3.93
CA LEU F 439 -4.05 15.41 4.80
C LEU F 439 -3.71 16.43 5.87
N GLY F 440 -4.43 17.58 5.88
CA GLY F 440 -4.26 18.64 6.87
C GLY F 440 -3.56 19.86 6.30
N PRO F 441 -3.87 21.05 6.81
CA PRO F 441 -3.31 22.29 6.24
C PRO F 441 -1.79 22.29 6.10
N ASN F 442 -1.10 21.67 7.05
CA ASN F 442 0.36 21.67 7.02
C ASN F 442 0.91 20.35 6.58
N ALA F 443 0.15 19.56 5.83
CA ALA F 443 0.65 18.23 5.46
C ALA F 443 1.89 18.25 4.51
N CYS F 444 2.01 19.35 3.78
CA CYS F 444 3.05 19.56 2.80
C CYS F 444 4.38 19.96 3.45
N GLY F 445 4.44 20.03 4.80
CA GLY F 445 5.71 20.12 5.53
C GLY F 445 6.18 21.57 5.68
N LEU F 446 7.42 21.74 6.11
CA LEU F 446 7.92 23.08 6.50
C LEU F 446 8.07 24.09 5.35
N ALA F 447 8.10 23.62 4.11
CA ALA F 447 8.21 24.52 2.95
C ALA F 447 6.97 24.51 2.05
N ASN F 448 5.87 23.91 2.52
CA ASN F 448 4.66 23.71 1.72
C ASN F 448 4.94 23.16 0.30
N SER F 449 5.79 22.14 0.25
CA SER F 449 6.15 21.56 -1.05
C SER F 449 6.39 20.06 -1.07
N ALA F 450 6.06 19.34 0.00
CA ALA F 450 6.38 17.92 0.07
C ALA F 450 5.18 16.99 -0.13
N CYS F 451 3.98 17.50 -0.45
CA CYS F 451 2.86 16.61 -0.73
C CYS F 451 3.00 16.11 -2.13
N ASP F 452 2.38 14.96 -2.40
CA ASP F 452 2.39 14.29 -3.69
C ASP F 452 1.77 15.14 -4.83
N ILE F 453 2.32 14.98 -6.05
CA ILE F 453 1.85 15.61 -7.30
C ILE F 453 0.33 15.60 -7.49
N ASP F 454 -0.34 14.52 -7.11
CA ASP F 454 -1.82 14.48 -7.22
C ASP F 454 -2.62 14.75 -5.94
N ASN F 455 -1.98 15.07 -4.83
CA ASN F 455 -2.74 15.31 -3.62
C ASN F 455 -3.73 16.50 -3.76
N LEU F 456 -4.88 16.36 -3.10
CA LEU F 456 -5.88 17.41 -3.06
C LEU F 456 -5.51 18.30 -1.92
N ASN F 457 -4.78 19.35 -2.24
CA ASN F 457 -4.20 20.23 -1.20
C ASN F 457 -5.20 21.19 -0.57
N GLY F 458 -6.44 21.07 -1.01
CA GLY F 458 -7.47 22.02 -0.65
C GLY F 458 -7.19 23.46 -1.04
N THR F 459 -7.70 24.37 -0.23
CA THR F 459 -7.70 25.74 -0.59
C THR F 459 -6.27 26.25 -0.71
N LEU F 460 -5.96 27.00 -1.75
CA LEU F 460 -4.56 27.46 -1.93
C LEU F 460 -4.47 28.79 -1.26
N THR F 461 -3.91 28.78 -0.06
CA THR F 461 -3.78 29.95 0.77
C THR F 461 -2.36 30.58 0.77
N THR F 462 -1.38 29.81 0.25
CA THR F 462 -0.02 30.28 0.05
C THR F 462 0.70 29.40 -0.99
N GLY F 463 1.85 29.83 -1.45
CA GLY F 463 2.59 29.04 -2.43
C GLY F 463 3.62 28.15 -1.74
N GLY F 464 4.47 27.51 -2.54
CA GLY F 464 5.51 26.59 -2.04
C GLY F 464 6.92 27.18 -2.02
N GLY F 465 7.69 26.79 -1.02
CA GLY F 465 9.13 27.06 -0.88
C GLY F 465 9.40 27.82 0.40
N SER F 466 10.55 28.49 0.44
CA SER F 466 11.00 29.23 1.60
C SER F 466 10.12 30.39 2.02
N GLY F 467 9.24 30.85 1.13
CA GLY F 467 8.27 31.92 1.49
C GLY F 467 6.89 31.50 1.94
N SER F 468 6.68 30.21 2.20
CA SER F 468 5.43 29.75 2.81
C SER F 468 5.46 29.90 4.34
N ALA F 469 4.38 29.51 5.01
CA ALA F 469 4.31 29.45 6.48
C ALA F 469 3.22 28.50 6.85
N LEU F 470 3.34 27.98 8.05
CA LEU F 470 2.29 27.14 8.60
C LEU F 470 1.03 27.95 8.82
N SER F 471 -0.05 27.25 8.94
CA SER F 471 -1.37 27.83 9.12
C SER F 471 -1.88 27.18 10.39
N PRO F 472 -2.46 27.95 11.27
CA PRO F 472 -3.09 27.40 12.47
C PRO F 472 -4.49 26.76 12.22
N TYR F 473 -5.09 27.06 11.07
CA TYR F 473 -6.37 26.58 10.64
C TYR F 473 -6.59 27.17 9.26
N THR F 474 -7.47 26.56 8.46
CA THR F 474 -7.93 27.20 7.23
C THR F 474 -9.44 27.38 7.34
N ILE F 475 -9.90 28.63 7.17
CA ILE F 475 -11.33 28.89 7.03
C ILE F 475 -11.67 28.65 5.56
N THR F 476 -12.38 27.58 5.29
CA THR F 476 -12.60 27.16 3.94
C THR F 476 -13.73 28.00 3.31
N PRO F 477 -13.68 28.26 2.00
CA PRO F 477 -14.81 28.86 1.33
C PRO F 477 -16.10 28.06 1.57
N LEU F 478 -16.03 26.71 1.62
CA LEU F 478 -17.24 25.92 1.79
C LEU F 478 -17.93 26.21 3.15
N GLU F 479 -17.16 26.22 4.23
CA GLU F 479 -17.75 26.49 5.53
C GLU F 479 -18.23 27.95 5.67
N ALA F 480 -17.56 28.90 5.04
CA ALA F 480 -18.02 30.28 5.03
C ALA F 480 -19.31 30.40 4.20
N LEU F 481 -19.35 29.74 3.03
CA LEU F 481 -20.59 29.70 2.26
C LEU F 481 -21.72 29.00 2.99
N GLN F 482 -21.42 27.89 3.67
CA GLN F 482 -22.45 27.16 4.40
C GLN F 482 -23.02 28.03 5.52
N LYS F 483 -22.16 28.74 6.24
CA LYS F 483 -22.62 29.61 7.30
C LYS F 483 -23.63 30.64 6.78
N ARG F 484 -23.34 31.26 5.65
CA ARG F 484 -24.31 32.15 5.03
C ARG F 484 -25.60 31.43 4.56
N ALA F 485 -25.48 30.24 3.98
CA ALA F 485 -26.62 29.47 3.54
C ALA F 485 -27.61 29.13 4.67
N ILE F 486 -27.09 28.72 5.80
CA ILE F 486 -27.87 28.44 7.02
C ILE F 486 -28.64 29.71 7.50
N GLU F 487 -28.04 30.90 7.37
CA GLU F 487 -28.68 32.15 7.74
C GLU F 487 -29.87 32.44 6.84
N ASP F 488 -29.80 32.04 5.58
CA ASP F 488 -30.92 32.24 4.63
C ASP F 488 -31.85 31.04 4.58
N ASN F 489 -31.66 30.06 5.48
CA ASN F 489 -32.47 28.83 5.46
C ASN F 489 -32.38 28.11 4.14
N ALA F 490 -31.16 28.07 3.57
CA ALA F 490 -30.95 27.49 2.21
C ALA F 490 -30.32 26.14 2.35
N GLU F 491 -30.19 25.44 1.23
CA GLU F 491 -29.41 24.22 1.20
C GLU F 491 -28.17 24.40 0.34
N ILE F 492 -27.17 23.59 0.63
CA ILE F 492 -25.87 23.69 0.01
C ILE F 492 -25.23 22.32 0.02
N ALA F 493 -24.59 22.03 -1.09
CA ALA F 493 -23.94 20.76 -1.30
C ALA F 493 -22.68 21.02 -2.14
N ALA F 494 -21.59 20.33 -1.79
CA ALA F 494 -20.30 20.44 -2.49
C ALA F 494 -19.68 19.09 -2.96
N VAL F 495 -19.25 19.01 -4.21
CA VAL F 495 -18.46 17.89 -4.63
C VAL F 495 -17.00 18.34 -4.59
N VAL F 496 -16.19 17.71 -3.74
CA VAL F 496 -14.82 18.13 -3.50
C VAL F 496 -13.74 17.13 -3.85
N ALA F 497 -14.13 16.01 -4.42
CA ALA F 497 -13.19 14.99 -4.79
C ALA F 497 -12.55 15.35 -6.16
N ASN F 498 -11.58 14.58 -6.62
CA ASN F 498 -11.10 14.77 -7.98
C ASN F 498 -12.20 14.24 -8.92
N SER F 499 -12.75 15.12 -9.76
CA SER F 499 -13.81 14.78 -10.71
C SER F 499 -13.39 13.75 -11.76
N ASN F 500 -12.10 13.61 -12.05
CA ASN F 500 -11.64 12.67 -13.08
C ASN F 500 -11.37 11.26 -12.51
N THR F 501 -10.86 11.15 -11.29
CA THR F 501 -10.38 9.85 -10.79
C THR F 501 -11.25 9.22 -9.71
N THR F 502 -12.24 9.90 -9.14
CA THR F 502 -13.08 9.34 -8.08
C THR F 502 -14.36 8.75 -8.68
N THR F 503 -14.63 7.50 -8.35
CA THR F 503 -15.77 6.76 -8.85
C THR F 503 -17.03 7.49 -8.48
N GLY F 504 -17.88 7.77 -9.46
CA GLY F 504 -19.16 8.45 -9.19
C GLY F 504 -19.14 9.97 -9.20
N ALA F 505 -17.98 10.59 -9.40
CA ALA F 505 -17.88 12.04 -9.19
C ALA F 505 -18.59 12.83 -10.27
N GLU F 506 -18.48 12.38 -11.50
CA GLU F 506 -19.17 13.05 -12.62
C GLU F 506 -20.69 12.90 -12.57
N ASP F 507 -21.21 11.72 -12.19
CA ASP F 507 -22.65 11.57 -12.03
C ASP F 507 -23.19 12.49 -10.93
N ALA F 508 -22.45 12.58 -9.81
CA ALA F 508 -22.89 13.42 -8.71
C ALA F 508 -22.98 14.86 -9.21
N ILE F 509 -21.97 15.34 -9.94
CA ILE F 509 -21.96 16.69 -10.44
C ILE F 509 -23.17 16.92 -11.35
N ALA F 510 -23.46 15.94 -12.24
CA ALA F 510 -24.61 16.03 -13.17
C ALA F 510 -25.97 16.01 -12.47
N ALA F 511 -26.13 15.30 -11.36
CA ALA F 511 -27.42 15.30 -10.59
C ALA F 511 -27.66 16.54 -9.73
N LEU F 512 -26.57 17.10 -9.22
CA LEU F 512 -26.61 18.25 -8.29
C LEU F 512 -26.80 19.60 -9.01
N LEU F 513 -26.04 19.86 -10.03
CA LEU F 513 -26.00 21.19 -10.65
C LEU F 513 -27.30 21.74 -11.26
N PRO F 514 -28.09 20.93 -11.98
CA PRO F 514 -29.19 21.57 -12.71
C PRO F 514 -30.26 22.15 -11.85
N ASP F 515 -30.40 21.75 -10.59
CA ASP F 515 -31.40 22.41 -9.73
C ASP F 515 -30.87 23.53 -8.87
N ALA F 516 -29.58 23.85 -8.97
CA ALA F 516 -29.05 24.88 -8.08
C ALA F 516 -29.29 26.21 -8.70
N ASP F 517 -29.56 27.19 -7.84
CA ASP F 517 -29.74 28.58 -8.26
C ASP F 517 -28.39 29.21 -8.65
N VAL F 518 -27.30 28.72 -8.05
CA VAL F 518 -25.99 29.21 -8.31
C VAL F 518 -25.03 28.10 -7.99
N THR F 519 -23.99 27.96 -8.83
CA THR F 519 -22.93 26.98 -8.62
C THR F 519 -21.56 27.67 -8.59
N PHE F 520 -20.86 27.51 -7.47
CA PHE F 520 -19.55 28.09 -7.28
C PHE F 520 -18.55 27.08 -7.71
N VAL F 521 -17.62 27.46 -8.60
CA VAL F 521 -16.48 26.62 -8.94
C VAL F 521 -15.17 27.23 -8.45
N PHE F 522 -14.50 26.51 -7.56
CA PHE F 522 -13.26 26.87 -6.96
C PHE F 522 -12.10 26.16 -7.64
N LEU F 523 -11.15 26.95 -8.10
CA LEU F 523 -10.01 26.51 -8.92
C LEU F 523 -8.71 27.05 -8.30
N ASN F 524 -7.66 26.25 -8.42
CA ASN F 524 -6.37 26.66 -7.95
C ASN F 524 -5.23 26.28 -8.86
N ARG F 525 -4.07 26.89 -8.58
CA ARG F 525 -2.86 26.69 -9.37
C ARG F 525 -1.65 26.92 -8.46
N TYR F 526 -1.25 25.85 -7.78
CA TYR F 526 -0.04 25.81 -7.00
C TYR F 526 1.24 25.98 -7.90
N SER F 527 2.17 26.81 -7.42
CA SER F 527 3.54 26.85 -7.91
C SER F 527 4.49 27.06 -6.70
N GLU F 528 5.79 26.91 -6.96
CA GLU F 528 6.77 26.89 -5.89
C GLU F 528 8.12 27.30 -6.34
N GLU F 529 8.97 27.70 -5.38
CA GLU F 529 10.37 28.04 -5.66
C GLU F 529 11.00 26.74 -6.13
N GLY F 530 11.98 26.89 -7.03
CA GLY F 530 12.73 25.74 -7.56
C GLY F 530 12.34 25.37 -8.97
N ALA F 531 11.15 25.74 -9.41
CA ALA F 531 10.67 25.41 -10.75
C ALA F 531 9.76 26.53 -11.25
N ASP F 532 9.64 26.71 -12.53
CA ASP F 532 8.64 27.62 -13.07
C ASP F 532 7.44 26.78 -13.58
N ALA F 533 6.30 27.44 -13.68
CA ALA F 533 5.12 26.80 -14.18
C ALA F 533 5.43 26.59 -15.64
N PRO F 534 5.11 25.39 -16.15
CA PRO F 534 5.37 25.04 -17.56
C PRO F 534 4.44 25.74 -18.54
N ASP F 535 3.26 26.17 -18.08
CA ASP F 535 2.30 26.86 -18.91
C ASP F 535 1.27 27.50 -17.95
N PHE F 536 0.15 28.01 -18.46
CA PHE F 536 -0.90 28.63 -17.66
C PHE F 536 -1.97 27.62 -17.26
N SER F 537 -1.80 26.34 -17.52
CA SER F 537 -2.88 25.39 -17.22
C SER F 537 -3.27 25.37 -15.72
N LEU F 538 -4.56 25.16 -15.48
CA LEU F 538 -5.10 25.02 -14.13
C LEU F 538 -4.54 23.81 -13.44
N GLY F 539 -4.35 23.93 -12.12
CA GLY F 539 -3.95 22.78 -11.32
C GLY F 539 -5.06 21.72 -11.19
N GLY F 540 -4.65 20.46 -10.93
CA GLY F 540 -5.59 19.39 -10.60
C GLY F 540 -6.55 19.11 -11.73
N ASP F 541 -7.82 18.93 -11.35
CA ASP F 541 -8.90 18.58 -12.30
C ASP F 541 -9.70 19.85 -12.70
N GLY F 542 -9.17 21.02 -12.45
CA GLY F 542 -9.88 22.19 -12.80
C GLY F 542 -10.49 22.30 -14.20
N ASP F 543 -9.78 21.90 -15.24
CA ASP F 543 -10.31 21.90 -16.61
C ASP F 543 -11.59 21.08 -16.71
N ASN F 544 -11.54 19.86 -16.20
CA ASN F 544 -12.66 19.00 -16.20
C ASN F 544 -13.78 19.62 -15.35
N LEU F 545 -13.48 20.20 -14.18
CA LEU F 545 -14.56 20.86 -13.34
C LEU F 545 -15.31 21.91 -14.13
N MET F 546 -14.57 22.66 -14.93
CA MET F 546 -15.19 23.69 -15.74
C MET F 546 -16.02 23.16 -16.86
N ASP F 547 -15.52 22.15 -17.56
CA ASP F 547 -16.27 21.53 -18.66
C ASP F 547 -17.62 21.04 -18.12
N LEU F 548 -17.61 20.44 -16.93
CA LEU F 548 -18.84 19.90 -16.35
C LEU F 548 -19.77 20.99 -15.85
N ALA F 549 -19.20 21.99 -15.19
CA ALA F 549 -20.00 23.12 -14.68
C ALA F 549 -20.81 23.82 -15.75
N VAL F 550 -20.19 24.19 -16.87
CA VAL F 550 -20.90 24.93 -17.91
C VAL F 550 -21.86 24.04 -18.67
N THR F 551 -21.70 22.72 -18.57
CA THR F 551 -22.63 21.76 -19.20
C THR F 551 -23.95 21.66 -18.46
N TYR F 552 -23.89 21.79 -17.13
CA TYR F 552 -25.03 21.49 -16.28
C TYR F 552 -25.66 22.69 -15.54
N SER F 553 -25.07 23.87 -15.65
CA SER F 553 -25.60 25.01 -14.93
C SER F 553 -25.42 26.28 -15.71
N SER F 554 -26.41 27.16 -15.63
CA SER F 554 -26.38 28.47 -16.30
C SER F 554 -26.00 29.65 -15.40
N ASN F 555 -25.68 29.35 -14.13
CA ASN F 555 -25.24 30.38 -13.23
C ASN F 555 -23.96 29.94 -12.51
N VAL F 556 -22.83 29.95 -13.23
CA VAL F 556 -21.54 29.52 -12.71
C VAL F 556 -20.69 30.72 -12.30
N VAL F 557 -20.25 30.71 -11.05
CA VAL F 557 -19.41 31.74 -10.50
C VAL F 557 -18.07 31.12 -10.19
N VAL F 558 -17.04 31.59 -10.83
CA VAL F 558 -15.74 31.01 -10.67
C VAL F 558 -14.85 31.77 -9.74
N VAL F 559 -14.14 31.08 -8.84
CA VAL F 559 -13.26 31.73 -7.88
C VAL F 559 -11.92 31.04 -7.99
N ILE F 560 -10.84 31.84 -8.13
CA ILE F 560 -9.51 31.35 -8.46
C ILE F 560 -8.53 31.71 -7.38
N HIS F 561 -7.96 30.68 -6.75
CA HIS F 561 -6.89 30.87 -5.81
C HIS F 561 -5.62 30.48 -6.57
N THR F 562 -4.66 31.39 -6.65
CA THR F 562 -3.52 31.17 -7.52
C THR F 562 -2.31 32.01 -7.21
N THR F 563 -1.15 31.51 -7.68
CA THR F 563 0.11 32.19 -7.63
C THR F 563 0.37 33.06 -8.82
N GLY F 564 -0.47 32.95 -9.83
CA GLY F 564 -0.24 33.71 -11.08
C GLY F 564 -1.38 33.53 -12.06
N VAL F 565 -1.22 34.20 -13.19
CA VAL F 565 -2.14 34.09 -14.29
C VAL F 565 -2.36 32.62 -14.67
N VAL F 566 -3.61 32.29 -15.02
CA VAL F 566 -3.99 30.99 -15.52
C VAL F 566 -4.82 31.12 -16.80
N ASP F 567 -5.00 30.03 -17.50
CA ASP F 567 -5.71 29.99 -18.77
C ASP F 567 -7.14 29.52 -18.54
N ILE F 568 -8.08 30.46 -18.70
CA ILE F 568 -9.50 30.24 -18.63
C ILE F 568 -10.24 30.54 -19.97
N GLU F 569 -9.47 30.63 -21.07
CA GLU F 569 -9.96 31.02 -22.41
C GLU F 569 -11.12 30.15 -22.93
N LYS F 570 -11.08 28.87 -22.65
CA LYS F 570 -12.16 27.98 -23.08
C LYS F 570 -13.54 28.33 -22.39
N TRP F 571 -13.56 29.07 -21.29
CA TRP F 571 -14.76 29.33 -20.49
C TRP F 571 -15.09 30.80 -20.23
N ALA F 572 -14.12 31.71 -20.31
CA ALA F 572 -14.36 33.10 -19.87
C ALA F 572 -15.50 33.79 -20.65
N ASP F 573 -15.67 33.44 -21.91
CA ASP F 573 -16.76 33.95 -22.77
C ASP F 573 -17.98 33.02 -22.89
N ASN F 574 -17.98 31.86 -22.26
CA ASN F 574 -19.22 31.08 -22.14
C ASN F 574 -20.26 31.83 -21.29
N PRO F 575 -21.44 32.11 -21.84
CA PRO F 575 -22.45 32.83 -21.05
C PRO F 575 -22.97 32.10 -19.81
N ASN F 576 -22.80 30.78 -19.72
CA ASN F 576 -23.04 30.09 -18.45
C ASN F 576 -22.06 30.47 -17.30
N VAL F 577 -20.95 31.08 -17.62
CA VAL F 577 -20.08 31.63 -16.59
C VAL F 577 -20.50 33.09 -16.40
N THR F 578 -21.25 33.37 -15.36
CA THR F 578 -21.76 34.66 -15.13
C THR F 578 -20.86 35.53 -14.31
N ALA F 579 -19.92 34.95 -13.57
CA ALA F 579 -18.88 35.73 -12.91
C ALA F 579 -17.59 34.99 -12.67
N ILE F 580 -16.52 35.76 -12.59
CA ILE F 580 -15.15 35.27 -12.39
C ILE F 580 -14.41 36.24 -11.46
N LEU F 581 -13.78 35.69 -10.41
CA LEU F 581 -13.09 36.41 -9.34
C LEU F 581 -11.75 35.73 -9.14
N VAL F 582 -10.72 36.52 -8.88
CA VAL F 582 -9.41 35.96 -8.53
C VAL F 582 -9.15 36.47 -7.14
N ALA F 583 -8.73 35.60 -6.27
CA ALA F 583 -8.52 35.84 -4.87
C ALA F 583 -7.11 35.59 -4.39
N TYR F 584 -6.23 35.25 -5.30
CA TYR F 584 -4.84 35.03 -5.03
C TYR F 584 -4.51 33.98 -3.98
N LEU F 585 -3.75 34.34 -2.99
CA LEU F 585 -3.35 33.50 -1.87
C LEU F 585 -3.69 34.30 -0.64
N PRO F 586 -4.88 34.09 -0.12
CA PRO F 586 -5.38 34.90 0.99
C PRO F 586 -4.96 34.49 2.41
N GLY F 587 -4.09 33.51 2.58
CA GLY F 587 -3.80 33.04 3.92
C GLY F 587 -4.93 32.30 4.62
N GLN F 588 -4.89 32.35 5.95
CA GLN F 588 -5.79 31.54 6.82
C GLN F 588 -7.28 31.92 6.76
N GLU F 589 -7.58 33.17 6.46
CA GLU F 589 -8.94 33.65 6.39
C GLU F 589 -9.52 33.53 4.95
N ALA F 590 -9.30 32.41 4.29
CA ALA F 590 -9.71 32.25 2.87
C ALA F 590 -11.21 32.49 2.61
N GLY F 591 -12.06 31.72 3.31
CA GLY F 591 -13.49 31.77 3.09
C GLY F 591 -14.22 33.00 3.58
N ASN F 592 -13.87 33.45 4.75
CA ASN F 592 -14.61 34.49 5.43
C ASN F 592 -14.20 35.93 4.96
N SER F 593 -13.10 36.01 4.22
CA SER F 593 -12.73 37.24 3.46
C SER F 593 -13.47 37.37 2.12
N LEU F 594 -13.73 36.22 1.51
CA LEU F 594 -14.34 36.12 0.20
C LEU F 594 -15.87 36.18 0.21
N VAL F 595 -16.49 35.42 1.09
CA VAL F 595 -17.97 35.35 1.14
C VAL F 595 -18.72 36.69 1.33
N PRO F 596 -18.24 37.57 2.21
CA PRO F 596 -18.83 38.88 2.26
C PRO F 596 -18.83 39.68 0.95
N VAL F 597 -17.87 39.46 0.07
CA VAL F 597 -17.85 40.16 -1.20
C VAL F 597 -18.85 39.52 -2.12
N LEU F 598 -18.91 38.19 -2.12
CA LEU F 598 -19.84 37.50 -2.96
C LEU F 598 -21.29 37.91 -2.64
N TYR F 599 -21.62 38.07 -1.37
CA TYR F 599 -22.96 38.48 -0.96
C TYR F 599 -23.23 39.99 -0.92
N GLY F 600 -22.24 40.82 -1.28
CA GLY F 600 -22.49 42.24 -1.38
C GLY F 600 -22.48 42.98 -0.08
N ASP F 601 -21.99 42.37 0.99
CA ASP F 601 -21.74 43.16 2.21
C ASP F 601 -20.63 44.21 2.05
N VAL F 602 -19.73 43.98 1.10
CA VAL F 602 -18.63 44.85 0.78
C VAL F 602 -18.46 44.67 -0.71
N ALA F 603 -18.47 45.76 -1.50
CA ALA F 603 -18.19 45.69 -2.94
C ALA F 603 -16.70 45.32 -3.16
N PRO F 604 -16.37 44.45 -4.14
CA PRO F 604 -14.98 44.24 -4.53
C PRO F 604 -14.27 45.50 -4.98
N SER F 605 -13.04 45.64 -4.54
CA SER F 605 -12.22 46.80 -4.86
C SER F 605 -10.79 46.42 -5.24
N GLY F 606 -10.55 45.13 -5.44
CA GLY F 606 -9.24 44.65 -5.82
C GLY F 606 -9.01 44.90 -7.30
N LYS F 607 -7.74 45.12 -7.67
CA LYS F 607 -7.37 45.15 -9.06
C LYS F 607 -6.12 44.36 -9.36
N LEU F 608 -6.01 43.88 -10.61
CA LEU F 608 -4.85 43.10 -11.06
C LEU F 608 -3.52 43.78 -10.89
N PRO F 609 -2.57 43.13 -10.20
CA PRO F 609 -1.23 43.69 -10.04
C PRO F 609 -0.26 43.19 -11.12
N TRP F 610 -0.76 42.41 -12.06
CA TRP F 610 -0.09 42.17 -13.31
C TRP F 610 -1.10 42.07 -14.46
N THR F 611 -0.59 41.81 -15.66
CA THR F 611 -1.43 41.64 -16.85
C THR F 611 -1.79 40.16 -17.02
N TRP F 612 -3.07 39.95 -17.36
CA TRP F 612 -3.69 38.67 -17.75
C TRP F 612 -3.90 38.57 -19.27
N GLY F 613 -2.87 38.05 -19.93
CA GLY F 613 -2.92 37.77 -21.34
C GLY F 613 -3.77 36.56 -21.70
N LYS F 614 -4.31 36.59 -22.90
CA LYS F 614 -5.08 35.47 -23.43
C LYS F 614 -4.24 34.23 -23.67
N SER F 615 -2.93 34.40 -23.85
CA SER F 615 -2.00 33.32 -24.14
C SER F 615 -0.59 33.65 -23.59
N ILE F 616 0.14 32.59 -23.19
CA ILE F 616 1.53 32.73 -22.77
C ILE F 616 2.42 33.39 -23.87
N ASP F 617 2.05 33.20 -25.14
CA ASP F 617 2.71 33.83 -26.31
C ASP F 617 2.65 35.37 -26.34
N ASP F 618 1.78 35.99 -25.51
CA ASP F 618 1.62 37.43 -25.52
C ASP F 618 2.66 38.18 -24.71
N TYR F 619 3.44 37.45 -23.90
CA TYR F 619 4.37 38.08 -22.96
C TYR F 619 5.79 38.21 -23.53
N VAL F 620 6.68 38.81 -22.75
CA VAL F 620 8.08 38.96 -23.06
C VAL F 620 8.60 37.61 -23.55
N PRO F 621 9.19 37.55 -24.76
CA PRO F 621 9.81 36.28 -25.27
C PRO F 621 10.93 35.74 -24.39
N ASN F 622 10.99 34.43 -24.34
CA ASN F 622 12.00 33.74 -23.62
C ASN F 622 11.97 34.07 -22.12
N GLY F 623 10.76 34.13 -21.58
CA GLY F 623 10.54 34.33 -20.20
C GLY F 623 11.27 33.33 -19.31
N VAL F 624 11.32 32.08 -19.77
CA VAL F 624 12.15 31.12 -19.11
C VAL F 624 12.96 30.33 -20.12
N VAL F 625 14.27 30.38 -19.98
CA VAL F 625 15.14 29.66 -20.84
C VAL F 625 15.45 28.27 -20.25
N TYR F 626 15.33 27.26 -21.12
CA TYR F 626 15.57 25.85 -20.82
C TYR F 626 16.74 25.40 -21.70
N THR F 627 17.83 24.97 -21.09
CA THR F 627 19.02 24.57 -21.83
C THR F 627 19.86 23.63 -20.96
N ASP F 628 20.63 22.76 -21.60
CA ASP F 628 21.61 21.93 -20.88
C ASP F 628 23.02 22.50 -21.05
N ALA F 629 23.19 23.62 -21.74
CA ALA F 629 24.52 24.22 -21.88
C ALA F 629 25.16 24.42 -20.50
N TYR F 630 26.47 24.25 -20.42
CA TYR F 630 27.20 24.50 -19.19
C TYR F 630 27.07 25.94 -18.68
N SER F 631 26.99 26.91 -19.58
CA SER F 631 26.83 28.29 -19.21
C SER F 631 25.52 28.84 -19.76
N PRO F 632 24.40 28.69 -19.03
CA PRO F 632 23.10 29.11 -19.58
C PRO F 632 22.91 30.62 -19.55
N GLN F 633 22.34 31.15 -20.64
CA GLN F 633 22.17 32.60 -20.86
C GLN F 633 20.70 33.00 -20.95
N SER F 634 20.39 34.14 -20.35
CA SER F 634 19.13 34.82 -20.55
C SER F 634 19.36 36.32 -20.88
N ASN F 635 19.06 36.66 -22.11
CA ASN F 635 19.41 37.94 -22.67
C ASN F 635 18.15 38.74 -22.52
N PHE F 636 18.23 39.83 -21.76
CA PHE F 636 17.06 40.69 -21.50
C PHE F 636 16.97 41.73 -22.64
N THR F 637 16.73 41.25 -23.88
CA THR F 637 16.79 42.13 -25.07
C THR F 637 15.53 43.05 -25.15
N GLU F 638 14.41 42.61 -24.58
CA GLU F 638 13.23 43.48 -24.39
C GLU F 638 13.47 44.82 -23.64
N GLY F 639 14.57 44.93 -22.88
CA GLY F 639 14.85 46.14 -22.09
C GLY F 639 13.81 46.34 -21.00
N VAL F 640 13.35 47.56 -20.87
CA VAL F 640 12.35 47.93 -19.89
C VAL F 640 10.94 47.44 -20.18
N PHE F 641 10.72 46.78 -21.31
CA PHE F 641 9.39 46.43 -21.73
C PHE F 641 8.99 45.11 -21.12
N ILE F 642 8.63 45.05 -19.86
CA ILE F 642 8.15 43.82 -19.27
C ILE F 642 6.71 44.06 -18.91
N ASP F 643 5.94 43.00 -18.77
CA ASP F 643 4.49 43.02 -18.43
C ASP F 643 3.63 43.90 -19.32
N TYR F 644 2.92 44.84 -18.74
CA TYR F 644 2.07 45.72 -19.50
C TYR F 644 2.84 46.60 -20.42
N ARG F 645 4.08 46.92 -20.13
CA ARG F 645 4.74 47.75 -21.12
C ARG F 645 5.09 46.97 -22.37
N TRP F 646 5.35 45.69 -22.23
CA TRP F 646 5.43 44.84 -23.41
C TRP F 646 4.09 44.80 -24.24
N PHE F 647 2.97 44.63 -23.55
CA PHE F 647 1.67 44.58 -24.23
C PHE F 647 1.39 45.85 -24.99
N ASP F 648 1.56 46.95 -24.28
CA ASP F 648 1.25 48.31 -24.79
C ASP F 648 2.11 48.64 -26.00
N LYS F 649 3.40 48.30 -25.97
CA LYS F 649 4.29 48.60 -27.08
C LYS F 649 4.03 47.70 -28.25
N MET F 650 3.65 46.46 -28.04
CA MET F 650 3.43 45.60 -29.18
C MET F 650 2.02 45.67 -29.75
N GLY F 651 1.11 46.42 -29.10
CA GLY F 651 -0.31 46.52 -29.52
C GLY F 651 -1.06 45.19 -29.30
N ILE F 652 -0.70 44.47 -28.23
CA ILE F 652 -1.38 43.26 -27.83
C ILE F 652 -2.44 43.61 -26.77
N THR F 653 -3.65 43.17 -27.02
CA THR F 653 -4.81 43.41 -26.15
C THR F 653 -4.93 42.25 -25.13
N PRO F 654 -4.71 42.53 -23.81
CA PRO F 654 -4.90 41.42 -22.85
C PRO F 654 -6.38 41.12 -22.64
N ARG F 655 -6.67 39.97 -22.07
CA ARG F 655 -8.04 39.70 -21.60
C ARG F 655 -8.41 40.64 -20.46
N TYR F 656 -7.53 40.76 -19.47
CA TYR F 656 -7.70 41.74 -18.38
C TYR F 656 -6.39 42.47 -18.17
N GLU F 657 -6.44 43.78 -18.24
CA GLU F 657 -5.23 44.56 -18.20
C GLU F 657 -4.75 44.81 -16.78
N PHE F 658 -3.48 45.11 -16.65
CA PHE F 658 -2.87 45.58 -15.41
C PHE F 658 -3.71 46.71 -14.85
N GLY F 659 -3.96 46.64 -13.57
CA GLY F 659 -4.82 47.62 -12.91
C GLY F 659 -6.32 47.42 -13.15
N PHE F 660 -6.75 46.26 -13.67
CA PHE F 660 -8.16 46.04 -13.92
C PHE F 660 -8.84 45.35 -12.77
N GLY F 661 -9.99 45.85 -12.41
CA GLY F 661 -10.88 45.14 -11.52
C GLY F 661 -12.23 45.82 -11.50
N LEU F 662 -13.29 45.02 -11.52
CA LEU F 662 -14.65 45.58 -11.52
C LEU F 662 -15.13 45.79 -10.09
N SER F 663 -16.18 46.58 -9.96
CA SER F 663 -16.87 46.83 -8.69
C SER F 663 -18.36 46.41 -8.91
N TYR F 664 -19.20 46.65 -7.93
CA TYR F 664 -20.64 46.55 -8.08
C TYR F 664 -21.29 47.90 -8.39
N THR F 665 -20.46 48.94 -8.55
CA THR F 665 -20.91 50.26 -9.00
C THR F 665 -19.96 50.76 -10.05
N THR F 666 -20.21 51.94 -10.59
CA THR F 666 -19.34 52.53 -11.61
C THR F 666 -18.88 53.86 -11.12
N PHE F 667 -17.78 54.34 -11.72
CA PHE F 667 -17.15 55.61 -11.30
C PHE F 667 -16.85 56.42 -12.53
N THR F 668 -17.03 57.71 -12.46
CA THR F 668 -16.75 58.59 -13.58
C THR F 668 -15.66 59.55 -13.16
N TYR F 669 -14.65 59.71 -14.02
CA TYR F 669 -13.52 60.58 -13.76
C TYR F 669 -13.72 61.97 -14.36
N SER F 670 -13.24 62.97 -13.63
CA SER F 670 -13.40 64.36 -14.05
C SER F 670 -12.38 65.29 -13.38
N ASN F 671 -12.33 66.50 -13.92
CA ASN F 671 -11.51 67.60 -13.43
C ASN F 671 -10.06 67.28 -13.06
N LEU F 672 -9.29 66.85 -14.05
CA LEU F 672 -7.85 66.63 -13.95
C LEU F 672 -7.10 67.94 -13.81
N ILE F 673 -6.25 68.06 -12.77
CA ILE F 673 -5.56 69.30 -12.44
C ILE F 673 -4.12 68.95 -12.27
N VAL F 674 -3.23 69.68 -12.89
CA VAL F 674 -1.82 69.49 -12.67
C VAL F 674 -1.31 70.74 -11.92
N ASP F 675 -1.01 70.56 -10.62
CA ASP F 675 -0.65 71.64 -9.73
C ASP F 675 0.86 71.75 -9.54
N HIS F 676 1.46 72.63 -10.33
CA HIS F 676 2.90 72.94 -10.25
C HIS F 676 3.31 73.70 -9.03
N GLY F 677 2.31 74.26 -8.31
CA GLY F 677 2.53 74.99 -7.06
C GLY F 677 2.73 74.13 -5.83
N ARG F 678 2.48 72.84 -5.99
CA ARG F 678 2.45 71.97 -4.87
C ARG F 678 3.64 71.03 -4.99
N TRP F 679 4.75 71.53 -4.47
CA TRP F 679 6.04 70.89 -4.45
C TRP F 679 6.54 70.79 -3.01
N ALA F 680 7.47 69.90 -2.77
CA ALA F 680 8.04 69.78 -1.42
C ALA F 680 9.37 69.01 -1.42
N LYS F 681 10.23 69.42 -0.54
CA LYS F 681 11.54 68.84 -0.39
C LYS F 681 11.32 67.44 0.23
N ASP F 682 12.15 66.48 -0.11
CA ASP F 682 12.11 65.16 0.56
C ASP F 682 12.84 65.19 1.94
N TYR F 683 12.11 65.14 3.05
CA TYR F 683 12.74 65.10 4.43
C TYR F 683 12.69 63.74 5.10
N SER F 684 11.73 62.91 4.71
CA SER F 684 11.23 61.88 5.58
C SER F 684 11.75 60.45 5.31
N SER F 685 12.60 60.26 4.30
CA SER F 685 13.25 58.96 4.07
C SER F 685 14.20 58.62 5.25
N VAL F 686 14.28 57.35 5.59
CA VAL F 686 15.09 56.84 6.72
C VAL F 686 16.60 56.89 6.40
N MET F 687 16.92 56.50 5.16
CA MET F 687 18.26 56.50 4.55
C MET F 687 18.22 57.19 3.17
N GLU F 688 19.37 57.65 2.68
CA GLU F 688 19.49 58.36 1.41
C GLU F 688 20.36 57.63 0.41
N THR F 689 19.90 57.58 -0.84
CA THR F 689 20.74 57.13 -1.91
C THR F 689 21.71 58.25 -2.33
N ALA F 690 22.69 57.92 -3.18
CA ALA F 690 23.58 58.91 -3.84
C ALA F 690 23.42 58.75 -5.37
N GLU F 691 22.19 58.64 -5.81
CA GLU F 691 21.88 58.48 -7.23
C GLU F 691 22.12 59.83 -7.90
N PRO F 692 23.02 59.85 -8.88
CA PRO F 692 23.34 61.12 -9.48
C PRO F 692 22.25 61.58 -10.45
N PHE F 693 22.04 62.90 -10.43
CA PHE F 693 21.05 63.51 -11.29
C PHE F 693 21.44 64.94 -11.72
N ALA F 694 21.01 65.33 -12.91
CA ALA F 694 21.46 66.55 -13.57
C ALA F 694 21.16 67.85 -12.86
N GLU F 695 20.02 67.91 -12.23
CA GLU F 695 19.60 69.10 -11.52
C GLU F 695 20.15 69.13 -10.06
N TRP F 696 21.10 68.27 -9.69
CA TRP F 696 21.65 68.34 -8.33
C TRP F 696 22.25 69.71 -8.08
N ASP F 697 21.97 70.28 -6.92
CA ASP F 697 22.44 71.61 -6.54
C ASP F 697 23.07 71.65 -5.13
N GLY F 698 23.35 70.47 -4.54
CA GLY F 698 23.93 70.35 -3.22
C GLY F 698 22.96 70.11 -2.07
N THR F 699 21.67 70.42 -2.24
CA THR F 699 20.67 70.26 -1.14
C THR F 699 19.46 69.36 -1.52
N ASN F 700 18.94 69.58 -2.71
CA ASN F 700 17.83 68.88 -3.32
C ASN F 700 17.98 67.39 -3.50
N SER F 701 17.03 66.77 -4.17
CA SER F 701 17.03 65.35 -4.32
C SER F 701 16.23 64.79 -5.47
N LEU F 702 16.61 63.63 -5.97
CA LEU F 702 15.77 62.95 -6.93
C LEU F 702 14.36 62.67 -6.42
N TYR F 703 14.21 62.54 -5.11
CA TYR F 703 12.92 62.19 -4.53
C TYR F 703 12.12 63.40 -4.01
N ASP F 704 12.55 64.62 -4.31
CA ASP F 704 11.70 65.77 -4.03
C ASP F 704 10.43 65.66 -4.85
N VAL F 705 9.31 66.17 -4.32
CA VAL F 705 8.11 66.30 -5.17
C VAL F 705 8.12 67.59 -5.94
N ILE F 706 7.97 67.47 -7.26
CA ILE F 706 8.10 68.65 -8.14
C ILE F 706 6.78 69.21 -8.57
N PHE F 707 5.73 68.40 -8.61
CA PHE F 707 4.37 68.89 -8.72
C PHE F 707 3.40 67.82 -8.23
N THR F 708 2.12 68.17 -8.12
CA THR F 708 1.10 67.20 -7.68
C THR F 708 -0.06 67.23 -8.64
N VAL F 709 -0.58 66.04 -9.03
CA VAL F 709 -1.77 65.97 -9.86
C VAL F 709 -3.05 65.57 -9.12
N PHE F 710 -4.17 66.24 -9.40
CA PHE F 710 -5.45 65.92 -8.80
C PHE F 710 -6.48 65.50 -9.83
N ALA F 711 -7.44 64.69 -9.39
CA ALA F 711 -8.61 64.39 -10.15
C ALA F 711 -9.81 64.13 -9.21
N THR F 712 -10.98 64.12 -9.78
CA THR F 712 -12.23 63.84 -9.10
C THR F 712 -12.85 62.55 -9.63
N ILE F 713 -13.41 61.75 -8.73
CA ILE F 713 -14.23 60.62 -9.07
C ILE F 713 -15.61 60.78 -8.47
N THR F 714 -16.60 60.28 -9.20
CA THR F 714 -17.99 60.30 -8.77
C THR F 714 -18.53 58.90 -8.88
N ASN F 715 -19.21 58.44 -7.82
CA ASN F 715 -19.92 57.17 -7.85
C ASN F 715 -21.21 57.45 -8.60
N THR F 716 -21.29 56.82 -9.73
CA THR F 716 -22.25 57.10 -10.74
C THR F 716 -23.11 55.85 -10.94
N GLY F 717 -23.03 54.83 -10.05
CA GLY F 717 -23.88 53.62 -10.11
C GLY F 717 -24.93 53.61 -8.98
N ASN F 718 -25.31 52.43 -8.50
CA ASN F 718 -26.41 52.27 -7.55
C ASN F 718 -26.02 51.77 -6.18
N LEU F 719 -24.73 51.46 -5.98
CA LEU F 719 -24.24 50.92 -4.71
C LEU F 719 -22.99 51.71 -4.30
N THR F 720 -22.74 51.73 -2.99
CA THR F 720 -21.48 52.22 -2.40
C THR F 720 -20.31 51.33 -2.87
N GLY F 721 -19.17 51.96 -3.10
CA GLY F 721 -17.99 51.24 -3.63
C GLY F 721 -16.68 51.98 -3.41
N SER F 722 -15.59 51.22 -3.34
CA SER F 722 -14.25 51.77 -3.32
C SER F 722 -13.63 51.66 -4.72
N GLU F 723 -12.69 52.58 -5.00
CA GLU F 723 -12.10 52.74 -6.32
C GLU F 723 -10.61 53.00 -6.19
N VAL F 724 -9.83 52.17 -6.88
CA VAL F 724 -8.42 52.47 -7.10
C VAL F 724 -8.18 53.37 -8.32
N ALA F 725 -7.95 54.66 -8.08
CA ALA F 725 -7.54 55.59 -9.12
C ALA F 725 -6.04 55.41 -9.41
N GLN F 726 -5.64 55.39 -10.69
CA GLN F 726 -4.24 55.19 -11.13
C GLN F 726 -3.79 56.36 -12.04
N LEU F 727 -2.50 56.72 -11.96
CA LEU F 727 -1.92 57.77 -12.82
C LEU F 727 -0.76 57.20 -13.62
N TYR F 728 -0.78 57.42 -14.92
CA TYR F 728 0.25 56.93 -15.84
C TYR F 728 0.89 58.16 -16.55
N ILE F 729 2.17 58.02 -16.85
CA ILE F 729 3.01 59.07 -17.44
C ILE F 729 3.73 58.49 -18.65
N SER F 730 3.61 59.16 -19.79
CA SER F 730 4.39 58.86 -21.01
C SER F 730 5.54 59.82 -21.01
N ILE F 731 6.73 59.32 -20.75
CA ILE F 731 7.92 60.13 -20.68
C ILE F 731 8.41 60.19 -22.12
N PRO F 732 8.70 61.38 -22.66
CA PRO F 732 9.20 61.42 -24.06
C PRO F 732 10.65 60.97 -24.21
N GLY F 733 11.04 60.73 -25.46
CA GLY F 733 12.33 60.18 -25.82
C GLY F 733 12.13 59.00 -26.76
N ASP F 734 13.27 58.42 -27.11
CA ASP F 734 13.36 57.27 -28.01
C ASP F 734 13.09 55.96 -27.32
N ASN F 735 12.25 55.14 -27.94
CA ASN F 735 12.00 53.77 -27.47
C ASN F 735 11.49 53.78 -26.02
N GLN F 736 10.52 54.65 -25.74
CA GLN F 736 9.96 54.81 -24.41
C GLN F 736 8.69 54.00 -24.27
N PRO F 737 8.46 53.49 -23.07
CA PRO F 737 7.13 52.90 -22.88
C PRO F 737 6.02 53.89 -23.20
N VAL F 738 4.96 53.38 -23.81
CA VAL F 738 3.73 54.12 -24.06
C VAL F 738 3.23 54.83 -22.77
N ARG F 739 3.18 54.08 -21.68
CA ARG F 739 2.79 54.63 -20.41
C ARG F 739 3.36 53.80 -19.27
N GLN F 740 3.61 54.47 -18.16
CA GLN F 740 4.29 53.91 -16.96
C GLN F 740 3.51 54.37 -15.73
N LEU F 741 3.15 53.44 -14.89
CA LEU F 741 2.40 53.82 -13.70
C LEU F 741 3.26 54.75 -12.85
N ARG F 742 2.69 55.80 -12.28
CA ARG F 742 3.39 56.72 -11.38
C ARG F 742 2.54 57.24 -10.23
N GLY F 743 1.38 56.64 -10.01
CA GLY F 743 0.52 57.02 -8.91
C GLY F 743 -0.64 56.05 -8.76
N PHE F 744 -1.04 55.83 -7.53
CA PHE F 744 -2.35 55.29 -7.23
C PHE F 744 -2.91 55.82 -5.92
N ASP F 745 -4.23 55.88 -5.82
CA ASP F 745 -4.93 56.36 -4.63
C ASP F 745 -6.25 55.62 -4.54
N LYS F 746 -6.47 54.92 -3.43
CA LYS F 746 -7.69 54.15 -3.21
C LYS F 746 -8.72 54.92 -2.38
N ILE F 747 -9.83 55.33 -3.00
CA ILE F 747 -10.94 55.97 -2.30
C ILE F 747 -11.83 54.90 -1.60
N LYS F 748 -12.00 55.06 -0.31
CA LYS F 748 -12.74 54.09 0.46
C LYS F 748 -14.25 54.46 0.54
N ASP F 749 -15.12 53.56 0.08
CA ASP F 749 -16.52 53.60 0.45
C ASP F 749 -17.23 54.90 0.05
N LEU F 750 -17.17 55.19 -1.24
CA LEU F 750 -17.76 56.39 -1.83
C LEU F 750 -19.22 56.07 -2.00
N PRO F 751 -20.10 56.78 -1.28
CA PRO F 751 -21.55 56.54 -1.49
C PRO F 751 -22.05 56.97 -2.87
N VAL F 752 -23.22 56.48 -3.20
CA VAL F 752 -23.90 56.80 -4.46
C VAL F 752 -24.05 58.31 -4.66
N GLY F 753 -23.74 58.80 -5.86
CA GLY F 753 -23.77 60.21 -6.16
C GLY F 753 -22.71 61.14 -5.55
N ASP F 754 -21.91 60.67 -4.61
CA ASP F 754 -20.85 61.45 -4.00
C ASP F 754 -19.58 61.44 -4.86
N SER F 755 -18.76 62.47 -4.59
CA SER F 755 -17.48 62.77 -5.24
C SER F 755 -16.35 62.77 -4.21
N ALA F 756 -15.15 62.48 -4.66
CA ALA F 756 -13.98 62.56 -3.83
C ALA F 756 -12.82 62.92 -4.71
N VAL F 757 -11.87 63.66 -4.16
CA VAL F 757 -10.70 64.05 -4.88
C VAL F 757 -9.55 63.09 -4.57
N VAL F 758 -8.77 62.84 -5.60
CA VAL F 758 -7.70 61.86 -5.61
C VAL F 758 -6.42 62.65 -5.88
N THR F 759 -5.36 62.33 -5.15
CA THR F 759 -4.11 63.10 -5.20
C THR F 759 -2.90 62.22 -5.46
N PHE F 760 -2.04 62.71 -6.32
CA PHE F 760 -0.88 61.95 -6.81
C PHE F 760 0.36 62.88 -6.81
N PRO F 761 1.18 62.85 -5.75
CA PRO F 761 2.41 63.63 -5.80
C PRO F 761 3.45 63.03 -6.77
N ILE F 762 4.11 63.84 -7.60
CA ILE F 762 5.09 63.35 -8.59
C ILE F 762 6.47 63.79 -8.17
N ARG F 763 7.39 62.84 -8.03
CA ARG F 763 8.77 63.19 -7.65
C ARG F 763 9.66 63.47 -8.86
N ARG F 764 10.86 64.05 -8.65
CA ARG F 764 11.72 64.31 -9.75
C ARG F 764 11.94 62.99 -10.54
N LYS F 765 12.24 61.91 -9.82
CA LYS F 765 12.56 60.62 -10.40
C LYS F 765 11.45 60.07 -11.22
N ASP F 766 10.22 60.32 -10.80
CA ASP F 766 9.02 59.82 -11.50
C ASP F 766 8.90 60.24 -12.98
N VAL F 767 9.66 61.26 -13.35
CA VAL F 767 9.52 61.97 -14.61
C VAL F 767 10.89 62.01 -15.29
N SER F 768 11.82 61.21 -14.78
CA SER F 768 13.16 61.19 -15.29
C SER F 768 13.44 59.94 -16.13
N SER F 769 14.55 60.01 -16.85
CA SER F 769 15.13 58.87 -17.58
C SER F 769 16.55 58.80 -17.16
N TRP F 770 17.15 57.61 -17.34
CA TRP F 770 18.58 57.40 -17.03
C TRP F 770 19.38 57.53 -18.30
N SER F 771 20.44 58.36 -18.25
CA SER F 771 21.34 58.57 -19.44
C SER F 771 22.54 57.65 -19.31
N VAL F 772 22.61 56.67 -20.19
CA VAL F 772 23.71 55.75 -20.21
C VAL F 772 25.01 56.52 -20.49
N VAL F 773 24.96 57.47 -21.41
CA VAL F 773 26.17 58.25 -21.76
C VAL F 773 26.70 59.06 -20.58
N ASP F 774 25.81 59.78 -19.91
CA ASP F 774 26.24 60.69 -18.80
C ASP F 774 26.32 60.02 -17.42
N GLN F 775 25.75 58.82 -17.33
CA GLN F 775 25.64 58.10 -16.07
C GLN F 775 24.92 58.94 -15.00
N LEU F 776 23.72 59.41 -15.34
CA LEU F 776 22.90 60.19 -14.40
C LEU F 776 21.42 60.28 -14.79
N TRP F 777 20.57 60.51 -13.78
CA TRP F 777 19.14 60.75 -14.03
C TRP F 777 18.98 62.18 -14.46
N TYR F 778 18.16 62.38 -15.48
CA TYR F 778 17.74 63.72 -15.94
C TYR F 778 16.25 63.72 -16.30
N VAL F 779 15.62 64.88 -16.18
CA VAL F 779 14.24 65.09 -16.72
C VAL F 779 14.30 65.49 -18.20
N PRO F 780 13.81 64.67 -19.14
CA PRO F 780 13.87 65.20 -20.52
C PRO F 780 12.97 66.42 -20.86
N ASN F 781 13.43 67.23 -21.81
CA ASN F 781 12.57 68.21 -22.46
C ASN F 781 11.78 67.49 -23.53
N GLY F 782 10.57 67.93 -23.72
CA GLY F 782 9.65 67.19 -24.57
C GLY F 782 8.30 67.14 -23.90
N ASP F 783 7.36 66.56 -24.62
CA ASP F 783 5.98 66.40 -24.17
C ASP F 783 5.82 65.16 -23.34
N PHE F 784 5.36 65.35 -22.10
CA PHE F 784 4.91 64.26 -21.27
C PHE F 784 3.39 64.22 -21.42
N LEU F 785 2.82 63.03 -21.58
CA LEU F 785 1.38 62.89 -21.42
C LEU F 785 1.14 62.33 -20.01
N ILE F 786 0.16 62.90 -19.30
CA ILE F 786 -0.25 62.43 -17.97
C ILE F 786 -1.68 61.93 -18.07
N SER F 787 -1.96 60.67 -17.71
CA SER F 787 -3.31 60.11 -17.84
CA SER F 787 -3.31 60.11 -17.84
C SER F 787 -3.77 59.51 -16.51
N VAL F 788 -5.03 59.73 -16.19
CA VAL F 788 -5.63 59.24 -14.96
C VAL F 788 -6.87 58.41 -15.28
N GLY F 789 -7.01 57.32 -14.55
CA GLY F 789 -8.24 56.52 -14.61
C GLY F 789 -8.19 55.25 -13.77
N GLY F 790 -9.00 54.28 -14.17
CA GLY F 790 -9.36 53.14 -13.35
C GLY F 790 -8.63 51.86 -13.69
N SER F 791 -7.89 51.85 -14.81
CA SER F 791 -6.99 50.76 -15.20
C SER F 791 -5.95 51.27 -16.18
N SER F 792 -4.97 50.48 -16.55
CA SER F 792 -3.95 50.91 -17.52
C SER F 792 -4.45 51.08 -18.98
N ARG F 793 -5.67 50.63 -19.30
CA ARG F 793 -6.25 50.77 -20.63
C ARG F 793 -7.53 51.55 -20.61
N ASP F 794 -7.90 52.08 -19.44
CA ASP F 794 -9.17 52.76 -19.26
C ASP F 794 -8.88 54.09 -18.56
N LEU F 795 -8.51 55.07 -19.38
CA LEU F 795 -7.86 56.30 -18.94
C LEU F 795 -8.56 57.49 -19.60
N PRO F 796 -9.70 57.92 -19.02
CA PRO F 796 -10.47 58.98 -19.68
C PRO F 796 -9.88 60.39 -19.49
N LEU F 797 -9.03 60.62 -18.50
CA LEU F 797 -8.47 61.97 -18.27
C LEU F 797 -7.07 61.98 -18.77
N ASN F 798 -6.72 63.00 -19.54
CA ASN F 798 -5.36 63.17 -20.01
C ASN F 798 -5.03 64.66 -20.24
N THR F 799 -3.76 65.00 -20.10
CA THR F 799 -3.27 66.31 -20.40
C THR F 799 -1.78 66.19 -20.69
N THR F 800 -1.23 67.26 -21.20
CA THR F 800 0.12 67.30 -21.66
C THR F 800 0.92 68.31 -20.81
N TRP F 801 2.08 67.90 -20.32
CA TRP F 801 3.01 68.74 -19.59
C TRP F 801 4.30 68.79 -20.41
N THR F 802 4.73 70.00 -20.72
CA THR F 802 6.05 70.27 -21.28
C THR F 802 6.82 71.09 -20.26
N PRO F 803 7.88 70.53 -19.66
CA PRO F 803 8.59 71.30 -18.61
C PRO F 803 9.00 72.68 -19.07
N HIS F 804 8.82 73.70 -18.23
CA HIS F 804 9.56 74.95 -18.41
C HIS F 804 10.33 75.28 -17.06
C1 NAG G . 21.05 3.55 3.12
C2 NAG G . 20.81 4.98 3.59
C3 NAG G . 22.04 5.89 3.50
C4 NAG G . 23.20 5.12 4.13
C5 NAG G . 23.38 3.71 3.56
C6 NAG G . 24.45 2.89 4.31
C7 NAG G . 18.71 6.20 3.31
C8 NAG G . 17.78 6.81 2.32
N2 NAG G . 19.81 5.60 2.79
O3 NAG G . 21.85 7.16 4.17
O4 NAG G . 24.70 6.03 4.08
O5 NAG G . 22.19 3.01 3.77
O6 NAG G . 24.06 2.76 5.68
O7 NAG G . 18.46 6.28 4.48
C1 NAG G . 25.45 6.15 5.27
C2 NAG G . 26.82 6.73 4.92
C3 NAG G . 27.57 7.11 6.21
C4 NAG G . 26.66 7.62 7.37
C5 NAG G . 25.22 7.03 7.43
C6 NAG G . 24.25 7.80 8.39
C7 NAG G . 27.46 5.63 2.76
C8 NAG G . 28.12 4.46 2.09
N2 NAG G . 27.45 5.69 4.11
O3 NAG G . 28.50 8.12 5.82
O4 NAG G . 27.28 7.34 8.66
O5 NAG G . 24.67 6.95 6.12
O6 NAG G . 23.00 7.11 8.70
O7 NAG G . 27.01 6.49 2.07
C1 BMA G . 27.76 8.48 9.43
C2 BMA G . 27.81 8.16 10.94
C3 BMA G . 28.28 9.40 11.78
C4 BMA G . 29.52 10.04 11.15
C5 BMA G . 29.49 10.11 9.60
C6 BMA G . 30.84 10.42 8.96
O2 BMA G . 28.68 7.04 11.12
O3 BMA G . 28.45 9.12 13.21
O4 BMA G . 29.55 11.36 11.69
O5 BMA G . 29.05 8.91 8.99
O6 BMA G . 30.66 11.12 7.71
C1 NAG H . 8.60 -32.33 1.90
C2 NAG H . 7.58 -31.40 2.55
C3 NAG H . 6.74 -32.22 3.49
C4 NAG H . 6.10 -33.27 2.60
C5 NAG H . 7.16 -34.22 2.10
C6 NAG H . 6.63 -35.44 1.35
C7 NAG H . 8.41 -29.20 2.90
C8 NAG H . 9.18 -28.28 3.83
N2 NAG H . 8.29 -30.46 3.31
O3 NAG H . 5.80 -31.46 4.24
O4 NAG H . 5.13 -34.19 3.78
O5 NAG H . 7.97 -33.42 1.25
O6 NAG H . 5.57 -35.03 0.49
O7 NAG H . 7.91 -28.81 1.87
C1 NAG H . 3.72 -34.13 3.60
C2 NAG H . 3.05 -35.40 4.11
C3 NAG H . 1.56 -35.24 3.90
C4 NAG H . 1.11 -33.98 4.62
C5 NAG H . 1.95 -32.76 4.19
C6 NAG H . 1.63 -31.46 4.91
C7 NAG H . 4.58 -37.33 4.08
C8 NAG H . 5.10 -38.50 3.28
N2 NAG H . 3.64 -36.58 3.49
O3 NAG H . 0.97 -36.41 4.45
O4 NAG H . -0.23 -33.66 4.27
O5 NAG H . 3.36 -33.02 4.37
O6 NAG H . 2.29 -30.41 4.17
O7 NAG H . 5.01 -37.12 5.20
C1 BMA H . -1.26 -34.24 5.07
C2 BMA H . -2.46 -33.28 5.05
C3 BMA H . -3.53 -33.92 5.94
C4 BMA H . -3.86 -35.31 5.41
C5 BMA H . -2.58 -36.19 5.35
C6 BMA H . -2.86 -37.54 4.73
O2 BMA H . -2.85 -33.09 3.69
O3 BMA H . -4.75 -33.25 6.33
O4 BMA H . -4.79 -35.86 6.34
O5 BMA H . -1.57 -35.56 4.61
O6 BMA H . -1.89 -38.53 5.12
C1 BMA H . -4.97 -31.90 6.03
C2 BMA H . -6.46 -31.69 6.19
C3 BMA H . -6.73 -30.56 5.19
C4 BMA H . -5.91 -29.29 5.58
C5 BMA H . -4.44 -29.56 6.02
C6 BMA H . -3.70 -28.32 6.63
O2 BMA H . -6.77 -31.41 7.59
O3 BMA H . -8.13 -30.39 5.09
O4 BMA H . -5.92 -28.43 4.42
O5 BMA H . -4.40 -30.82 6.80
O6 BMA H . -3.88 -27.90 8.01
C1 MAN H . -8.16 -31.30 8.06
C2 MAN H . -8.30 -30.16 9.13
C3 MAN H . -7.54 -30.55 10.41
C4 MAN H . -8.16 -31.86 10.92
C5 MAN H . -8.06 -32.93 9.82
C6 MAN H . -8.68 -34.25 10.25
O2 MAN H . -9.67 -29.72 9.46
O3 MAN H . -7.54 -29.46 11.37
O4 MAN H . -7.47 -32.30 12.10
O5 MAN H . -8.67 -32.53 8.57
O6 MAN H . -8.57 -35.08 9.09
C1 MAN H . -1.79 -39.65 4.21
C2 MAN H . -0.58 -40.39 4.74
C3 MAN H . 0.70 -40.09 3.96
C4 MAN H . 0.59 -39.97 2.44
C5 MAN H . -0.76 -39.46 1.83
C6 MAN H . -1.42 -40.36 0.70
O2 MAN H . -0.80 -41.78 4.83
O3 MAN H . 1.61 -41.14 4.35
O4 MAN H . 1.62 -39.04 2.01
O5 MAN H . -1.76 -39.20 2.82
O6 MAN H . -0.92 -40.16 -0.65
C1 MAN H . 2.60 -40.73 5.37
C2 MAN H . 3.82 -41.64 5.23
C3 MAN H . 3.52 -43.04 5.79
C4 MAN H . 2.92 -43.04 7.20
C5 MAN H . 1.81 -41.99 7.30
C6 MAN H . 1.27 -41.88 8.74
O2 MAN H . 4.92 -40.95 5.84
O3 MAN H . 4.70 -43.85 5.73
O4 MAN H . 2.32 -44.32 7.41
O5 MAN H . 2.28 -40.74 6.78
O6 MAN H . 2.26 -41.39 9.67
C1 NAG I . 45.91 -27.03 10.73
C2 NAG I . 45.49 -28.43 10.31
C3 NAG I . 45.30 -28.43 8.79
C4 NAG I . 44.30 -27.37 8.35
C5 NAG I . 44.75 -26.01 8.87
C6 NAG I . 43.73 -24.92 8.51
C7 NAG I . 46.47 -30.48 11.17
C8 NAG I . 47.80 -31.19 11.37
N2 NAG I . 46.56 -29.30 10.61
O3 NAG I . 44.90 -29.68 8.33
O4 NAG I . 44.30 -27.29 6.92
O5 NAG I . 44.96 -26.08 10.26
O6 NAG I . 44.01 -23.72 9.20
O7 NAG I . 45.41 -30.95 11.47
C1 NAG I . 43.07 -27.55 6.25
C2 NAG I . 43.29 -27.30 4.76
C3 NAG I . 42.03 -27.65 4.00
C4 NAG I . 41.63 -29.11 4.29
C5 NAG I . 41.50 -29.30 5.80
C6 NAG I . 41.33 -30.76 6.18
C7 NAG I . 44.62 -25.42 3.68
C8 NAG I . 44.43 -23.95 3.50
N2 NAG I . 43.57 -25.92 4.38
O3 NAG I . 42.40 -27.40 2.64
O4 NAG I . 40.40 -29.58 3.67
O5 NAG I . 42.68 -28.89 6.48
O6 NAG I . 40.37 -30.87 7.24
O7 NAG I . 45.65 -26.00 3.23
C1 MAN I . 40.39 -29.70 2.23
C2 MAN I . 38.98 -30.22 1.93
C3 MAN I . 38.86 -31.16 0.71
C4 MAN I . 39.84 -30.73 -0.43
C5 MAN I . 41.31 -30.48 0.04
C6 MAN I . 41.93 -29.18 -0.55
O2 MAN I . 38.22 -29.04 1.70
O3 MAN I . 37.48 -31.11 0.30
O4 MAN I . 39.82 -31.65 -1.54
O5 MAN I . 41.39 -30.50 1.52
O6 MAN I . 42.38 -29.19 -1.94
C1 MAN I . 37.00 -32.28 -0.39
C2 MAN I . 35.60 -31.94 -0.91
C3 MAN I . 34.67 -31.93 0.32
C4 MAN I . 34.63 -33.35 0.95
C5 MAN I . 36.04 -33.97 1.29
C6 MAN I . 36.05 -35.54 1.36
O2 MAN I . 35.24 -32.95 -1.87
O3 MAN I . 33.37 -31.43 -0.01
O4 MAN I . 33.73 -33.27 2.07
O5 MAN I . 37.09 -33.52 0.41
O6 MAN I . 36.54 -36.34 0.22
C1 MAN I . 34.56 -32.50 -3.06
C2 MAN I . 33.25 -33.32 -3.21
C3 MAN I . 33.47 -34.71 -3.83
C4 MAN I . 34.63 -34.87 -4.81
C5 MAN I . 35.78 -33.86 -4.75
C6 MAN I . 36.27 -33.67 -6.18
O2 MAN I . 32.20 -32.59 -3.87
O3 MAN I . 32.26 -35.13 -4.49
O4 MAN I . 35.22 -36.15 -4.60
O5 MAN I . 35.43 -32.58 -4.20
O6 MAN I . 37.37 -32.77 -6.24
C1 NAG J . 1.17 -35.58 66.94
C2 NAG J . 1.11 -37.01 66.34
C3 NAG J . 2.09 -37.88 67.12
C4 NAG J . 3.47 -37.24 66.95
C5 NAG J . 3.46 -35.85 67.57
C6 NAG J . 4.80 -35.12 67.59
C7 NAG J . -0.93 -38.01 65.47
C8 NAG J . -2.27 -38.57 65.90
N2 NAG J . -0.20 -37.59 66.47
O3 NAG J . 2.04 -39.19 66.62
O4 NAG J . 4.60 -38.32 67.82
O5 NAG J . 2.50 -35.13 66.75
O6 NAG J . 5.21 -34.92 66.22
O7 NAG J . -0.56 -37.98 64.31
C1 NAG J . 5.82 -38.56 67.11
C2 NAG J . 6.83 -39.24 68.03
C3 NAG J . 8.12 -39.45 67.28
C4 NAG J . 7.88 -40.22 66.00
C5 NAG J . 6.77 -39.54 65.18
C6 NAG J . 6.36 -40.31 63.94
C7 NAG J . 6.24 -38.47 70.25
C8 NAG J . 6.44 -37.47 71.38
N2 NAG J . 6.99 -38.34 69.16
O3 NAG J . 9.05 -40.15 68.10
O4 NAG J . 9.10 -40.12 65.30
O5 NAG J . 5.57 -39.34 65.94
O6 NAG J . 5.57 -39.40 63.18
O7 NAG J . 5.42 -39.37 70.30
C1 BMA J . 9.68 -41.36 64.84
C2 BMA J . 10.64 -40.99 63.68
C3 BMA J . 11.29 -42.22 63.03
C4 BMA J . 11.80 -43.15 64.15
C5 BMA J . 10.85 -43.34 65.38
C6 BMA J . 11.51 -44.15 66.52
O2 BMA J . 11.63 -40.11 64.20
O3 BMA J . 12.32 -41.83 62.07
O4 BMA J . 12.00 -44.43 63.55
O5 BMA J . 10.36 -42.08 65.88
O6 BMA J . 11.33 -43.54 67.81
C1 NAG K . -7.35 1.04 62.35
C2 NAG K . -7.89 0.20 61.21
C3 NAG K . -8.14 1.10 60.02
C4 NAG K . -9.11 2.16 60.52
C5 NAG K . -8.34 3.06 61.50
C6 NAG K . -9.06 4.33 61.98
C7 NAG K . -7.08 -2.08 61.32
C8 NAG K . -5.99 -3.06 60.94
N2 NAG K . -6.92 -0.82 60.90
O3 NAG K . -8.63 0.40 58.89
O4 NAG K . -9.11 3.19 59.09
O5 NAG K . -8.13 2.20 62.60
O6 NAG K . -10.49 4.13 61.81
O7 NAG K . -8.08 -2.43 61.95
C1 NAG K . -10.33 3.17 58.39
C2 NAG K . -10.48 4.43 57.58
C3 NAG K . -11.89 4.41 56.99
C4 NAG K . -12.03 3.22 56.08
C5 NAG K . -11.64 1.97 56.89
C6 NAG K . -11.68 0.78 55.97
C7 NAG K . -9.19 6.30 58.51
C8 NAG K . -9.21 7.53 59.41
N2 NAG K . -10.32 5.60 58.42
O3 NAG K . -12.15 5.62 56.32
O4 NAG K . -13.41 3.12 55.68
O5 NAG K . -10.35 2.04 57.54
O6 NAG K . -11.33 -0.37 56.70
O7 NAG K . -8.17 5.96 57.89
C1 BMA K . -13.78 3.70 54.41
C2 BMA K . -14.84 2.83 53.77
C3 BMA K . -15.37 3.52 52.54
C4 BMA K . -15.85 4.91 52.84
C5 BMA K . -14.73 5.72 53.46
C6 BMA K . -15.18 7.15 53.74
O2 BMA K . -15.91 2.64 54.68
O3 BMA K . -16.49 3.01 51.83
O4 BMA K . -16.12 5.45 51.57
O5 BMA K . -14.28 5.02 54.62
O6 BMA K . -14.18 7.65 54.59
C1 BMA K . -16.77 1.62 51.70
C2 BMA K . -18.01 1.51 50.80
C3 BMA K . -18.68 0.22 51.25
C4 BMA K . -17.71 -0.95 51.11
C5 BMA K . -16.22 -0.66 51.53
C6 BMA K . -15.14 -1.77 51.20
O2 BMA K . -17.72 1.50 49.37
O3 BMA K . -19.86 -0.09 50.49
O4 BMA K . -18.38 -1.92 51.94
O5 BMA K . -15.86 0.70 51.10
O6 BMA K . -14.89 -2.18 49.80
C1 MAN K . -18.80 1.91 48.49
C2 MAN K . -19.03 0.87 47.35
C3 MAN K . -17.74 0.87 46.50
C4 MAN K . -17.58 2.27 45.87
C5 MAN K . -17.52 3.30 46.97
C6 MAN K . -17.55 4.70 46.43
O2 MAN K . -20.28 1.10 46.58
O3 MAN K . -17.64 -0.28 45.60
O4 MAN K . -16.32 2.40 45.19
O5 MAN K . -18.57 3.21 47.96
O6 MAN K . -17.81 5.48 47.60
C1 MAN K . -14.61 8.66 55.55
C2 MAN K . -13.25 9.32 55.22
C3 MAN K . -12.25 9.32 56.38
C4 MAN K . -12.89 9.75 57.65
C5 MAN K . -14.42 9.56 57.66
C6 MAN K . -15.43 10.71 57.24
O2 MAN K . -13.35 10.62 54.70
O3 MAN K . -11.23 10.29 56.16
O4 MAN K . -12.25 9.05 58.73
O5 MAN K . -14.92 8.39 57.01
O6 MAN K . -16.80 10.28 57.61
C1 MAN K . -9.88 9.78 56.15
C2 MAN K . -9.04 10.62 57.09
C3 MAN K . -8.96 12.07 56.62
C4 MAN K . -8.70 12.19 55.11
C5 MAN K . -9.42 11.15 54.22
C6 MAN K . -8.83 11.06 52.80
O2 MAN K . -7.70 10.13 57.12
O3 MAN K . -7.87 12.63 57.35
O4 MAN K . -9.06 13.50 54.69
O5 MAN K . -9.36 9.83 54.84
O6 MAN K . -7.55 10.36 52.70
C1 MAN K . -17.55 10.76 58.79
C2 MAN K . -17.28 12.22 59.22
C3 MAN K . -15.91 12.35 59.98
C4 MAN K . -15.71 11.25 61.07
C5 MAN K . -16.01 9.98 60.22
C6 MAN K . -15.53 8.49 60.14
O2 MAN K . -18.45 12.57 59.99
O3 MAN K . -15.63 13.68 60.33
O4 MAN K . -14.39 11.48 61.50
O5 MAN K . -17.40 9.93 59.95
O6 MAN K . -15.03 8.29 58.57
C1 NAG L . 28.45 -6.83 74.40
C2 NAG L . 28.02 -5.37 74.55
C3 NAG L . 27.10 -5.34 75.76
C4 NAG L . 25.89 -6.23 75.58
C5 NAG L . 26.37 -7.63 75.25
C6 NAG L . 25.25 -8.61 74.96
C7 NAG L . 29.29 -3.23 74.46
C8 NAG L . 30.60 -2.58 74.84
N2 NAG L . 29.17 -4.54 74.78
O3 NAG L . 26.79 -4.01 76.14
O4 NAG L . 25.20 -6.36 76.82
O5 NAG L . 27.27 -7.58 74.13
O6 NAG L . 25.83 -9.88 74.59
O7 NAG L . 28.41 -2.58 73.90
C1 NAG L . 23.80 -5.97 76.78
C2 NAG L . 23.18 -6.23 78.15
C3 NAG L . 21.69 -5.82 78.20
C4 NAG L . 21.56 -4.36 77.77
C5 NAG L . 22.18 -4.25 76.35
C6 NAG L . 21.92 -2.80 75.88
C7 NAG L . 23.65 -8.12 79.65
C8 NAG L . 23.41 -9.60 79.78
N2 NAG L . 23.17 -7.62 78.53
O3 NAG L . 21.26 -6.06 79.54
O4 NAG L . 20.27 -3.73 77.69
O5 NAG L . 23.59 -4.61 76.41
O6 NAG L . 22.79 -2.48 74.82
O7 NAG L . 24.26 -7.50 80.50
C1 MAN L . 19.48 -3.71 78.87
C2 MAN L . 18.21 -3.13 78.28
C3 MAN L . 17.48 -2.14 79.20
C4 MAN L . 17.64 -2.40 80.74
C5 MAN L . 19.00 -3.07 81.17
C6 MAN L . 18.88 -4.51 81.78
O2 MAN L . 17.43 -4.26 77.86
O3 MAN L . 16.07 -2.17 78.78
O4 MAN L . 17.52 -1.12 81.38
O5 MAN L . 19.92 -2.99 80.03
O6 MAN L . 18.93 -4.62 83.23
C1 MAN L . 15.43 -0.93 79.07
C2 MAN L . 13.95 -1.19 78.78
C3 MAN L . 13.70 -1.16 77.27
C4 MAN L . 14.18 0.19 76.73
C5 MAN L . 15.63 0.61 77.07
C6 MAN L . 15.89 2.12 76.83
O2 MAN L . 13.21 -0.15 79.43
O3 MAN L . 12.33 -1.53 76.97
O4 MAN L . 14.02 0.14 75.32
O5 MAN L . 16.02 0.22 78.41
O6 MAN L . 15.70 3.08 77.94
C1 MAN L . 12.04 -0.55 80.16
C2 MAN L . 10.95 0.49 79.82
C3 MAN L . 11.43 1.80 80.41
C4 MAN L . 11.63 1.73 81.91
C5 MAN L . 12.42 0.50 82.42
C6 MAN L . 11.83 0.13 83.81
O2 MAN L . 9.63 0.24 80.35
O3 MAN L . 10.46 2.81 80.15
O4 MAN L . 12.24 2.96 82.34
O5 MAN L . 12.38 -0.65 81.56
O6 MAN L . 12.60 -0.75 84.63
C1 MAN L . 8.91 -0.83 79.72
C2 MAN L . 7.45 -0.75 80.15
C3 MAN L . 7.30 -1.06 81.65
C4 MAN L . 7.81 -2.47 81.97
C5 MAN L . 9.22 -2.70 81.39
C6 MAN L . 9.50 -4.22 81.39
O2 MAN L . 6.71 -1.72 79.39
O3 MAN L . 5.92 -1.00 82.02
O4 MAN L . 7.76 -2.74 83.37
O5 MAN L . 9.36 -2.17 80.03
O6 MAN L . 10.89 -4.53 81.20
C1 NAG M . -58.99 5.08 -9.68
C2 NAG M . -60.08 6.04 -10.13
C3 NAG M . -59.60 6.93 -11.28
C4 NAG M . -58.26 7.56 -10.87
C5 NAG M . -57.25 6.50 -10.49
C6 NAG M . -55.90 7.10 -10.06
C7 NAG M . -62.53 5.69 -9.98
C8 NAG M . -63.73 4.94 -10.50
N2 NAG M . -61.31 5.38 -10.52
O3 NAG M . -60.51 8.02 -11.53
O4 NAG M . -57.80 8.69 -12.11
O5 NAG M . -57.80 5.80 -9.37
O6 NAG M . -56.07 7.86 -8.88
O7 NAG M . -62.72 6.53 -9.10
C1 NAG M . -57.25 9.92 -11.71
C2 NAG M . -56.48 10.48 -12.91
C3 NAG M . -56.02 11.91 -12.62
C4 NAG M . -57.01 12.81 -11.84
C5 NAG M . -57.75 12.00 -10.73
C6 NAG M . -58.84 12.80 -9.97
C7 NAG M . -55.29 8.62 -14.11
C8 NAG M . -54.06 7.76 -14.18
N2 NAG M . -55.39 9.57 -13.14
O3 NAG M . -55.86 12.46 -13.90
O4 NAG M . -56.27 13.94 -11.30
O5 NAG M . -58.29 10.79 -11.31
O6 NAG M . -59.43 12.09 -8.85
O7 NAG M . -56.11 8.46 -14.94
C1 BMA M . -56.79 15.30 -11.47
C2 BMA M . -56.43 16.16 -10.23
C3 BMA M . -56.83 17.67 -10.34
C4 BMA M . -56.55 18.21 -11.76
C5 BMA M . -57.08 17.24 -12.85
C6 BMA M . -56.92 17.76 -14.28
O2 BMA M . -55.03 15.99 -9.96
O3 BMA M . -56.28 18.51 -9.26
O4 BMA M . -57.20 19.48 -11.91
O5 BMA M . -56.42 15.96 -12.69
O6 BMA M . -56.82 16.60 -15.14
C1 NAG N . -46.67 -20.21 15.83
C2 NAG N . -48.01 -19.59 16.19
C3 NAG N . -48.20 -19.75 17.65
C4 NAG N . -48.22 -21.28 17.87
C5 NAG N . -46.78 -21.74 17.70
C6 NAG N . -46.49 -23.18 18.10
C7 NAG N . -48.68 -17.73 14.81
C8 NAG N . -48.62 -16.23 14.68
N2 NAG N . -48.04 -18.21 15.87
O3 NAG N . -49.37 -19.07 18.14
O4 NAG N . -48.32 -21.37 19.68
O5 NAG N . -46.51 -21.57 16.33
O6 NAG N . -47.52 -24.02 17.58
O7 NAG N . -49.30 -18.44 14.02
C1 NAG N . -49.46 -21.98 20.21
C2 NAG N . -49.22 -22.48 21.63
C3 NAG N . -50.50 -23.18 22.07
C4 NAG N . -51.67 -22.21 21.94
C5 NAG N . -51.74 -21.53 20.55
C6 NAG N . -52.75 -20.38 20.42
C7 NAG N . -46.76 -22.82 21.99
C8 NAG N . -45.64 -23.82 21.89
N2 NAG N . -47.97 -23.27 21.64
O3 NAG N . -50.27 -23.59 23.41
O4 NAG N . -52.91 -22.91 22.11
O5 NAG N . -50.44 -20.97 20.21
O6 NAG N . -52.89 -19.92 19.05
O7 NAG N . -46.54 -21.65 22.34
C1 BMA N . -53.37 -23.07 23.46
C2 BMA N . -54.91 -23.11 23.45
C3 BMA N . -55.33 -23.20 24.93
C4 BMA N . -54.72 -24.41 25.56
C5 BMA N . -53.18 -24.35 25.43
C6 BMA N . -52.51 -25.54 26.06
O2 BMA N . -55.30 -24.16 22.57
O3 BMA N . -56.68 -23.04 25.43
O4 BMA N . -55.07 -24.34 26.94
O5 BMA N . -52.82 -24.26 24.07
O6 BMA N . -51.10 -25.35 25.94
C1 BMA N . -57.70 -22.68 24.55
C2 BMA N . -59.01 -23.07 25.24
C3 BMA N . -59.91 -23.23 24.00
C4 BMA N . -59.97 -21.92 23.15
C5 BMA N . -58.59 -21.20 22.97
C6 BMA N . -58.58 -19.75 22.38
O2 BMA N . -59.35 -22.03 26.23
O3 BMA N . -61.17 -23.74 24.42
O4 BMA N . -60.50 -22.27 21.87
O5 BMA N . -57.85 -21.31 24.23
O6 BMA N . -59.28 -18.69 23.07
C1 MAN N . -60.48 -22.19 27.17
C2 MAN N . -61.26 -20.84 27.31
C3 MAN N . -60.39 -19.82 28.08
C4 MAN N . -60.09 -20.38 29.47
C5 MAN N . -59.37 -21.74 29.29
C6 MAN N . -59.07 -22.38 30.62
O2 MAN N . -62.64 -20.96 27.84
O3 MAN N . -60.92 -18.47 28.13
O4 MAN N . -59.25 -19.47 30.22
O5 MAN N . -60.10 -22.68 28.46
O6 MAN N . -58.28 -23.51 30.28
C1 MAN N . -50.40 -26.53 26.38
C2 MAN N . -48.99 -26.09 26.68
C3 MAN N . -48.14 -26.04 25.40
C4 MAN N . -48.31 -27.20 24.41
C5 MAN N . -49.71 -27.90 24.31
C6 MAN N . -49.69 -29.48 24.31
O2 MAN N . -48.37 -26.93 27.64
O3 MAN N . -46.76 -25.94 25.86
O4 MAN N . -48.02 -26.65 23.11
O5 MAN N . -50.58 -27.54 25.39
O6 MAN N . -49.43 -30.22 23.09
C1 MAN N . -46.20 -24.59 25.84
C2 MAN N . -44.69 -24.73 25.69
C3 MAN N . -44.05 -25.16 27.01
C4 MAN N . -44.50 -24.33 28.21
C5 MAN N . -46.03 -24.09 28.23
C6 MAN N . -46.49 -23.04 29.28
O2 MAN N . -44.13 -23.54 25.14
O3 MAN N . -42.62 -25.14 26.89
O4 MAN N . -44.15 -25.11 29.37
O5 MAN N . -46.49 -23.71 26.93
O6 MAN N . -45.79 -21.75 29.14
C1 NAG O . -20.58 4.75 1.74
C2 NAG O . -20.05 3.54 2.50
C3 NAG O . -20.23 2.33 1.61
C4 NAG O . -21.65 2.10 1.15
C5 NAG O . -22.11 3.39 0.50
C6 NAG O . -23.56 3.26 0.08
C7 NAG O . -18.00 3.40 3.85
C8 NAG O . -16.51 3.65 3.87
N2 NAG O . -18.64 3.71 2.73
O3 NAG O . -19.79 1.15 2.20
O4 NAG O . -21.61 1.08 0.13
O5 NAG O . -21.93 4.46 1.40
O6 NAG O . -24.04 4.52 -0.35
O7 NAG O . -18.56 2.96 4.80
C1 NAG O . -22.47 -0.02 0.31
C2 NAG O . -22.53 -0.88 -0.97
C3 NAG O . -23.23 -2.21 -0.73
C4 NAG O . -22.67 -2.90 0.50
C5 NAG O . -22.66 -1.95 1.68
C6 NAG O . -21.90 -2.54 2.87
C7 NAG O . -22.70 -0.10 -3.35
C8 NAG O . -23.67 0.53 -4.31
N2 NAG O . -23.22 -0.27 -2.12
O3 NAG O . -22.96 -2.97 -1.91
O4 NAG O . -23.38 -4.09 0.90
O5 NAG O . -21.96 -0.77 1.37
O6 NAG O . -22.53 -2.03 4.05
O7 NAG O . -21.52 -0.36 -3.69
C1 MAN O . -23.29 -5.22 0.00
C2 MAN O . -24.05 -6.28 0.78
C3 MAN O . -23.56 -7.73 0.61
C4 MAN O . -22.96 -7.95 -0.82
C5 MAN O . -22.00 -6.85 -1.38
C6 MAN O . -22.34 -6.40 -2.84
O2 MAN O . -25.36 -6.15 0.22
O3 MAN O . -24.72 -8.56 0.90
O4 MAN O . -22.25 -9.22 -0.83
O5 MAN O . -22.00 -5.70 -0.48
O6 MAN O . -21.98 -7.28 -3.92
C1 MAN O . -24.42 -9.94 1.25
C2 MAN O . -25.73 -10.74 1.33
C3 MAN O . -26.47 -10.19 2.54
C4 MAN O . -25.62 -10.48 3.83
C5 MAN O . -24.11 -9.99 3.78
C6 MAN O . -23.13 -10.70 4.79
O2 MAN O . -25.46 -12.16 1.55
O3 MAN O . -27.81 -10.70 2.60
O4 MAN O . -26.39 -10.01 4.94
O5 MAN O . -23.58 -10.07 2.43
O6 MAN O . -22.39 -11.92 4.45
C1 MAN O . -25.79 -13.10 0.52
C2 MAN O . -26.34 -14.33 1.28
C3 MAN O . -25.22 -15.20 1.85
C4 MAN O . -23.96 -15.34 0.97
C5 MAN O . -24.04 -14.64 -0.41
C6 MAN O . -24.70 -15.51 -1.49
O2 MAN O . -27.17 -15.16 0.45
O3 MAN O . -25.74 -16.51 2.17
O4 MAN O . -22.85 -14.78 1.71
O5 MAN O . -24.66 -13.33 -0.36
O6 MAN O . -23.96 -15.40 -2.72
C1 MAN O . -28.60 -14.96 0.57
C2 MAN O . -29.25 -16.29 0.18
C3 MAN O . -29.24 -16.54 -1.34
C4 MAN O . -29.43 -15.29 -2.23
C5 MAN O . -28.91 -13.97 -1.65
C6 MAN O . -29.54 -12.76 -2.36
O2 MAN O . -30.58 -16.33 0.74
O3 MAN O . -30.26 -17.53 -1.63
O4 MAN O . -28.78 -15.45 -3.50
O5 MAN O . -29.14 -13.89 -0.24
O6 MAN O . -28.53 -11.81 -2.68
C1 NAG P . -10.97 -4.45 -38.76
C2 NAG P . -10.48 -3.57 -39.92
C3 NAG P . -11.53 -2.57 -40.37
C4 NAG P . -12.80 -3.35 -40.69
C5 NAG P . -13.26 -4.08 -39.45
C6 NAG P . -14.56 -4.87 -39.71
C7 NAG P . -8.12 -2.91 -40.21
C8 NAG P . -7.00 -2.04 -39.69
N2 NAG P . -9.31 -2.81 -39.55
O3 NAG P . -11.12 -1.81 -41.53
O4 NAG P . -13.93 -2.09 -41.19
O5 NAG P . -12.24 -5.01 -39.08
O6 NAG P . -14.29 -5.87 -40.70
O7 NAG P . -7.91 -3.66 -41.15
C1 NAG P . -14.72 -2.38 -42.31
C2 NAG P . -15.90 -1.40 -42.27
C3 NAG P . -16.70 -1.44 -43.58
C4 NAG P . -15.84 -1.69 -44.86
C5 NAG P . -14.67 -2.69 -44.61
C6 NAG P . -13.70 -2.87 -45.81
C7 NAG P . -16.66 -1.04 -39.89
C8 NAG P . -17.40 -1.54 -38.68
N2 NAG P . -16.61 -1.78 -41.03
O3 NAG P . -17.30 -0.16 -43.74
O4 NAG P . -16.75 -2.22 -45.86
O5 NAG P . -13.92 -2.27 -43.45
O6 NAG P . -12.71 -3.91 -45.56
O7 NAG P . -16.16 0.04 -39.81
C1 BMA P . -16.82 -1.56 -47.16
C2 BMA P . -16.96 -2.62 -48.29
C3 BMA P . -17.05 -2.04 -49.73
C4 BMA P . -17.82 -0.70 -49.77
C5 BMA P . -17.66 0.21 -48.53
C6 BMA P . -18.64 1.38 -48.56
O2 BMA P . -18.08 -3.44 -48.01
O3 BMA P . -17.56 -3.01 -50.70
O4 BMA P . -17.32 0.07 -50.86
O5 BMA P . -17.84 -0.54 -47.31
O6 BMA P . -18.83 1.90 -47.25
C1 NAG Q . -2.62 -39.63 -18.35
C2 NAG Q . -2.25 -41.10 -18.18
C3 NAG Q . -0.73 -41.17 -17.99
C4 NAG Q . -0.06 -40.55 -19.23
C5 NAG Q . -0.60 -39.13 -19.51
C6 NAG Q . -0.14 -38.53 -20.85
C7 NAG Q . -4.24 -42.32 -17.31
C8 NAG Q . -4.94 -42.74 -16.05
N2 NAG Q . -3.10 -41.65 -17.11
O1 NAG Q . -4.00 -39.49 -18.57
O3 NAG Q . -0.42 -42.56 -17.82
O4 NAG Q . 1.35 -40.37 -19.12
O5 NAG Q . -2.04 -39.11 -19.53
O6 NAG Q . -0.37 -37.12 -20.84
O7 NAG Q . -4.71 -42.61 -18.43
C1 BMA Q . 2.18 -41.49 -19.38
C2 BMA Q . 3.57 -40.98 -19.72
C3 BMA Q . 4.36 -42.26 -20.10
C4 BMA Q . 4.32 -43.23 -18.93
C5 BMA Q . 2.88 -43.55 -18.49
C6 BMA Q . 2.85 -44.42 -17.24
O2 BMA Q . 4.03 -40.27 -18.58
O3 BMA Q . 5.74 -42.29 -20.52
O4 BMA Q . 4.98 -44.38 -19.44
O5 BMA Q . 2.24 -42.32 -18.21
O6 BMA Q . 1.59 -45.08 -17.16
C1 BMA Q . 6.26 -41.07 -20.95
C2 BMA Q . 7.73 -41.27 -21.17
C3 BMA Q . 8.26 -39.86 -20.96
C4 BMA Q . 7.64 -38.86 -21.97
C5 BMA Q . 6.09 -39.06 -22.15
C6 BMA Q . 5.41 -38.26 -23.31
O2 BMA Q . 7.95 -41.87 -22.49
O3 BMA Q . 9.68 -39.92 -20.93
O4 BMA Q . 7.95 -37.52 -21.53
O5 BMA Q . 5.76 -40.50 -22.14
O6 BMA Q . 5.79 -38.51 -24.69
C1 MAN Q . 9.28 -42.43 -22.80
C2 MAN Q . 9.62 -42.11 -24.29
C3 MAN Q . 8.67 -42.94 -25.20
C4 MAN Q . 8.97 -44.42 -24.93
C5 MAN Q . 8.71 -44.71 -23.43
C6 MAN Q . 8.98 -46.13 -23.02
O2 MAN Q . 11.05 -42.27 -24.61
O3 MAN Q . 8.71 -42.56 -26.59
O4 MAN Q . 8.15 -45.21 -25.82
O5 MAN Q . 9.45 -43.84 -22.55
O6 MAN Q . 8.44 -46.30 -21.69
C1 MAN Q . 1.40 -45.74 -15.87
C2 MAN Q . 0.04 -46.40 -15.97
C3 MAN Q . -1.09 -45.49 -15.49
C4 MAN Q . -0.84 -44.69 -14.18
C5 MAN Q . 0.62 -44.29 -13.82
C6 MAN Q . 1.01 -44.55 -12.28
O2 MAN Q . 0.02 -47.63 -15.27
O3 MAN Q . -2.28 -46.30 -15.35
O4 MAN Q . -1.55 -43.45 -14.32
O5 MAN Q . 1.61 -44.85 -14.74
O6 MAN Q . 0.80 -43.47 -11.30
C1 MAN Q . -3.17 -46.28 -16.50
C2 MAN Q . -4.56 -46.69 -16.01
C3 MAN Q . -4.61 -48.17 -15.64
C4 MAN Q . -4.19 -49.03 -16.83
C5 MAN Q . -2.85 -48.53 -17.39
C6 MAN Q . -2.44 -49.30 -18.66
O2 MAN Q . -5.44 -46.36 -17.07
O3 MAN Q . -5.94 -48.51 -15.21
O4 MAN Q . -4.04 -50.39 -16.40
O5 MAN Q . -2.86 -47.11 -17.63
O6 MAN Q . -3.46 -49.19 -19.69
C1 NAG R . -42.48 -27.99 -30.85
C2 NAG R . -42.32 -29.03 -29.76
C3 NAG R . -42.05 -28.32 -28.44
C4 NAG R . -40.85 -27.38 -28.56
C5 NAG R . -41.06 -26.44 -29.74
C6 NAG R . -39.79 -25.62 -29.91
C7 NAG R . -43.81 -30.97 -29.44
C8 NAG R . -45.25 -31.36 -29.22
N2 NAG R . -43.58 -29.69 -29.58
O3 NAG R . -41.90 -29.27 -27.39
O4 NAG R . -40.77 -26.55 -27.41
O5 NAG R . -41.33 -27.17 -30.93
O6 NAG R . -39.83 -24.92 -31.14
O7 NAG R . -42.93 -31.78 -29.49
C1 NAG R . -39.64 -26.71 -26.58
C2 NAG R . -39.64 -25.68 -25.45
C3 NAG R . -38.44 -25.96 -24.53
C4 NAG R . -38.41 -27.41 -24.05
C5 NAG R . -38.48 -28.32 -25.27
C6 NAG R . -38.58 -29.80 -24.90
C7 NAG R . -40.42 -23.30 -25.68
C8 NAG R . -39.94 -21.99 -26.26
N2 NAG R . -39.55 -24.31 -25.89
O3 NAG R . -38.60 -25.05 -23.45
O4 NAG R . -37.25 -27.77 -23.24
O5 NAG R . -39.62 -28.01 -26.04
O6 NAG R . -37.60 -30.50 -25.71
O7 NAG R . -41.53 -23.37 -25.10
C1 MAN R . -37.13 -27.12 -21.96
C2 MAN R . -35.89 -27.74 -21.31
C3 MAN R . -35.90 -27.84 -19.78
C4 MAN R . -36.73 -26.70 -19.12
C5 MAN R . -38.12 -26.42 -19.77
C6 MAN R . -38.41 -24.90 -19.98
O2 MAN R . -34.84 -26.84 -21.71
O3 MAN R . -34.53 -27.76 -19.33
O4 MAN R . -36.89 -26.98 -17.71
O5 MAN R . -38.26 -27.15 -21.05
O6 MAN R . -38.73 -24.13 -18.79
C1 MAN R . -34.23 -28.51 -18.14
C2 MAN R . -32.74 -28.33 -17.82
C3 MAN R . -31.97 -29.13 -18.87
C4 MAN R . -32.32 -30.63 -18.66
C5 MAN R . -33.86 -30.97 -18.75
C6 MAN R . -34.30 -32.32 -18.07
O2 MAN R . -32.44 -28.83 -16.50
O3 MAN R . -30.57 -28.88 -18.80
O4 MAN R . -31.49 -31.37 -19.55
O5 MAN R . -34.69 -29.89 -18.26
O6 MAN R . -34.49 -32.40 -16.61
C1 MAN R . -32.03 -27.94 -15.44
C2 MAN R . -30.87 -28.67 -14.68
C3 MAN R . -31.40 -29.60 -13.54
C4 MAN R . -32.75 -29.22 -12.90
C5 MAN R . -33.22 -27.80 -13.24
C6 MAN R . -32.40 -26.77 -12.42
O2 MAN R . -29.74 -27.81 -14.32
O3 MAN R . -30.43 -29.83 -12.51
O4 MAN R . -33.75 -30.19 -13.29
O5 MAN R . -33.21 -27.57 -14.67
O6 MAN R . -32.40 -25.46 -13.00
C1 NAG S . -16.24 13.54 -66.06
C2 NAG S . -16.67 13.15 -67.49
C3 NAG S . -16.55 11.64 -67.59
C4 NAG S . -15.09 11.28 -67.32
C5 NAG S . -14.74 11.67 -65.88
C6 NAG S . -13.37 11.19 -65.37
C7 NAG S . -18.26 14.33 -68.91
C8 NAG S . -19.71 14.67 -69.11
N2 NAG S . -18.00 13.57 -67.86
O3 NAG S . -16.98 11.24 -68.87
O4 NAG S . -15.05 9.48 -67.32
O5 NAG S . -14.89 13.10 -65.86
O6 NAG S . -12.32 11.68 -66.24
O7 NAG S . -17.38 14.75 -69.64
C1 NAG S . -13.90 8.99 -67.99
C2 NAG S . -13.82 7.47 -67.87
C3 NAG S . -12.54 6.97 -68.53
C4 NAG S . -12.44 7.46 -69.96
C5 NAG S . -12.69 8.97 -70.03
C6 NAG S . -12.73 9.51 -71.45
C7 NAG S . -14.92 6.89 -65.82
C8 NAG S . -14.83 6.56 -64.35
N2 NAG S . -13.80 7.13 -66.47
O3 NAG S . -12.50 5.56 -68.45
O4 NAG S . -11.11 7.15 -70.36
O5 NAG S . -13.92 9.33 -69.35
O6 NAG S . -12.46 10.92 -71.40
O7 NAG S . -15.97 6.96 -66.43
C1 BMA S . -10.98 6.39 -71.58
C2 BMA S . -9.60 6.71 -72.24
C3 BMA S . -9.31 5.87 -73.49
C4 BMA S . -9.66 4.41 -73.15
C5 BMA S . -11.10 4.23 -72.57
C6 BMA S . -11.53 2.76 -72.35
O2 BMA S . -8.51 6.57 -71.33
O3 BMA S . -7.95 6.08 -73.97
O4 BMA S . -9.53 3.63 -74.34
O5 BMA S . -11.22 4.99 -71.35
O6 BMA S . -11.95 2.46 -71.01
C1 NAG T . -5.50 41.12 -42.24
C2 NAG T . -5.74 41.66 -43.67
C3 NAG T . -4.97 42.96 -43.82
C4 NAG T . -5.54 43.83 -42.71
C5 NAG T . -5.05 43.30 -41.36
C6 NAG T . -5.31 44.23 -40.16
C7 NAG T . -6.18 39.84 -45.19
C8 NAG T . -5.61 38.82 -46.19
N2 NAG T . -5.32 40.66 -44.65
O3 NAG T . -5.13 43.51 -45.12
O4 NAG T . -4.46 45.22 -42.94
O5 NAG T . -5.77 42.08 -41.20
O6 NAG T . -6.54 45.01 -40.35
O7 NAG T . -7.36 39.90 -44.88
C1 NAG T . -5.11 46.36 -43.46
C2 NAG T . -4.38 47.63 -43.09
C3 NAG T . -5.26 48.81 -43.51
C4 NAG T . -5.45 48.75 -45.01
C5 NAG T . -6.03 47.35 -45.37
C6 NAG T . -6.11 47.18 -46.84
C7 NAG T . -3.01 47.22 -41.12
C8 NAG T . -2.87 47.38 -39.61
N2 NAG T . -4.13 47.65 -41.68
O3 NAG T . -4.66 50.00 -43.09
O4 NAG T . -6.40 49.75 -45.43
O5 NAG T . -5.22 46.25 -44.88
O6 NAG T . -6.88 46.03 -47.14
O7 NAG T . -2.11 46.74 -41.82
C1 BMA T . -5.91 51.01 -45.82
C2 BMA T . -6.81 51.62 -46.89
C3 BMA T . -6.32 53.01 -47.20
C4 BMA T . -6.25 53.82 -45.95
C5 BMA T . -5.35 53.13 -44.94
C6 BMA T . -5.26 54.05 -43.74
O2 BMA T . -8.17 51.68 -46.46
O3 BMA T . -7.04 53.89 -48.08
O4 BMA T . -5.60 55.01 -46.34
O5 BMA T . -5.79 51.80 -44.66
O6 BMA T . -4.26 53.47 -42.92
C1 BMA T . -7.82 53.37 -49.14
C2 BMA T . -8.42 54.62 -49.82
C3 BMA T . -9.69 54.13 -50.49
C4 BMA T . -9.38 52.95 -51.40
C5 BMA T . -8.34 51.89 -50.90
C6 BMA T . -7.86 50.82 -51.95
O2 BMA T . -7.51 55.19 -50.78
O3 BMA T . -10.28 55.17 -51.29
O4 BMA T . -10.70 52.41 -51.53
O5 BMA T . -7.24 52.58 -50.21
O6 BMA T . -7.01 51.22 -53.08
C1 MAN T . -7.66 56.62 -50.96
C2 MAN T . -7.64 56.88 -52.48
C3 MAN T . -6.19 56.57 -52.91
C4 MAN T . -5.26 57.62 -52.31
C5 MAN T . -5.36 57.59 -50.77
C6 MAN T . -4.86 58.91 -50.23
O2 MAN T . -8.16 58.22 -52.87
O3 MAN T . -6.05 56.36 -54.32
O4 MAN T . -3.91 57.29 -52.64
O5 MAN T . -6.68 57.36 -50.21
O6 MAN T . -4.77 58.82 -48.81
C1 MAN T . -4.42 53.88 -41.54
C2 MAN T . -3.09 53.35 -41.02
C3 MAN T . -3.27 52.04 -40.28
C4 MAN T . -4.46 52.00 -39.33
C5 MAN T . -5.84 52.62 -39.76
C6 MAN T . -6.58 53.58 -38.76
O2 MAN T . -2.47 54.32 -40.23
O3 MAN T . -2.05 51.86 -39.52
O4 MAN T . -4.57 50.59 -39.13
O5 MAN T . -5.69 53.39 -40.96
O6 MAN T . -7.33 53.03 -37.63
C1 MAN T . -1.09 50.89 -39.97
C2 MAN T . -0.44 50.33 -38.71
C3 MAN T . 0.51 51.29 -38.04
C4 MAN T . 1.45 52.04 -38.99
C5 MAN T . 0.80 52.41 -40.34
C6 MAN T . 1.90 52.79 -41.38
O2 MAN T . 0.34 49.17 -38.99
O3 MAN T . 1.32 50.50 -37.17
O4 MAN T . 1.98 53.20 -38.30
O5 MAN T . -0.08 51.38 -40.88
O6 MAN T . 2.69 51.68 -41.92
C1 NAG U . 13.92 7.83 -39.74
C2 NAG U . 14.05 8.75 -38.56
C3 NAG U . 12.77 8.65 -37.73
C4 NAG U . 11.54 8.97 -38.57
C5 NAG U . 11.55 8.08 -39.82
C6 NAG U . 10.36 8.38 -40.72
C7 NAG U . 16.04 9.19 -37.19
C8 NAG U . 17.18 8.56 -36.44
N2 NAG U . 15.20 8.33 -37.80
O3 NAG U . 12.89 9.39 -36.52
O4 NAG U . 10.33 8.64 -37.84
O5 NAG U . 12.81 8.28 -40.51
O6 NAG U . 10.43 7.57 -41.89
O7 NAG U . 15.90 10.40 -37.22
C1 NAG U . 9.43 9.75 -37.57
C2 NAG U . 8.22 9.18 -36.83
C3 NAG U . 7.17 10.28 -36.47
C4 NAG U . 7.91 11.39 -35.71
C5 NAG U . 9.13 11.87 -36.52
C6 NAG U . 9.87 12.98 -35.73
C7 NAG U . 7.16 7.02 -37.21
C8 NAG U . 6.35 6.24 -38.20
N2 NAG U . 7.49 8.22 -37.63
O3 NAG U . 6.18 9.61 -35.67
O4 NAG U . 7.19 12.58 -35.29
O5 NAG U . 10.01 10.77 -36.77
O6 NAG U . 10.87 13.44 -36.62
O7 NAG U . 7.53 6.53 -36.13
C1 MAN U . 5.99 12.40 -34.55
C2 MAN U . 5.51 13.84 -34.56
C3 MAN U . 4.85 14.30 -33.24
C4 MAN U . 4.25 13.16 -32.33
C5 MAN U . 4.82 11.70 -32.53
C6 MAN U . 3.81 10.68 -33.19
O2 MAN U . 4.68 13.96 -35.73
O3 MAN U . 3.88 15.35 -33.54
O4 MAN U . 4.57 13.56 -30.99
O5 MAN U . 6.10 11.82 -33.23
O6 MAN U . 3.26 9.68 -32.28
C1 MAN U . 3.84 16.30 -32.45
C2 MAN U . 2.86 17.37 -32.89
C3 MAN U . 3.58 18.39 -33.78
C4 MAN U . 4.73 19.03 -33.00
C5 MAN U . 5.77 18.02 -32.45
C6 MAN U . 6.72 18.70 -31.41
O2 MAN U . 2.38 17.98 -31.68
O3 MAN U . 2.68 19.37 -34.32
O4 MAN U . 5.32 19.96 -33.88
O5 MAN U . 5.13 16.79 -31.97
O6 MAN U . 6.44 18.61 -29.95
C1 MAN U . 0.96 18.01 -31.46
C2 MAN U . 0.61 19.42 -30.91
C3 MAN U . 1.22 19.55 -29.54
C4 MAN U . 0.76 18.46 -28.58
C5 MAN U . 0.75 17.02 -29.15
C6 MAN U . -0.46 16.32 -28.50
O2 MAN U . -0.77 19.79 -30.77
O3 MAN U . 0.81 20.80 -29.00
O4 MAN U . 1.60 18.55 -27.43
O5 MAN U . 0.59 16.93 -30.58
O6 MAN U . -0.63 14.95 -28.86
C1 MAN U . -1.50 19.96 -32.01
C2 MAN U . -2.83 20.63 -31.70
C3 MAN U . -3.68 19.71 -30.81
C4 MAN U . -4.02 18.40 -31.57
C5 MAN U . -2.70 17.75 -32.09
C6 MAN U . -3.06 16.59 -33.05
O2 MAN U . -3.47 20.87 -32.97
O3 MAN U . -4.84 20.43 -30.38
O4 MAN U . -4.78 17.43 -30.83
O5 MAN U . -1.82 18.75 -32.73
O6 MAN U . -1.92 15.91 -33.59
C1 NAG V . 31.99 31.50 17.35
C2 NAG V . 32.40 31.81 18.80
C3 NAG V . 31.99 30.61 19.61
C4 NAG V . 30.48 30.46 19.44
C5 NAG V . 30.17 30.15 17.97
C6 NAG V . 28.70 29.83 17.70
C7 NAG V . 34.32 33.20 19.40
C8 NAG V . 35.84 33.27 19.47
N2 NAG V . 33.81 32.05 18.97
O3 NAG V . 32.34 30.88 20.94
O4 NAG V . 30.00 29.06 20.43
O5 NAG V . 30.58 31.32 17.27
O6 NAG V . 27.91 30.98 18.09
O7 NAG V . 33.61 34.15 19.70
C1 NAG V . 28.81 29.26 21.20
C2 NAG V . 28.32 27.96 21.85
C3 NAG V . 27.02 28.26 22.60
C4 NAG V . 27.13 29.43 23.59
C5 NAG V . 27.78 30.62 22.84
C6 NAG V . 28.02 31.81 23.75
C7 NAG V . 29.12 26.22 20.34
C8 NAG V . 28.91 25.19 19.26
N2 NAG V . 28.12 26.96 20.81
O3 NAG V . 26.61 27.10 23.28
O4 NAG V . 25.79 29.76 23.95
O5 NAG V . 29.03 30.25 22.21
O6 NAG V . 28.23 32.92 22.89
O7 NAG V . 30.22 26.38 20.78
C1 BMA V . 25.49 29.90 25.34
C2 BMA V . 24.16 30.68 25.51
C3 BMA V . 23.88 31.03 26.99
C4 BMA V . 24.23 29.84 27.92
C5 BMA V . 25.22 28.73 27.41
C6 BMA V . 24.88 27.31 27.92
O2 BMA V . 23.06 29.96 24.94
O3 BMA V . 22.52 31.52 27.19
O4 BMA V . 24.81 30.46 29.10
O5 BMA V . 25.35 28.63 25.98
O6 BMA V . 25.55 26.29 27.15
C1 NAG W . 26.23 44.10 -18.05
C2 NAG W . 26.69 45.27 -17.18
C3 NAG W . 26.26 46.59 -17.76
C4 NAG W . 26.86 46.58 -19.16
C5 NAG W . 26.20 45.49 -19.99
C6 NAG W . 26.50 45.52 -21.48
C7 NAG W . 26.91 44.56 -14.87
C8 NAG W . 26.14 44.53 -13.58
N2 NAG W . 26.19 45.12 -15.85
O3 NAG W . 26.78 47.63 -16.94
O4 NAG W . 26.23 48.10 -19.69
O5 NAG W . 26.69 44.27 -19.40
O6 NAG W . 27.91 45.77 -21.65
O7 NAG W . 28.09 44.15 -15.01
C1 NAG W . 27.16 49.14 -19.79
C2 NAG W . 26.68 50.16 -20.78
C3 NAG W . 27.81 51.17 -20.97
C4 NAG W . 28.09 51.86 -19.63
C5 NAG W . 28.35 50.77 -18.60
C6 NAG W . 28.53 51.37 -17.24
C7 NAG W . 25.15 49.11 -22.40
C8 NAG W . 24.95 48.49 -23.76
N2 NAG W . 26.36 49.51 -22.04
O3 NAG W . 27.42 52.07 -21.99
O4 NAG W . 29.29 52.66 -19.74
O5 NAG W . 27.30 49.75 -18.52
O6 NAG W . 29.01 50.34 -16.38
O7 NAG W . 24.23 49.25 -21.61
C1 BMA W . 29.11 54.04 -20.05
C2 BMA W . 30.20 54.90 -19.39
C3 BMA W . 30.06 56.32 -19.91
C4 BMA W . 30.11 56.35 -21.41
C5 BMA W . 29.01 55.49 -21.95
C6 BMA W . 29.03 55.56 -23.46
O2 BMA W . 31.50 54.39 -19.65
O3 BMA W . 30.95 57.38 -19.53
O4 BMA W . 29.75 57.70 -21.73
O5 BMA W . 29.10 54.17 -21.47
O6 BMA W . 27.88 54.83 -23.86
C1 BMA W . 31.66 57.32 -18.32
C2 BMA W . 32.63 58.52 -18.37
C3 BMA W . 33.79 58.14 -17.47
C4 BMA W . 33.28 57.75 -16.08
C5 BMA W . 31.96 56.86 -16.07
C6 BMA W . 31.35 56.53 -14.67
O2 BMA W . 31.97 59.74 -17.96
O3 BMA W . 34.72 59.22 -17.33
O4 BMA W . 34.44 57.07 -15.57
O5 BMA W . 31.00 57.40 -17.04
O6 BMA W . 30.79 57.61 -13.86
C1 MAN W . 32.49 60.94 -18.55
C2 MAN W . 32.67 61.95 -17.39
C3 MAN W . 31.20 62.23 -16.94
C4 MAN W . 30.56 63.08 -18.06
C5 MAN W . 30.44 62.18 -19.29
C6 MAN W . 30.08 63.00 -20.50
O2 MAN W . 33.51 63.12 -17.76
O3 MAN W . 31.11 62.61 -15.54
O4 MAN W . 29.22 63.46 -17.80
O5 MAN W . 31.63 61.41 -19.62
O6 MAN W . 30.22 62.12 -21.62
C1 MAN W . 28.03 54.48 -25.25
C2 MAN W . 26.61 54.05 -25.53
C3 MAN W . 26.44 52.54 -25.48
C4 MAN W . 27.54 51.77 -26.20
C5 MAN W . 29.03 52.20 -26.07
C6 MAN W . 29.88 52.23 -27.38
O2 MAN W . 26.22 54.63 -26.76
O3 MAN W . 25.21 52.19 -26.12
O4 MAN W . 27.28 50.49 -25.66
O5 MAN W . 29.13 53.50 -25.49
O6 MAN W . 30.36 50.99 -27.95
C1 MAN W . 24.07 51.92 -25.27
C2 MAN W . 23.14 50.98 -26.05
C3 MAN W . 22.48 51.65 -27.26
C4 MAN W . 21.93 53.06 -27.00
C5 MAN W . 22.80 53.85 -26.01
C6 MAN W . 21.96 55.04 -25.48
O2 MAN W . 22.07 50.48 -25.22
O3 MAN W . 21.36 50.83 -27.63
O4 MAN W . 21.71 53.79 -28.23
O5 MAN W . 23.34 53.08 -24.90
O6 MAN W . 20.86 54.63 -24.61
C1 NAG X . -0.33 19.74 -4.00
C2 NAG X . -0.31 19.95 -5.48
C3 NAG X . 0.82 19.10 -6.04
C4 NAG X . 2.13 19.53 -5.43
C5 NAG X . 2.04 19.53 -3.92
C6 NAG X . 3.29 20.14 -3.29
C7 NAG X . -2.18 20.06 -7.03
C8 NAG X . -3.47 19.41 -7.42
N2 NAG X . -1.57 19.50 -5.99
O3 NAG X . 0.85 19.05 -7.46
O4 NAG X . 3.17 18.60 -5.79
O5 NAG X . 0.88 20.29 -3.55
O6 NAG X . 3.23 19.90 -1.88
O7 NAG X . -1.74 21.03 -7.63
C1 NAG X . 4.27 19.17 -6.55
C2 NAG X . 5.31 18.07 -6.82
C3 NAG X . 6.51 18.63 -7.64
C4 NAG X . 6.01 19.30 -8.92
C5 NAG X . 5.01 20.39 -8.49
C6 NAG X . 4.60 21.20 -9.75
C7 NAG X . 5.91 16.24 -5.31
C8 NAG X . 6.62 15.90 -4.03
N2 NAG X . 5.88 17.53 -5.62
O3 NAG X . 7.38 17.54 -7.87
O4 NAG X . 6.99 19.94 -9.80
O5 NAG X . 3.90 19.79 -7.78
O6 NAG X . 3.33 21.80 -9.54
O7 NAG X . 5.40 15.38 -6.00
C1 MAN X . 8.04 19.12 -10.33
C2 MAN X . 8.83 20.18 -11.09
C3 MAN X . 9.46 19.68 -12.42
C4 MAN X . 9.71 18.14 -12.55
C5 MAN X . 8.84 17.18 -11.64
C6 MAN X . 9.63 16.44 -10.49
O2 MAN X . 9.78 20.70 -10.17
O3 MAN X . 10.66 20.49 -12.66
O4 MAN X . 9.46 17.83 -13.96
O5 MAN X . 7.70 17.97 -11.16
O6 MAN X . 9.98 15.06 -10.73
C1 MAN X . 10.83 20.70 -14.08
C2 MAN X . 12.09 21.57 -14.22
C3 MAN X . 11.75 23.04 -14.02
C4 MAN X . 10.69 23.48 -15.03
C5 MAN X . 9.41 22.61 -15.08
C6 MAN X . 8.62 22.82 -16.40
O2 MAN X . 12.65 21.34 -15.52
O3 MAN X . 12.93 23.87 -14.10
O4 MAN X . 10.42 24.84 -14.70
O5 MAN X . 9.64 21.20 -14.78
O6 MAN X . 8.89 22.03 -17.62
C1 MAN X . 14.01 20.91 -15.58
C2 MAN X . 14.64 21.63 -16.77
C3 MAN X . 13.93 21.20 -18.04
C4 MAN X . 13.91 19.67 -18.21
C5 MAN X . 13.57 18.89 -16.94
C6 MAN X . 14.16 17.47 -17.13
O2 MAN X . 16.05 21.39 -16.96
O3 MAN X . 14.59 21.80 -19.15
O4 MAN X . 12.97 19.33 -19.23
O5 MAN X . 14.08 19.48 -15.73
O6 MAN X . 14.09 16.64 -15.97
C1 MAN X . 16.91 22.09 -16.04
C2 MAN X . 18.32 22.21 -16.64
C3 MAN X . 19.09 20.88 -16.65
C4 MAN X . 19.02 20.16 -15.28
C5 MAN X . 17.56 20.10 -14.77
C6 MAN X . 17.42 19.32 -13.44
O2 MAN X . 19.06 23.16 -15.87
O3 MAN X . 20.46 21.14 -17.01
O4 MAN X . 19.59 18.84 -15.32
O5 MAN X . 17.04 21.46 -14.74
O6 MAN X . 16.50 19.90 -12.50
C1 NAG Y . 9.56 -5.07 -12.32
C2 NAG Y . 9.42 -5.85 -13.68
C3 NAG Y . 10.45 -6.98 -13.87
C4 NAG Y . 11.82 -6.44 -13.47
C5 NAG Y . 11.73 -6.04 -12.01
C6 NAG Y . 13.09 -5.80 -11.36
C7 NAG Y . 7.12 -5.89 -14.62
C8 NAG Y . 5.81 -6.65 -14.72
N2 NAG Y . 8.09 -6.44 -13.86
O3 NAG Y . 10.50 -7.48 -15.21
O4 NAG Y . 12.84 -7.42 -13.70
O5 NAG Y . 10.94 -4.86 -11.95
O6 NAG Y . 13.83 -4.86 -12.10
O7 NAG Y . 7.28 -4.85 -15.22
C1 NAG Z . 41.71 -3.13 -1.92
C2 NAG Z . 40.71 -3.00 -3.08
C3 NAG Z . 41.03 -3.71 -4.42
C4 NAG Z . 42.52 -3.88 -4.68
C5 NAG Z . 43.43 -3.88 -3.41
C6 NAG Z . 44.88 -3.61 -3.80
C7 NAG Z . 38.30 -2.80 -2.74
C8 NAG Z . 37.05 -3.53 -2.32
N2 NAG Z . 39.41 -3.53 -2.70
O4 NAG Z . 42.71 -5.10 -5.39
O5 NAG Z . 43.02 -2.91 -2.41
O6 NAG Z . 45.59 -3.13 -2.66
O7 NAG Z . 38.27 -1.62 -3.10
C1 NAG AA . 52.89 -52.47 26.35
C2 NAG AA . 52.98 -53.36 25.10
C3 NAG AA . 54.21 -54.26 25.12
C4 NAG AA . 55.45 -53.38 25.31
C5 NAG AA . 55.30 -52.54 26.57
C6 NAG AA . 56.50 -51.62 26.83
C7 NAG AA . 50.95 -54.19 24.04
C8 NAG AA . 49.82 -55.18 24.12
N2 NAG AA . 51.85 -54.21 25.01
O3 NAG AA . 54.29 -55.09 23.96
O4 NAG AA . 56.60 -54.21 25.52
O5 NAG AA . 54.12 -51.72 26.48
O6 NAG AA . 56.34 -51.03 28.11
O7 NAG AA . 50.97 -53.38 23.16
C1 NAG BA . 14.70 -40.14 -3.29
C2 NAG BA . 15.36 -41.07 -4.32
C3 NAG BA . 14.53 -40.99 -5.60
C4 NAG BA . 13.07 -41.39 -5.38
C5 NAG BA . 12.39 -40.76 -4.14
C6 NAG BA . 11.35 -41.74 -3.53
C7 NAG BA . 17.87 -41.13 -4.18
C8 NAG BA . 19.13 -40.47 -4.70
N2 NAG BA . 16.72 -40.63 -4.65
O3 NAG BA . 15.11 -41.79 -6.63
O4 NAG BA . 12.34 -40.98 -6.55
O5 NAG BA . 13.29 -40.38 -3.07
O6 NAG BA . 10.23 -41.03 -2.99
O7 NAG BA . 17.92 -42.05 -3.37
C4 XYZ CA . 27.88 -17.61 8.44
O4 XYZ CA . 27.21 -18.78 9.01
C1 XYZ CA . 27.26 -19.74 7.97
C2 XYZ CA . 28.01 -19.20 6.72
O2 XYZ CA . 29.43 -19.40 6.58
C3 XYZ CA . 27.71 -17.74 6.93
O3 XYZ CA . 26.35 -17.58 6.55
C5 XYZ CA . 27.34 -16.32 9.02
O5 XYZ CA . 26.67 -16.79 10.19
O1 XYZ CA . 25.89 -20.06 7.74
C1 BMA DA . 31.43 -30.21 -5.40
C2 BMA DA . 31.81 -31.13 -6.57
C3 BMA DA . 32.82 -30.42 -7.51
C4 BMA DA . 33.97 -29.73 -6.73
C5 BMA DA . 33.71 -29.35 -5.23
C6 BMA DA . 33.51 -27.84 -5.00
O2 BMA DA . 30.59 -31.58 -7.19
O3 BMA DA . 32.27 -29.42 -8.39
O4 BMA DA . 35.12 -30.60 -6.85
O5 BMA DA . 32.60 -30.01 -4.59
O6 BMA DA . 34.78 -27.17 -4.89
C1 NAG EA . -15.80 -25.88 74.53
C2 NAG EA . -16.58 -25.09 75.59
C3 NAG EA . -15.71 -23.94 76.09
C4 NAG EA . -14.39 -24.48 76.60
C5 NAG EA . -13.72 -25.19 75.42
C6 NAG EA . -12.25 -25.62 75.60
C7 NAG EA . -19.06 -25.17 75.29
C8 NAG EA . -20.25 -24.61 74.55
N2 NAG EA . -17.84 -24.65 75.00
O3 NAG EA . -16.34 -23.23 77.15
O4 NAG EA . -13.60 -23.40 77.12
O5 NAG EA . -14.56 -26.31 75.10
O6 NAG EA . -12.11 -26.60 76.61
O7 NAG EA . -19.20 -26.06 76.11
C1 NAG FA . 44.51 18.03 65.73
C2 NAG FA . 44.09 18.88 66.93
C3 NAG FA . 45.29 19.68 67.46
C4 NAG FA . 46.39 18.70 67.77
C5 NAG FA . 46.82 18.09 66.44
C6 NAG FA . 48.07 17.27 66.67
C7 NAG FA . 41.69 19.61 66.92
C8 NAG FA . 40.76 20.71 66.44
N2 NAG FA . 42.99 19.79 66.61
O3 NAG FA . 44.92 20.35 68.64
O4 NAG FA . 47.50 19.26 68.46
O5 NAG FA . 45.70 17.29 66.01
O6 NAG FA . 48.25 16.33 65.62
O7 NAG FA . 41.25 18.62 67.53
C1 NAG GA . -3.93 8.35 70.74
C2 NAG GA . -3.09 9.32 71.43
C3 NAG GA . -4.13 9.68 72.59
C4 NAG GA . -5.39 10.42 72.15
C5 NAG GA . -6.01 9.74 70.96
C6 NAG GA . -6.75 10.84 70.22
C7 NAG GA . -1.79 8.45 73.42
C8 NAG GA . -0.37 8.20 73.83
N2 NAG GA . -1.87 8.95 72.16
O3 NAG GA . -3.60 10.44 73.69
O4 NAG GA . -6.40 10.51 73.17
O5 NAG GA . -4.96 9.22 70.18
O6 NAG GA . -7.42 10.55 69.00
O7 NAG GA . -2.73 8.17 74.17
C4 XYZ HA . 10.22 -15.08 66.59
O4 XYZ HA . 10.45 -14.99 67.98
C1 XYZ HA . 10.66 -13.61 68.44
C2 XYZ HA . 10.57 -12.72 67.22
O2 XYZ HA . 9.54 -11.73 67.17
C3 XYZ HA . 10.32 -13.64 66.06
O3 XYZ HA . 11.44 -13.34 65.23
C5 XYZ HA . 11.23 -16.01 65.91
O5 XYZ HA . 11.13 -15.64 64.53
O1 XYZ HA . 11.91 -13.38 69.13
C1 NAG IA . -62.64 -15.64 -9.97
C2 NAG IA . -62.45 -17.13 -10.34
C3 NAG IA . -60.96 -17.53 -10.28
C4 NAG IA . -60.21 -16.51 -11.14
C5 NAG IA . -60.26 -15.17 -10.41
C6 NAG IA . -59.21 -14.21 -10.97
C7 NAG IA . -64.44 -18.57 -9.78
C8 NAG IA . -65.09 -19.49 -8.77
N2 NAG IA . -63.21 -18.06 -9.47
O3 NAG IA . -60.72 -18.87 -10.74
O4 NAG IA . -58.86 -16.90 -11.38
O5 NAG IA . -61.64 -14.72 -10.49
O6 NAG IA . -59.81 -13.11 -11.64
O7 NAG IA . -65.03 -18.31 -10.81
C1 NAG JA . -38.62 6.45 -18.54
C2 NAG JA . -39.53 5.27 -18.95
C3 NAG JA . -38.81 4.06 -19.56
C4 NAG JA . -37.61 4.46 -20.42
C5 NAG JA . -36.87 5.74 -19.98
C6 NAG JA . -35.95 6.24 -21.10
C7 NAG JA . -41.56 4.55 -17.78
C8 NAG JA . -42.16 4.05 -16.48
N2 NAG JA . -40.25 4.79 -17.78
O4 NAG JA . -36.66 3.38 -20.34
O5 NAG JA . -37.79 6.78 -19.64
O6 NAG JA . -35.41 7.55 -20.81
O7 NAG JA . -42.28 4.71 -18.75
C1 NAG KA . 0.78 5.53 23.86
C2 NAG KA . 1.35 4.20 23.45
C3 NAG KA . 2.87 4.26 23.41
C4 NAG KA . 3.33 5.38 22.49
C5 NAG KA . 2.71 6.68 22.97
C6 NAG KA . 3.17 7.90 22.14
C7 NAG KA . 0.26 2.11 24.10
C8 NAG KA . 0.02 1.26 25.31
N2 NAG KA . 0.96 3.20 24.38
O3 NAG KA . 3.38 2.97 23.03
O4 NAG KA . 4.73 5.51 22.56
O5 NAG KA . 1.27 6.54 22.95
O6 NAG KA . 2.54 9.10 22.64
O7 NAG KA . -0.19 1.86 23.00
C1 NAG LA . -37.23 -25.68 14.13
C2 NAG LA . -36.11 -26.60 13.70
C3 NAG LA . -36.76 -27.71 12.92
C4 NAG LA . -37.67 -28.48 13.89
C5 NAG LA . -38.69 -27.58 14.63
C6 NAG LA . -39.17 -28.26 15.90
C7 NAG LA . -33.91 -25.77 13.16
C8 NAG LA . -33.03 -25.06 12.14
N2 NAG LA . -35.17 -25.95 12.81
O3 NAG LA . -35.76 -28.54 12.34
O4 NAG LA . -38.36 -29.46 13.13
O5 NAG LA . -38.16 -26.30 15.00
O6 NAG LA . -40.20 -27.49 16.56
O7 NAG LA . -33.50 -26.16 14.23
C1 XYL MA . -41.45 1.91 3.37
C2 XYL MA . -40.82 0.84 2.49
C3 XYL MA . -41.11 -0.61 2.93
C4 XYL MA . -39.99 -1.16 3.86
C5 XYL MA . -38.66 -1.53 3.08
O1 XYL MA . -42.21 1.44 4.46
O2 XYL MA . -41.18 1.21 1.13
O3 XYL MA . -41.25 -1.58 1.91
O4 XYL MA . -39.93 -0.29 5.03
O5 XYL MA . -38.41 -0.86 1.81
C1 NAG NA . -6.89 -36.08 -18.25
C2 NAG NA . -5.76 -35.87 -19.25
C3 NAG NA . -5.15 -37.20 -19.56
C4 NAG NA . -4.65 -37.73 -18.20
C5 NAG NA . -5.85 -38.06 -17.34
C6 NAG NA . -5.48 -38.77 -16.03
C7 NAG NA . -6.07 -34.03 -20.76
C8 NAG NA . -6.68 -33.68 -22.10
N2 NAG NA . -6.28 -35.30 -20.44
O3 NAG NA . -4.11 -37.14 -20.53
O5 NAG NA . -6.44 -36.79 -17.08
O6 NAG NA . -4.46 -38.05 -15.32
O7 NAG NA . -5.45 -33.22 -20.07
C1 NAG OA . -0.74 -5.93 -20.42
C2 NAG OA . -0.64 -5.90 -18.87
C3 NAG OA . -1.80 -6.63 -18.17
C4 NAG OA . -3.11 -6.14 -18.81
C5 NAG OA . -3.06 -6.51 -20.29
C6 NAG OA . -4.39 -6.42 -21.03
C7 NAG OA . 1.74 -5.74 -18.17
C8 NAG OA . 2.95 -6.54 -17.75
N2 NAG OA . 0.65 -6.48 -18.44
O3 NAG OA . -1.82 -6.47 -16.74
O4 NAG OA . -4.25 -6.69 -18.17
O5 NAG OA . -2.07 -5.65 -20.89
O6 NAG OA . -4.83 -5.07 -21.11
O7 NAG OA . 1.74 -4.51 -18.26
C1 NAG PA . -32.21 -2.71 -32.30
C2 NAG PA . -31.14 -2.22 -31.30
C3 NAG PA . -31.56 -1.98 -29.83
C4 NAG PA . -33.04 -1.61 -29.69
C5 NAG PA . -33.98 -2.07 -30.83
C6 NAG PA . -35.32 -1.33 -30.78
C7 NAG PA . -28.79 -2.80 -31.59
C8 NAG PA . -27.73 -3.88 -31.54
N2 NAG PA . -30.02 -3.16 -31.29
O4 NAG PA . -33.52 -2.25 -28.52
O5 NAG PA . -33.38 -1.91 -32.13
O6 NAG PA . -36.07 -1.53 -31.97
O7 NAG PA . -28.51 -1.66 -31.90
C1 NAG QA . -55.59 -55.71 -31.46
C2 NAG QA . -56.02 -55.65 -29.93
C3 NAG QA . -57.47 -56.08 -29.60
C4 NAG QA . -58.41 -55.12 -30.30
C5 NAG QA . -57.95 -55.09 -31.75
C6 NAG QA . -58.95 -54.20 -32.51
C7 NAG QA . -54.32 -56.16 -28.27
C8 NAG QA . -53.60 -57.34 -27.68
N2 NAG QA . -55.19 -56.51 -29.18
O3 NAG QA . -57.81 -56.17 -28.18
O4 NAG QA . -59.75 -55.63 -30.14
O5 NAG QA . -56.51 -54.75 -31.85
O6 NAG QA . -59.09 -54.60 -33.89
O7 NAG QA . -54.10 -54.98 -27.98
C1 NAG RA . -14.11 -38.66 -10.15
C2 NAG RA . -14.86 -38.64 -8.82
C3 NAG RA . -13.94 -37.95 -7.80
C4 NAG RA . -12.55 -38.59 -7.68
C5 NAG RA . -11.92 -39.04 -9.01
C6 NAG RA . -10.98 -40.24 -8.80
C7 NAG RA . -17.37 -38.43 -9.01
C8 NAG RA . -18.48 -37.40 -9.03
N2 NAG RA . -16.13 -37.90 -8.88
O3 NAG RA . -14.60 -37.97 -6.52
O4 NAG RA . -11.63 -37.67 -7.08
O5 NAG RA . -12.88 -39.41 -10.01
O6 NAG RA . -9.84 -40.15 -9.67
O7 NAG RA . -17.59 -39.61 -9.11
C1 XYL SA . -21.80 -22.50 -33.98
C2 XYL SA . -22.62 -22.61 -32.71
C3 XYL SA . -21.76 -23.20 -31.58
C4 XYL SA . -22.44 -24.44 -30.98
C5 XYL SA . -23.82 -24.20 -30.22
O1 XYL SA . -21.54 -23.82 -34.47
O2 XYL SA . -23.19 -21.33 -32.40
O3 XYL SA . -21.42 -22.27 -30.56
O4 XYL SA . -22.39 -25.43 -32.06
O5 XYL SA . -24.57 -22.98 -30.47
C1 NAG TA . -29.03 25.25 -54.18
C2 NAG TA . -29.84 25.37 -52.83
C3 NAG TA . -28.97 25.11 -51.59
C4 NAG TA . -28.44 23.69 -51.67
C5 NAG TA . -27.67 23.64 -52.99
C6 NAG TA . -26.76 22.38 -53.10
C7 NAG TA . -31.79 26.90 -52.67
C8 NAG TA . -32.18 28.36 -52.64
N2 NAG TA . -30.47 26.68 -52.76
O3 NAG TA . -29.67 25.20 -50.35
O4 NAG TA . -27.62 23.43 -50.55
O5 NAG TA . -28.60 23.93 -54.11
O6 NAG TA . -27.37 21.14 -52.76
O7 NAG TA . -32.61 26.00 -52.60
C1 NAG UA . 40.90 16.25 -27.44
C2 NAG UA . 40.32 16.25 -26.04
C3 NAG UA . 41.34 15.63 -25.07
C4 NAG UA . 41.58 14.21 -25.53
C5 NAG UA . 42.24 14.29 -26.91
C6 NAG UA . 42.60 12.92 -27.46
C7 NAG UA . 38.69 18.09 -25.46
C8 NAG UA . 38.64 19.55 -25.03
N2 NAG UA . 39.94 17.59 -25.62
O3 NAG UA . 40.79 15.60 -23.78
O4 NAG UA . 42.39 13.50 -24.60
O5 NAG UA . 41.27 14.91 -27.77
O6 NAG UA . 43.14 12.97 -28.79
O7 NAG UA . 37.65 17.47 -25.67
C1 NAG VA . -3.12 37.87 -30.92
C2 NAG VA . -3.03 37.54 -29.46
C3 NAG VA . -4.36 37.90 -28.78
C4 NAG VA . -4.58 39.43 -28.81
C5 NAG VA . -4.55 39.87 -30.26
C6 NAG VA . -4.22 41.34 -30.60
C7 NAG VA . -3.27 35.10 -29.20
C8 NAG VA . -2.42 33.88 -29.28
N2 NAG VA . -2.55 36.17 -29.44
O3 NAG VA . -4.22 37.36 -27.48
O4 NAG VA . -5.81 39.80 -28.17
O5 NAG VA . -3.39 39.25 -30.86
O6 NAG VA . -4.86 42.38 -29.89
O7 NAG VA . -4.46 35.10 -28.99
C1 XYL WA . 0.70 18.67 -48.34
C2 XYL WA . 0.81 19.01 -49.84
C3 XYL WA . -0.43 18.36 -50.52
C4 XYL WA . -0.42 18.11 -52.05
C5 XYL WA . 0.11 19.29 -52.85
O1 XYL WA . 0.46 17.24 -48.19
O2 XYL WA . 0.96 20.46 -50.17
O3 XYL WA . -1.48 19.27 -50.20
O4 XYL WA . 0.24 16.90 -52.51
O5 XYL WA . 1.44 19.63 -52.60
C1 NAG XA . 45.54 31.67 1.95
C2 NAG XA . 46.82 31.19 1.36
C3 NAG XA . 46.12 30.46 0.15
C4 NAG XA . 45.19 29.33 0.56
C5 NAG XA . 44.11 29.88 1.47
C6 NAG XA . 43.12 28.83 2.00
C7 NAG XA . 48.92 31.91 0.18
C8 NAG XA . 49.60 33.03 -0.58
N2 NAG XA . 47.66 32.13 0.60
O3 NAG XA . 46.96 29.91 -0.86
O4 NAG XA . 44.53 28.82 -0.58
O5 NAG XA . 44.77 30.60 2.50
O6 NAG XA . 43.60 28.21 3.18
O7 NAG XA . 49.51 30.88 0.40
C1 NAG YA . -25.34 26.31 -20.67
C2 NAG YA . -24.88 25.40 -21.78
C3 NAG YA . -26.06 24.60 -22.33
C4 NAG YA . -26.65 23.81 -21.21
C5 NAG YA . -27.20 24.81 -20.20
C6 NAG YA . -27.93 24.07 -19.07
C7 NAG YA . -22.98 26.32 -23.08
C8 NAG YA . -22.61 27.22 -24.24
N2 NAG YA . -24.28 26.20 -22.84
O3 NAG YA . -25.60 23.67 -23.28
O4 NAG YA . -27.68 22.96 -21.67
O5 NAG YA . -26.09 25.58 -19.69
O6 NAG YA . -28.17 24.94 -17.96
O7 NAG YA . -22.11 25.77 -22.41
C1 NAG ZA . 22.55 36.09 -26.14
C2 NAG ZA . 22.21 35.01 -27.13
C3 NAG ZA . 23.48 34.49 -27.81
C4 NAG ZA . 24.14 35.62 -28.60
C5 NAG ZA . 24.35 36.85 -27.72
C6 NAG ZA . 24.53 37.99 -28.71
C7 NAG ZA . 21.44 32.85 -26.01
C8 NAG ZA . 22.77 32.12 -25.96
N2 NAG ZA . 21.30 34.07 -26.50
O3 NAG ZA . 23.03 33.49 -28.68
O4 NAG ZA . 25.38 35.25 -29.21
O5 NAG ZA . 23.18 37.11 -26.92
O6 NAG ZA . 24.95 39.17 -28.08
O7 NAG ZA . 20.39 32.36 -25.57
#